data_8RVY
#
_entry.id   8RVY
#
_cell.length_a   1.00
_cell.length_b   1.00
_cell.length_c   1.00
_cell.angle_alpha   90.00
_cell.angle_beta   90.00
_cell.angle_gamma   90.00
#
_symmetry.space_group_name_H-M   'P 1'
#
loop_
_entity.id
_entity.type
_entity.pdbx_description
1 polymer 'H(2):CoB-CoM heterodisulfide,ferredoxin reductase subunit A'
2 polymer 'Formate dehydrogenase, beta subunit'
3 polymer 'Formate dehydrogenase, alpha subunit'
4 polymer 'Methyl viologen-reducing hydrogenase, subunit D-related protein'
5 polymer 'H(2):CoB-CoM heterodisulfide,ferredoxin reductase subunit B'
6 polymer 'H(2):CoB-CoM heterodisulfide,ferredoxin reductase subunit C'
7 non-polymer 'IRON/SULFUR CLUSTER'
8 non-polymer 'FLAVIN-ADENINE DINUCLEOTIDE'
9 non-polymer 'FE2/S2 (INORGANIC) CLUSTER'
10 non-polymer 'Non-cubane [4Fe-4S]-cluster'
11 water water
#
loop_
_entity_poly.entity_id
_entity_poly.type
_entity_poly.pdbx_seq_one_letter_code
_entity_poly.pdbx_strand_id
1 'polypeptide(L)'
;MAEEKKETMEEPKIGVYVCHCGVNIGGVVDVEAVRDYAAKLPNVVIAKDYKYYCSDPGQLEIQKDIKELGINRVVVAACS
PRLHEPTFRRCVEEAGLNQFLFEFANIREHDSWVHMDNPEGATEKAKDLVRMAVAKARLLEPLEASKVSVDDKALVIGGG
VAGIQAALDLADMGFKTYMVEKRPSISGRMGQLDKTFPTLDCSMCILAPKMVDVGKHDNIELITYAEVKEVDGYIGNFKV
KIEKKPRYIDEELCTGCGSCVEVCPIEMPNYFDEGIGMTKAVYIPFPQAVPLCATIDKDYCIECMLCDEVCERGAVKHDQ
EPEEIEIEVGTIIVATGYDAYDPTEKLEYGYGRHTNVITGLELERMINASGPTDGKVLKPSDGEKPKRVAFIHCVGSRDE
QIGKPYCSRVCCMYIMKNAQLIKDKMPDTEVTLYYMDIRAFGKGFEEFYKRSQEKYGIKFIRGRPAEVIENPDLTLTVRS
EDTLLGKVTEYDYDMVVLGVGLVPPEGAETLRQTIGLSKSADGFLMEAHPKLRPVDTLTDGVYLAGVAQGPKDIPDAVAQ
ASGAAARAAIPMVKGEVEIEPIIAVTDSDVCGGCEVCIELCPFGAISIEEGHANVNVALCKGCGTCVAACPSGAMDQQHF
KTEQIMAQIEAALNEPASK
;
A,a
2 'polypeptide(L)'
;MKYLLARATDEEIQRKGECGGAVTAIFKYMLDKEVVDAVLTLERGYDVYDGIPVLLEDSSGIESTCGSLHCAPTMFGDLI
SRYLSDMRLAVAVKPCDAMAIRELEKRHQIDPDKVYKIGLNCGGTLAPVSAREMIETFYEIDPDDVVSEEIDRGKFIVEL
RDGSHREISIDYLEEEGFGRRENCQRCEIMVPRNADLACGNWGADDGWTFIEVNTERGQEIIEGARSSGYIEAREPSEKM
VKIREKIENAMISMARKFQDKYLDEEYPSLDEWDEYWKRCINCFACRDACPVCFCRECELEKDYLLESDEKAPDPLTFQG
VRLSHMGFSCINCGQCEDVCPMDIPIARIYHRIQKKYRDRTGFTAGVSQELPPMYSGEKD
;
E
3 'polypeptide(L)'
;MMVKHTLCPSCSAGCGVNIVEMGGAPVGTYPYRRHPVNEGKTCRAGRDCYEIPLMDRVTSPGVKKSGKLSGVNWDEALDK
LTELLSSEDISILTTGTLTNEEALKLREIIENFNVKKSGLITVFPEFDYPEIDIRNIRDYDNIAVIGDAITCAPLIGRRI
FHAMAAGAEVRSYDRRDETRMAVNSGFHITFSDEREVLNDLQQLPGGSLIIITPEIPEIIGPVLEFSSENEFDVLPIFED
FNTRGVMQHLPPVNEGEFDSVWLIDPGAAAEPVDVSGKFVLQSIRTEGLTPDIFLPVAAWCEKSGSYTSTAGYTMKLEPA
LQAPEGVLSDMEIFERILRAGD
;
D
4 'polypeptide(L)'
;MSFEPKIVGFCCNWCSYGGADTAGTARMQYPPNVRIIRVMCSGRVNASMILKAFSEGADGVFVGGCHIGDCHYDSGNYKW
KRRARFIEDILPEFGIDKERFRWEWISASEGEKFQKTMQEFYETVKYLGPLKRAGK
;
F
5 'polypeptide(L)'
;MEIAYFLGCIMNNRYPGIEKATRVLFDKLGIELKDMEGASCCPAPGVFGSFDKTTWAAIAARNITIAEDMGADIMTECNG
CFGSLFETNHLLKEDEEMKAKINEILKETGREYKGEVNVRHFAEVLYNDVGLDKLSELVEKPLNLNVAVHYGCHFLKPSD
EINIDNPERPTILDEIVEVTGAKSVEYKDKMMCCGAGGGVRSRDLDVALDFTREKLTNMKEAGVDAIVNVCPFCHLQFDV
GQMEIKDKFGEEFDIPVLHLAQLLGLAMGLPKEDLVVDAHQVCVDECLEKLEELDRLAPGSG
;
b,B
6 'polypeptide(L)'
;MTLLQREENIIRKGNIDKEFSEKIKAAGGDSLEYCFQCGTCTGSCPSGRRTPYRVRQIIRKANVGLKDEIISDPTLWMCT
TCYSCQERCPRKVKIVDVVKLARNEAAKAGFMAPAHKAVGSFVIKTGHGVPINDATMELRKAVGLGELPPTTHQFPEALE
EVQKIIKATGFDQLIGYNWETGELE
;
c,C
#
loop_
_chem_comp.id
_chem_comp.type
_chem_comp.name
_chem_comp.formula
9S8 non-polymer 'Non-cubane [4Fe-4S]-cluster' 'Fe4 S4'
FAD non-polymer 'FLAVIN-ADENINE DINUCLEOTIDE' 'C27 H33 N9 O15 P2'
FES non-polymer 'FE2/S2 (INORGANIC) CLUSTER' 'Fe2 S2'
SF4 non-polymer 'IRON/SULFUR CLUSTER' 'Fe4 S4'
#
# COMPACT_ATOMS: atom_id res chain seq x y z
N GLU A 11 33.41 -8.64 -42.07
CA GLU A 11 33.67 -9.91 -41.39
C GLU A 11 34.49 -9.67 -40.12
N PRO A 12 34.05 -10.23 -38.99
CA PRO A 12 34.79 -9.98 -37.74
C PRO A 12 36.22 -10.49 -37.80
N LYS A 13 37.12 -9.74 -37.17
CA LYS A 13 38.52 -10.13 -37.02
C LYS A 13 38.89 -9.80 -35.58
N ILE A 14 38.86 -10.80 -34.71
CA ILE A 14 38.88 -10.61 -33.27
C ILE A 14 40.29 -10.82 -32.75
N GLY A 15 40.73 -9.91 -31.89
CA GLY A 15 41.96 -10.09 -31.14
C GLY A 15 41.68 -10.28 -29.67
N VAL A 16 42.18 -11.37 -29.10
CA VAL A 16 41.94 -11.73 -27.71
C VAL A 16 43.21 -11.47 -26.92
N TYR A 17 43.06 -10.87 -25.73
CA TYR A 17 44.19 -10.47 -24.90
C TYR A 17 43.92 -10.92 -23.47
N VAL A 18 44.67 -11.91 -23.01
CA VAL A 18 44.52 -12.46 -21.67
C VAL A 18 45.52 -11.78 -20.75
N CYS A 19 45.03 -11.22 -19.64
CA CYS A 19 45.88 -10.51 -18.69
C CYS A 19 46.23 -11.43 -17.53
N HIS A 20 47.52 -11.47 -17.17
CA HIS A 20 47.94 -12.23 -16.00
C HIS A 20 47.58 -11.51 -14.70
N CYS A 21 47.55 -10.18 -14.71
CA CYS A 21 47.36 -9.40 -13.49
C CYS A 21 48.47 -9.72 -12.48
N GLY A 22 49.69 -9.88 -12.99
CA GLY A 22 50.77 -10.35 -12.16
C GLY A 22 50.64 -11.84 -11.89
N VAL A 23 50.27 -12.19 -10.66
CA VAL A 23 50.00 -13.57 -10.28
C VAL A 23 48.57 -13.75 -9.80
N ASN A 24 47.73 -12.71 -9.92
CA ASN A 24 46.36 -12.81 -9.43
C ASN A 24 45.54 -13.75 -10.30
N ILE A 25 45.63 -13.61 -11.62
CA ILE A 25 44.94 -14.51 -12.54
C ILE A 25 45.83 -15.69 -12.91
N GLY A 26 47.08 -15.41 -13.30
CA GLY A 26 47.95 -16.47 -13.77
C GLY A 26 48.26 -17.50 -12.71
N GLY A 27 48.18 -17.13 -11.44
CA GLY A 27 48.47 -18.07 -10.37
C GLY A 27 47.51 -19.26 -10.37
N VAL A 28 46.23 -18.99 -10.54
CA VAL A 28 45.20 -20.02 -10.54
C VAL A 28 44.87 -20.47 -11.96
N VAL A 29 44.66 -19.53 -12.86
CA VAL A 29 44.23 -19.82 -14.22
C VAL A 29 45.45 -19.91 -15.13
N ASP A 30 45.56 -21.02 -15.86
CA ASP A 30 46.67 -21.20 -16.80
C ASP A 30 46.47 -20.29 -18.01
N VAL A 31 47.08 -19.10 -17.96
CA VAL A 31 46.82 -18.09 -18.98
C VAL A 31 47.29 -18.58 -20.36
N GLU A 32 48.40 -19.31 -20.39
CA GLU A 32 48.90 -19.81 -21.68
C GLU A 32 47.89 -20.72 -22.35
N ALA A 33 47.30 -21.65 -21.59
CA ALA A 33 46.31 -22.54 -22.17
C ALA A 33 45.07 -21.79 -22.64
N VAL A 34 44.66 -20.77 -21.89
CA VAL A 34 43.51 -19.97 -22.29
C VAL A 34 43.81 -19.24 -23.59
N ARG A 35 45.01 -18.68 -23.71
CA ARG A 35 45.38 -17.99 -24.95
C ARG A 35 45.41 -18.98 -26.12
N ASP A 36 45.96 -20.18 -25.90
CA ASP A 36 45.98 -21.17 -26.96
C ASP A 36 44.58 -21.54 -27.40
N TYR A 37 43.67 -21.75 -26.45
CA TYR A 37 42.30 -22.08 -26.78
C TYR A 37 41.63 -20.94 -27.54
N ALA A 38 41.86 -19.70 -27.11
CA ALA A 38 41.26 -18.55 -27.79
C ALA A 38 41.78 -18.45 -29.22
N ALA A 39 43.03 -18.85 -29.44
CA ALA A 39 43.61 -18.74 -30.78
C ALA A 39 42.80 -19.55 -31.81
N LYS A 40 42.19 -20.65 -31.37
CA LYS A 40 41.56 -21.56 -32.31
C LYS A 40 40.12 -21.15 -32.62
N LEU A 41 39.52 -20.31 -31.79
CA LEU A 41 38.12 -19.98 -31.96
C LEU A 41 37.90 -19.26 -33.29
N PRO A 42 36.78 -19.49 -33.98
CA PRO A 42 36.59 -18.87 -35.30
C PRO A 42 36.60 -17.36 -35.22
N ASN A 43 37.15 -16.74 -36.25
CA ASN A 43 37.28 -15.29 -36.41
C ASN A 43 38.35 -14.69 -35.52
N VAL A 44 39.00 -15.48 -34.66
CA VAL A 44 40.08 -14.99 -33.82
C VAL A 44 41.36 -15.03 -34.64
N VAL A 45 41.94 -13.86 -34.89
CA VAL A 45 43.16 -13.79 -35.70
C VAL A 45 44.40 -13.82 -34.84
N ILE A 46 44.38 -13.18 -33.68
CA ILE A 46 45.54 -13.13 -32.80
C ILE A 46 45.07 -13.28 -31.37
N ALA A 47 45.84 -14.02 -30.57
CA ALA A 47 45.55 -14.20 -29.15
C ALA A 47 46.87 -14.11 -28.38
N LYS A 48 47.07 -13.02 -27.66
CA LYS A 48 48.29 -12.76 -26.90
C LYS A 48 47.99 -12.78 -25.41
N ASP A 49 49.01 -12.50 -24.61
CA ASP A 49 48.87 -12.40 -23.17
C ASP A 49 50.01 -11.56 -22.63
N TYR A 50 49.68 -10.63 -21.72
CA TYR A 50 50.66 -9.72 -21.15
C TYR A 50 50.40 -9.60 -19.65
N LYS A 51 51.46 -9.29 -18.90
CA LYS A 51 51.38 -9.37 -17.44
C LYS A 51 50.38 -8.35 -16.88
N TYR A 52 50.40 -7.12 -17.36
CA TYR A 52 49.55 -6.05 -16.85
C TYR A 52 48.97 -5.29 -18.03
N TYR A 53 47.81 -5.74 -18.52
CA TYR A 53 47.19 -5.06 -19.64
C TYR A 53 46.58 -3.72 -19.26
N CYS A 54 46.49 -3.40 -17.97
CA CYS A 54 46.03 -2.09 -17.50
C CYS A 54 47.27 -1.26 -17.21
N SER A 55 47.95 -0.83 -18.26
CA SER A 55 49.18 -0.06 -18.14
C SER A 55 49.56 0.42 -19.52
N ASP A 56 50.39 1.46 -19.57
CA ASP A 56 50.81 1.99 -20.86
C ASP A 56 51.42 0.92 -21.75
N PRO A 57 52.28 0.02 -21.27
CA PRO A 57 52.76 -1.04 -22.15
C PRO A 57 51.65 -1.90 -22.74
N GLY A 58 50.74 -2.42 -21.90
CA GLY A 58 49.69 -3.28 -22.40
C GLY A 58 48.75 -2.56 -23.36
N GLN A 59 48.36 -1.33 -23.01
CA GLN A 59 47.52 -0.55 -23.91
C GLN A 59 48.22 -0.31 -25.23
N LEU A 60 49.53 -0.06 -25.18
CA LEU A 60 50.28 0.11 -26.43
C LEU A 60 50.31 -1.18 -27.25
N GLU A 61 50.41 -2.34 -26.59
CA GLU A 61 50.36 -3.59 -27.34
C GLU A 61 49.02 -3.76 -28.04
N ILE A 62 47.93 -3.46 -27.33
CA ILE A 62 46.60 -3.59 -27.94
C ILE A 62 46.47 -2.61 -29.10
N GLN A 63 46.92 -1.37 -28.91
CA GLN A 63 46.84 -0.37 -29.97
C GLN A 63 47.66 -0.78 -31.18
N LYS A 64 48.86 -1.29 -30.95
CA LYS A 64 49.71 -1.74 -32.04
C LYS A 64 49.13 -2.85 -32.90
N ASP A 65 48.52 -3.86 -32.27
CA ASP A 65 47.85 -4.90 -33.05
C ASP A 65 46.64 -4.39 -33.81
N ILE A 66 45.92 -3.44 -33.20
CA ILE A 66 44.76 -2.84 -33.88
C ILE A 66 45.32 -2.20 -35.15
N LYS A 67 46.41 -1.44 -35.01
CA LYS A 67 46.92 -0.67 -36.15
C LYS A 67 47.60 -1.57 -37.19
N GLU A 68 48.27 -2.63 -36.74
CA GLU A 68 49.06 -3.46 -37.64
C GLU A 68 48.27 -4.60 -38.26
N LEU A 69 47.50 -5.34 -37.46
CA LEU A 69 46.83 -6.55 -37.94
C LEU A 69 45.42 -6.28 -38.44
N GLY A 70 44.98 -5.03 -38.50
CA GLY A 70 43.66 -4.73 -39.02
C GLY A 70 42.54 -5.34 -38.21
N ILE A 71 42.62 -5.22 -36.89
CA ILE A 71 41.62 -5.80 -36.00
C ILE A 71 40.42 -4.86 -35.93
N ASN A 72 39.22 -5.45 -35.95
CA ASN A 72 37.98 -4.69 -35.80
C ASN A 72 37.19 -5.08 -34.56
N ARG A 73 37.64 -6.09 -33.82
CA ARG A 73 37.02 -6.48 -32.55
C ARG A 73 38.11 -6.83 -31.56
N VAL A 74 37.95 -6.37 -30.32
CA VAL A 74 38.93 -6.60 -29.26
C VAL A 74 38.21 -7.26 -28.09
N VAL A 75 38.82 -8.31 -27.55
CA VAL A 75 38.33 -9.00 -26.35
C VAL A 75 39.46 -9.02 -25.34
N VAL A 76 39.28 -8.38 -24.21
CA VAL A 76 40.26 -8.42 -23.09
C VAL A 76 39.73 -9.38 -22.03
N ALA A 77 40.39 -10.44 -21.70
CA ALA A 77 40.07 -11.34 -20.59
C ALA A 77 40.83 -10.94 -19.35
N ALA A 78 40.21 -10.39 -18.34
CA ALA A 78 40.85 -9.77 -17.20
C ALA A 78 40.02 -9.67 -15.93
N CYS A 79 39.51 -8.51 -15.57
CA CYS A 79 38.85 -8.13 -14.33
C CYS A 79 37.53 -7.61 -14.76
N SER A 80 36.89 -6.89 -13.95
CA SER A 80 35.56 -6.39 -14.20
C SER A 80 35.47 -5.34 -15.25
N PRO A 81 34.40 -5.35 -16.06
CA PRO A 81 34.11 -4.28 -16.91
C PRO A 81 33.90 -3.06 -16.02
N ARG A 82 33.43 -3.24 -14.84
CA ARG A 82 33.05 -2.20 -13.89
C ARG A 82 34.27 -1.52 -13.35
N LEU A 83 35.43 -2.09 -13.51
CA LEU A 83 36.67 -1.50 -13.04
C LEU A 83 37.41 -0.79 -14.17
N HIS A 84 37.60 -1.46 -15.31
CA HIS A 84 38.52 -0.98 -16.34
C HIS A 84 37.90 -0.93 -17.73
N GLU A 85 36.59 -1.04 -17.87
CA GLU A 85 35.99 -0.90 -19.20
C GLU A 85 36.26 0.45 -19.82
N PRO A 86 36.11 1.58 -19.10
CA PRO A 86 36.46 2.87 -19.71
C PRO A 86 37.90 2.94 -20.17
N THR A 87 38.83 2.33 -19.43
CA THR A 87 40.23 2.36 -19.83
C THR A 87 40.43 1.73 -21.19
N PHE A 88 39.92 0.51 -21.38
CA PHE A 88 40.13 -0.18 -22.65
C PHE A 88 39.30 0.42 -23.77
N ARG A 89 38.12 0.97 -23.45
CA ARG A 89 37.35 1.70 -24.45
C ARG A 89 38.14 2.89 -24.96
N ARG A 90 38.76 3.64 -24.05
CA ARG A 90 39.61 4.75 -24.47
C ARG A 90 40.79 4.25 -25.30
N CYS A 91 41.41 3.15 -24.87
CA CYS A 91 42.55 2.62 -25.61
C CYS A 91 42.17 2.30 -27.05
N VAL A 92 41.09 1.55 -27.23
CA VAL A 92 40.69 1.17 -28.59
C VAL A 92 40.25 2.37 -29.42
N GLU A 93 39.60 3.35 -28.80
CA GLU A 93 39.17 4.53 -29.56
C GLU A 93 40.37 5.36 -30.01
N GLU A 94 41.37 5.52 -29.14
CA GLU A 94 42.62 6.16 -29.58
C GLU A 94 43.28 5.33 -30.67
N ALA A 95 43.14 4.00 -30.62
CA ALA A 95 43.67 3.19 -31.71
C ALA A 95 42.92 3.44 -33.01
N GLY A 96 41.76 4.09 -32.95
CA GLY A 96 40.92 4.33 -34.10
C GLY A 96 39.76 3.37 -34.23
N LEU A 97 39.64 2.39 -33.34
CA LEU A 97 38.55 1.43 -33.35
C LEU A 97 37.41 1.94 -32.48
N ASN A 98 36.19 1.75 -32.94
CA ASN A 98 35.02 2.18 -32.17
C ASN A 98 35.04 1.53 -30.79
N GLN A 99 34.70 2.31 -29.77
CA GLN A 99 34.79 1.83 -28.39
C GLN A 99 33.75 0.76 -28.08
N PHE A 100 32.71 0.63 -28.91
CA PHE A 100 31.69 -0.38 -28.69
C PHE A 100 31.95 -1.66 -29.47
N LEU A 101 33.08 -1.74 -30.18
CA LEU A 101 33.56 -2.98 -30.75
C LEU A 101 34.56 -3.68 -29.83
N PHE A 102 34.51 -3.37 -28.53
CA PHE A 102 35.38 -3.96 -27.53
C PHE A 102 34.52 -4.74 -26.54
N GLU A 103 34.89 -5.92 -26.13
CA GLU A 103 34.19 -6.78 -25.15
C GLU A 103 35.16 -7.21 -24.07
N PHE A 104 34.70 -7.47 -22.89
CA PHE A 104 35.43 -7.80 -21.68
C PHE A 104 34.96 -9.08 -21.11
N ALA A 105 35.84 -9.87 -20.75
CA ALA A 105 35.64 -11.12 -20.05
C ALA A 105 36.21 -11.00 -18.64
N ASN A 106 35.43 -11.35 -17.64
CA ASN A 106 35.82 -11.26 -16.24
C ASN A 106 36.31 -12.63 -15.81
N ILE A 107 37.64 -12.77 -15.68
CA ILE A 107 38.26 -14.03 -15.29
C ILE A 107 39.05 -13.89 -14.00
N ARG A 108 38.88 -12.77 -13.28
CA ARG A 108 39.58 -12.55 -12.02
C ARG A 108 38.62 -12.53 -10.84
N GLU A 109 37.63 -11.63 -10.85
CA GLU A 109 36.67 -11.59 -9.77
C GLU A 109 35.68 -12.75 -9.88
N HIS A 110 35.36 -13.16 -11.10
CA HIS A 110 34.38 -14.21 -11.31
C HIS A 110 34.99 -15.59 -11.42
N ASP A 111 36.26 -15.71 -11.78
CA ASP A 111 36.88 -17.02 -11.95
C ASP A 111 38.06 -17.26 -11.01
N SER A 112 39.07 -16.40 -11.02
CA SER A 112 40.36 -16.75 -10.42
C SER A 112 40.43 -16.47 -8.92
N TRP A 113 39.67 -15.50 -8.43
CA TRP A 113 39.67 -15.20 -7.01
C TRP A 113 38.65 -15.99 -6.22
N VAL A 114 37.81 -16.79 -6.88
CA VAL A 114 36.74 -17.54 -6.23
C VAL A 114 36.86 -19.04 -6.45
N HIS A 115 37.83 -19.50 -7.22
CA HIS A 115 38.05 -20.91 -7.47
C HIS A 115 39.52 -21.26 -7.27
N MET A 116 40.12 -20.72 -6.22
CA MET A 116 41.54 -20.96 -5.97
C MET A 116 41.83 -22.43 -5.66
N ASP A 117 40.82 -23.19 -5.26
CA ASP A 117 41.01 -24.60 -4.93
C ASP A 117 40.96 -25.51 -6.15
N ASN A 118 40.44 -25.02 -7.28
CA ASN A 118 40.20 -25.84 -8.47
C ASN A 118 40.90 -25.19 -9.66
N PRO A 119 42.23 -25.33 -9.77
CA PRO A 119 42.92 -24.75 -10.93
C PRO A 119 42.42 -25.27 -12.27
N GLU A 120 42.09 -26.57 -12.35
CA GLU A 120 41.56 -27.12 -13.58
C GLU A 120 40.18 -26.54 -13.87
N GLY A 121 39.31 -26.52 -12.86
CA GLY A 121 38.00 -25.91 -13.03
C GLY A 121 38.11 -24.45 -13.37
N ALA A 122 39.06 -23.74 -12.74
CA ALA A 122 39.25 -22.33 -13.04
C ALA A 122 39.67 -22.12 -14.49
N THR A 123 40.60 -22.95 -14.99
CA THR A 123 41.04 -22.80 -16.36
C THR A 123 39.91 -23.12 -17.35
N GLU A 124 39.15 -24.16 -17.08
CA GLU A 124 38.02 -24.48 -17.96
C GLU A 124 36.99 -23.36 -17.95
N LYS A 125 36.71 -22.79 -16.77
CA LYS A 125 35.77 -21.69 -16.68
C LYS A 125 36.28 -20.46 -17.42
N ALA A 126 37.58 -20.20 -17.34
CA ALA A 126 38.16 -19.09 -18.09
C ALA A 126 38.00 -19.30 -19.59
N LYS A 127 38.23 -20.54 -20.06
CA LYS A 127 38.03 -20.84 -21.47
C LYS A 127 36.58 -20.59 -21.88
N ASP A 128 35.64 -21.04 -21.05
CA ASP A 128 34.22 -20.82 -21.35
C ASP A 128 33.89 -19.34 -21.41
N LEU A 129 34.43 -18.55 -20.47
CA LEU A 129 34.12 -17.13 -20.44
C LEU A 129 34.73 -16.40 -21.63
N VAL A 130 35.94 -16.77 -22.03
CA VAL A 130 36.54 -16.17 -23.21
C VAL A 130 35.74 -16.54 -24.45
N ARG A 131 35.24 -17.78 -24.50
CA ARG A 131 34.40 -18.18 -25.62
C ARG A 131 33.11 -17.36 -25.68
N MET A 132 32.49 -17.13 -24.52
CA MET A 132 31.29 -16.29 -24.48
C MET A 132 31.61 -14.87 -24.94
N ALA A 133 32.74 -14.32 -24.49
CA ALA A 133 33.10 -12.98 -24.89
C ALA A 133 33.31 -12.88 -26.40
N VAL A 134 33.99 -13.87 -26.97
CA VAL A 134 34.21 -13.87 -28.42
C VAL A 134 32.88 -14.01 -29.15
N ALA A 135 31.98 -14.85 -28.63
CA ALA A 135 30.68 -15.02 -29.26
C ALA A 135 29.92 -13.70 -29.29
N LYS A 136 29.95 -12.94 -28.19
CA LYS A 136 29.31 -11.63 -28.21
C LYS A 136 30.03 -10.67 -29.16
N ALA A 137 31.36 -10.71 -29.16
CA ALA A 137 32.12 -9.76 -29.97
C ALA A 137 31.85 -9.95 -31.46
N ARG A 138 31.64 -11.20 -31.88
CA ARG A 138 31.41 -11.46 -33.30
C ARG A 138 30.22 -10.69 -33.83
N LEU A 139 29.26 -10.34 -32.97
CA LEU A 139 28.02 -9.71 -33.39
C LEU A 139 27.93 -8.24 -32.99
N LEU A 140 29.01 -7.64 -32.51
CA LEU A 140 28.96 -6.26 -32.06
C LEU A 140 28.94 -5.34 -33.26
N GLU A 141 28.44 -4.12 -33.05
CA GLU A 141 28.35 -3.10 -34.08
C GLU A 141 28.88 -1.79 -33.52
N PRO A 142 29.35 -0.88 -34.39
CA PRO A 142 29.83 0.42 -33.91
C PRO A 142 28.69 1.38 -33.59
N LEU A 143 28.74 1.95 -32.39
CA LEU A 143 27.73 2.89 -31.91
C LEU A 143 28.35 4.23 -31.55
N GLU A 144 27.63 5.31 -31.83
CA GLU A 144 28.06 6.66 -31.49
C GLU A 144 27.13 7.30 -30.47
N ALA A 145 27.72 7.97 -29.48
CA ALA A 145 26.93 8.61 -28.45
C ALA A 145 26.26 9.76 -29.19
N SER A 146 25.09 10.15 -28.70
CA SER A 146 24.36 11.27 -29.29
C SER A 146 24.43 12.45 -28.37
N LYS A 147 24.46 13.66 -28.92
CA LYS A 147 24.47 14.89 -28.15
C LYS A 147 23.15 15.62 -28.38
N VAL A 148 22.50 16.05 -27.30
CA VAL A 148 21.23 16.75 -27.38
C VAL A 148 21.44 18.14 -26.82
N SER A 149 21.12 19.14 -27.63
CA SER A 149 21.22 20.53 -27.20
C SER A 149 20.15 20.84 -26.16
N VAL A 150 20.50 21.70 -25.20
CA VAL A 150 19.60 22.11 -24.13
C VAL A 150 19.44 23.63 -24.22
N ASP A 151 18.21 24.08 -24.43
CA ASP A 151 17.94 25.51 -24.46
C ASP A 151 18.03 26.08 -23.05
N ASP A 152 18.55 27.30 -22.96
CA ASP A 152 18.84 27.94 -21.68
C ASP A 152 17.71 28.84 -21.20
N LYS A 153 16.46 28.53 -21.55
CA LYS A 153 15.29 29.23 -21.06
C LYS A 153 14.44 28.27 -20.24
N ALA A 154 13.85 28.77 -19.17
CA ALA A 154 13.08 27.96 -18.24
C ALA A 154 11.65 28.48 -18.16
N LEU A 155 10.74 27.59 -17.80
CA LEU A 155 9.34 27.92 -17.54
C LEU A 155 9.02 27.53 -16.11
N VAL A 156 8.37 28.43 -15.38
CA VAL A 156 7.89 28.16 -14.03
C VAL A 156 6.37 28.30 -14.06
N ILE A 157 5.67 27.20 -13.78
CA ILE A 157 4.23 27.20 -13.71
C ILE A 157 3.84 27.38 -12.25
N GLY A 158 3.09 28.44 -11.96
CA GLY A 158 2.73 28.76 -10.60
C GLY A 158 3.44 30.00 -10.11
N GLY A 159 2.68 30.97 -9.59
CA GLY A 159 3.25 32.21 -9.14
C GLY A 159 3.12 32.42 -7.64
N GLY A 160 3.21 31.34 -6.89
CA GLY A 160 3.19 31.42 -5.43
C GLY A 160 4.57 31.77 -4.90
N VAL A 161 4.77 31.45 -3.62
CA VAL A 161 6.06 31.73 -3.01
C VAL A 161 7.13 30.80 -3.57
N ALA A 162 6.80 29.53 -3.78
CA ALA A 162 7.76 28.60 -4.37
C ALA A 162 8.05 28.98 -5.82
N GLY A 163 7.02 29.29 -6.60
CA GLY A 163 7.24 29.71 -7.97
C GLY A 163 8.00 31.02 -8.05
N ILE A 164 7.69 31.97 -7.18
CA ILE A 164 8.42 33.23 -7.16
C ILE A 164 9.88 33.00 -6.84
N GLN A 165 10.16 32.16 -5.83
CA GLN A 165 11.54 31.89 -5.45
C GLN A 165 12.29 31.19 -6.57
N ALA A 166 11.66 30.20 -7.22
CA ALA A 166 12.33 29.51 -8.32
C ALA A 166 12.61 30.47 -9.48
N ALA A 167 11.63 31.30 -9.84
CA ALA A 167 11.85 32.23 -10.94
C ALA A 167 12.95 33.22 -10.62
N LEU A 168 12.97 33.75 -9.39
CA LEU A 168 14.01 34.71 -9.03
C LEU A 168 15.38 34.06 -9.03
N ASP A 169 15.48 32.83 -8.52
CA ASP A 169 16.77 32.13 -8.51
C ASP A 169 17.26 31.87 -9.93
N LEU A 170 16.38 31.42 -10.82
CA LEU A 170 16.79 31.15 -12.19
C LEU A 170 17.17 32.44 -12.91
N ALA A 171 16.41 33.52 -12.69
CA ALA A 171 16.70 34.78 -13.35
C ALA A 171 18.00 35.39 -12.84
N ASP A 172 18.31 35.20 -11.55
CA ASP A 172 19.56 35.72 -11.00
C ASP A 172 20.76 34.90 -11.45
N MET A 173 20.56 33.68 -11.93
CA MET A 173 21.63 32.89 -12.53
C MET A 173 21.85 33.21 -13.99
N GLY A 174 21.10 34.15 -14.55
CA GLY A 174 21.29 34.59 -15.91
C GLY A 174 20.38 33.94 -16.93
N PHE A 175 19.50 33.03 -16.53
CA PHE A 175 18.63 32.32 -17.46
C PHE A 175 17.34 33.10 -17.68
N LYS A 176 17.01 33.36 -18.94
CA LYS A 176 15.73 33.95 -19.26
C LYS A 176 14.61 33.01 -18.84
N THR A 177 13.64 33.52 -18.12
CA THR A 177 12.61 32.71 -17.49
C THR A 177 11.24 33.24 -17.89
N TYR A 178 10.30 32.32 -18.08
CA TYR A 178 8.89 32.65 -18.25
C TYR A 178 8.15 32.11 -17.04
N MET A 179 7.42 32.97 -16.35
CA MET A 179 6.54 32.52 -15.27
C MET A 179 5.10 32.62 -15.77
N VAL A 180 4.33 31.57 -15.55
CA VAL A 180 2.93 31.52 -15.96
C VAL A 180 2.07 31.33 -14.73
N GLU A 181 1.08 32.20 -14.56
CA GLU A 181 0.21 32.19 -13.40
C GLU A 181 -1.23 32.31 -13.88
N LYS A 182 -2.10 31.42 -13.40
CA LYS A 182 -3.48 31.41 -13.86
C LYS A 182 -4.30 32.53 -13.24
N ARG A 183 -3.95 32.99 -12.05
CA ARG A 183 -4.67 34.07 -11.40
C ARG A 183 -4.23 35.42 -11.94
N PRO A 184 -5.03 36.46 -11.75
CA PRO A 184 -4.64 37.79 -12.25
C PRO A 184 -3.35 38.31 -11.66
N SER A 185 -2.95 37.84 -10.47
CA SER A 185 -1.75 38.35 -9.80
C SER A 185 -0.99 37.19 -9.19
N ILE A 186 0.30 37.40 -9.01
CA ILE A 186 1.16 36.43 -8.33
C ILE A 186 1.08 36.67 -6.82
N SER A 187 1.30 35.61 -6.06
CA SER A 187 1.36 35.65 -4.60
C SER A 187 1.02 34.28 -4.04
N GLY A 188 0.01 33.63 -4.64
CA GLY A 188 -0.39 32.34 -4.15
C GLY A 188 -1.09 32.45 -2.80
N ARG A 189 -1.04 31.37 -2.04
CA ARG A 189 -1.71 31.34 -0.74
C ARG A 189 -0.97 32.17 0.30
N MET A 190 0.34 32.32 0.16
CA MET A 190 1.09 33.07 1.16
C MET A 190 0.67 34.54 1.20
N GLY A 191 0.24 35.08 0.06
CA GLY A 191 -0.28 36.43 0.05
C GLY A 191 -1.64 36.59 0.69
N GLN A 192 -2.32 35.48 0.97
CA GLN A 192 -3.62 35.52 1.62
C GLN A 192 -3.52 35.45 3.14
N LEU A 193 -2.39 35.01 3.67
CA LEU A 193 -2.23 34.92 5.11
C LEU A 193 -2.04 36.30 5.73
N ASP A 194 -2.41 36.42 7.00
CA ASP A 194 -2.16 37.64 7.76
C ASP A 194 -0.77 37.62 8.38
N LYS A 195 -0.49 36.61 9.19
CA LYS A 195 0.81 36.42 9.80
C LYS A 195 1.22 34.97 9.60
N THR A 196 2.50 34.68 9.81
CA THR A 196 3.05 33.35 9.63
C THR A 196 3.51 32.78 10.96
N PHE A 197 3.30 31.49 11.14
CA PHE A 197 3.92 30.80 12.27
C PHE A 197 5.35 30.43 11.92
N PRO A 198 6.21 30.24 12.93
CA PRO A 198 5.98 30.35 14.38
C PRO A 198 6.35 31.71 14.92
N THR A 199 6.52 32.71 14.05
CA THR A 199 6.98 34.03 14.46
C THR A 199 5.89 35.09 14.48
N LEU A 200 4.73 34.81 13.90
CA LEU A 200 3.66 35.81 13.78
C LEU A 200 4.13 37.05 13.06
N ASP A 201 4.96 36.87 12.03
CA ASP A 201 5.44 37.99 11.24
C ASP A 201 4.45 38.34 10.14
N CYS A 202 4.36 39.63 9.84
CA CYS A 202 3.55 40.12 8.73
C CYS A 202 4.00 39.43 7.45
N SER A 203 3.07 38.75 6.78
CA SER A 203 3.41 37.86 5.67
C SER A 203 3.52 38.60 4.34
N MET A 204 2.50 39.39 3.99
CA MET A 204 2.62 40.25 2.82
C MET A 204 3.81 41.20 2.83
N CYS A 205 4.29 41.55 3.93
CA CYS A 205 5.42 42.45 3.98
C CYS A 205 6.73 41.90 3.75
N ILE A 206 6.76 40.67 3.73
CA ILE A 206 7.99 39.97 3.36
C ILE A 206 7.77 39.44 1.96
N LEU A 207 6.53 39.10 1.60
CA LEU A 207 6.28 38.59 0.26
C LEU A 207 6.30 39.70 -0.79
N ALA A 208 5.73 40.86 -0.47
CA ALA A 208 5.56 41.90 -1.49
C ALA A 208 6.87 42.32 -2.15
N PRO A 209 7.98 42.50 -1.42
CA PRO A 209 9.23 42.86 -2.12
C PRO A 209 9.62 41.84 -3.17
N LYS A 210 9.42 40.55 -2.88
CA LYS A 210 9.78 39.52 -3.86
C LYS A 210 8.86 39.57 -5.07
N MET A 211 7.57 39.83 -4.84
CA MET A 211 6.65 40.00 -5.96
C MET A 211 7.02 41.19 -6.84
N VAL A 212 7.40 42.31 -6.24
CA VAL A 212 7.81 43.48 -7.02
C VAL A 212 9.08 43.16 -7.80
N ASP A 213 10.04 42.49 -7.16
CA ASP A 213 11.25 42.08 -7.86
C ASP A 213 10.92 41.24 -9.08
N VAL A 214 10.05 40.25 -8.92
CA VAL A 214 9.64 39.42 -10.05
C VAL A 214 9.01 40.28 -11.14
N GLY A 215 8.16 41.23 -10.74
CA GLY A 215 7.49 42.07 -11.72
C GLY A 215 8.30 43.00 -12.59
N LYS A 216 9.50 43.36 -12.16
CA LYS A 216 10.37 44.23 -12.93
C LYS A 216 11.80 43.65 -13.17
N HIS A 217 11.91 42.33 -13.01
CA HIS A 217 13.18 41.64 -13.22
C HIS A 217 13.30 41.65 -14.74
N ASP A 218 14.54 41.83 -15.22
CA ASP A 218 14.79 41.86 -16.66
C ASP A 218 14.79 40.48 -17.28
N ASN A 219 15.11 39.45 -16.51
CA ASN A 219 15.20 38.08 -17.01
C ASN A 219 13.90 37.29 -16.82
N ILE A 220 12.85 37.92 -16.32
CA ILE A 220 11.58 37.25 -16.08
C ILE A 220 10.53 37.85 -17.01
N GLU A 221 9.81 37.00 -17.71
CA GLU A 221 8.62 37.37 -18.47
C GLU A 221 7.42 36.80 -17.69
N LEU A 222 6.63 37.71 -17.11
CA LEU A 222 5.52 37.32 -16.27
C LEU A 222 4.25 37.29 -17.10
N ILE A 223 3.60 36.14 -17.14
CA ILE A 223 2.36 35.95 -17.90
C ILE A 223 1.31 35.54 -16.87
N THR A 224 0.60 36.52 -16.34
CA THR A 224 -0.46 36.28 -15.37
C THR A 224 -1.78 36.11 -16.09
N TYR A 225 -2.71 35.44 -15.44
CA TYR A 225 -4.03 35.20 -16.01
C TYR A 225 -3.92 34.34 -17.27
N ALA A 226 -2.97 33.42 -17.29
CA ALA A 226 -2.72 32.55 -18.42
C ALA A 226 -2.55 31.13 -17.89
N GLU A 227 -2.78 30.16 -18.77
CA GLU A 227 -2.66 28.75 -18.43
C GLU A 227 -1.86 28.05 -19.52
N VAL A 228 -1.14 27.00 -19.11
CA VAL A 228 -0.36 26.20 -20.04
C VAL A 228 -1.29 25.22 -20.76
N LYS A 229 -1.51 25.46 -22.06
CA LYS A 229 -2.46 24.64 -22.81
C LYS A 229 -1.81 23.34 -23.26
N GLU A 230 -0.60 23.40 -23.81
CA GLU A 230 0.03 22.21 -24.34
C GLU A 230 1.53 22.24 -24.10
N VAL A 231 2.11 21.06 -23.94
CA VAL A 231 3.56 20.89 -23.81
C VAL A 231 3.96 19.74 -24.70
N ASP A 232 4.90 19.98 -25.61
CA ASP A 232 5.46 18.95 -26.47
C ASP A 232 6.97 19.00 -26.38
N GLY A 233 7.62 17.93 -26.81
CA GLY A 233 9.06 17.86 -26.82
C GLY A 233 9.62 17.17 -25.58
N TYR A 234 10.87 17.48 -25.29
CA TYR A 234 11.59 16.81 -24.22
C TYR A 234 12.59 17.78 -23.60
N ILE A 235 13.49 17.26 -22.77
CA ILE A 235 14.43 18.11 -22.05
C ILE A 235 15.25 18.94 -23.03
N GLY A 236 15.40 20.23 -22.70
CA GLY A 236 16.10 21.16 -23.57
C GLY A 236 15.33 21.59 -24.79
N ASN A 237 14.27 20.88 -25.14
CA ASN A 237 13.51 21.06 -26.36
C ASN A 237 12.02 21.00 -26.06
N PHE A 238 11.55 21.83 -25.13
CA PHE A 238 10.13 21.90 -24.81
C PHE A 238 9.48 23.02 -25.61
N LYS A 239 8.39 22.70 -26.29
CA LYS A 239 7.55 23.68 -26.97
C LYS A 239 6.24 23.78 -26.19
N VAL A 240 5.96 24.95 -25.65
CA VAL A 240 4.84 25.15 -24.74
C VAL A 240 3.88 26.16 -25.35
N LYS A 241 2.60 25.79 -25.40
CA LYS A 241 1.51 26.65 -25.87
C LYS A 241 0.73 27.11 -24.65
N ILE A 242 0.61 28.43 -24.51
CA ILE A 242 0.00 29.09 -23.36
C ILE A 242 -1.16 29.93 -23.86
N GLU A 243 -2.30 29.85 -23.17
CA GLU A 243 -3.49 30.62 -23.50
C GLU A 243 -3.63 31.73 -22.46
N LYS A 244 -3.40 32.96 -22.89
CA LYS A 244 -3.58 34.13 -22.05
C LYS A 244 -5.03 34.55 -22.12
N LYS A 245 -5.75 34.41 -21.00
CA LYS A 245 -7.16 34.74 -20.97
C LYS A 245 -7.36 36.26 -21.07
N PRO A 246 -8.47 36.70 -21.68
CA PRO A 246 -8.69 38.13 -21.86
C PRO A 246 -8.99 38.83 -20.54
N ARG A 247 -8.16 39.81 -20.19
CA ARG A 247 -8.43 40.64 -19.04
C ARG A 247 -9.54 41.64 -19.32
N TYR A 248 -9.73 41.99 -20.59
CA TYR A 248 -10.56 43.12 -21.01
C TYR A 248 -10.02 44.43 -20.48
N ILE A 249 -8.76 44.44 -20.08
CA ILE A 249 -8.05 45.63 -19.63
C ILE A 249 -6.66 45.59 -20.25
N ASP A 250 -6.21 46.73 -20.78
CA ASP A 250 -4.89 46.81 -21.37
C ASP A 250 -3.84 46.79 -20.26
N GLU A 251 -3.08 45.70 -20.19
CA GLU A 251 -2.10 45.55 -19.13
C GLU A 251 -1.03 46.64 -19.20
N GLU A 252 -0.73 47.14 -20.39
CA GLU A 252 0.31 48.16 -20.54
C GLU A 252 -0.19 49.53 -20.11
N LEU A 253 -1.46 49.83 -20.38
CA LEU A 253 -1.99 51.16 -20.09
C LEU A 253 -2.55 51.28 -18.67
N CYS A 254 -3.07 50.20 -18.10
CA CYS A 254 -3.66 50.26 -16.77
C CYS A 254 -2.61 50.60 -15.73
N THR A 255 -2.97 51.47 -14.80
CA THR A 255 -2.10 51.83 -13.69
C THR A 255 -2.57 51.27 -12.36
N GLY A 256 -3.73 50.62 -12.31
CA GLY A 256 -4.23 50.10 -11.06
C GLY A 256 -4.74 51.15 -10.11
N CYS A 257 -5.10 52.33 -10.62
CA CYS A 257 -5.59 53.40 -9.75
C CYS A 257 -6.84 52.96 -9.01
N GLY A 258 -7.70 52.19 -9.65
CA GLY A 258 -8.92 51.71 -9.04
C GLY A 258 -10.15 52.56 -9.27
N SER A 259 -10.07 53.56 -10.16
CA SER A 259 -11.26 54.36 -10.44
C SER A 259 -12.36 53.50 -11.05
N CYS A 260 -12.01 52.61 -11.97
CA CYS A 260 -13.01 51.76 -12.59
C CYS A 260 -13.75 50.93 -11.56
N VAL A 261 -13.06 50.48 -10.52
CA VAL A 261 -13.68 49.64 -9.50
C VAL A 261 -14.74 50.41 -8.75
N GLU A 262 -14.49 51.70 -8.48
CA GLU A 262 -15.41 52.48 -7.67
C GLU A 262 -16.76 52.66 -8.37
N VAL A 263 -16.75 52.85 -9.68
CA VAL A 263 -17.96 53.20 -10.41
C VAL A 263 -18.71 51.99 -10.94
N CYS A 264 -18.21 50.79 -10.74
CA CYS A 264 -18.87 49.61 -11.27
C CYS A 264 -20.14 49.32 -10.47
N PRO A 265 -21.29 49.20 -11.12
CA PRO A 265 -22.54 48.93 -10.38
C PRO A 265 -22.81 47.46 -10.08
N ILE A 266 -21.89 46.56 -10.37
CA ILE A 266 -22.10 45.13 -10.19
C ILE A 266 -21.22 44.64 -9.04
N GLU A 267 -21.75 43.70 -8.28
CA GLU A 267 -21.04 43.11 -7.15
C GLU A 267 -20.73 41.66 -7.46
N MET A 268 -19.47 41.27 -7.29
CA MET A 268 -19.01 39.94 -7.61
C MET A 268 -18.12 39.44 -6.49
N PRO A 269 -18.12 38.13 -6.22
CA PRO A 269 -17.23 37.60 -5.17
C PRO A 269 -15.77 37.77 -5.54
N ASN A 270 -14.94 37.97 -4.52
CA ASN A 270 -13.50 38.09 -4.69
C ASN A 270 -12.86 36.73 -4.43
N TYR A 271 -12.13 36.23 -5.42
CA TYR A 271 -11.45 34.94 -5.25
C TYR A 271 -10.39 35.01 -4.15
N PHE A 272 -9.79 36.18 -3.95
CA PHE A 272 -8.74 36.32 -2.95
C PHE A 272 -9.28 36.25 -1.54
N ASP A 273 -10.57 36.49 -1.34
CA ASP A 273 -11.18 36.44 -0.02
C ASP A 273 -11.83 35.09 0.28
N GLU A 274 -11.72 34.12 -0.63
CA GLU A 274 -12.12 32.75 -0.36
C GLU A 274 -13.59 32.65 0.07
N GLY A 275 -14.43 33.48 -0.53
CA GLY A 275 -15.86 33.34 -0.37
C GLY A 275 -16.47 34.08 0.80
N ILE A 276 -15.75 35.03 1.41
CA ILE A 276 -16.31 35.87 2.46
C ILE A 276 -16.14 37.35 2.18
N GLY A 277 -15.58 37.72 1.04
CA GLY A 277 -15.45 39.11 0.67
C GLY A 277 -15.91 39.31 -0.77
N MET A 278 -16.39 40.53 -1.04
CA MET A 278 -16.96 40.87 -2.32
C MET A 278 -16.16 41.99 -2.98
N THR A 279 -16.31 42.08 -4.29
CA THR A 279 -15.73 43.16 -5.07
C THR A 279 -16.68 43.43 -6.24
N LYS A 280 -16.20 44.15 -7.24
CA LYS A 280 -16.99 44.47 -8.42
C LYS A 280 -16.61 43.54 -9.57
N ALA A 281 -17.38 43.65 -10.67
CA ALA A 281 -17.07 42.88 -11.86
C ALA A 281 -15.71 43.27 -12.42
N VAL A 282 -15.31 44.53 -12.25
CA VAL A 282 -13.96 44.97 -12.55
C VAL A 282 -13.23 45.13 -11.22
N TYR A 283 -12.16 44.38 -11.03
CA TYR A 283 -11.54 44.25 -9.73
C TYR A 283 -10.02 44.21 -9.85
N ILE A 284 -9.36 44.65 -8.78
CA ILE A 284 -7.95 44.41 -8.53
C ILE A 284 -7.86 43.50 -7.32
N PRO A 285 -7.28 42.30 -7.42
CA PRO A 285 -7.45 41.31 -6.34
C PRO A 285 -7.02 41.82 -4.97
N PHE A 286 -5.91 42.55 -4.88
CA PHE A 286 -5.51 43.15 -3.62
C PHE A 286 -4.55 44.30 -3.94
N PRO A 287 -4.36 45.22 -3.00
CA PRO A 287 -3.55 46.42 -3.30
C PRO A 287 -2.11 46.11 -3.69
N GLN A 288 -1.52 45.04 -3.17
CA GLN A 288 -0.13 44.69 -3.46
C GLN A 288 -0.01 43.74 -4.64
N ALA A 289 -1.01 43.70 -5.52
CA ALA A 289 -0.99 42.77 -6.64
C ALA A 289 0.14 43.12 -7.61
N VAL A 290 0.69 42.08 -8.24
CA VAL A 290 1.69 42.23 -9.28
C VAL A 290 1.26 41.38 -10.48
N PRO A 291 0.94 41.98 -11.63
CA PRO A 291 0.93 43.41 -11.93
C PRO A 291 -0.26 44.11 -11.27
N LEU A 292 -0.15 45.40 -10.98
CA LEU A 292 -1.26 46.17 -10.45
C LEU A 292 -2.17 46.56 -11.62
N CYS A 293 -3.01 45.62 -12.02
CA CYS A 293 -3.87 45.77 -13.18
C CYS A 293 -5.27 45.33 -12.83
N ALA A 294 -6.26 45.92 -13.50
CA ALA A 294 -7.65 45.55 -13.30
C ALA A 294 -8.02 44.39 -14.21
N THR A 295 -9.04 43.64 -13.78
CA THR A 295 -9.58 42.54 -14.55
C THR A 295 -11.10 42.61 -14.54
N ILE A 296 -11.71 42.40 -15.69
CA ILE A 296 -13.16 42.35 -15.82
C ILE A 296 -13.58 40.89 -15.95
N ASP A 297 -14.55 40.48 -15.15
CA ASP A 297 -15.18 39.17 -15.26
C ASP A 297 -16.49 39.34 -16.03
N LYS A 298 -16.62 38.64 -17.15
CA LYS A 298 -17.77 38.80 -18.01
C LYS A 298 -18.96 37.92 -17.60
N ASP A 299 -18.80 37.09 -16.58
CA ASP A 299 -19.94 36.42 -15.99
C ASP A 299 -20.77 37.37 -15.14
N TYR A 300 -20.28 38.58 -14.89
CA TYR A 300 -21.00 39.58 -14.11
C TYR A 300 -21.10 40.93 -14.78
N CYS A 301 -20.29 41.20 -15.81
CA CYS A 301 -20.34 42.49 -16.48
C CYS A 301 -21.65 42.64 -17.26
N ILE A 302 -22.22 43.84 -17.21
CA ILE A 302 -23.41 44.18 -17.98
C ILE A 302 -23.10 45.16 -19.10
N GLU A 303 -21.83 45.42 -19.36
CA GLU A 303 -21.41 46.34 -20.42
C GLU A 303 -22.07 47.69 -20.26
N CYS A 304 -22.08 48.20 -19.03
CA CYS A 304 -22.61 49.53 -18.78
C CYS A 304 -21.70 50.62 -19.34
N MET A 305 -20.40 50.34 -19.45
CA MET A 305 -19.38 51.23 -20.00
C MET A 305 -18.99 52.35 -19.05
N LEU A 306 -19.41 52.33 -17.78
CA LEU A 306 -18.99 53.36 -16.85
C LEU A 306 -17.47 53.36 -16.66
N CYS A 307 -16.89 52.16 -16.58
CA CYS A 307 -15.45 52.05 -16.45
C CYS A 307 -14.74 52.71 -17.63
N ASP A 308 -15.34 52.62 -18.82
CA ASP A 308 -14.71 53.21 -20.00
C ASP A 308 -14.59 54.71 -19.86
N GLU A 309 -15.70 55.39 -19.56
CA GLU A 309 -15.67 56.84 -19.44
C GLU A 309 -14.99 57.37 -18.19
N VAL A 310 -14.70 56.53 -17.21
CA VAL A 310 -13.97 56.98 -16.04
C VAL A 310 -12.46 56.70 -16.13
N CYS A 311 -12.07 55.68 -16.88
CA CYS A 311 -10.65 55.35 -17.00
C CYS A 311 -9.96 56.55 -17.66
N GLU A 312 -8.87 57.00 -17.06
CA GLU A 312 -8.11 58.13 -17.56
C GLU A 312 -7.05 57.74 -18.59
N ARG A 313 -6.71 56.45 -18.68
CA ARG A 313 -5.68 55.97 -19.60
C ARG A 313 -6.26 55.18 -20.75
N GLY A 314 -7.59 55.09 -20.87
CA GLY A 314 -8.18 54.33 -21.95
C GLY A 314 -7.75 52.88 -21.97
N ALA A 315 -7.70 52.23 -20.81
CA ALA A 315 -7.18 50.88 -20.68
C ALA A 315 -8.27 49.82 -20.69
N VAL A 316 -9.53 50.19 -20.88
CA VAL A 316 -10.63 49.24 -20.87
C VAL A 316 -10.89 48.77 -22.29
N LYS A 317 -10.86 47.46 -22.50
CA LYS A 317 -10.98 46.86 -23.83
C LYS A 317 -12.00 45.71 -23.75
N HIS A 318 -13.27 46.03 -23.98
CA HIS A 318 -14.29 44.99 -23.96
C HIS A 318 -14.21 44.07 -25.17
N ASP A 319 -13.45 44.45 -26.19
CA ASP A 319 -13.31 43.66 -27.41
C ASP A 319 -12.10 42.75 -27.39
N GLN A 320 -11.38 42.68 -26.28
CA GLN A 320 -10.20 41.84 -26.18
C GLN A 320 -10.56 40.38 -26.45
N GLU A 321 -9.59 39.63 -26.93
CA GLU A 321 -9.73 38.21 -27.23
C GLU A 321 -8.60 37.45 -26.55
N PRO A 322 -8.80 36.15 -26.30
CA PRO A 322 -7.71 35.34 -25.74
C PRO A 322 -6.51 35.32 -26.67
N GLU A 323 -5.32 35.33 -26.07
CA GLU A 323 -4.07 35.35 -26.80
C GLU A 323 -3.40 33.99 -26.73
N GLU A 324 -2.66 33.65 -27.79
CA GLU A 324 -1.90 32.42 -27.84
C GLU A 324 -0.41 32.76 -27.85
N ILE A 325 0.34 32.15 -26.94
CA ILE A 325 1.77 32.36 -26.81
C ILE A 325 2.46 31.02 -27.01
N GLU A 326 3.47 30.99 -27.87
CA GLU A 326 4.30 29.82 -28.06
C GLU A 326 5.70 30.14 -27.55
N ILE A 327 6.19 29.34 -26.62
CA ILE A 327 7.54 29.54 -26.08
C ILE A 327 8.32 28.25 -26.24
N GLU A 328 9.64 28.39 -26.34
CA GLU A 328 10.56 27.27 -26.38
C GLU A 328 11.45 27.37 -25.15
N VAL A 329 11.46 26.31 -24.35
CA VAL A 329 12.20 26.30 -23.09
C VAL A 329 13.00 25.01 -23.00
N GLY A 330 13.90 24.97 -22.02
CA GLY A 330 14.71 23.80 -21.77
C GLY A 330 14.22 23.02 -20.57
N THR A 331 13.76 23.72 -19.54
CA THR A 331 13.32 23.08 -18.31
C THR A 331 12.00 23.68 -17.86
N ILE A 332 11.22 22.87 -17.14
CA ILE A 332 9.94 23.28 -16.59
C ILE A 332 9.94 22.97 -15.11
N ILE A 333 9.50 23.93 -14.29
CA ILE A 333 9.33 23.76 -12.86
C ILE A 333 7.85 23.94 -12.54
N VAL A 334 7.23 22.88 -12.02
CA VAL A 334 5.84 22.92 -11.62
C VAL A 334 5.77 23.35 -10.17
N ALA A 335 5.12 24.47 -9.91
CA ALA A 335 4.99 25.03 -8.56
C ALA A 335 3.56 25.48 -8.33
N THR A 336 2.61 24.60 -8.64
CA THR A 336 1.21 24.97 -8.73
C THR A 336 0.48 24.96 -7.39
N GLY A 337 1.13 24.56 -6.31
CA GLY A 337 0.55 24.77 -4.99
C GLY A 337 -0.58 23.82 -4.69
N TYR A 338 -1.60 24.33 -4.01
CA TYR A 338 -2.65 23.51 -3.44
C TYR A 338 -3.95 24.28 -3.38
N ASP A 339 -5.02 23.55 -3.10
CA ASP A 339 -6.31 24.11 -2.72
C ASP A 339 -6.61 23.67 -1.29
N ALA A 340 -7.43 24.47 -0.61
CA ALA A 340 -7.91 24.07 0.71
C ALA A 340 -9.01 23.03 0.56
N TYR A 341 -9.01 22.06 1.47
CA TYR A 341 -10.04 21.03 1.44
C TYR A 341 -11.42 21.66 1.66
N ASP A 342 -12.41 21.13 0.94
CA ASP A 342 -13.78 21.62 1.08
C ASP A 342 -14.54 20.69 2.02
N PRO A 343 -14.91 21.14 3.23
CA PRO A 343 -15.47 20.20 4.21
C PRO A 343 -16.97 20.05 4.11
N THR A 344 -17.57 20.47 2.99
CA THR A 344 -19.01 20.35 2.83
C THR A 344 -19.47 18.91 2.89
N GLU A 345 -18.60 17.96 2.51
CA GLU A 345 -18.99 16.56 2.53
C GLU A 345 -19.03 15.99 3.94
N LYS A 346 -18.28 16.56 4.88
CA LYS A 346 -18.34 16.13 6.27
C LYS A 346 -19.65 16.66 6.84
N LEU A 347 -20.72 15.90 6.58
CA LEU A 347 -22.06 16.37 6.94
C LEU A 347 -22.24 16.50 8.45
N GLU A 348 -21.44 15.77 9.25
CA GLU A 348 -21.60 15.84 10.69
C GLU A 348 -21.14 17.17 11.25
N TYR A 349 -20.12 17.80 10.65
CA TYR A 349 -19.66 19.10 11.11
C TYR A 349 -20.48 20.25 10.56
N GLY A 350 -21.29 20.02 9.53
CA GLY A 350 -22.27 21.00 9.12
C GLY A 350 -21.73 22.24 8.45
N TYR A 351 -20.56 22.17 7.83
CA TYR A 351 -20.06 23.30 7.05
C TYR A 351 -20.98 23.52 5.84
N GLY A 352 -21.31 24.78 5.60
CA GLY A 352 -22.25 25.15 4.57
C GLY A 352 -23.69 25.19 5.02
N ARG A 353 -24.01 24.52 6.13
CA ARG A 353 -25.34 24.57 6.73
C ARG A 353 -25.37 25.50 7.94
N HIS A 354 -24.52 25.24 8.93
CA HIS A 354 -24.44 26.12 10.09
C HIS A 354 -23.75 27.42 9.70
N THR A 355 -24.34 28.54 10.14
CA THR A 355 -23.83 29.85 9.74
C THR A 355 -22.45 30.12 10.31
N ASN A 356 -22.22 29.75 11.57
CA ASN A 356 -21.02 30.13 12.30
C ASN A 356 -19.95 29.05 12.26
N VAL A 357 -19.93 28.21 11.23
CA VAL A 357 -18.88 27.24 11.00
C VAL A 357 -18.08 27.71 9.79
N ILE A 358 -16.78 27.91 9.97
CA ILE A 358 -15.91 28.45 8.94
C ILE A 358 -14.65 27.58 8.88
N THR A 359 -13.89 27.76 7.80
CA THR A 359 -12.63 27.06 7.61
C THR A 359 -11.47 27.94 8.06
N GLY A 360 -10.29 27.35 8.07
CA GLY A 360 -9.10 28.08 8.52
C GLY A 360 -8.69 29.19 7.57
N LEU A 361 -8.83 28.95 6.26
CA LEU A 361 -8.44 29.97 5.28
C LEU A 361 -9.38 31.17 5.33
N GLU A 362 -10.68 30.92 5.53
CA GLU A 362 -11.61 32.03 5.72
C GLU A 362 -11.23 32.84 6.96
N LEU A 363 -10.81 32.16 8.02
CA LEU A 363 -10.33 32.88 9.20
C LEU A 363 -9.07 33.66 8.90
N GLU A 364 -8.18 33.12 8.07
CA GLU A 364 -6.99 33.87 7.68
C GLU A 364 -7.38 35.16 6.98
N ARG A 365 -8.36 35.10 6.09
CA ARG A 365 -8.82 36.30 5.41
C ARG A 365 -9.53 37.26 6.37
N MET A 366 -10.26 36.72 7.35
CA MET A 366 -10.98 37.56 8.30
C MET A 366 -10.01 38.30 9.22
N ILE A 367 -9.01 37.60 9.75
CA ILE A 367 -8.05 38.21 10.65
C ILE A 367 -7.19 39.22 9.92
N ASN A 368 -6.96 39.03 8.63
CA ASN A 368 -6.15 39.95 7.85
C ASN A 368 -6.73 41.36 7.93
N ALA A 369 -5.88 42.32 8.28
CA ALA A 369 -6.34 43.70 8.39
C ALA A 369 -6.85 44.36 7.12
N SER A 370 -6.51 43.81 5.96
CA SER A 370 -7.03 44.27 4.68
C SER A 370 -8.07 43.30 4.09
N GLY A 371 -8.62 42.44 4.94
CA GLY A 371 -9.56 41.44 4.51
C GLY A 371 -10.90 42.13 4.45
N PRO A 372 -11.93 41.36 4.11
CA PRO A 372 -13.26 41.94 3.96
C PRO A 372 -13.79 42.60 5.22
N THR A 373 -13.44 42.09 6.40
CA THR A 373 -13.92 42.63 7.66
C THR A 373 -12.96 43.64 8.28
N ASP A 374 -11.84 43.95 7.63
CA ASP A 374 -10.85 44.89 8.14
C ASP A 374 -10.17 44.37 9.40
N GLY A 375 -9.89 43.06 9.41
CA GLY A 375 -9.14 42.46 10.50
C GLY A 375 -9.95 42.11 11.73
N LYS A 376 -11.27 42.27 11.70
CA LYS A 376 -12.13 41.99 12.83
C LYS A 376 -12.74 40.61 12.67
N VAL A 377 -12.52 39.73 13.65
CA VAL A 377 -13.11 38.39 13.65
C VAL A 377 -14.53 38.52 14.16
N LEU A 378 -15.50 38.35 13.27
CA LEU A 378 -16.91 38.55 13.58
C LEU A 378 -17.70 37.29 13.26
N LYS A 379 -18.78 37.09 13.98
CA LYS A 379 -19.67 35.99 13.70
C LYS A 379 -20.37 36.23 12.36
N PRO A 380 -20.33 35.29 11.42
CA PRO A 380 -21.06 35.51 10.16
C PRO A 380 -22.55 35.72 10.35
N SER A 381 -23.14 35.17 11.40
CA SER A 381 -24.58 35.30 11.60
C SER A 381 -24.99 36.73 11.93
N ASP A 382 -24.31 37.35 12.89
CA ASP A 382 -24.68 38.68 13.36
C ASP A 382 -23.56 39.71 13.29
N GLY A 383 -22.37 39.33 12.81
CA GLY A 383 -21.28 40.28 12.72
C GLY A 383 -20.85 40.83 14.07
N GLU A 384 -20.75 39.98 15.08
CA GLU A 384 -20.29 40.36 16.40
C GLU A 384 -19.05 39.53 16.69
N LYS A 385 -18.25 39.98 17.62
CA LYS A 385 -17.03 39.28 18.00
C LYS A 385 -17.42 37.99 18.73
N PRO A 386 -16.95 36.82 18.31
CA PRO A 386 -17.26 35.61 19.07
C PRO A 386 -16.61 35.58 20.44
N LYS A 387 -17.40 35.26 21.46
CA LYS A 387 -16.86 35.13 22.81
C LYS A 387 -16.20 33.79 23.04
N ARG A 388 -16.64 32.76 22.32
CA ARG A 388 -16.07 31.41 22.43
C ARG A 388 -15.83 30.86 21.04
N VAL A 389 -14.62 30.38 20.81
CA VAL A 389 -14.19 29.86 19.53
C VAL A 389 -13.61 28.47 19.74
N ALA A 390 -14.00 27.52 18.91
CA ALA A 390 -13.43 26.18 18.89
C ALA A 390 -12.68 25.97 17.59
N PHE A 391 -11.58 25.24 17.65
CA PHE A 391 -10.84 24.83 16.47
C PHE A 391 -10.82 23.31 16.41
N ILE A 392 -11.10 22.75 15.23
CA ILE A 392 -11.10 21.31 15.04
C ILE A 392 -9.95 20.95 14.11
N HIS A 393 -9.13 20.00 14.54
CA HIS A 393 -7.98 19.54 13.77
C HIS A 393 -8.38 18.45 12.78
N CYS A 394 -7.52 18.23 11.80
CA CYS A 394 -7.57 17.07 10.91
C CYS A 394 -8.92 16.97 10.18
N VAL A 395 -9.47 18.11 9.78
CA VAL A 395 -10.71 18.12 9.00
C VAL A 395 -10.31 17.91 7.54
N GLY A 396 -10.64 16.74 7.00
CA GLY A 396 -10.26 16.39 5.66
C GLY A 396 -8.92 15.69 5.54
N SER A 397 -8.35 15.23 6.66
CA SER A 397 -7.05 14.58 6.66
C SER A 397 -7.09 13.42 7.64
N ARG A 398 -6.21 12.45 7.41
CA ARG A 398 -6.08 11.28 8.28
C ARG A 398 -7.42 10.58 8.47
N ASP A 399 -8.25 10.58 7.43
CA ASP A 399 -9.62 10.08 7.50
C ASP A 399 -9.85 9.17 6.30
N GLU A 400 -10.08 7.89 6.55
CA GLU A 400 -10.35 6.95 5.48
C GLU A 400 -11.81 6.91 5.06
N GLN A 401 -12.71 7.54 5.83
CA GLN A 401 -14.10 7.65 5.40
C GLN A 401 -14.25 8.55 4.20
N ILE A 402 -13.26 9.41 3.93
CA ILE A 402 -13.27 10.31 2.79
C ILE A 402 -12.11 10.05 1.84
N GLY A 403 -11.35 8.98 2.09
CA GLY A 403 -10.23 8.65 1.23
C GLY A 403 -9.08 9.64 1.28
N LYS A 404 -8.79 10.18 2.46
CA LYS A 404 -7.70 11.13 2.66
C LYS A 404 -6.85 10.65 3.83
N PRO A 405 -6.08 9.58 3.63
CA PRO A 405 -5.39 8.96 4.77
C PRO A 405 -4.06 9.62 5.13
N TYR A 406 -3.81 10.82 4.63
CA TYR A 406 -2.55 11.50 4.85
C TYR A 406 -2.73 12.71 5.76
N CYS A 407 -1.60 13.20 6.27
CA CYS A 407 -1.55 14.39 7.10
C CYS A 407 -1.17 15.59 6.23
N SER A 408 -1.90 16.68 6.38
CA SER A 408 -1.65 17.88 5.59
C SER A 408 -0.53 18.74 6.15
N ARG A 409 0.00 18.41 7.33
CA ARG A 409 1.32 18.84 7.77
C ARG A 409 1.41 20.29 8.22
N VAL A 410 0.37 21.09 8.03
CA VAL A 410 0.46 22.51 8.38
C VAL A 410 -0.74 22.96 9.20
N CYS A 411 -1.77 22.12 9.30
CA CYS A 411 -3.00 22.57 9.93
C CYS A 411 -2.84 22.79 11.42
N CYS A 412 -2.05 21.94 12.09
CA CYS A 412 -1.83 22.14 13.52
C CYS A 412 -1.23 23.52 13.79
N MET A 413 -0.19 23.87 13.05
CA MET A 413 0.53 25.10 13.31
C MET A 413 -0.30 26.32 12.97
N TYR A 414 -1.05 26.28 11.86
CA TYR A 414 -1.86 27.45 11.54
C TYR A 414 -3.09 27.55 12.43
N ILE A 415 -3.60 26.43 12.92
CA ILE A 415 -4.66 26.48 13.93
C ILE A 415 -4.15 27.20 15.18
N MET A 416 -2.97 26.80 15.67
CA MET A 416 -2.42 27.45 16.84
C MET A 416 -2.10 28.91 16.58
N LYS A 417 -1.60 29.22 15.38
CA LYS A 417 -1.31 30.61 15.04
C LYS A 417 -2.57 31.46 15.06
N ASN A 418 -3.65 30.94 14.46
CA ASN A 418 -4.89 31.71 14.42
C ASN A 418 -5.50 31.85 15.81
N ALA A 419 -5.38 30.82 16.65
CA ALA A 419 -5.83 30.94 18.03
C ALA A 419 -5.05 32.03 18.77
N GLN A 420 -3.73 32.07 18.58
CA GLN A 420 -2.92 33.11 19.21
C GLN A 420 -3.30 34.49 18.68
N LEU A 421 -3.57 34.59 17.39
CA LEU A 421 -3.95 35.88 16.81
C LEU A 421 -5.29 36.35 17.35
N ILE A 422 -6.24 35.42 17.51
CA ILE A 422 -7.53 35.78 18.10
C ILE A 422 -7.34 36.28 19.52
N LYS A 423 -6.51 35.57 20.31
CA LYS A 423 -6.28 36.00 21.69
C LYS A 423 -5.59 37.36 21.74
N ASP A 424 -4.67 37.61 20.80
CA ASP A 424 -4.04 38.93 20.73
C ASP A 424 -5.05 40.01 20.42
N LYS A 425 -5.91 39.78 19.43
CA LYS A 425 -6.92 40.77 19.07
C LYS A 425 -7.95 40.93 20.17
N MET A 426 -8.39 39.82 20.76
CA MET A 426 -9.49 39.80 21.73
C MET A 426 -9.02 39.05 22.97
N PRO A 427 -8.39 39.75 23.92
CA PRO A 427 -7.81 39.03 25.06
C PRO A 427 -8.81 38.20 25.86
N ASP A 428 -10.07 38.62 25.89
CA ASP A 428 -11.06 37.95 26.73
C ASP A 428 -11.75 36.78 26.04
N THR A 429 -11.51 36.57 24.75
CA THR A 429 -12.11 35.45 24.04
C THR A 429 -11.53 34.13 24.53
N GLU A 430 -12.37 33.11 24.55
CA GLU A 430 -11.97 31.76 24.96
C GLU A 430 -11.81 30.90 23.72
N VAL A 431 -10.64 30.26 23.59
CA VAL A 431 -10.30 29.46 22.43
C VAL A 431 -9.97 28.05 22.88
N THR A 432 -10.53 27.05 22.20
CA THR A 432 -10.30 25.64 22.49
C THR A 432 -9.97 24.92 21.18
N LEU A 433 -9.00 24.02 21.24
CA LEU A 433 -8.60 23.21 20.09
C LEU A 433 -8.90 21.75 20.36
N TYR A 434 -9.52 21.09 19.40
CA TYR A 434 -9.82 19.66 19.46
C TYR A 434 -8.87 18.93 18.52
N TYR A 435 -7.98 18.12 19.08
CA TYR A 435 -6.89 17.53 18.33
C TYR A 435 -6.76 16.04 18.62
N MET A 436 -6.12 15.34 17.70
CA MET A 436 -5.69 13.96 17.91
C MET A 436 -4.21 13.90 18.29
N ASP A 437 -3.34 14.45 17.44
CA ASP A 437 -1.94 14.64 17.74
C ASP A 437 -1.60 16.10 17.46
N ILE A 438 -0.65 16.64 18.21
CA ILE A 438 -0.11 17.97 17.97
C ILE A 438 1.21 17.80 17.26
N ARG A 439 1.25 18.14 15.98
CA ARG A 439 2.44 17.92 15.15
C ARG A 439 3.19 19.25 15.03
N ALA A 440 3.87 19.60 16.12
CA ALA A 440 4.77 20.76 16.16
C ALA A 440 6.20 20.26 16.00
N PHE A 441 6.55 19.94 14.75
CA PHE A 441 7.79 19.26 14.44
C PHE A 441 8.90 20.19 13.97
N GLY A 442 8.55 21.33 13.39
CA GLY A 442 9.52 22.22 12.79
C GLY A 442 10.28 23.05 13.80
N LYS A 443 11.13 23.93 13.28
CA LYS A 443 12.03 24.71 14.11
C LYS A 443 11.26 25.79 14.85
N GLY A 444 11.26 25.71 16.18
CA GLY A 444 10.51 26.65 17.00
C GLY A 444 9.04 26.32 17.12
N PHE A 445 8.60 25.18 16.60
CA PHE A 445 7.18 24.83 16.62
C PHE A 445 6.75 24.34 17.99
N GLU A 446 7.62 23.61 18.70
CA GLU A 446 7.27 23.11 20.03
C GLU A 446 7.18 24.24 21.03
N GLU A 447 8.06 25.24 20.92
CA GLU A 447 7.96 26.42 21.76
C GLU A 447 6.71 27.21 21.45
N PHE A 448 6.35 27.29 20.16
CA PHE A 448 5.08 27.89 19.77
C PHE A 448 3.91 27.16 20.44
N TYR A 449 3.96 25.83 20.44
CA TYR A 449 2.92 25.02 21.08
C TYR A 449 2.82 25.35 22.56
N LYS A 450 3.94 25.38 23.27
CA LYS A 450 3.90 25.67 24.70
C LYS A 450 3.42 27.09 24.96
N ARG A 451 3.87 28.05 24.16
CA ARG A 451 3.48 29.44 24.35
C ARG A 451 2.00 29.64 24.08
N SER A 452 1.39 28.78 23.26
CA SER A 452 -0.05 28.85 23.07
C SER A 452 -0.79 28.72 24.41
N GLN A 453 -0.27 27.88 25.31
CA GLN A 453 -0.90 27.67 26.60
C GLN A 453 -0.39 28.63 27.66
N GLU A 454 0.92 28.75 27.81
CA GLU A 454 1.46 29.54 28.90
C GLU A 454 1.09 31.02 28.77
N LYS A 455 1.22 31.57 27.57
CA LYS A 455 1.04 33.00 27.39
C LYS A 455 -0.41 33.39 27.09
N TYR A 456 -1.08 32.65 26.21
CA TYR A 456 -2.41 33.02 25.75
C TYR A 456 -3.53 32.24 26.44
N GLY A 457 -3.20 31.16 27.16
CA GLY A 457 -4.23 30.39 27.82
C GLY A 457 -5.21 29.73 26.87
N ILE A 458 -4.72 29.20 25.77
CA ILE A 458 -5.56 28.42 24.87
C ILE A 458 -5.73 27.03 25.45
N LYS A 459 -6.93 26.48 25.35
CA LYS A 459 -7.26 25.18 25.90
C LYS A 459 -7.14 24.10 24.83
N PHE A 460 -6.55 22.97 25.20
CA PHE A 460 -6.35 21.85 24.30
C PHE A 460 -7.14 20.66 24.80
N ILE A 461 -8.03 20.13 23.97
CA ILE A 461 -8.80 18.92 24.27
C ILE A 461 -8.37 17.87 23.26
N ARG A 462 -7.89 16.73 23.76
CA ARG A 462 -7.53 15.62 22.88
C ARG A 462 -8.78 14.81 22.59
N GLY A 463 -9.28 14.92 21.37
CA GLY A 463 -10.43 14.16 20.95
C GLY A 463 -10.93 14.62 19.61
N ARG A 464 -11.26 13.68 18.73
CA ARG A 464 -11.80 14.01 17.42
C ARG A 464 -13.31 14.22 17.58
N PRO A 465 -13.82 15.43 17.41
CA PRO A 465 -15.24 15.66 17.68
C PRO A 465 -16.13 14.75 16.85
N ALA A 466 -17.14 14.19 17.50
CA ALA A 466 -18.11 13.38 16.78
C ALA A 466 -19.06 14.25 15.98
N GLU A 467 -19.53 15.36 16.55
CA GLU A 467 -20.54 16.14 15.84
C GLU A 467 -20.48 17.60 16.25
N VAL A 468 -21.01 18.44 15.36
CA VAL A 468 -21.24 19.85 15.64
C VAL A 468 -22.72 20.12 15.37
N ILE A 469 -23.43 20.58 16.40
CA ILE A 469 -24.87 20.74 16.38
C ILE A 469 -25.19 22.23 16.50
N GLU A 470 -26.05 22.74 15.63
CA GLU A 470 -26.47 24.12 15.69
C GLU A 470 -27.69 24.26 16.59
N ASN A 471 -27.59 25.18 17.55
CA ASN A 471 -28.70 25.48 18.44
C ASN A 471 -29.63 26.50 17.80
N PRO A 472 -30.86 26.63 18.31
CA PRO A 472 -31.79 27.61 17.73
C PRO A 472 -31.25 29.03 17.69
N ASP A 473 -30.46 29.43 18.69
CA ASP A 473 -29.87 30.76 18.73
C ASP A 473 -28.59 30.84 17.92
N LEU A 474 -28.24 29.79 17.18
CA LEU A 474 -27.10 29.72 16.26
C LEU A 474 -25.78 29.50 16.98
N THR A 475 -25.78 29.25 18.29
CA THR A 475 -24.58 28.77 18.94
C THR A 475 -24.36 27.31 18.56
N LEU A 476 -23.10 26.88 18.62
CA LEU A 476 -22.71 25.56 18.13
C LEU A 476 -22.23 24.72 19.30
N THR A 477 -22.84 23.56 19.49
CA THR A 477 -22.41 22.60 20.49
C THR A 477 -21.51 21.57 19.82
N VAL A 478 -20.31 21.40 20.36
CA VAL A 478 -19.35 20.44 19.84
C VAL A 478 -19.45 19.20 20.73
N ARG A 479 -20.05 18.14 20.20
CA ARG A 479 -20.12 16.87 20.90
C ARG A 479 -18.86 16.09 20.60
N SER A 480 -18.05 15.87 21.64
CA SER A 480 -16.73 15.27 21.47
C SER A 480 -16.32 14.59 22.77
N GLU A 481 -15.55 13.52 22.65
CA GLU A 481 -14.98 12.91 23.85
C GLU A 481 -13.66 13.60 24.22
N ASP A 482 -13.53 13.92 25.50
CA ASP A 482 -12.24 14.24 26.10
C ASP A 482 -11.62 12.90 26.48
N THR A 483 -10.70 12.43 25.64
CA THR A 483 -10.13 11.10 25.82
C THR A 483 -9.16 11.07 27.00
N LEU A 484 -8.68 12.23 27.43
CA LEU A 484 -7.76 12.27 28.56
C LEU A 484 -8.53 12.36 29.88
N LEU A 485 -9.68 13.03 29.87
CA LEU A 485 -10.64 12.87 30.95
C LEU A 485 -11.49 11.61 30.78
N GLY A 486 -11.51 11.03 29.60
CA GLY A 486 -12.28 9.81 29.35
C GLY A 486 -13.77 10.00 29.48
N LYS A 487 -14.30 11.12 28.96
CA LYS A 487 -15.71 11.41 29.14
C LYS A 487 -16.21 12.26 28.00
N VAL A 488 -17.49 12.12 27.67
CA VAL A 488 -18.10 12.90 26.61
C VAL A 488 -18.38 14.31 27.11
N THR A 489 -18.10 15.29 26.27
CA THR A 489 -18.30 16.70 26.58
C THR A 489 -19.15 17.33 25.48
N GLU A 490 -20.02 18.24 25.89
CA GLU A 490 -20.84 19.04 24.98
C GLU A 490 -20.69 20.49 25.38
N TYR A 491 -19.74 21.19 24.76
CA TYR A 491 -19.46 22.58 25.05
C TYR A 491 -20.02 23.45 23.94
N ASP A 492 -20.51 24.63 24.32
CA ASP A 492 -21.10 25.57 23.39
C ASP A 492 -20.08 26.64 23.00
N TYR A 493 -20.16 27.06 21.74
CA TYR A 493 -19.23 28.02 21.18
C TYR A 493 -20.00 28.99 20.28
N ASP A 494 -19.49 30.21 20.22
CA ASP A 494 -20.00 31.20 19.29
C ASP A 494 -19.50 30.98 17.88
N MET A 495 -18.31 30.37 17.73
CA MET A 495 -17.77 30.12 16.40
C MET A 495 -16.97 28.82 16.41
N VAL A 496 -17.06 28.08 15.32
CA VAL A 496 -16.28 26.86 15.12
C VAL A 496 -15.47 27.00 13.85
N VAL A 497 -14.16 26.78 13.95
CA VAL A 497 -13.24 26.87 12.83
C VAL A 497 -12.76 25.45 12.54
N LEU A 498 -12.76 25.10 11.26
CA LEU A 498 -12.39 23.76 10.83
C LEU A 498 -10.96 23.78 10.30
N GLY A 499 -10.11 22.90 10.83
CA GLY A 499 -8.75 22.80 10.38
C GLY A 499 -8.64 22.01 9.10
N VAL A 500 -9.07 22.62 7.99
CA VAL A 500 -9.14 21.91 6.72
C VAL A 500 -7.72 21.64 6.21
N GLY A 501 -7.56 20.50 5.53
CA GLY A 501 -6.28 20.08 5.02
C GLY A 501 -5.97 20.66 3.65
N LEU A 502 -4.94 20.10 3.03
CA LEU A 502 -4.43 20.55 1.74
C LEU A 502 -4.74 19.50 0.68
N VAL A 503 -5.24 19.95 -0.46
CA VAL A 503 -5.54 19.06 -1.58
C VAL A 503 -4.95 19.67 -2.84
N PRO A 504 -4.68 18.84 -3.86
CA PRO A 504 -4.17 19.39 -5.11
C PRO A 504 -5.17 20.36 -5.71
N PRO A 505 -4.69 21.38 -6.42
CA PRO A 505 -5.59 22.45 -6.88
C PRO A 505 -6.49 21.98 -8.01
N GLU A 506 -7.43 22.85 -8.36
CA GLU A 506 -8.34 22.58 -9.47
C GLU A 506 -7.58 22.65 -10.79
N GLY A 507 -7.79 21.65 -11.64
CA GLY A 507 -7.04 21.56 -12.87
C GLY A 507 -5.69 20.89 -12.74
N ALA A 508 -5.43 20.23 -11.61
CA ALA A 508 -4.15 19.56 -11.43
C ALA A 508 -4.00 18.39 -12.41
N GLU A 509 -5.06 17.62 -12.61
CA GLU A 509 -4.98 16.48 -13.51
C GLU A 509 -4.77 16.92 -14.95
N THR A 510 -5.42 18.00 -15.37
CA THR A 510 -5.24 18.48 -16.74
C THR A 510 -3.79 18.83 -17.00
N LEU A 511 -3.17 19.58 -16.09
CA LEU A 511 -1.76 19.92 -16.25
C LEU A 511 -0.88 18.67 -16.18
N ARG A 512 -1.21 17.74 -15.29
CA ARG A 512 -0.39 16.54 -15.16
C ARG A 512 -0.39 15.73 -16.44
N GLN A 513 -1.54 15.59 -17.10
CA GLN A 513 -1.57 14.93 -18.39
C GLN A 513 -0.90 15.77 -19.47
N THR A 514 -1.01 17.09 -19.39
CA THR A 514 -0.36 17.95 -20.38
C THR A 514 1.15 17.75 -20.36
N ILE A 515 1.75 17.70 -19.18
CA ILE A 515 3.19 17.55 -19.08
C ILE A 515 3.61 16.09 -19.15
N GLY A 516 2.75 15.18 -18.73
CA GLY A 516 3.09 13.77 -18.71
C GLY A 516 3.68 13.29 -17.40
N LEU A 517 3.34 13.91 -16.29
CA LEU A 517 3.87 13.54 -14.99
C LEU A 517 3.01 12.47 -14.34
N SER A 518 3.56 11.86 -13.29
CA SER A 518 2.88 10.84 -12.52
C SER A 518 2.60 11.35 -11.12
N LYS A 519 1.43 11.03 -10.59
CA LYS A 519 1.01 11.49 -9.27
C LYS A 519 1.25 10.39 -8.24
N SER A 520 1.42 10.82 -7.00
CA SER A 520 1.64 9.90 -5.89
C SER A 520 0.30 9.44 -5.32
N ALA A 521 0.36 8.58 -4.30
CA ALA A 521 -0.85 8.03 -3.72
C ALA A 521 -1.74 9.12 -3.15
N ASP A 522 -1.15 10.13 -2.50
CA ASP A 522 -1.92 11.20 -1.89
C ASP A 522 -2.51 12.17 -2.90
N GLY A 523 -2.30 11.95 -4.20
CA GLY A 523 -2.87 12.80 -5.22
C GLY A 523 -1.97 13.93 -5.68
N PHE A 524 -0.82 14.11 -5.06
CA PHE A 524 0.13 15.14 -5.45
C PHE A 524 1.14 14.57 -6.44
N LEU A 525 1.98 15.45 -6.98
CA LEU A 525 2.94 15.03 -7.98
C LEU A 525 4.05 14.19 -7.34
N MET A 526 4.56 13.23 -8.12
CA MET A 526 5.52 12.25 -7.64
C MET A 526 6.93 12.67 -8.02
N GLU A 527 7.84 12.55 -7.07
CA GLU A 527 9.25 12.85 -7.28
C GLU A 527 9.99 11.63 -7.82
N ALA A 528 11.14 11.88 -8.44
CA ALA A 528 11.90 10.80 -9.06
C ALA A 528 12.33 9.77 -8.02
N HIS A 529 12.86 10.24 -6.89
CA HIS A 529 13.25 9.37 -5.80
C HIS A 529 12.78 10.02 -4.50
N PRO A 530 12.10 9.28 -3.62
CA PRO A 530 11.61 9.91 -2.38
C PRO A 530 12.72 10.51 -1.52
N LYS A 531 13.90 9.91 -1.51
CA LYS A 531 14.97 10.31 -0.59
C LYS A 531 15.97 11.27 -1.24
N LEU A 532 16.60 10.85 -2.34
CA LEU A 532 17.75 11.57 -2.88
C LEU A 532 17.39 12.49 -4.04
N ARG A 533 16.19 12.40 -4.58
CA ARG A 533 15.75 13.26 -5.68
C ARG A 533 14.37 13.81 -5.35
N PRO A 534 14.27 14.66 -4.33
CA PRO A 534 12.95 15.17 -3.93
C PRO A 534 12.33 16.15 -4.91
N VAL A 535 13.12 16.84 -5.72
CA VAL A 535 12.61 17.86 -6.62
C VAL A 535 12.67 17.46 -8.09
N ASP A 536 13.28 16.32 -8.40
CA ASP A 536 13.35 15.85 -9.79
C ASP A 536 12.15 14.97 -10.11
N THR A 537 11.94 14.76 -11.40
CA THR A 537 10.92 13.86 -11.90
C THR A 537 11.57 12.89 -12.88
N LEU A 538 10.92 11.74 -13.06
CA LEU A 538 11.40 10.79 -14.07
C LEU A 538 11.23 11.31 -15.49
N THR A 539 10.48 12.41 -15.66
CA THR A 539 10.40 13.12 -16.92
C THR A 539 11.54 14.12 -16.97
N ASP A 540 12.58 13.83 -17.75
CA ASP A 540 13.75 14.67 -17.77
C ASP A 540 13.39 16.10 -18.13
N GLY A 541 13.98 17.05 -17.41
CA GLY A 541 13.76 18.46 -17.65
C GLY A 541 12.58 19.06 -16.92
N VAL A 542 11.88 18.29 -16.08
CA VAL A 542 10.75 18.79 -15.31
C VAL A 542 11.06 18.58 -13.84
N TYR A 543 10.81 19.59 -13.02
CA TYR A 543 11.12 19.58 -11.60
C TYR A 543 9.94 20.11 -10.80
N LEU A 544 9.88 19.70 -9.54
CA LEU A 544 8.79 20.05 -8.65
C LEU A 544 9.29 20.96 -7.54
N ALA A 545 8.52 22.00 -7.23
CA ALA A 545 8.85 22.92 -6.16
C ALA A 545 7.61 23.19 -5.32
N GLY A 546 7.77 23.12 -4.00
CA GLY A 546 6.71 23.52 -3.10
C GLY A 546 5.62 22.48 -2.95
N VAL A 547 4.43 22.97 -2.56
CA VAL A 547 3.33 22.09 -2.23
C VAL A 547 2.83 21.29 -3.43
N ALA A 548 3.25 21.65 -4.64
CA ALA A 548 2.94 20.80 -5.80
C ALA A 548 3.43 19.38 -5.56
N GLN A 549 4.55 19.23 -4.87
CA GLN A 549 5.07 17.90 -4.55
C GLN A 549 4.40 17.28 -3.34
N GLY A 550 3.72 18.07 -2.52
CA GLY A 550 3.09 17.57 -1.32
C GLY A 550 3.02 18.63 -0.25
N PRO A 551 2.11 18.46 0.72
CA PRO A 551 1.91 19.52 1.71
C PRO A 551 3.18 19.85 2.48
N LYS A 552 3.36 21.12 2.78
CA LYS A 552 4.53 21.60 3.52
C LYS A 552 4.34 23.09 3.78
N ASP A 553 5.22 23.64 4.61
CA ASP A 553 5.15 25.03 5.01
C ASP A 553 6.07 25.88 4.13
N ILE A 554 6.07 27.19 4.39
CA ILE A 554 6.73 28.13 3.49
C ILE A 554 8.23 27.87 3.40
N PRO A 555 8.98 27.73 4.49
CA PRO A 555 10.43 27.49 4.35
C PRO A 555 10.76 26.21 3.59
N ASP A 556 9.99 25.13 3.79
CA ASP A 556 10.23 23.91 3.03
C ASP A 556 9.99 24.14 1.55
N ALA A 557 8.91 24.86 1.21
CA ALA A 557 8.63 25.15 -0.19
C ALA A 557 9.72 26.02 -0.80
N VAL A 558 10.25 26.98 -0.03
CA VAL A 558 11.31 27.84 -0.54
C VAL A 558 12.58 27.05 -0.79
N ALA A 559 12.94 26.16 0.15
CA ALA A 559 14.09 25.31 -0.06
C ALA A 559 13.93 24.44 -1.30
N GLN A 560 12.73 23.85 -1.47
CA GLN A 560 12.47 23.03 -2.64
C GLN A 560 12.56 23.85 -3.92
N ALA A 561 12.06 25.09 -3.90
CA ALA A 561 12.11 25.94 -5.08
C ALA A 561 13.55 26.27 -5.47
N SER A 562 14.39 26.60 -4.49
CA SER A 562 15.78 26.86 -4.78
C SER A 562 16.48 25.60 -5.31
N GLY A 563 16.18 24.44 -4.72
CA GLY A 563 16.75 23.21 -5.21
C GLY A 563 16.33 22.89 -6.63
N ALA A 564 15.06 23.12 -6.95
CA ALA A 564 14.58 22.93 -8.30
C ALA A 564 15.28 23.87 -9.27
N ALA A 565 15.51 25.12 -8.84
CA ALA A 565 16.26 26.05 -9.68
C ALA A 565 17.66 25.53 -9.95
N ALA A 566 18.33 25.00 -8.93
CA ALA A 566 19.68 24.46 -9.14
C ALA A 566 19.66 23.28 -10.11
N ARG A 567 18.75 22.33 -9.88
CA ARG A 567 18.70 21.14 -10.72
C ARG A 567 18.37 21.50 -12.16
N ALA A 568 17.47 22.47 -12.36
CA ALA A 568 17.15 22.92 -13.71
C ALA A 568 18.34 23.63 -14.35
N ALA A 569 19.07 24.42 -13.57
CA ALA A 569 20.19 25.17 -14.12
C ALA A 569 21.32 24.25 -14.56
N ILE A 570 21.50 23.12 -13.90
CA ILE A 570 22.63 22.25 -14.23
C ILE A 570 22.59 21.87 -15.71
N PRO A 571 21.50 21.28 -16.23
CA PRO A 571 21.46 21.01 -17.68
C PRO A 571 21.62 22.23 -18.55
N MET A 572 21.03 23.37 -18.16
CA MET A 572 21.14 24.57 -18.97
C MET A 572 22.54 25.16 -18.91
N VAL A 573 23.22 25.02 -17.76
CA VAL A 573 24.62 25.41 -17.69
C VAL A 573 25.45 24.56 -18.64
N LYS A 574 25.23 23.24 -18.61
CA LYS A 574 25.97 22.36 -19.51
C LYS A 574 25.71 22.71 -20.97
N GLY A 575 24.46 22.99 -21.32
CA GLY A 575 24.09 23.32 -22.68
C GLY A 575 23.89 22.13 -23.58
N GLU A 576 24.31 20.94 -23.15
CA GLU A 576 24.11 19.71 -23.91
C GLU A 576 24.03 18.56 -22.93
N VAL A 577 23.43 17.46 -23.39
CA VAL A 577 23.40 16.22 -22.63
C VAL A 577 23.88 15.09 -23.54
N GLU A 578 24.77 14.26 -23.02
CA GLU A 578 25.32 13.12 -23.75
C GLU A 578 24.55 11.86 -23.36
N ILE A 579 24.11 11.12 -24.36
CA ILE A 579 23.35 9.88 -24.17
C ILE A 579 24.19 8.73 -24.70
N GLU A 580 24.43 7.74 -23.84
CA GLU A 580 25.17 6.56 -24.23
C GLU A 580 24.35 5.75 -25.24
N PRO A 581 24.96 5.25 -26.31
CA PRO A 581 24.18 4.56 -27.35
C PRO A 581 23.92 3.09 -27.07
N ILE A 582 23.53 2.75 -25.85
CA ILE A 582 23.09 1.40 -25.54
C ILE A 582 21.57 1.42 -25.49
N ILE A 583 21.00 2.38 -26.23
CA ILE A 583 19.57 2.67 -26.19
C ILE A 583 18.78 1.64 -26.99
N ALA A 584 17.47 1.66 -26.84
CA ALA A 584 16.58 0.78 -27.57
C ALA A 584 16.20 1.41 -28.92
N VAL A 585 15.98 0.54 -29.90
CA VAL A 585 15.63 0.96 -31.26
C VAL A 585 14.53 0.04 -31.77
N THR A 586 13.58 0.62 -32.48
CA THR A 586 12.43 -0.11 -33.01
C THR A 586 12.57 -0.30 -34.52
N ASP A 587 12.22 -1.49 -34.99
CA ASP A 587 12.13 -1.77 -36.42
C ASP A 587 10.68 -1.53 -36.84
N SER A 588 10.45 -0.47 -37.60
CA SER A 588 9.09 -0.13 -38.01
C SER A 588 8.50 -1.19 -38.93
N ASP A 589 9.33 -2.02 -39.56
CA ASP A 589 8.81 -3.07 -40.42
C ASP A 589 8.22 -4.23 -39.64
N VAL A 590 8.71 -4.46 -38.41
CA VAL A 590 8.22 -5.56 -37.59
C VAL A 590 7.22 -5.08 -36.53
N CYS A 591 7.24 -3.80 -36.17
CA CYS A 591 6.36 -3.29 -35.13
C CYS A 591 4.91 -3.40 -35.58
N GLY A 592 4.10 -4.09 -34.80
CA GLY A 592 2.68 -4.19 -35.04
C GLY A 592 1.85 -3.08 -34.44
N GLY A 593 2.47 -2.14 -33.74
CA GLY A 593 1.71 -1.06 -33.13
C GLY A 593 0.84 -1.49 -31.98
N CYS A 594 1.20 -2.60 -31.31
CA CYS A 594 0.39 -3.10 -30.20
C CYS A 594 0.48 -2.21 -28.97
N GLU A 595 1.57 -1.44 -28.81
CA GLU A 595 1.76 -0.50 -27.72
C GLU A 595 1.85 -1.04 -26.30
N VAL A 596 2.13 -2.34 -26.15
CA VAL A 596 2.29 -2.91 -24.81
C VAL A 596 3.62 -2.51 -24.12
N CYS A 597 4.51 -1.91 -24.89
CA CYS A 597 5.83 -1.53 -24.42
C CYS A 597 5.75 -0.11 -23.87
N ILE A 598 4.74 0.66 -24.28
CA ILE A 598 4.75 2.09 -24.00
C ILE A 598 4.78 2.35 -22.50
N GLU A 599 3.96 1.64 -21.73
CA GLU A 599 3.85 1.88 -20.31
C GLU A 599 4.95 1.21 -19.50
N LEU A 600 5.81 0.40 -20.13
CA LEU A 600 6.88 -0.26 -19.41
C LEU A 600 8.12 0.62 -19.28
N CYS A 601 8.22 1.70 -20.03
CA CYS A 601 9.34 2.61 -19.88
C CYS A 601 9.09 3.55 -18.71
N PRO A 602 9.91 3.51 -17.65
CA PRO A 602 9.68 4.43 -16.53
C PRO A 602 10.02 5.86 -16.87
N PHE A 603 10.81 6.10 -17.91
CA PHE A 603 11.22 7.44 -18.31
C PHE A 603 10.39 7.98 -19.47
N GLY A 604 9.37 7.25 -19.90
CA GLY A 604 8.51 7.74 -20.97
C GLY A 604 9.26 8.02 -22.25
N ALA A 605 10.22 7.17 -22.60
CA ALA A 605 11.01 7.36 -23.80
C ALA A 605 10.33 6.84 -25.06
N ILE A 606 9.27 6.05 -24.94
CA ILE A 606 8.62 5.42 -26.07
C ILE A 606 7.30 6.13 -26.35
N SER A 607 7.07 6.45 -27.62
CA SER A 607 5.80 6.99 -28.07
C SER A 607 5.37 6.22 -29.31
N ILE A 608 4.19 6.55 -29.83
CA ILE A 608 3.66 5.89 -31.02
C ILE A 608 3.47 6.97 -32.07
N GLU A 609 4.15 6.82 -33.21
CA GLU A 609 3.98 7.68 -34.37
C GLU A 609 3.59 6.78 -35.53
N GLU A 610 2.65 7.23 -36.36
CA GLU A 610 2.28 6.54 -37.59
C GLU A 610 2.07 5.04 -37.36
N GLY A 611 1.54 4.70 -36.18
CA GLY A 611 1.24 3.30 -35.89
C GLY A 611 2.44 2.44 -35.58
N HIS A 612 3.56 3.05 -35.22
CA HIS A 612 4.76 2.31 -34.85
C HIS A 612 5.40 2.95 -33.63
N ALA A 613 6.10 2.14 -32.85
CA ALA A 613 6.76 2.63 -31.65
C ALA A 613 8.06 3.33 -32.00
N ASN A 614 8.30 4.46 -31.33
CA ASN A 614 9.49 5.27 -31.54
C ASN A 614 10.12 5.56 -30.19
N VAL A 615 11.41 5.28 -30.05
CA VAL A 615 12.14 5.54 -28.82
C VAL A 615 12.86 6.89 -28.99
N ASN A 616 12.60 7.80 -28.06
CA ASN A 616 13.31 9.07 -28.05
C ASN A 616 14.74 8.84 -27.58
N VAL A 617 15.70 9.21 -28.43
CA VAL A 617 17.10 8.94 -28.11
C VAL A 617 17.50 9.64 -26.82
N ALA A 618 17.00 10.87 -26.62
CA ALA A 618 17.42 11.67 -25.48
C ALA A 618 16.86 11.15 -24.16
N LEU A 619 15.80 10.35 -24.18
CA LEU A 619 15.15 9.92 -22.95
C LEU A 619 15.46 8.49 -22.56
N CYS A 620 16.01 7.68 -23.46
CA CYS A 620 16.29 6.29 -23.16
C CYS A 620 17.53 6.17 -22.28
N LYS A 621 17.41 5.37 -21.22
CA LYS A 621 18.52 5.10 -20.32
C LYS A 621 19.20 3.77 -20.61
N GLY A 622 18.62 2.93 -21.46
CA GLY A 622 19.26 1.69 -21.85
C GLY A 622 19.07 0.54 -20.87
N CYS A 623 17.88 0.41 -20.29
CA CYS A 623 17.65 -0.69 -19.35
C CYS A 623 17.34 -1.99 -20.08
N GLY A 624 16.55 -1.93 -21.15
CA GLY A 624 16.19 -3.11 -21.90
C GLY A 624 14.90 -3.77 -21.48
N THR A 625 14.05 -3.10 -20.71
CA THR A 625 12.80 -3.70 -20.27
C THR A 625 11.81 -3.80 -21.43
N CYS A 626 11.68 -2.72 -22.20
CA CYS A 626 10.79 -2.74 -23.35
C CYS A 626 11.23 -3.80 -24.35
N VAL A 627 12.53 -3.97 -24.51
CA VAL A 627 13.05 -4.96 -25.45
C VAL A 627 12.63 -6.36 -25.03
N ALA A 628 12.77 -6.66 -23.74
CA ALA A 628 12.37 -7.96 -23.23
C ALA A 628 10.86 -8.15 -23.26
N ALA A 629 10.09 -7.07 -23.26
CA ALA A 629 8.63 -7.19 -23.26
C ALA A 629 8.06 -7.38 -24.66
N CYS A 630 8.74 -6.90 -25.69
CA CYS A 630 8.19 -6.97 -27.05
C CYS A 630 8.15 -8.42 -27.53
N PRO A 631 6.98 -8.95 -27.90
CA PRO A 631 6.93 -10.35 -28.34
C PRO A 631 7.62 -10.58 -29.68
N SER A 632 7.27 -9.78 -30.68
CA SER A 632 7.74 -10.02 -32.03
C SER A 632 9.22 -9.70 -32.20
N GLY A 633 9.81 -8.95 -31.28
CA GLY A 633 11.20 -8.56 -31.39
C GLY A 633 11.44 -7.32 -32.21
N ALA A 634 10.41 -6.49 -32.41
CA ALA A 634 10.59 -5.24 -33.15
C ALA A 634 11.45 -4.24 -32.38
N MET A 635 11.59 -4.42 -31.07
CA MET A 635 12.44 -3.56 -30.24
C MET A 635 13.70 -4.33 -29.86
N ASP A 636 14.85 -3.70 -30.04
CA ASP A 636 16.13 -4.30 -29.70
C ASP A 636 17.02 -3.27 -29.05
N GLN A 637 17.87 -3.72 -28.13
CA GLN A 637 18.78 -2.84 -27.41
C GLN A 637 20.17 -2.91 -28.04
N GLN A 638 20.70 -1.76 -28.42
CA GLN A 638 22.05 -1.72 -28.96
C GLN A 638 23.06 -2.14 -27.89
N HIS A 639 24.02 -2.96 -28.30
CA HIS A 639 25.08 -3.53 -27.48
C HIS A 639 24.57 -4.65 -26.58
N PHE A 640 23.27 -4.90 -26.53
CA PHE A 640 22.69 -6.00 -25.78
C PHE A 640 21.56 -6.64 -26.58
N LYS A 641 21.81 -6.85 -27.86
CA LYS A 641 20.78 -7.40 -28.74
C LYS A 641 20.44 -8.83 -28.37
N THR A 642 19.22 -9.24 -28.70
CA THR A 642 18.78 -10.59 -28.38
C THR A 642 19.71 -11.63 -29.01
N GLU A 643 20.16 -11.37 -30.24
CA GLU A 643 21.06 -12.30 -30.90
C GLU A 643 22.36 -12.44 -30.12
N GLN A 644 22.89 -11.33 -29.60
CA GLN A 644 24.15 -11.38 -28.86
C GLN A 644 23.99 -12.18 -27.56
N ILE A 645 22.90 -11.98 -26.83
CA ILE A 645 22.71 -12.70 -25.58
C ILE A 645 22.47 -14.19 -25.85
N MET A 646 21.74 -14.49 -26.93
CA MET A 646 21.55 -15.90 -27.29
C MET A 646 22.86 -16.56 -27.68
N ALA A 647 23.71 -15.83 -28.41
CA ALA A 647 25.04 -16.35 -28.74
C ALA A 647 25.84 -16.61 -27.48
N GLN A 648 25.78 -15.69 -26.52
CA GLN A 648 26.49 -15.89 -25.25
C GLN A 648 25.97 -17.11 -24.51
N ILE A 649 24.65 -17.31 -24.50
CA ILE A 649 24.08 -18.48 -23.84
C ILE A 649 24.58 -19.76 -24.50
N GLU A 650 24.54 -19.80 -25.83
CA GLU A 650 24.99 -20.99 -26.55
C GLU A 650 26.46 -21.26 -26.29
N ALA A 651 27.29 -20.21 -26.31
CA ALA A 651 28.71 -20.38 -26.05
C ALA A 651 28.97 -20.86 -24.63
N ALA A 652 28.21 -20.33 -23.66
CA ALA A 652 28.37 -20.75 -22.29
C ALA A 652 28.06 -22.22 -22.13
N LEU A 653 27.02 -22.70 -22.83
CA LEU A 653 26.62 -24.09 -22.67
C LEU A 653 27.27 -25.03 -23.68
N ASN A 654 27.68 -24.51 -24.84
CA ASN A 654 28.32 -25.35 -25.86
C ASN A 654 29.70 -24.80 -26.20
N MET B 1 -33.03 -0.59 -20.97
CA MET B 1 -33.53 -1.96 -21.29
C MET B 1 -32.39 -2.97 -21.23
N LYS B 2 -32.28 -3.67 -20.10
CA LYS B 2 -31.27 -4.70 -19.98
C LYS B 2 -31.64 -5.94 -20.80
N TYR B 3 -32.91 -6.35 -20.73
CA TYR B 3 -33.38 -7.55 -21.41
C TYR B 3 -34.51 -7.19 -22.35
N LEU B 4 -34.57 -7.91 -23.48
CA LEU B 4 -35.66 -7.87 -24.41
C LEU B 4 -35.97 -9.19 -25.08
N LEU B 5 -37.15 -9.28 -25.71
CA LEU B 5 -37.54 -10.42 -26.52
C LEU B 5 -37.84 -9.81 -27.87
N ALA B 6 -37.00 -10.09 -28.86
CA ALA B 6 -37.12 -9.46 -30.17
C ALA B 6 -37.30 -10.49 -31.26
N ARG B 7 -37.94 -10.08 -32.35
CA ARG B 7 -38.06 -10.94 -33.52
C ARG B 7 -38.29 -10.08 -34.75
N ALA B 8 -37.85 -10.60 -35.90
CA ALA B 8 -37.91 -9.83 -37.15
C ALA B 8 -39.35 -9.56 -37.56
N THR B 9 -39.55 -8.44 -38.25
CA THR B 9 -40.86 -8.13 -38.80
C THR B 9 -41.06 -8.69 -40.20
N ASP B 10 -39.98 -9.09 -40.88
CA ASP B 10 -40.09 -9.74 -42.17
C ASP B 10 -40.42 -11.21 -41.98
N GLU B 11 -41.44 -11.69 -42.70
CA GLU B 11 -41.87 -13.07 -42.54
C GLU B 11 -40.78 -14.05 -42.97
N GLU B 12 -40.07 -13.73 -44.06
CA GLU B 12 -39.00 -14.61 -44.53
C GLU B 12 -37.89 -14.73 -43.47
N ILE B 13 -37.47 -13.60 -42.90
CA ILE B 13 -36.41 -13.63 -41.90
C ILE B 13 -36.77 -14.40 -40.64
N GLN B 14 -37.97 -14.19 -40.11
CA GLN B 14 -38.42 -14.93 -38.95
C GLN B 14 -38.57 -16.43 -39.21
N ARG B 15 -39.01 -16.77 -40.43
CA ARG B 15 -39.18 -18.17 -40.80
C ARG B 15 -37.79 -18.80 -40.81
N LYS B 16 -36.85 -18.20 -41.53
CA LYS B 16 -35.52 -18.78 -41.66
C LYS B 16 -34.65 -18.58 -40.44
N GLY B 17 -35.00 -17.61 -39.57
CA GLY B 17 -34.20 -17.38 -38.39
C GLY B 17 -34.29 -18.54 -37.41
N GLU B 18 -33.18 -18.77 -36.70
CA GLU B 18 -33.15 -19.81 -35.68
C GLU B 18 -34.13 -19.51 -34.57
N CYS B 19 -34.22 -18.25 -34.16
CA CYS B 19 -34.89 -17.86 -32.92
C CYS B 19 -35.70 -16.59 -33.15
N GLY B 20 -36.48 -16.55 -34.21
CA GLY B 20 -37.25 -15.38 -34.55
C GLY B 20 -36.56 -14.40 -35.46
N GLY B 21 -35.29 -14.64 -35.80
CA GLY B 21 -34.60 -13.82 -36.79
C GLY B 21 -34.27 -12.42 -36.34
N ALA B 22 -34.15 -12.18 -35.03
CA ALA B 22 -33.80 -10.85 -34.57
C ALA B 22 -32.42 -10.44 -35.04
N VAL B 23 -31.44 -11.36 -34.98
CA VAL B 23 -30.08 -11.02 -35.35
C VAL B 23 -29.99 -10.63 -36.82
N THR B 24 -30.65 -11.39 -37.68
CA THR B 24 -30.67 -11.05 -39.10
C THR B 24 -31.36 -9.70 -39.32
N ALA B 25 -32.42 -9.42 -38.56
CA ALA B 25 -33.10 -8.13 -38.71
C ALA B 25 -32.19 -6.98 -38.29
N ILE B 26 -31.41 -7.17 -37.22
CA ILE B 26 -30.46 -6.15 -36.80
C ILE B 26 -29.41 -5.92 -37.89
N PHE B 27 -28.89 -7.00 -38.47
CA PHE B 27 -27.91 -6.84 -39.55
C PHE B 27 -28.52 -6.13 -40.75
N LYS B 28 -29.74 -6.51 -41.13
CA LYS B 28 -30.40 -5.89 -42.26
C LYS B 28 -30.64 -4.40 -42.02
N TYR B 29 -31.06 -4.04 -40.80
CA TYR B 29 -31.21 -2.63 -40.48
C TYR B 29 -29.87 -1.90 -40.56
N MET B 30 -28.83 -2.50 -39.98
CA MET B 30 -27.55 -1.83 -39.93
C MET B 30 -27.00 -1.58 -41.33
N LEU B 31 -27.14 -2.55 -42.23
CA LEU B 31 -26.70 -2.35 -43.61
C LEU B 31 -27.61 -1.35 -44.33
N ASP B 32 -28.92 -1.52 -44.19
CA ASP B 32 -29.86 -0.66 -44.92
C ASP B 32 -29.74 0.79 -44.48
N LYS B 33 -29.62 1.04 -43.18
CA LYS B 33 -29.50 2.39 -42.65
C LYS B 33 -28.07 2.87 -42.60
N GLU B 34 -27.12 2.09 -43.09
CA GLU B 34 -25.73 2.51 -43.27
C GLU B 34 -24.99 2.73 -41.95
N VAL B 35 -25.51 2.16 -40.87
CA VAL B 35 -24.78 2.21 -39.59
C VAL B 35 -23.38 1.63 -39.78
N VAL B 36 -23.30 0.48 -40.46
CA VAL B 36 -22.04 -0.17 -40.76
C VAL B 36 -21.92 -0.29 -42.27
N ASP B 37 -20.70 -0.56 -42.72
CA ASP B 37 -20.42 -0.74 -44.15
C ASP B 37 -20.57 -2.18 -44.60
N ALA B 38 -20.49 -3.14 -43.68
CA ALA B 38 -20.51 -4.55 -44.04
C ALA B 38 -20.95 -5.36 -42.83
N VAL B 39 -21.30 -6.61 -43.08
CA VAL B 39 -21.65 -7.55 -42.02
C VAL B 39 -20.86 -8.84 -42.26
N LEU B 40 -20.10 -9.27 -41.26
CA LEU B 40 -19.36 -10.53 -41.33
C LEU B 40 -20.13 -11.59 -40.57
N THR B 41 -20.61 -12.61 -41.29
CA THR B 41 -21.41 -13.66 -40.70
C THR B 41 -20.98 -15.00 -41.28
N LEU B 42 -21.68 -16.05 -40.91
CA LEU B 42 -21.53 -17.36 -41.52
C LEU B 42 -22.62 -17.57 -42.55
N GLU B 43 -22.39 -18.57 -43.41
CA GLU B 43 -23.39 -19.00 -44.37
C GLU B 43 -23.12 -20.45 -44.71
N ARG B 44 -24.15 -21.29 -44.62
CA ARG B 44 -23.94 -22.70 -44.92
C ARG B 44 -23.55 -22.87 -46.38
N GLY B 45 -22.71 -23.87 -46.63
CA GLY B 45 -22.24 -24.14 -47.98
C GLY B 45 -23.15 -25.11 -48.68
N TYR B 46 -22.67 -26.32 -48.95
CA TYR B 46 -23.48 -27.34 -49.59
C TYR B 46 -24.16 -28.28 -48.59
N ASP B 47 -23.99 -28.05 -47.29
CA ASP B 47 -24.73 -28.80 -46.28
C ASP B 47 -24.58 -28.09 -44.95
N VAL B 48 -25.34 -28.53 -43.95
CA VAL B 48 -25.34 -27.88 -42.65
C VAL B 48 -23.97 -27.98 -41.99
N TYR B 49 -23.13 -28.90 -42.44
CA TYR B 49 -21.81 -29.10 -41.86
C TYR B 49 -20.75 -28.20 -42.48
N ASP B 50 -21.12 -27.34 -43.43
CA ASP B 50 -20.17 -26.52 -44.19
C ASP B 50 -20.58 -25.06 -44.05
N GLY B 51 -20.08 -24.41 -42.99
CA GLY B 51 -20.33 -23.02 -42.76
C GLY B 51 -19.13 -22.18 -43.13
N ILE B 52 -19.31 -21.31 -44.12
CA ILE B 52 -18.22 -20.50 -44.65
C ILE B 52 -18.44 -19.04 -44.25
N PRO B 53 -17.41 -18.30 -43.86
CA PRO B 53 -17.60 -16.88 -43.58
C PRO B 53 -17.98 -16.11 -44.84
N VAL B 54 -18.85 -15.13 -44.67
CA VAL B 54 -19.29 -14.26 -45.75
C VAL B 54 -19.31 -12.83 -45.26
N LEU B 55 -18.88 -11.91 -46.11
CA LEU B 55 -18.91 -10.48 -45.84
C LEU B 55 -19.95 -9.87 -46.77
N LEU B 56 -21.10 -9.50 -46.21
CA LEU B 56 -22.20 -8.93 -46.98
C LEU B 56 -22.09 -7.41 -46.95
N GLU B 57 -22.11 -6.80 -48.14
CA GLU B 57 -22.10 -5.35 -48.23
C GLU B 57 -23.49 -4.75 -48.31
N ASP B 58 -24.48 -5.53 -48.74
CA ASP B 58 -25.87 -5.09 -48.77
C ASP B 58 -26.75 -6.20 -48.23
N SER B 59 -27.99 -5.84 -47.90
CA SER B 59 -28.92 -6.76 -47.26
C SER B 59 -29.68 -7.63 -48.25
N SER B 60 -29.52 -7.41 -49.56
CA SER B 60 -30.22 -8.23 -50.54
C SER B 60 -29.85 -9.70 -50.37
N GLY B 61 -30.84 -10.54 -50.12
CA GLY B 61 -30.60 -11.95 -49.89
C GLY B 61 -29.83 -12.24 -48.62
N ILE B 62 -30.13 -11.51 -47.55
CA ILE B 62 -29.44 -11.72 -46.29
C ILE B 62 -29.96 -12.94 -45.54
N GLU B 63 -31.19 -13.37 -45.84
CA GLU B 63 -31.78 -14.50 -45.13
C GLU B 63 -31.04 -15.80 -45.37
N SER B 64 -30.14 -15.85 -46.36
CA SER B 64 -29.32 -17.02 -46.55
C SER B 64 -28.31 -17.22 -45.42
N THR B 65 -28.08 -16.20 -44.60
CA THR B 65 -27.19 -16.30 -43.45
C THR B 65 -27.94 -16.62 -42.16
N CYS B 66 -29.25 -16.83 -42.22
CA CYS B 66 -30.03 -17.12 -41.03
C CYS B 66 -29.71 -18.53 -40.50
N GLY B 67 -30.06 -18.75 -39.24
CA GLY B 67 -29.92 -20.04 -38.63
C GLY B 67 -28.61 -20.21 -37.90
N SER B 68 -28.59 -21.18 -36.98
CA SER B 68 -27.41 -21.50 -36.19
C SER B 68 -26.74 -22.74 -36.77
N LEU B 69 -25.42 -22.70 -36.83
CA LEU B 69 -24.61 -23.80 -37.35
C LEU B 69 -23.70 -24.27 -36.22
N HIS B 70 -24.15 -25.29 -35.49
CA HIS B 70 -23.38 -25.80 -34.36
C HIS B 70 -22.11 -26.52 -34.81
N CYS B 71 -22.01 -26.91 -36.07
CA CYS B 71 -20.83 -27.59 -36.59
C CYS B 71 -19.90 -26.64 -37.33
N ALA B 72 -19.82 -25.39 -36.88
CA ALA B 72 -18.94 -24.38 -37.47
C ALA B 72 -18.14 -23.74 -36.35
N PRO B 73 -17.05 -24.38 -35.90
CA PRO B 73 -16.21 -23.79 -34.85
C PRO B 73 -15.26 -22.72 -35.39
N THR B 74 -15.84 -21.67 -35.95
CA THR B 74 -15.06 -20.65 -36.65
C THR B 74 -14.57 -19.57 -35.70
N MET B 75 -13.50 -18.90 -36.11
CA MET B 75 -12.98 -17.72 -35.44
C MET B 75 -13.08 -16.55 -36.39
N PHE B 76 -13.65 -15.43 -35.91
CA PHE B 76 -13.78 -14.23 -36.71
C PHE B 76 -12.75 -13.17 -36.37
N GLY B 77 -12.21 -13.18 -35.16
CA GLY B 77 -11.27 -12.13 -34.77
C GLY B 77 -10.07 -12.08 -35.68
N ASP B 78 -9.52 -13.25 -36.03
CA ASP B 78 -8.35 -13.29 -36.90
C ASP B 78 -8.65 -12.69 -38.26
N LEU B 79 -9.83 -12.98 -38.81
CA LEU B 79 -10.21 -12.40 -40.11
C LEU B 79 -10.42 -10.89 -39.99
N ILE B 80 -10.97 -10.43 -38.88
CA ILE B 80 -11.22 -8.99 -38.72
C ILE B 80 -9.91 -8.24 -38.56
N SER B 81 -8.90 -8.90 -37.99
CA SER B 81 -7.62 -8.21 -37.77
C SER B 81 -6.73 -8.30 -38.99
N ARG B 82 -6.74 -9.35 -39.77
CA ARG B 82 -5.85 -9.55 -40.93
C ARG B 82 -6.31 -8.76 -42.09
N TYR B 83 -7.52 -8.61 -42.39
CA TYR B 83 -8.01 -8.13 -43.65
C TYR B 83 -9.08 -7.10 -43.60
N LEU B 84 -9.83 -6.92 -42.53
CA LEU B 84 -11.04 -6.08 -42.45
C LEU B 84 -10.89 -4.95 -41.49
N SER B 85 -9.71 -4.62 -41.17
CA SER B 85 -9.28 -3.59 -40.19
C SER B 85 -9.67 -2.16 -40.45
N ASP B 86 -9.83 -1.77 -41.63
CA ASP B 86 -10.22 -0.40 -41.69
C ASP B 86 -11.63 -0.30 -42.18
N MET B 87 -12.53 -1.22 -41.85
CA MET B 87 -13.92 -1.20 -42.24
C MET B 87 -14.77 -1.04 -41.01
N ARG B 88 -15.88 -0.29 -41.06
CA ARG B 88 -16.98 -0.24 -40.08
C ARG B 88 -17.75 -1.51 -40.35
N LEU B 89 -18.06 -2.18 -39.35
CA LEU B 89 -18.46 -3.58 -39.43
C LEU B 89 -19.28 -4.01 -38.29
N ALA B 90 -20.12 -4.96 -38.54
CA ALA B 90 -20.98 -5.67 -37.61
C ALA B 90 -20.76 -7.16 -37.82
N VAL B 91 -20.53 -7.89 -36.74
CA VAL B 91 -20.11 -9.28 -36.83
C VAL B 91 -20.87 -10.11 -35.80
N ALA B 92 -21.34 -11.28 -36.22
CA ALA B 92 -21.91 -12.24 -35.30
C ALA B 92 -20.79 -13.01 -34.60
N VAL B 93 -20.82 -13.02 -33.27
CA VAL B 93 -19.72 -13.55 -32.48
C VAL B 93 -20.25 -14.50 -31.41
N LYS B 94 -19.67 -15.69 -31.35
CA LYS B 94 -19.78 -16.51 -30.18
C LYS B 94 -18.91 -15.90 -29.09
N PRO B 95 -19.06 -16.31 -27.83
CA PRO B 95 -18.21 -15.75 -26.78
C PRO B 95 -16.72 -15.88 -27.05
N CYS B 96 -16.26 -16.93 -27.73
CA CYS B 96 -14.85 -17.03 -28.06
C CYS B 96 -14.46 -16.01 -29.13
N ASP B 97 -15.33 -15.76 -30.09
CA ASP B 97 -15.07 -14.70 -31.08
C ASP B 97 -14.93 -13.35 -30.38
N ALA B 98 -15.83 -13.06 -29.46
CA ALA B 98 -15.77 -11.80 -28.73
C ALA B 98 -14.52 -11.72 -27.86
N MET B 99 -14.12 -12.84 -27.26
CA MET B 99 -12.89 -12.85 -26.47
C MET B 99 -11.68 -12.56 -27.34
N ALA B 100 -11.60 -13.19 -28.51
CA ALA B 100 -10.48 -12.94 -29.42
C ALA B 100 -10.47 -11.49 -29.86
N ILE B 101 -11.63 -10.93 -30.20
CA ILE B 101 -11.69 -9.55 -30.63
C ILE B 101 -11.32 -8.61 -29.50
N ARG B 102 -11.66 -8.94 -28.26
CA ARG B 102 -11.28 -8.08 -27.13
C ARG B 102 -9.77 -8.12 -26.89
N GLU B 103 -9.18 -9.31 -26.92
CA GLU B 103 -7.73 -9.41 -26.76
C GLU B 103 -7.00 -8.70 -27.89
N LEU B 104 -7.56 -8.70 -29.10
CA LEU B 104 -6.94 -7.98 -30.20
C LEU B 104 -7.18 -6.48 -30.12
N GLU B 105 -8.30 -6.06 -29.52
CA GLU B 105 -8.59 -4.64 -29.40
C GLU B 105 -7.70 -3.99 -28.35
N LYS B 106 -7.48 -4.66 -27.22
CA LYS B 106 -6.58 -4.10 -26.22
C LYS B 106 -5.14 -4.05 -26.72
N ARG B 107 -4.82 -4.78 -27.80
CA ARG B 107 -3.54 -4.71 -28.47
C ARG B 107 -3.59 -3.89 -29.75
N HIS B 108 -4.63 -3.08 -29.92
CA HIS B 108 -4.74 -2.08 -30.98
C HIS B 108 -4.74 -2.69 -32.38
N GLN B 109 -5.00 -3.99 -32.50
CA GLN B 109 -5.10 -4.61 -33.80
C GLN B 109 -6.49 -4.47 -34.42
N ILE B 110 -7.51 -4.28 -33.59
CA ILE B 110 -8.86 -4.01 -34.04
C ILE B 110 -9.33 -2.72 -33.37
N ASP B 111 -9.98 -1.86 -34.13
CA ASP B 111 -10.51 -0.61 -33.58
C ASP B 111 -11.88 -0.87 -32.96
N PRO B 112 -12.04 -0.72 -31.65
CA PRO B 112 -13.37 -0.96 -31.06
C PRO B 112 -14.44 -0.01 -31.56
N ASP B 113 -14.07 1.17 -32.05
CA ASP B 113 -15.06 2.10 -32.59
C ASP B 113 -15.75 1.51 -33.81
N LYS B 114 -14.99 0.84 -34.66
CA LYS B 114 -15.47 0.44 -35.98
C LYS B 114 -16.22 -0.89 -35.99
N VAL B 115 -16.23 -1.64 -34.89
CA VAL B 115 -16.75 -3.00 -34.88
C VAL B 115 -17.95 -3.06 -33.94
N TYR B 116 -19.07 -3.56 -34.47
CA TYR B 116 -20.27 -3.81 -33.70
C TYR B 116 -20.40 -5.31 -33.46
N LYS B 117 -20.64 -5.70 -32.21
CA LYS B 117 -20.63 -7.10 -31.82
C LYS B 117 -22.02 -7.52 -31.37
N ILE B 118 -22.69 -8.31 -32.21
CA ILE B 118 -23.95 -8.94 -31.86
C ILE B 118 -23.59 -10.38 -31.49
N GLY B 119 -23.26 -10.60 -30.23
CA GLY B 119 -22.86 -11.91 -29.80
C GLY B 119 -24.03 -12.86 -29.60
N LEU B 120 -23.73 -14.14 -29.72
CA LEU B 120 -24.71 -15.21 -29.60
C LEU B 120 -24.37 -16.05 -28.38
N ASN B 121 -25.40 -16.54 -27.70
CA ASN B 121 -25.18 -17.56 -26.68
C ASN B 121 -24.57 -18.79 -27.33
N CYS B 122 -23.61 -19.41 -26.65
CA CYS B 122 -22.95 -20.59 -27.18
C CYS B 122 -22.83 -21.65 -26.09
N GLY B 123 -23.48 -22.78 -26.31
CA GLY B 123 -23.30 -23.96 -25.49
C GLY B 123 -22.28 -24.94 -26.01
N GLY B 124 -21.68 -24.66 -27.16
CA GLY B 124 -20.64 -25.50 -27.72
C GLY B 124 -20.81 -25.64 -29.22
N THR B 125 -19.73 -26.04 -29.87
CA THR B 125 -19.72 -26.37 -31.29
C THR B 125 -19.14 -27.77 -31.46
N LEU B 126 -19.30 -28.30 -32.67
CA LEU B 126 -18.79 -29.61 -33.02
C LEU B 126 -17.94 -29.51 -34.28
N ALA B 127 -16.97 -30.40 -34.40
CA ALA B 127 -16.23 -30.52 -35.64
C ALA B 127 -17.13 -31.19 -36.69
N PRO B 128 -17.20 -30.65 -37.91
CA PRO B 128 -18.18 -31.19 -38.89
C PRO B 128 -18.01 -32.68 -39.19
N VAL B 129 -16.80 -33.12 -39.53
CA VAL B 129 -16.60 -34.51 -39.91
C VAL B 129 -16.86 -35.42 -38.71
N SER B 130 -16.42 -35.01 -37.52
CA SER B 130 -16.72 -35.77 -36.32
C SER B 130 -18.23 -35.82 -36.07
N ALA B 131 -18.93 -34.71 -36.33
CA ALA B 131 -20.38 -34.70 -36.15
C ALA B 131 -21.06 -35.66 -37.10
N ARG B 132 -20.61 -35.72 -38.35
CA ARG B 132 -21.18 -36.66 -39.30
C ARG B 132 -20.92 -38.10 -38.88
N GLU B 133 -19.70 -38.39 -38.42
CA GLU B 133 -19.41 -39.74 -37.94
C GLU B 133 -20.28 -40.09 -36.74
N MET B 134 -20.48 -39.14 -35.83
CA MET B 134 -21.34 -39.35 -34.68
C MET B 134 -22.77 -39.65 -35.11
N ILE B 135 -23.30 -38.89 -36.06
CA ILE B 135 -24.67 -39.10 -36.50
C ILE B 135 -24.80 -40.47 -37.18
N GLU B 136 -23.78 -40.87 -37.95
CA GLU B 136 -23.81 -42.19 -38.55
C GLU B 136 -23.78 -43.30 -37.49
N THR B 137 -22.92 -43.14 -36.48
CA THR B 137 -22.70 -44.22 -35.53
C THR B 137 -23.87 -44.39 -34.56
N PHE B 138 -24.41 -43.28 -34.05
CA PHE B 138 -25.36 -43.33 -32.95
C PHE B 138 -26.80 -43.03 -33.34
N TYR B 139 -27.02 -42.10 -34.27
CA TYR B 139 -28.37 -41.81 -34.72
C TYR B 139 -28.86 -42.78 -35.79
N GLU B 140 -27.97 -43.59 -36.35
CA GLU B 140 -28.32 -44.59 -37.36
C GLU B 140 -29.12 -43.97 -38.50
N ILE B 141 -28.60 -42.86 -39.04
CA ILE B 141 -29.17 -42.19 -40.18
C ILE B 141 -28.05 -41.75 -41.12
N ASP B 142 -28.42 -41.46 -42.35
CA ASP B 142 -27.47 -40.86 -43.28
C ASP B 142 -27.26 -39.40 -42.90
N PRO B 143 -26.01 -38.95 -42.68
CA PRO B 143 -25.82 -37.56 -42.24
C PRO B 143 -26.36 -36.55 -43.23
N ASP B 144 -26.38 -36.88 -44.52
CA ASP B 144 -26.88 -35.94 -45.52
C ASP B 144 -28.35 -35.62 -45.33
N ASP B 145 -29.09 -36.45 -44.59
CA ASP B 145 -30.50 -36.23 -44.34
C ASP B 145 -30.76 -35.20 -43.25
N VAL B 146 -29.75 -34.84 -42.47
CA VAL B 146 -29.94 -33.91 -41.35
C VAL B 146 -30.07 -32.50 -41.91
N VAL B 147 -31.13 -31.80 -41.51
CA VAL B 147 -31.38 -30.44 -41.98
C VAL B 147 -31.07 -29.39 -40.94
N SER B 148 -30.98 -29.76 -39.66
CA SER B 148 -30.66 -28.80 -38.61
C SER B 148 -30.19 -29.55 -37.37
N GLU B 149 -29.68 -28.89 -36.34
CA GLU B 149 -28.98 -29.48 -35.19
C GLU B 149 -29.05 -28.51 -34.01
N GLU B 150 -29.26 -28.95 -32.81
CA GLU B 150 -29.25 -28.11 -31.61
C GLU B 150 -28.85 -28.90 -30.40
N ILE B 151 -28.33 -28.34 -29.30
CA ILE B 151 -28.08 -29.04 -28.01
C ILE B 151 -29.04 -28.49 -26.97
N ASP B 152 -29.70 -29.20 -26.06
CA ASP B 152 -30.66 -28.63 -25.07
C ASP B 152 -30.83 -29.31 -23.70
N ARG B 153 -31.62 -30.26 -23.57
CA ARG B 153 -31.98 -30.70 -22.24
C ARG B 153 -30.94 -31.74 -22.04
N GLY B 154 -29.73 -31.34 -22.34
CA GLY B 154 -28.64 -32.31 -22.35
C GLY B 154 -28.67 -33.13 -23.59
N LYS B 155 -29.21 -32.66 -24.64
CA LYS B 155 -29.42 -33.50 -25.80
C LYS B 155 -29.00 -32.90 -27.08
N PHE B 156 -28.15 -33.56 -27.86
CA PHE B 156 -27.92 -33.12 -29.25
C PHE B 156 -29.20 -33.50 -29.95
N ILE B 157 -29.89 -32.71 -30.64
CA ILE B 157 -31.12 -33.14 -31.28
C ILE B 157 -30.96 -32.75 -32.70
N VAL B 158 -31.38 -33.55 -33.63
CA VAL B 158 -31.24 -33.31 -35.09
C VAL B 158 -32.58 -33.21 -35.77
N GLU B 159 -32.91 -32.17 -36.47
CA GLU B 159 -34.02 -32.16 -37.40
C GLU B 159 -33.63 -32.93 -38.65
N LEU B 160 -34.63 -33.47 -39.33
CA LEU B 160 -34.40 -34.44 -40.40
C LEU B 160 -35.09 -33.94 -41.65
N ARG B 161 -34.68 -34.50 -42.79
CA ARG B 161 -35.33 -34.19 -44.05
C ARG B 161 -36.78 -34.67 -44.07
N ASP B 162 -37.05 -35.81 -43.44
CA ASP B 162 -38.42 -36.29 -43.35
C ASP B 162 -39.25 -35.28 -42.58
N GLY B 163 -38.70 -34.75 -41.48
CA GLY B 163 -39.39 -33.74 -40.71
C GLY B 163 -39.42 -34.04 -39.23
N SER B 164 -38.95 -35.22 -38.85
CA SER B 164 -38.94 -35.65 -37.47
C SER B 164 -37.72 -35.09 -36.74
N HIS B 165 -37.55 -35.50 -35.48
CA HIS B 165 -36.43 -35.09 -34.65
C HIS B 165 -35.84 -36.33 -34.00
N ARG B 166 -34.50 -36.43 -34.00
CA ARG B 166 -33.80 -37.52 -33.32
C ARG B 166 -32.94 -36.98 -32.19
N GLU B 167 -33.05 -37.58 -31.03
CA GLU B 167 -32.43 -37.10 -29.80
C GLU B 167 -31.48 -38.08 -29.17
N ILE B 168 -30.31 -37.61 -28.75
CA ILE B 168 -29.36 -38.44 -28.01
C ILE B 168 -28.73 -37.63 -26.89
N SER B 169 -28.60 -38.25 -25.72
CA SER B 169 -28.01 -37.55 -24.58
C SER B 169 -26.56 -37.19 -24.86
N ILE B 170 -26.25 -35.89 -24.75
CA ILE B 170 -24.90 -35.42 -25.05
C ILE B 170 -23.89 -35.97 -24.06
N ASP B 171 -24.31 -36.31 -22.85
CA ASP B 171 -23.39 -36.93 -21.90
C ASP B 171 -22.84 -38.23 -22.45
N TYR B 172 -23.71 -39.06 -23.03
CA TYR B 172 -23.28 -40.32 -23.63
C TYR B 172 -22.29 -40.06 -24.75
N LEU B 173 -22.63 -39.15 -25.67
CA LEU B 173 -21.75 -38.88 -26.81
C LEU B 173 -20.39 -38.39 -26.35
N GLU B 174 -20.37 -37.47 -25.38
CA GLU B 174 -19.10 -36.93 -24.91
C GLU B 174 -18.31 -37.94 -24.10
N GLU B 175 -18.98 -38.93 -23.48
CA GLU B 175 -18.26 -40.02 -22.85
C GLU B 175 -17.78 -41.05 -23.85
N GLU B 176 -18.31 -41.06 -25.07
CA GLU B 176 -17.85 -41.94 -26.13
C GLU B 176 -16.87 -41.25 -27.07
N GLY B 177 -16.26 -40.14 -26.64
CA GLY B 177 -15.30 -39.44 -27.47
C GLY B 177 -15.88 -38.60 -28.57
N PHE B 178 -17.14 -38.17 -28.44
CA PHE B 178 -17.81 -37.40 -29.48
C PHE B 178 -18.44 -36.15 -28.89
N GLY B 179 -19.27 -35.46 -29.67
CA GLY B 179 -19.99 -34.32 -29.16
C GLY B 179 -19.22 -33.02 -29.28
N ARG B 180 -19.44 -32.10 -28.35
CA ARG B 180 -18.79 -30.80 -28.39
C ARG B 180 -17.28 -30.98 -28.32
N ARG B 181 -16.57 -29.97 -28.82
CA ARG B 181 -15.12 -29.96 -28.72
C ARG B 181 -14.69 -29.91 -27.27
N GLU B 182 -13.52 -30.49 -26.98
CA GLU B 182 -13.06 -30.58 -25.60
C GLU B 182 -12.88 -29.20 -24.98
N ASN B 183 -12.41 -28.23 -25.76
CA ASN B 183 -12.32 -26.87 -25.26
C ASN B 183 -13.70 -26.27 -25.01
N CYS B 184 -14.70 -26.68 -25.80
CA CYS B 184 -16.06 -26.19 -25.57
C CYS B 184 -16.65 -26.77 -24.29
N GLN B 185 -16.25 -27.98 -23.92
CA GLN B 185 -16.72 -28.56 -22.66
C GLN B 185 -16.13 -27.83 -21.47
N ARG B 186 -14.94 -27.26 -21.62
CA ARG B 186 -14.29 -26.47 -20.56
C ARG B 186 -14.69 -25.00 -20.59
N CYS B 187 -15.49 -24.57 -21.56
CA CYS B 187 -15.77 -23.16 -21.72
C CYS B 187 -16.58 -22.64 -20.54
N GLU B 188 -16.10 -21.57 -19.93
CA GLU B 188 -16.70 -21.01 -18.73
C GLU B 188 -17.68 -19.89 -19.03
N ILE B 189 -17.80 -19.43 -20.27
CA ILE B 189 -18.56 -18.28 -20.77
C ILE B 189 -19.57 -18.70 -21.77
N MET B 190 -20.78 -18.34 -21.62
CA MET B 190 -21.98 -18.80 -22.35
C MET B 190 -22.72 -17.64 -22.90
N VAL B 191 -22.94 -16.62 -22.10
CA VAL B 191 -23.42 -15.36 -22.67
C VAL B 191 -22.30 -14.40 -23.06
N PRO B 192 -22.29 -13.86 -24.28
CA PRO B 192 -21.22 -12.91 -24.64
C PRO B 192 -21.50 -11.50 -24.10
N ARG B 193 -21.18 -11.31 -22.82
CA ARG B 193 -21.29 -9.99 -22.23
C ARG B 193 -20.11 -9.09 -22.57
N ASN B 194 -19.10 -9.62 -23.25
CA ASN B 194 -18.05 -8.82 -23.86
C ASN B 194 -18.40 -8.44 -25.30
N ALA B 195 -19.68 -8.47 -25.65
CA ALA B 195 -20.20 -8.00 -26.92
C ALA B 195 -21.23 -6.91 -26.67
N ASP B 196 -21.63 -6.22 -27.74
CA ASP B 196 -22.62 -5.16 -27.59
C ASP B 196 -23.99 -5.73 -27.27
N LEU B 197 -24.40 -6.76 -28.01
CA LEU B 197 -25.66 -7.43 -27.75
C LEU B 197 -25.38 -8.89 -27.46
N ALA B 198 -26.26 -9.53 -26.69
CA ALA B 198 -26.13 -10.95 -26.35
C ALA B 198 -27.47 -11.62 -26.63
N CYS B 199 -27.56 -12.36 -27.73
CA CYS B 199 -28.82 -12.95 -28.17
C CYS B 199 -28.76 -14.47 -27.98
N GLY B 200 -29.82 -15.02 -27.41
CA GLY B 200 -29.92 -16.45 -27.21
C GLY B 200 -31.36 -16.94 -27.16
N ASN B 201 -31.54 -18.17 -26.71
CA ASN B 201 -32.88 -18.75 -26.54
C ASN B 201 -33.09 -19.33 -25.15
N TRP B 202 -32.25 -18.97 -24.19
CA TRP B 202 -32.33 -19.58 -22.86
C TRP B 202 -33.42 -18.96 -22.00
N GLY B 203 -33.97 -17.82 -22.39
CA GLY B 203 -35.08 -17.24 -21.66
C GLY B 203 -36.18 -16.78 -22.58
N ALA B 204 -36.28 -17.40 -23.75
CA ALA B 204 -37.19 -16.97 -24.80
C ALA B 204 -38.23 -18.07 -25.02
N ASP B 205 -39.36 -17.66 -25.58
CA ASP B 205 -40.38 -18.60 -26.02
C ASP B 205 -40.06 -19.01 -27.45
N ASP B 206 -40.94 -19.77 -28.09
CA ASP B 206 -40.77 -20.10 -29.50
C ASP B 206 -41.00 -18.89 -30.39
N GLY B 207 -40.09 -18.69 -31.35
CA GLY B 207 -40.21 -17.60 -32.29
C GLY B 207 -39.67 -16.27 -31.81
N TRP B 208 -39.00 -16.23 -30.66
CA TRP B 208 -38.45 -15.00 -30.11
C TRP B 208 -37.00 -15.21 -29.72
N THR B 209 -36.23 -14.12 -29.75
CA THR B 209 -34.83 -14.11 -29.37
C THR B 209 -34.69 -13.32 -28.09
N PHE B 210 -34.12 -13.95 -27.06
CA PHE B 210 -33.86 -13.26 -25.80
C PHE B 210 -32.57 -12.46 -25.95
N ILE B 211 -32.68 -11.13 -25.84
CA ILE B 211 -31.56 -10.23 -26.05
C ILE B 211 -31.23 -9.55 -24.73
N GLU B 212 -29.95 -9.56 -24.37
CA GLU B 212 -29.41 -8.78 -23.28
C GLU B 212 -28.56 -7.68 -23.89
N VAL B 213 -28.87 -6.43 -23.58
CA VAL B 213 -28.11 -5.29 -24.09
C VAL B 213 -27.00 -4.98 -23.09
N ASN B 214 -25.75 -5.11 -23.53
CA ASN B 214 -24.61 -4.97 -22.64
C ASN B 214 -24.05 -3.56 -22.60
N THR B 215 -24.18 -2.81 -23.69
CA THR B 215 -23.56 -1.49 -23.79
C THR B 215 -24.55 -0.49 -24.36
N GLU B 216 -24.24 0.79 -24.17
CA GLU B 216 -25.05 1.85 -24.74
C GLU B 216 -25.10 1.73 -26.26
N ARG B 217 -24.03 1.24 -26.87
CA ARG B 217 -24.03 1.00 -28.30
C ARG B 217 -25.05 -0.07 -28.68
N GLY B 218 -25.17 -1.12 -27.86
CA GLY B 218 -26.24 -2.09 -28.08
C GLY B 218 -27.62 -1.45 -27.97
N GLN B 219 -27.78 -0.53 -27.02
CA GLN B 219 -29.05 0.18 -26.91
C GLN B 219 -29.34 0.98 -28.16
N GLU B 220 -28.33 1.67 -28.72
CA GLU B 220 -28.54 2.40 -29.96
C GLU B 220 -28.94 1.45 -31.08
N ILE B 221 -28.27 0.29 -31.18
CA ILE B 221 -28.63 -0.67 -32.21
C ILE B 221 -30.09 -1.06 -32.08
N ILE B 222 -30.50 -1.44 -30.87
CA ILE B 222 -31.86 -1.94 -30.67
C ILE B 222 -32.88 -0.84 -30.94
N GLU B 223 -32.59 0.38 -30.49
CA GLU B 223 -33.52 1.49 -30.72
C GLU B 223 -33.67 1.77 -32.20
N GLY B 224 -32.55 1.85 -32.92
CA GLY B 224 -32.63 2.12 -34.34
C GLY B 224 -33.32 1.01 -35.12
N ALA B 225 -33.15 -0.23 -34.68
CA ALA B 225 -33.79 -1.35 -35.36
C ALA B 225 -35.27 -1.48 -35.04
N ARG B 226 -35.71 -1.02 -33.86
CA ARG B 226 -37.13 -1.06 -33.55
C ARG B 226 -37.86 0.14 -34.13
N SER B 227 -37.23 1.33 -34.11
CA SER B 227 -37.91 2.53 -34.59
C SER B 227 -38.28 2.41 -36.06
N SER B 228 -37.41 1.80 -36.86
CA SER B 228 -37.67 1.60 -38.27
C SER B 228 -38.47 0.32 -38.53
N GLY B 229 -38.83 -0.42 -37.49
CA GLY B 229 -39.70 -1.58 -37.65
C GLY B 229 -39.01 -2.80 -38.20
N TYR B 230 -37.69 -2.90 -38.04
CA TYR B 230 -36.99 -4.11 -38.48
C TYR B 230 -37.15 -5.23 -37.47
N ILE B 231 -37.32 -4.85 -36.23
CA ILE B 231 -37.40 -5.77 -35.11
C ILE B 231 -38.57 -5.33 -34.28
N GLU B 232 -39.29 -6.25 -33.70
CA GLU B 232 -40.38 -6.00 -32.81
C GLU B 232 -39.95 -6.53 -31.50
N ALA B 233 -40.16 -5.88 -30.40
CA ALA B 233 -39.66 -6.26 -29.11
C ALA B 233 -40.76 -6.26 -28.07
N ARG B 234 -40.58 -6.91 -26.96
CA ARG B 234 -41.49 -7.17 -25.87
C ARG B 234 -40.49 -7.36 -24.76
N GLU B 235 -40.82 -7.67 -23.53
CA GLU B 235 -39.88 -7.77 -22.39
C GLU B 235 -39.95 -9.11 -21.71
N PRO B 236 -38.82 -9.82 -21.38
CA PRO B 236 -39.01 -11.15 -20.88
C PRO B 236 -39.84 -11.10 -19.55
N SER B 237 -40.50 -12.18 -19.10
CA SER B 237 -41.14 -12.27 -17.78
C SER B 237 -39.98 -12.31 -16.87
N GLU B 238 -40.08 -11.85 -15.70
CA GLU B 238 -38.90 -12.00 -14.88
C GLU B 238 -38.87 -13.42 -14.37
N LYS B 239 -39.85 -14.31 -14.63
CA LYS B 239 -39.80 -15.76 -14.32
C LYS B 239 -38.89 -16.43 -15.34
N MET B 240 -38.86 -15.95 -16.57
CA MET B 240 -37.96 -16.33 -17.67
C MET B 240 -36.53 -15.87 -17.40
N VAL B 241 -36.30 -14.67 -16.90
CA VAL B 241 -34.97 -14.07 -16.75
C VAL B 241 -34.30 -14.86 -15.68
N LYS B 242 -35.00 -15.37 -14.67
CA LYS B 242 -34.47 -16.33 -13.69
C LYS B 242 -34.22 -17.74 -14.21
N ILE B 243 -35.00 -18.32 -15.09
CA ILE B 243 -34.77 -19.66 -15.67
C ILE B 243 -33.47 -19.54 -16.44
N ARG B 244 -33.22 -18.44 -17.11
CA ARG B 244 -31.98 -18.28 -17.86
C ARG B 244 -30.78 -18.23 -16.94
N GLU B 245 -30.90 -17.52 -15.82
CA GLU B 245 -29.79 -17.44 -14.87
C GLU B 245 -29.44 -18.83 -14.33
N LYS B 246 -30.47 -19.61 -13.98
CA LYS B 246 -30.22 -20.96 -13.48
C LYS B 246 -29.55 -21.84 -14.52
N ILE B 247 -30.01 -21.76 -15.78
CA ILE B 247 -29.41 -22.57 -16.83
C ILE B 247 -27.94 -22.19 -17.00
N GLU B 248 -27.65 -20.89 -17.02
CA GLU B 248 -26.27 -20.45 -17.19
C GLU B 248 -25.40 -20.91 -16.04
N ASN B 249 -25.91 -20.83 -14.81
CA ASN B 249 -25.13 -21.27 -13.66
C ASN B 249 -24.83 -22.76 -13.74
N ALA B 250 -25.83 -23.56 -14.11
CA ALA B 250 -25.59 -24.99 -14.26
C ALA B 250 -24.55 -25.27 -15.34
N MET B 251 -24.62 -24.55 -16.45
CA MET B 251 -23.66 -24.75 -17.53
C MET B 251 -22.25 -24.40 -17.06
N ILE B 252 -22.11 -23.30 -16.31
CA ILE B 252 -20.78 -22.90 -15.85
C ILE B 252 -20.23 -23.90 -14.85
N SER B 253 -21.10 -24.44 -13.99
CA SER B 253 -20.64 -25.46 -13.05
C SER B 253 -20.17 -26.72 -13.78
N MET B 254 -20.90 -27.13 -14.82
CA MET B 254 -20.47 -28.28 -15.61
C MET B 254 -19.16 -27.99 -16.32
N ALA B 255 -18.99 -26.75 -16.79
CA ALA B 255 -17.73 -26.38 -17.43
C ALA B 255 -16.57 -26.47 -16.44
N ARG B 256 -16.79 -26.03 -15.20
CA ARG B 256 -15.73 -26.14 -14.20
C ARG B 256 -15.41 -27.60 -13.89
N LYS B 257 -16.43 -28.45 -13.82
CA LYS B 257 -16.19 -29.88 -13.63
C LYS B 257 -15.33 -30.43 -14.76
N PHE B 258 -15.65 -30.07 -16.00
CA PHE B 258 -14.86 -30.56 -17.14
C PHE B 258 -13.45 -29.99 -17.13
N GLN B 259 -13.27 -28.77 -16.63
CA GLN B 259 -11.93 -28.23 -16.46
C GLN B 259 -11.15 -29.07 -15.46
N ASP B 260 -11.78 -29.41 -14.34
CA ASP B 260 -11.12 -30.24 -13.34
C ASP B 260 -10.81 -31.62 -13.90
N LYS B 261 -11.60 -32.08 -14.88
CA LYS B 261 -11.33 -33.39 -15.48
C LYS B 261 -10.18 -33.32 -16.49
N TYR B 262 -10.31 -32.47 -17.51
CA TYR B 262 -9.35 -32.46 -18.61
C TYR B 262 -8.03 -31.83 -18.22
N LEU B 263 -8.04 -30.85 -17.31
CA LEU B 263 -6.82 -30.14 -16.95
C LEU B 263 -6.16 -30.64 -15.68
N ASP B 264 -6.84 -31.48 -14.88
CA ASP B 264 -6.24 -32.07 -13.69
C ASP B 264 -6.21 -33.59 -13.74
N GLU B 265 -7.33 -34.25 -13.96
CA GLU B 265 -7.42 -35.70 -13.80
C GLU B 265 -6.97 -36.43 -15.04
N GLU B 266 -7.45 -36.01 -16.21
CA GLU B 266 -7.10 -36.61 -17.49
C GLU B 266 -6.01 -35.83 -18.20
N TYR B 267 -5.36 -34.90 -17.51
CA TYR B 267 -4.24 -34.19 -18.11
C TYR B 267 -3.11 -35.18 -18.41
N PRO B 268 -2.54 -35.16 -19.61
CA PRO B 268 -1.49 -36.13 -19.91
C PRO B 268 -0.30 -35.97 -18.98
N SER B 269 0.34 -37.10 -18.67
CA SER B 269 1.54 -37.09 -17.86
C SER B 269 2.72 -36.55 -18.69
N LEU B 270 3.87 -36.41 -18.04
CA LEU B 270 5.05 -35.91 -18.73
C LEU B 270 5.50 -36.86 -19.83
N ASP B 271 5.39 -38.17 -19.59
CA ASP B 271 5.74 -39.14 -20.62
C ASP B 271 4.79 -39.06 -21.81
N GLU B 272 3.49 -38.92 -21.54
CA GLU B 272 2.52 -38.78 -22.63
C GLU B 272 2.76 -37.49 -23.40
N TRP B 273 3.12 -36.42 -22.70
CA TRP B 273 3.45 -35.18 -23.39
C TRP B 273 4.71 -35.32 -24.22
N ASP B 274 5.69 -36.09 -23.75
CA ASP B 274 6.86 -36.37 -24.58
C ASP B 274 6.48 -37.11 -25.84
N GLU B 275 5.59 -38.11 -25.71
CA GLU B 275 5.12 -38.84 -26.86
C GLU B 275 4.42 -37.91 -27.86
N TYR B 276 3.61 -36.97 -27.35
CA TYR B 276 2.94 -36.02 -28.22
C TYR B 276 3.94 -35.10 -28.90
N TRP B 277 4.84 -34.49 -28.14
CA TRP B 277 5.78 -33.53 -28.70
C TRP B 277 6.73 -34.17 -29.70
N LYS B 278 6.96 -35.48 -29.60
CA LYS B 278 7.74 -36.16 -30.62
C LYS B 278 7.10 -36.07 -31.99
N ARG B 279 5.78 -35.86 -32.06
CA ARG B 279 5.07 -35.88 -33.32
C ARG B 279 5.16 -34.57 -34.09
N CYS B 280 5.43 -33.45 -33.41
CA CYS B 280 5.30 -32.14 -34.04
C CYS B 280 6.14 -32.04 -35.30
N ILE B 281 5.53 -31.50 -36.36
CA ILE B 281 6.20 -31.33 -37.65
C ILE B 281 6.58 -29.88 -37.90
N ASN B 282 6.44 -29.02 -36.91
CA ASN B 282 6.95 -27.65 -37.01
C ASN B 282 6.28 -26.87 -38.13
N CYS B 283 4.99 -27.16 -38.36
CA CYS B 283 4.26 -26.54 -39.45
C CYS B 283 3.72 -25.16 -39.10
N PHE B 284 3.61 -24.84 -37.81
CA PHE B 284 3.14 -23.54 -37.31
C PHE B 284 1.66 -23.31 -37.55
N ALA B 285 0.88 -24.36 -37.77
CA ALA B 285 -0.56 -24.19 -37.96
C ALA B 285 -1.22 -23.69 -36.68
N CYS B 286 -0.74 -24.17 -35.52
CA CYS B 286 -1.28 -23.69 -34.25
C CYS B 286 -1.04 -22.19 -34.08
N ARG B 287 0.17 -21.74 -34.40
CA ARG B 287 0.47 -20.32 -34.31
C ARG B 287 -0.39 -19.51 -35.28
N ASP B 288 -0.54 -19.99 -36.51
CA ASP B 288 -1.31 -19.26 -37.51
C ASP B 288 -2.79 -19.17 -37.13
N ALA B 289 -3.35 -20.25 -36.58
CA ALA B 289 -4.76 -20.27 -36.22
C ALA B 289 -5.06 -19.48 -34.96
N CYS B 290 -4.09 -19.36 -34.06
CA CYS B 290 -4.32 -18.67 -32.80
C CYS B 290 -4.65 -17.21 -33.05
N PRO B 291 -5.81 -16.71 -32.57
CA PRO B 291 -6.12 -15.30 -32.79
C PRO B 291 -5.19 -14.35 -32.05
N VAL B 292 -4.66 -14.76 -30.90
CA VAL B 292 -3.80 -13.89 -30.10
C VAL B 292 -2.39 -13.79 -30.66
N CYS B 293 -1.99 -14.71 -31.54
CA CYS B 293 -0.70 -14.64 -32.22
C CYS B 293 -0.90 -13.91 -33.54
N PHE B 294 -0.68 -12.60 -33.52
CA PHE B 294 -0.97 -11.73 -34.65
C PHE B 294 0.25 -11.08 -35.24
N CYS B 295 1.43 -11.30 -34.67
CA CYS B 295 2.60 -10.50 -35.01
C CYS B 295 2.95 -10.63 -36.48
N ARG B 296 3.41 -9.53 -37.07
CA ARG B 296 3.80 -9.54 -38.47
C ARG B 296 4.95 -10.52 -38.71
N GLU B 297 5.94 -10.51 -37.83
CA GLU B 297 7.04 -11.47 -37.85
C GLU B 297 7.08 -12.18 -36.50
N CYS B 298 7.17 -13.50 -36.54
CA CYS B 298 7.14 -14.30 -35.32
C CYS B 298 8.54 -14.59 -34.83
N GLU B 299 8.74 -14.50 -33.52
CA GLU B 299 10.04 -14.80 -32.94
C GLU B 299 10.40 -16.28 -33.07
N LEU B 300 9.40 -17.15 -33.14
CA LEU B 300 9.67 -18.58 -33.23
C LEU B 300 10.41 -18.97 -34.49
N GLU B 301 10.41 -18.11 -35.50
CA GLU B 301 11.09 -18.37 -36.76
C GLU B 301 12.45 -17.71 -36.84
N LYS B 302 12.98 -17.22 -35.73
CA LYS B 302 14.32 -16.66 -35.68
C LYS B 302 15.36 -17.77 -35.65
N ASP B 303 16.57 -17.44 -36.08
CA ASP B 303 17.60 -18.45 -36.25
C ASP B 303 17.96 -19.12 -34.93
N TYR B 304 17.82 -18.42 -33.81
CA TYR B 304 18.19 -18.98 -32.51
C TYR B 304 17.06 -19.74 -31.83
N LEU B 305 15.87 -19.78 -32.43
CA LEU B 305 14.76 -20.57 -31.92
C LEU B 305 14.31 -21.65 -32.90
N LEU B 306 14.25 -21.33 -34.18
CA LEU B 306 13.65 -22.23 -35.16
C LEU B 306 14.42 -23.54 -35.26
N GLU B 307 13.69 -24.64 -35.37
CA GLU B 307 14.27 -25.95 -35.60
C GLU B 307 14.74 -26.06 -37.05
N SER B 308 16.05 -26.18 -37.26
CA SER B 308 16.59 -26.24 -38.60
C SER B 308 16.30 -27.59 -39.26
N ASP B 309 16.52 -28.68 -38.55
CA ASP B 309 16.39 -30.00 -39.14
C ASP B 309 14.93 -30.39 -39.36
N GLU B 310 14.74 -31.41 -40.18
CA GLU B 310 13.40 -31.97 -40.42
C GLU B 310 13.09 -32.99 -39.35
N LYS B 311 12.96 -32.49 -38.12
CA LYS B 311 12.65 -33.32 -36.96
C LYS B 311 11.78 -32.50 -36.02
N ALA B 312 11.29 -33.16 -34.97
CA ALA B 312 10.40 -32.49 -34.04
C ALA B 312 11.14 -31.37 -33.33
N PRO B 313 10.52 -30.20 -33.15
CA PRO B 313 11.17 -29.13 -32.39
C PRO B 313 11.32 -29.49 -30.93
N ASP B 314 12.27 -28.84 -30.28
CA ASP B 314 12.35 -28.92 -28.83
C ASP B 314 11.11 -28.26 -28.25
N PRO B 315 10.32 -28.95 -27.42
CA PRO B 315 9.08 -28.33 -26.95
C PRO B 315 9.30 -27.01 -26.24
N LEU B 316 10.46 -26.84 -25.58
CA LEU B 316 10.73 -25.58 -24.90
C LEU B 316 10.70 -24.41 -25.87
N THR B 317 11.65 -24.37 -26.81
CA THR B 317 11.84 -23.17 -27.63
C THR B 317 10.66 -22.88 -28.55
N PHE B 318 9.75 -23.82 -28.76
CA PHE B 318 8.54 -23.56 -29.53
C PHE B 318 7.37 -23.24 -28.61
N GLN B 319 6.96 -24.25 -27.83
CA GLN B 319 5.74 -24.15 -27.06
C GLN B 319 5.92 -23.25 -25.84
N GLY B 320 7.01 -23.43 -25.09
CA GLY B 320 7.22 -22.61 -23.92
C GLY B 320 7.40 -21.15 -24.29
N VAL B 321 8.01 -20.87 -25.44
CA VAL B 321 8.18 -19.49 -25.87
C VAL B 321 6.82 -18.89 -26.24
N ARG B 322 6.00 -19.62 -27.02
CA ARG B 322 4.68 -19.10 -27.33
C ARG B 322 3.85 -18.92 -26.06
N LEU B 323 4.03 -19.80 -25.08
CA LEU B 323 3.33 -19.68 -23.80
C LEU B 323 3.76 -18.42 -23.07
N SER B 324 5.06 -18.23 -22.91
CA SER B 324 5.54 -17.01 -22.28
C SER B 324 5.05 -15.77 -23.02
N HIS B 325 4.84 -15.88 -24.33
CA HIS B 325 4.40 -14.74 -25.10
C HIS B 325 2.93 -14.41 -24.88
N MET B 326 2.05 -15.41 -24.85
CA MET B 326 0.62 -15.12 -24.85
C MET B 326 -0.26 -15.99 -23.97
N GLY B 327 0.29 -16.90 -23.16
CA GLY B 327 -0.52 -17.86 -22.45
C GLY B 327 -1.40 -17.26 -21.37
N PHE B 328 -1.11 -16.04 -20.95
CA PHE B 328 -2.02 -15.31 -20.07
C PHE B 328 -3.22 -14.74 -20.81
N SER B 329 -3.20 -14.74 -22.15
CA SER B 329 -4.29 -14.21 -22.97
C SER B 329 -4.95 -15.32 -23.79
N CYS B 330 -4.74 -16.57 -23.41
CA CYS B 330 -5.39 -17.69 -24.07
C CYS B 330 -6.88 -17.68 -23.73
N ILE B 331 -7.72 -17.76 -24.76
CA ILE B 331 -9.16 -17.69 -24.60
C ILE B 331 -9.82 -19.06 -24.70
N ASN B 332 -9.02 -20.13 -24.81
CA ASN B 332 -9.55 -21.49 -24.87
C ASN B 332 -10.53 -21.66 -26.02
N CYS B 333 -10.19 -21.07 -27.17
CA CYS B 333 -11.00 -21.19 -28.37
C CYS B 333 -10.74 -22.48 -29.13
N GLY B 334 -9.64 -23.18 -28.85
CA GLY B 334 -9.38 -24.48 -29.43
C GLY B 334 -8.95 -24.49 -30.87
N GLN B 335 -8.70 -23.32 -31.48
CA GLN B 335 -8.33 -23.29 -32.88
C GLN B 335 -6.98 -23.97 -33.12
N CYS B 336 -6.02 -23.74 -32.23
CA CYS B 336 -4.71 -24.36 -32.36
C CYS B 336 -4.82 -25.88 -32.36
N GLU B 337 -5.60 -26.43 -31.44
CA GLU B 337 -5.81 -27.87 -31.42
C GLU B 337 -6.63 -28.32 -32.61
N ASP B 338 -7.55 -27.48 -33.09
CA ASP B 338 -8.36 -27.84 -34.25
C ASP B 338 -7.49 -28.06 -35.48
N VAL B 339 -6.51 -27.17 -35.72
CA VAL B 339 -5.78 -27.20 -36.98
C VAL B 339 -4.51 -28.06 -36.92
N CYS B 340 -4.17 -28.63 -35.77
CA CYS B 340 -2.91 -29.34 -35.66
C CYS B 340 -2.93 -30.60 -36.53
N PRO B 341 -2.04 -30.72 -37.52
CA PRO B 341 -2.05 -31.94 -38.35
C PRO B 341 -1.63 -33.19 -37.59
N MET B 342 -1.08 -33.06 -36.40
CA MET B 342 -0.59 -34.19 -35.64
C MET B 342 -1.50 -34.57 -34.47
N ASP B 343 -2.61 -33.87 -34.29
CA ASP B 343 -3.57 -34.19 -33.23
C ASP B 343 -2.93 -34.09 -31.85
N ILE B 344 -2.22 -33.00 -31.62
CA ILE B 344 -1.64 -32.69 -30.32
C ILE B 344 -2.65 -31.87 -29.52
N PRO B 345 -2.92 -32.21 -28.25
CA PRO B 345 -3.84 -31.37 -27.45
C PRO B 345 -3.19 -30.11 -26.90
N ILE B 346 -2.90 -29.18 -27.80
CA ILE B 346 -2.23 -27.92 -27.42
C ILE B 346 -3.10 -27.12 -26.47
N ALA B 347 -4.38 -27.01 -26.78
CA ALA B 347 -5.26 -26.14 -26.00
C ALA B 347 -5.32 -26.54 -24.55
N ARG B 348 -5.17 -27.84 -24.24
CA ARG B 348 -5.19 -28.26 -22.85
C ARG B 348 -4.09 -27.56 -22.06
N ILE B 349 -2.85 -27.64 -22.53
CA ILE B 349 -1.74 -27.04 -21.79
C ILE B 349 -1.87 -25.52 -21.78
N TYR B 350 -2.26 -24.91 -22.90
CA TYR B 350 -2.36 -23.46 -22.93
C TYR B 350 -3.45 -22.96 -21.97
N HIS B 351 -4.59 -23.64 -21.93
CA HIS B 351 -5.67 -23.27 -21.02
C HIS B 351 -5.27 -23.51 -19.57
N ARG B 352 -4.56 -24.59 -19.29
CA ARG B 352 -4.10 -24.83 -17.92
C ARG B 352 -3.15 -23.72 -17.45
N ILE B 353 -2.24 -23.28 -18.34
CA ILE B 353 -1.32 -22.21 -17.97
C ILE B 353 -2.09 -20.91 -17.77
N GLN B 354 -3.05 -20.61 -18.64
CA GLN B 354 -3.87 -19.42 -18.45
C GLN B 354 -4.64 -19.48 -17.14
N LYS B 355 -5.13 -20.66 -16.77
CA LYS B 355 -5.88 -20.81 -15.53
C LYS B 355 -4.98 -20.58 -14.31
N LYS B 356 -3.74 -21.08 -14.36
CA LYS B 356 -2.81 -20.80 -13.28
C LYS B 356 -2.55 -19.30 -13.17
N TYR B 357 -2.33 -18.64 -14.31
CA TYR B 357 -2.08 -17.21 -14.28
C TYR B 357 -3.28 -16.45 -13.73
N ARG B 358 -4.49 -16.85 -14.12
CA ARG B 358 -5.70 -16.19 -13.64
C ARG B 358 -5.88 -16.42 -12.14
N ASP B 359 -5.63 -17.62 -11.66
CA ASP B 359 -5.75 -17.88 -10.23
C ASP B 359 -4.76 -17.04 -9.44
N ARG B 360 -3.54 -16.87 -9.96
CA ARG B 360 -2.56 -16.07 -9.24
C ARG B 360 -2.89 -14.58 -9.29
N THR B 361 -3.26 -14.07 -10.47
CA THR B 361 -3.43 -12.64 -10.69
C THR B 361 -4.87 -12.21 -10.90
N GLY B 362 -5.78 -13.13 -11.18
CA GLY B 362 -7.17 -12.76 -11.39
C GLY B 362 -7.47 -12.09 -12.71
N PHE B 363 -6.62 -12.27 -13.72
CA PHE B 363 -6.86 -11.69 -15.03
C PHE B 363 -7.58 -12.69 -15.92
N THR B 364 -8.72 -12.28 -16.47
CA THR B 364 -9.54 -13.12 -17.33
C THR B 364 -9.28 -12.72 -18.78
N ALA B 365 -8.68 -13.64 -19.55
CA ALA B 365 -8.40 -13.37 -20.95
C ALA B 365 -9.69 -13.26 -21.74
N GLY B 366 -9.81 -12.20 -22.54
CA GLY B 366 -10.95 -12.00 -23.39
C GLY B 366 -12.12 -11.32 -22.75
N VAL B 367 -12.11 -11.15 -21.43
CA VAL B 367 -13.19 -10.50 -20.69
C VAL B 367 -12.73 -9.14 -20.19
N SER B 368 -11.63 -9.10 -19.45
CA SER B 368 -11.10 -7.83 -18.97
C SER B 368 -10.69 -6.94 -20.13
N GLN B 369 -11.06 -5.67 -20.06
CA GLN B 369 -10.74 -4.71 -21.10
C GLN B 369 -9.28 -4.28 -21.04
N GLU B 370 -8.62 -4.47 -19.90
CA GLU B 370 -7.26 -4.01 -19.71
C GLU B 370 -6.27 -5.08 -20.15
N LEU B 371 -5.03 -4.65 -20.33
CA LEU B 371 -3.94 -5.58 -20.58
C LEU B 371 -3.68 -6.42 -19.34
N PRO B 372 -3.02 -7.56 -19.49
CA PRO B 372 -2.67 -8.38 -18.33
C PRO B 372 -1.78 -7.60 -17.38
N PRO B 373 -1.78 -7.93 -16.09
CA PRO B 373 -0.85 -7.25 -15.17
C PRO B 373 0.61 -7.37 -15.58
N MET B 374 0.96 -8.37 -16.40
CA MET B 374 2.32 -8.50 -16.90
C MET B 374 2.82 -7.19 -17.52
N TYR B 375 1.96 -6.51 -18.28
CA TYR B 375 2.32 -5.27 -18.94
C TYR B 375 1.97 -4.03 -18.13
N SER B 376 1.93 -4.15 -16.80
CA SER B 376 1.56 -3.03 -15.95
C SER B 376 2.74 -2.08 -15.79
N GLY B 377 2.46 -0.79 -15.95
CA GLY B 377 3.46 0.24 -15.73
C GLY B 377 3.52 0.77 -14.32
N GLU B 378 2.74 0.19 -13.40
CA GLU B 378 2.77 0.59 -12.00
C GLU B 378 3.79 -0.37 -11.40
N LYS B 379 4.15 -0.11 -10.15
CA LYS B 379 5.09 -0.97 -9.43
C LYS B 379 4.37 -1.95 -8.42
N ASP B 380 3.21 -2.38 -8.89
CA ASP B 380 2.40 -3.35 -8.16
C ASP B 380 3.28 -4.59 -8.34
N MET C 2 -15.27 -14.14 -51.54
CA MET C 2 -14.24 -13.81 -50.58
C MET C 2 -13.54 -15.06 -50.09
N VAL C 3 -14.29 -15.98 -49.48
CA VAL C 3 -13.76 -17.24 -48.97
C VAL C 3 -14.32 -18.36 -49.86
N LYS C 4 -13.43 -19.09 -50.52
CA LYS C 4 -13.84 -20.08 -51.51
C LYS C 4 -13.08 -21.38 -51.34
N HIS C 5 -13.81 -22.50 -51.40
CA HIS C 5 -13.21 -23.82 -51.28
C HIS C 5 -12.27 -24.11 -52.45
N THR C 6 -11.23 -24.88 -52.17
CA THR C 6 -10.33 -25.36 -53.20
C THR C 6 -9.50 -26.49 -52.60
N LEU C 7 -8.62 -27.05 -53.42
CA LEU C 7 -7.78 -28.17 -53.04
C LEU C 7 -6.33 -27.71 -52.96
N CYS C 8 -5.64 -28.14 -51.93
CA CYS C 8 -4.22 -27.82 -51.82
C CYS C 8 -3.44 -28.55 -52.91
N PRO C 9 -2.64 -27.86 -53.72
CA PRO C 9 -1.90 -28.53 -54.80
C PRO C 9 -0.47 -28.93 -54.46
N SER C 10 -0.05 -28.81 -53.21
CA SER C 10 1.36 -28.94 -52.87
C SER C 10 1.82 -30.38 -52.70
N CYS C 11 0.90 -31.34 -52.60
CA CYS C 11 1.26 -32.74 -52.73
C CYS C 11 0.00 -33.52 -53.08
N SER C 12 0.16 -34.84 -53.16
CA SER C 12 -0.91 -35.70 -53.68
C SER C 12 -2.06 -35.85 -52.71
N ALA C 13 -1.84 -35.67 -51.41
CA ALA C 13 -2.94 -35.75 -50.45
C ALA C 13 -4.01 -34.73 -50.81
N GLY C 14 -5.27 -35.13 -50.68
CA GLY C 14 -6.34 -34.30 -51.20
C GLY C 14 -6.86 -33.24 -50.26
N CYS C 15 -5.98 -32.63 -49.48
CA CYS C 15 -6.41 -31.69 -48.46
C CYS C 15 -7.17 -30.52 -49.07
N GLY C 16 -8.25 -30.11 -48.41
CA GLY C 16 -9.01 -28.95 -48.81
C GLY C 16 -8.63 -27.71 -48.02
N VAL C 17 -8.72 -26.55 -48.68
CA VAL C 17 -8.38 -25.28 -48.06
C VAL C 17 -9.32 -24.22 -48.62
N ASN C 18 -9.61 -23.19 -47.82
CA ASN C 18 -10.35 -22.04 -48.31
C ASN C 18 -9.36 -20.95 -48.67
N ILE C 19 -9.53 -20.34 -49.83
CA ILE C 19 -8.74 -19.19 -50.22
C ILE C 19 -9.57 -17.94 -49.94
N VAL C 20 -8.99 -17.00 -49.23
CA VAL C 20 -9.61 -15.70 -48.97
C VAL C 20 -9.23 -14.77 -50.10
N GLU C 21 -10.22 -14.13 -50.70
CA GLU C 21 -10.03 -13.25 -51.84
C GLU C 21 -10.52 -11.85 -51.49
N MET C 22 -9.71 -10.84 -51.78
CA MET C 22 -10.09 -9.46 -51.56
C MET C 22 -9.65 -8.63 -52.75
N GLY C 23 -10.61 -8.03 -53.44
CA GLY C 23 -10.30 -7.19 -54.57
C GLY C 23 -9.92 -7.92 -55.83
N GLY C 24 -10.10 -9.24 -55.87
CA GLY C 24 -9.75 -10.03 -57.03
C GLY C 24 -8.40 -10.71 -56.97
N ALA C 25 -7.74 -10.71 -55.83
CA ALA C 25 -6.46 -11.40 -55.65
C ALA C 25 -6.49 -12.20 -54.37
N PRO C 26 -5.80 -13.35 -54.34
CA PRO C 26 -5.76 -14.15 -53.11
C PRO C 26 -4.91 -13.46 -52.04
N VAL C 27 -5.43 -13.40 -50.83
CA VAL C 27 -4.75 -12.71 -49.73
C VAL C 27 -4.45 -13.62 -48.55
N GLY C 28 -5.06 -14.80 -48.47
CA GLY C 28 -4.79 -15.67 -47.34
C GLY C 28 -5.58 -16.95 -47.46
N THR C 29 -5.53 -17.74 -46.39
CA THR C 29 -6.15 -19.05 -46.35
C THR C 29 -6.98 -19.17 -45.09
N TYR C 30 -8.02 -20.00 -45.16
CA TYR C 30 -8.93 -20.26 -44.05
C TYR C 30 -9.15 -21.77 -43.95
N PRO C 31 -9.33 -22.29 -42.73
CA PRO C 31 -9.52 -23.74 -42.59
C PRO C 31 -10.77 -24.23 -43.32
N TYR C 32 -10.60 -25.35 -44.03
CA TYR C 32 -11.70 -26.05 -44.68
C TYR C 32 -12.04 -27.25 -43.81
N ARG C 33 -12.79 -27.00 -42.74
CA ARG C 33 -13.06 -28.04 -41.75
C ARG C 33 -13.93 -29.15 -42.33
N ARG C 34 -14.83 -28.82 -43.25
CA ARG C 34 -15.78 -29.79 -43.77
C ARG C 34 -15.12 -30.87 -44.63
N HIS C 35 -13.91 -30.64 -45.11
CA HIS C 35 -13.27 -31.60 -46.00
C HIS C 35 -12.93 -32.87 -45.23
N PRO C 36 -13.22 -34.06 -45.77
CA PRO C 36 -13.00 -35.28 -45.01
C PRO C 36 -11.57 -35.80 -45.04
N VAL C 37 -10.71 -35.29 -45.93
CA VAL C 37 -9.34 -35.77 -45.98
C VAL C 37 -8.55 -35.26 -44.78
N ASN C 38 -8.63 -33.95 -44.52
CA ASN C 38 -7.82 -33.33 -43.49
C ASN C 38 -8.61 -32.64 -42.39
N GLU C 39 -9.87 -32.28 -42.64
CA GLU C 39 -10.72 -31.64 -41.63
C GLU C 39 -10.16 -30.28 -41.21
N GLY C 40 -9.67 -29.53 -42.17
CA GLY C 40 -9.15 -28.20 -41.92
C GLY C 40 -7.71 -28.15 -41.45
N LYS C 41 -7.05 -29.29 -41.30
CA LYS C 41 -5.65 -29.33 -40.93
C LYS C 41 -4.79 -29.28 -42.19
N THR C 42 -3.71 -28.51 -42.12
CA THR C 42 -2.79 -28.40 -43.24
C THR C 42 -1.37 -28.26 -42.71
N CYS C 43 -0.41 -28.66 -43.54
CA CYS C 43 0.99 -28.39 -43.28
C CYS C 43 1.33 -26.99 -43.76
N ARG C 44 2.59 -26.59 -43.59
CA ARG C 44 2.98 -25.25 -44.01
C ARG C 44 2.73 -25.05 -45.49
N ALA C 45 2.95 -26.09 -46.30
CA ALA C 45 2.76 -25.97 -47.74
C ALA C 45 1.31 -25.66 -48.07
N GLY C 46 0.37 -26.22 -47.31
CA GLY C 46 -1.04 -25.98 -47.57
C GLY C 46 -1.51 -24.60 -47.21
N ARG C 47 -0.83 -23.93 -46.27
CA ARG C 47 -1.23 -22.60 -45.86
C ARG C 47 -0.53 -21.49 -46.64
N ASP C 48 0.43 -21.84 -47.49
CA ASP C 48 1.09 -20.88 -48.37
C ASP C 48 0.64 -20.98 -49.82
N CYS C 49 -0.30 -21.89 -50.12
CA CYS C 49 -0.68 -22.14 -51.51
C CYS C 49 -1.37 -20.95 -52.15
N TYR C 50 -2.00 -20.08 -51.36
CA TYR C 50 -2.74 -18.96 -51.93
C TYR C 50 -1.84 -18.03 -52.73
N GLU C 51 -0.53 -18.08 -52.53
CA GLU C 51 0.41 -17.24 -53.27
C GLU C 51 0.76 -17.80 -54.63
N ILE C 52 0.43 -19.07 -54.91
CA ILE C 52 0.82 -19.67 -56.19
C ILE C 52 0.30 -18.86 -57.37
N PRO C 53 -0.95 -18.40 -57.39
CA PRO C 53 -1.44 -17.65 -58.57
C PRO C 53 -0.70 -16.34 -58.81
N LEU C 54 0.02 -15.81 -57.83
CA LEU C 54 0.68 -14.51 -57.96
C LEU C 54 2.19 -14.60 -58.06
N MET C 55 2.79 -15.76 -57.81
CA MET C 55 4.24 -15.87 -57.79
C MET C 55 4.77 -15.94 -59.22
N ASP C 56 5.45 -14.89 -59.65
CA ASP C 56 6.13 -14.85 -60.94
C ASP C 56 5.19 -15.28 -62.06
N ARG C 57 4.01 -14.68 -62.11
CA ARG C 57 2.97 -15.07 -63.04
C ARG C 57 3.19 -14.40 -64.40
N VAL C 58 3.10 -15.20 -65.46
CA VAL C 58 3.22 -14.73 -66.83
C VAL C 58 1.87 -14.95 -67.51
N THR C 59 1.28 -13.87 -68.03
CA THR C 59 -0.05 -13.91 -68.61
C THR C 59 -0.09 -13.49 -70.07
N SER C 60 1.03 -13.63 -70.79
CA SER C 60 1.09 -13.24 -72.20
C SER C 60 1.78 -14.36 -72.98
N PRO C 61 1.18 -14.91 -74.03
CA PRO C 61 1.88 -15.91 -74.85
C PRO C 61 3.17 -15.32 -75.40
N GLY C 62 4.22 -16.15 -75.44
CA GLY C 62 5.53 -15.68 -75.84
C GLY C 62 6.16 -16.63 -76.84
N VAL C 63 7.15 -16.08 -77.56
CA VAL C 63 7.86 -16.79 -78.60
C VAL C 63 9.33 -16.41 -78.50
N LYS C 64 10.21 -17.33 -78.90
CA LYS C 64 11.65 -17.10 -78.80
C LYS C 64 12.09 -16.25 -79.98
N LYS C 65 12.04 -14.93 -79.81
CA LYS C 65 12.82 -14.06 -80.67
C LYS C 65 14.30 -14.31 -80.41
N SER C 66 15.15 -13.64 -81.18
CA SER C 66 16.58 -13.81 -81.01
C SER C 66 16.97 -13.66 -79.54
N GLY C 67 17.45 -14.75 -78.95
CA GLY C 67 17.92 -14.74 -77.57
C GLY C 67 16.82 -14.88 -76.53
N LYS C 68 16.05 -13.81 -76.31
CA LYS C 68 15.09 -13.75 -75.22
C LYS C 68 13.67 -13.93 -75.72
N LEU C 69 12.78 -14.29 -74.79
CA LEU C 69 11.37 -14.46 -75.11
C LEU C 69 10.70 -13.11 -75.33
N SER C 70 9.78 -13.07 -76.30
CA SER C 70 9.10 -11.84 -76.68
C SER C 70 7.62 -12.13 -76.84
N GLY C 71 6.79 -11.16 -76.47
CA GLY C 71 5.35 -11.37 -76.46
C GLY C 71 4.75 -11.45 -77.87
N VAL C 72 3.79 -12.34 -78.04
CA VAL C 72 2.98 -12.44 -79.24
C VAL C 72 1.54 -12.71 -78.83
N ASN C 73 0.66 -12.82 -79.83
CA ASN C 73 -0.76 -13.07 -79.59
C ASN C 73 -1.04 -14.57 -79.59
N TRP C 74 -2.26 -14.92 -79.17
CA TRP C 74 -2.61 -16.32 -78.99
C TRP C 74 -2.64 -17.09 -80.31
N ASP C 75 -3.19 -16.47 -81.36
CA ASP C 75 -3.36 -17.17 -82.63
C ASP C 75 -2.02 -17.57 -83.22
N GLU C 76 -1.04 -16.68 -83.19
CA GLU C 76 0.27 -16.97 -83.76
C GLU C 76 0.93 -18.14 -83.05
N ALA C 77 0.94 -18.11 -81.71
CA ALA C 77 1.54 -19.19 -80.95
C ALA C 77 0.83 -20.50 -81.19
N LEU C 78 -0.50 -20.47 -81.22
CA LEU C 78 -1.25 -21.71 -81.47
C LEU C 78 -0.93 -22.28 -82.85
N ASP C 79 -0.87 -21.42 -83.87
CA ASP C 79 -0.58 -21.90 -85.22
C ASP C 79 0.82 -22.48 -85.30
N LYS C 80 1.80 -21.81 -84.70
CA LYS C 80 3.17 -22.29 -84.78
C LYS C 80 3.40 -23.52 -83.91
N LEU C 81 2.56 -23.76 -82.90
CA LEU C 81 2.58 -25.04 -82.21
C LEU C 81 1.95 -26.12 -83.08
N THR C 82 0.83 -25.80 -83.75
CA THR C 82 0.23 -26.73 -84.69
C THR C 82 1.24 -27.14 -85.75
N GLU C 83 2.12 -26.23 -86.15
CA GLU C 83 3.17 -26.56 -87.11
C GLU C 83 3.94 -27.79 -86.64
N LEU C 84 4.55 -27.71 -85.47
CA LEU C 84 5.35 -28.82 -84.95
C LEU C 84 4.47 -30.05 -84.72
N LEU C 85 3.26 -29.84 -84.22
CA LEU C 85 2.39 -30.98 -83.92
C LEU C 85 2.07 -31.78 -85.18
N SER C 86 1.83 -31.09 -86.29
CA SER C 86 1.29 -31.73 -87.49
C SER C 86 2.38 -32.20 -88.46
N SER C 87 3.57 -31.60 -88.44
CA SER C 87 4.52 -31.84 -89.50
C SER C 87 5.78 -32.58 -89.05
N GLU C 88 6.57 -32.02 -88.13
CA GLU C 88 7.91 -32.57 -87.88
C GLU C 88 7.88 -33.70 -86.85
N ASP C 89 7.66 -33.35 -85.58
CA ASP C 89 7.49 -34.33 -84.52
C ASP C 89 7.32 -33.61 -83.19
N ILE C 90 6.62 -34.23 -82.24
CA ILE C 90 6.50 -33.69 -80.89
C ILE C 90 6.26 -34.84 -79.93
N SER C 91 6.88 -34.76 -78.76
CA SER C 91 6.59 -35.65 -77.64
C SER C 91 5.88 -34.84 -76.56
N ILE C 92 4.67 -35.26 -76.20
CA ILE C 92 3.82 -34.51 -75.28
C ILE C 92 3.98 -35.12 -73.89
N LEU C 93 4.47 -34.30 -72.95
CA LEU C 93 4.68 -34.72 -71.57
C LEU C 93 3.85 -33.84 -70.66
N THR C 94 3.23 -34.45 -69.65
CA THR C 94 2.37 -33.74 -68.73
C THR C 94 2.65 -34.20 -67.32
N THR C 95 2.45 -33.29 -66.37
CA THR C 95 2.50 -33.60 -64.95
C THR C 95 1.09 -33.85 -64.44
N GLY C 96 1.00 -34.38 -63.23
CA GLY C 96 -0.29 -34.61 -62.61
C GLY C 96 -0.91 -33.33 -62.10
N THR C 97 -1.15 -32.38 -63.01
CA THR C 97 -1.69 -31.08 -62.61
C THR C 97 -2.85 -30.62 -63.50
N LEU C 98 -3.20 -31.37 -64.53
CA LEU C 98 -4.41 -31.09 -65.29
C LEU C 98 -5.62 -31.68 -64.59
N THR C 99 -6.80 -31.20 -64.98
CA THR C 99 -8.03 -31.82 -64.53
C THR C 99 -8.25 -33.14 -65.29
N ASN C 100 -9.18 -33.95 -64.80
CA ASN C 100 -9.48 -35.21 -65.46
C ASN C 100 -10.02 -34.98 -66.87
N GLU C 101 -10.91 -34.00 -67.02
CA GLU C 101 -11.44 -33.68 -68.34
C GLU C 101 -10.34 -33.20 -69.28
N GLU C 102 -9.42 -32.37 -68.76
CA GLU C 102 -8.30 -31.92 -69.58
C GLU C 102 -7.40 -33.09 -69.97
N ALA C 103 -7.21 -34.05 -69.06
CA ALA C 103 -6.44 -35.23 -69.40
C ALA C 103 -7.10 -36.01 -70.52
N LEU C 104 -8.42 -36.15 -70.47
CA LEU C 104 -9.13 -36.84 -71.55
C LEU C 104 -8.97 -36.10 -72.88
N LYS C 105 -9.10 -34.78 -72.85
CA LYS C 105 -8.94 -34.00 -74.08
C LYS C 105 -7.53 -34.14 -74.66
N LEU C 106 -6.52 -34.12 -73.79
CA LEU C 106 -5.15 -34.28 -74.27
C LEU C 106 -4.89 -35.66 -74.84
N ARG C 107 -5.48 -36.69 -74.24
CA ARG C 107 -5.39 -38.04 -74.82
C ARG C 107 -6.03 -38.08 -76.21
N GLU C 108 -7.11 -37.35 -76.42
CA GLU C 108 -7.68 -37.22 -77.76
C GLU C 108 -6.68 -36.52 -78.69
N ILE C 109 -6.08 -35.43 -78.25
CA ILE C 109 -5.11 -34.73 -79.09
C ILE C 109 -3.99 -35.67 -79.50
N ILE C 110 -3.44 -36.41 -78.54
CA ILE C 110 -2.28 -37.24 -78.81
C ILE C 110 -2.59 -38.22 -79.93
N GLU C 111 -3.66 -38.94 -79.88
CA GLU C 111 -3.83 -40.09 -80.83
C GLU C 111 -4.09 -39.59 -82.21
N ASN C 112 -4.83 -38.54 -82.35
CA ASN C 112 -5.20 -37.92 -83.62
C ASN C 112 -4.02 -37.33 -84.38
N PHE C 113 -3.09 -36.67 -83.73
CA PHE C 113 -2.03 -35.91 -84.36
C PHE C 113 -0.86 -36.84 -84.32
N ASN C 114 -1.09 -38.04 -83.90
CA ASN C 114 0.02 -38.98 -83.94
C ASN C 114 1.24 -38.63 -83.13
N VAL C 115 1.16 -38.64 -81.82
CA VAL C 115 2.39 -38.49 -80.98
C VAL C 115 2.91 -39.86 -80.52
N LYS C 116 4.08 -40.23 -80.98
CA LYS C 116 4.64 -41.58 -80.65
C LYS C 116 4.91 -41.61 -79.17
N LYS C 117 5.44 -40.52 -78.59
CA LYS C 117 5.85 -40.54 -77.16
C LYS C 117 4.94 -39.58 -76.38
N SER C 118 4.33 -40.04 -75.31
CA SER C 118 3.25 -39.37 -74.60
C SER C 118 3.23 -39.83 -73.18
N GLY C 119 2.60 -39.10 -72.35
CA GLY C 119 2.33 -39.61 -71.06
C GLY C 119 2.64 -38.73 -69.96
N LEU C 120 2.52 -39.42 -68.83
CA LEU C 120 2.62 -38.66 -67.61
C LEU C 120 3.99 -38.89 -66.98
N ILE C 121 4.60 -37.81 -66.47
CA ILE C 121 5.91 -37.89 -65.84
C ILE C 121 5.70 -38.37 -64.41
N THR C 122 5.95 -39.65 -64.17
CA THR C 122 5.79 -40.22 -62.85
C THR C 122 6.68 -41.44 -62.72
N VAL C 123 7.19 -41.66 -61.51
CA VAL C 123 8.03 -42.83 -61.25
C VAL C 123 7.22 -44.07 -60.92
N PHE C 124 5.91 -43.95 -60.73
CA PHE C 124 5.11 -45.11 -60.40
C PHE C 124 4.65 -45.82 -61.68
N PRO C 125 4.40 -47.14 -61.61
CA PRO C 125 3.90 -47.85 -62.79
C PRO C 125 2.38 -47.87 -62.86
N GLU C 126 1.83 -48.45 -63.93
CA GLU C 126 0.39 -48.68 -64.00
C GLU C 126 0.05 -49.91 -63.17
N PHE C 127 -0.80 -49.71 -62.16
CA PHE C 127 -1.15 -50.75 -61.21
C PHE C 127 -2.64 -50.69 -60.96
N ASP C 128 -3.17 -51.81 -60.45
CA ASP C 128 -4.56 -51.84 -59.98
C ASP C 128 -4.59 -51.29 -58.55
N TYR C 129 -4.30 -50.00 -58.45
CA TYR C 129 -4.30 -49.34 -57.16
C TYR C 129 -5.70 -49.38 -56.57
N PRO C 130 -5.87 -49.87 -55.34
CA PRO C 130 -7.20 -49.85 -54.73
C PRO C 130 -7.62 -48.44 -54.35
N GLU C 131 -8.93 -48.28 -54.14
CA GLU C 131 -9.47 -47.09 -53.50
C GLU C 131 -9.41 -47.33 -51.99
N ILE C 132 -8.58 -46.55 -51.30
CA ILE C 132 -8.37 -46.70 -49.86
C ILE C 132 -8.66 -45.36 -49.22
N ASP C 133 -9.89 -45.17 -48.74
CA ASP C 133 -10.21 -43.98 -47.95
C ASP C 133 -9.29 -43.94 -46.74
N ILE C 134 -8.56 -42.83 -46.58
CA ILE C 134 -7.55 -42.76 -45.53
C ILE C 134 -8.17 -42.83 -44.14
N ARG C 135 -9.45 -42.47 -44.00
CA ARG C 135 -10.13 -42.64 -42.73
C ARG C 135 -10.09 -44.09 -42.27
N ASN C 136 -9.97 -45.03 -43.22
CA ASN C 136 -9.94 -46.45 -42.90
C ASN C 136 -8.53 -46.97 -42.62
N ILE C 137 -7.50 -46.14 -42.78
CA ILE C 137 -6.14 -46.61 -42.55
C ILE C 137 -5.98 -47.11 -41.12
N ARG C 138 -6.73 -46.53 -40.17
CA ARG C 138 -6.63 -46.94 -38.78
C ARG C 138 -7.11 -48.36 -38.56
N ASP C 139 -7.89 -48.92 -39.48
CA ASP C 139 -8.47 -50.24 -39.29
C ASP C 139 -7.49 -51.37 -39.59
N TYR C 140 -6.38 -51.09 -40.27
CA TYR C 140 -5.47 -52.14 -40.70
C TYR C 140 -4.63 -52.64 -39.54
N ASP C 141 -4.47 -53.96 -39.46
CA ASP C 141 -3.71 -54.56 -38.37
C ASP C 141 -2.22 -54.35 -38.54
N ASN C 142 -1.72 -54.49 -39.77
CA ASN C 142 -0.30 -54.34 -40.05
C ASN C 142 -0.10 -53.36 -41.20
N ILE C 143 0.81 -52.40 -40.98
CA ILE C 143 1.14 -51.40 -41.98
C ILE C 143 2.65 -51.39 -42.15
N ALA C 144 3.10 -51.43 -43.40
CA ALA C 144 4.49 -51.20 -43.77
C ALA C 144 4.58 -49.90 -44.54
N VAL C 145 5.63 -49.13 -44.28
CA VAL C 145 5.86 -47.84 -44.93
C VAL C 145 7.23 -47.87 -45.57
N ILE C 146 7.29 -47.60 -46.86
CA ILE C 146 8.55 -47.48 -47.59
C ILE C 146 8.67 -46.02 -48.03
N GLY C 147 9.75 -45.38 -47.61
CA GLY C 147 9.91 -43.95 -47.74
C GLY C 147 9.53 -43.22 -46.47
N ASP C 148 9.52 -41.89 -46.58
CA ASP C 148 9.15 -41.02 -45.47
C ASP C 148 7.74 -40.49 -45.74
N ALA C 149 6.74 -41.29 -45.34
CA ALA C 149 5.36 -40.93 -45.63
C ALA C 149 4.93 -39.68 -44.87
N ILE C 150 5.43 -39.50 -43.64
CA ILE C 150 5.05 -38.33 -42.85
C ILE C 150 5.51 -37.06 -43.53
N THR C 151 6.74 -37.05 -44.05
CA THR C 151 7.26 -35.83 -44.67
C THR C 151 6.66 -35.60 -46.06
N CYS C 152 6.44 -36.66 -46.82
CA CYS C 152 5.91 -36.51 -48.17
C CYS C 152 4.49 -35.93 -48.13
N ALA C 153 3.61 -36.55 -47.36
CA ALA C 153 2.25 -36.06 -47.15
C ALA C 153 1.95 -36.11 -45.66
N PRO C 154 2.14 -34.99 -44.95
CA PRO C 154 1.91 -35.02 -43.49
C PRO C 154 0.52 -35.49 -43.09
N LEU C 155 -0.51 -35.18 -43.88
CA LEU C 155 -1.88 -35.49 -43.47
C LEU C 155 -2.25 -36.95 -43.68
N ILE C 156 -1.41 -37.73 -44.35
CA ILE C 156 -1.56 -39.18 -44.32
C ILE C 156 -0.73 -39.79 -43.20
N GLY C 157 0.40 -39.17 -42.85
CA GLY C 157 1.10 -39.57 -41.65
C GLY C 157 0.25 -39.39 -40.41
N ARG C 158 -0.65 -38.41 -40.43
CA ARG C 158 -1.63 -38.27 -39.36
C ARG C 158 -2.45 -39.55 -39.20
N ARG C 159 -2.92 -40.10 -40.32
CA ARG C 159 -3.70 -41.34 -40.26
C ARG C 159 -2.84 -42.51 -39.84
N ILE C 160 -1.56 -42.52 -40.21
CA ILE C 160 -0.65 -43.55 -39.71
C ILE C 160 -0.56 -43.48 -38.18
N PHE C 161 -0.50 -42.26 -37.64
CA PHE C 161 -0.49 -42.09 -36.19
C PHE C 161 -1.78 -42.60 -35.57
N HIS C 162 -2.92 -42.31 -36.20
CA HIS C 162 -4.19 -42.85 -35.72
C HIS C 162 -4.14 -44.38 -35.69
N ALA C 163 -3.62 -44.99 -36.75
CA ALA C 163 -3.52 -46.45 -36.81
C ALA C 163 -2.65 -46.98 -35.68
N MET C 164 -1.51 -46.34 -35.43
CA MET C 164 -0.66 -46.78 -34.33
C MET C 164 -1.38 -46.66 -32.99
N ALA C 165 -2.18 -45.61 -32.81
CA ALA C 165 -2.94 -45.48 -31.56
C ALA C 165 -3.89 -46.65 -31.38
N ALA C 166 -4.51 -47.12 -32.45
CA ALA C 166 -5.50 -48.19 -32.39
C ALA C 166 -4.88 -49.59 -32.51
N GLY C 167 -3.60 -49.74 -32.17
CA GLY C 167 -3.00 -51.05 -32.07
C GLY C 167 -2.31 -51.57 -33.31
N ALA C 168 -2.46 -50.89 -34.45
CA ALA C 168 -1.81 -51.35 -35.67
C ALA C 168 -0.29 -51.33 -35.50
N GLU C 169 0.34 -52.41 -35.92
CA GLU C 169 1.80 -52.54 -35.89
C GLU C 169 2.36 -51.94 -37.17
N VAL C 170 3.16 -50.88 -37.03
CA VAL C 170 3.68 -50.12 -38.16
C VAL C 170 5.18 -50.35 -38.24
N ARG C 171 5.65 -50.74 -39.42
CA ARG C 171 7.07 -50.88 -39.70
C ARG C 171 7.44 -49.97 -40.86
N SER C 172 8.61 -49.35 -40.77
CA SER C 172 9.09 -48.41 -41.78
C SER C 172 10.41 -48.91 -42.36
N TYR C 173 10.57 -48.74 -43.67
CA TYR C 173 11.78 -49.11 -44.38
C TYR C 173 12.27 -47.91 -45.16
N ASP C 174 13.56 -47.59 -44.99
CA ASP C 174 14.17 -46.50 -45.74
C ASP C 174 15.67 -46.71 -45.73
N ARG C 175 16.35 -46.00 -46.63
CA ARG C 175 17.81 -45.98 -46.62
C ARG C 175 18.38 -45.07 -45.55
N ARG C 176 17.55 -44.22 -44.93
CA ARG C 176 17.98 -43.28 -43.92
C ARG C 176 17.48 -43.70 -42.55
N ASP C 177 18.24 -43.34 -41.52
CA ASP C 177 17.97 -43.79 -40.16
C ASP C 177 17.39 -42.70 -39.28
N GLU C 178 17.42 -41.43 -39.71
CA GLU C 178 16.88 -40.31 -38.94
C GLU C 178 15.89 -39.56 -39.84
N THR C 179 14.65 -40.03 -39.84
CA THR C 179 13.54 -39.41 -40.55
C THR C 179 12.31 -39.48 -39.67
N ARG C 180 11.34 -38.61 -39.95
CA ARG C 180 10.16 -38.53 -39.09
C ARG C 180 9.48 -39.88 -38.99
N MET C 181 9.27 -40.55 -40.12
CA MET C 181 8.67 -41.88 -40.09
C MET C 181 9.58 -42.87 -39.36
N ALA C 182 10.87 -42.82 -39.63
CA ALA C 182 11.81 -43.70 -38.93
C ALA C 182 11.77 -43.44 -37.43
N VAL C 183 11.72 -42.17 -37.04
CA VAL C 183 11.70 -41.80 -35.62
C VAL C 183 10.43 -42.33 -34.96
N ASN C 184 9.28 -42.16 -35.62
CA ASN C 184 7.99 -42.35 -34.96
C ASN C 184 7.41 -43.74 -35.14
N SER C 185 7.84 -44.50 -36.14
CA SER C 185 7.24 -45.81 -36.36
C SER C 185 7.60 -46.78 -35.24
N GLY C 186 6.82 -47.84 -35.13
CA GLY C 186 7.08 -48.83 -34.09
C GLY C 186 8.41 -49.51 -34.26
N PHE C 187 8.75 -49.90 -35.49
CA PHE C 187 10.01 -50.53 -35.80
C PHE C 187 10.52 -50.00 -37.13
N HIS C 188 11.82 -49.71 -37.20
CA HIS C 188 12.44 -49.16 -38.39
C HIS C 188 13.61 -50.05 -38.82
N ILE C 189 13.78 -50.19 -40.13
CA ILE C 189 14.86 -50.97 -40.71
C ILE C 189 15.56 -50.10 -41.75
N THR C 190 16.85 -49.87 -41.55
CA THR C 190 17.67 -49.19 -42.55
C THR C 190 18.33 -50.24 -43.42
N PHE C 191 18.02 -50.22 -44.72
CA PHE C 191 18.44 -51.25 -45.64
C PHE C 191 19.27 -50.67 -46.77
N SER C 192 20.24 -51.46 -47.23
CA SER C 192 21.02 -51.14 -48.42
C SER C 192 20.68 -52.03 -49.60
N ASP C 193 19.99 -53.13 -49.39
CA ASP C 193 19.57 -54.04 -50.44
C ASP C 193 18.06 -54.22 -50.38
N GLU C 194 17.40 -54.08 -51.53
CA GLU C 194 15.95 -54.26 -51.59
C GLU C 194 15.55 -55.66 -51.15
N ARG C 195 16.47 -56.61 -51.22
CA ARG C 195 16.16 -57.97 -50.79
C ARG C 195 15.74 -58.01 -49.33
N GLU C 196 16.39 -57.22 -48.47
CA GLU C 196 16.02 -57.19 -47.06
C GLU C 196 14.59 -56.70 -46.89
N VAL C 197 14.21 -55.66 -47.64
CA VAL C 197 12.84 -55.15 -47.55
C VAL C 197 11.85 -56.22 -48.00
N LEU C 198 12.15 -56.91 -49.10
CA LEU C 198 11.23 -57.95 -49.58
C LEU C 198 11.13 -59.09 -48.57
N ASN C 199 12.24 -59.47 -47.95
CA ASN C 199 12.21 -60.54 -46.97
C ASN C 199 11.39 -60.13 -45.74
N ASP C 200 11.50 -58.87 -45.32
CA ASP C 200 10.67 -58.42 -44.21
C ASP C 200 9.20 -58.37 -44.59
N LEU C 201 8.90 -57.94 -45.81
CA LEU C 201 7.52 -57.96 -46.28
C LEU C 201 6.98 -59.37 -46.43
N GLN C 202 7.86 -60.36 -46.52
CA GLN C 202 7.42 -61.75 -46.60
C GLN C 202 6.59 -62.16 -45.39
N GLN C 203 6.71 -61.45 -44.27
CA GLN C 203 6.00 -61.80 -43.05
C GLN C 203 4.74 -60.98 -42.84
N LEU C 204 4.37 -60.12 -43.78
CA LEU C 204 3.17 -59.30 -43.63
C LEU C 204 1.92 -60.14 -43.92
N PRO C 205 0.97 -60.23 -43.00
CA PRO C 205 -0.25 -61.00 -43.25
C PRO C 205 -1.06 -60.39 -44.40
N GLY C 206 -2.00 -61.19 -44.90
CA GLY C 206 -2.85 -60.71 -45.97
C GLY C 206 -3.75 -59.58 -45.51
N GLY C 207 -4.03 -58.66 -46.42
CA GLY C 207 -4.83 -57.49 -46.11
C GLY C 207 -4.06 -56.35 -45.47
N SER C 208 -2.77 -56.53 -45.20
CA SER C 208 -1.97 -55.47 -44.63
C SER C 208 -1.85 -54.32 -45.62
N LEU C 209 -1.38 -53.18 -45.13
CA LEU C 209 -1.29 -51.97 -45.94
C LEU C 209 0.16 -51.60 -46.20
N ILE C 210 0.50 -51.47 -47.48
CA ILE C 210 1.81 -51.00 -47.92
C ILE C 210 1.66 -49.56 -48.38
N ILE C 211 2.26 -48.62 -47.66
CA ILE C 211 2.27 -47.22 -48.06
C ILE C 211 3.66 -46.94 -48.62
N ILE C 212 3.71 -46.59 -49.91
CA ILE C 212 4.98 -46.42 -50.60
C ILE C 212 5.06 -45.02 -51.16
N THR C 213 6.16 -44.34 -50.89
CA THR C 213 6.41 -43.00 -51.40
C THR C 213 7.36 -43.05 -52.59
N PRO C 214 7.60 -41.92 -53.25
CA PRO C 214 8.54 -41.90 -54.38
C PRO C 214 9.99 -41.76 -53.96
N GLU C 215 10.31 -41.88 -52.68
CA GLU C 215 11.69 -41.66 -52.23
C GLU C 215 12.65 -42.68 -52.86
N ILE C 216 12.22 -43.94 -52.93
CA ILE C 216 13.06 -44.99 -53.51
C ILE C 216 12.38 -45.49 -54.79
N PRO C 217 12.74 -44.97 -55.96
CA PRO C 217 12.05 -45.40 -57.19
C PRO C 217 12.32 -46.84 -57.56
N GLU C 218 13.44 -47.43 -57.12
CA GLU C 218 13.82 -48.74 -57.62
C GLU C 218 12.97 -49.85 -57.00
N ILE C 219 12.53 -49.66 -55.76
CA ILE C 219 11.79 -50.71 -55.06
C ILE C 219 10.28 -50.62 -55.30
N ILE C 220 9.80 -49.59 -55.99
CA ILE C 220 8.37 -49.50 -56.27
C ILE C 220 7.93 -50.65 -57.15
N GLY C 221 8.69 -50.94 -58.20
CA GLY C 221 8.32 -51.99 -59.12
C GLY C 221 8.20 -53.34 -58.46
N PRO C 222 9.26 -53.77 -57.77
CA PRO C 222 9.18 -55.06 -57.06
C PRO C 222 8.08 -55.12 -56.02
N VAL C 223 7.98 -54.09 -55.17
CA VAL C 223 7.00 -54.13 -54.09
C VAL C 223 5.59 -54.28 -54.65
N LEU C 224 5.24 -53.47 -55.65
CA LEU C 224 3.94 -53.65 -56.28
C LEU C 224 3.75 -55.09 -56.74
N GLU C 225 4.75 -55.65 -57.42
CA GLU C 225 4.70 -57.06 -57.79
C GLU C 225 4.46 -57.92 -56.55
N PHE C 226 5.26 -57.72 -55.51
CA PHE C 226 5.09 -58.50 -54.30
C PHE C 226 3.69 -58.30 -53.71
N SER C 227 3.13 -57.11 -53.89
CA SER C 227 1.81 -56.84 -53.32
C SER C 227 0.72 -57.53 -54.14
N SER C 228 0.98 -57.78 -55.42
CA SER C 228 0.01 -58.49 -56.23
C SER C 228 0.03 -59.98 -55.94
N GLU C 229 1.21 -60.53 -55.64
CA GLU C 229 1.31 -61.95 -55.35
C GLU C 229 0.76 -62.27 -53.96
N ASN C 230 1.01 -61.40 -52.98
CA ASN C 230 0.71 -61.69 -51.58
C ASN C 230 -0.54 -60.98 -51.08
N GLU C 231 -1.32 -60.38 -51.96
CA GLU C 231 -2.63 -59.83 -51.59
C GLU C 231 -2.50 -58.78 -50.50
N PHE C 232 -1.85 -57.68 -50.84
CA PHE C 232 -1.74 -56.50 -50.00
C PHE C 232 -2.51 -55.35 -50.62
N ASP C 233 -2.81 -54.34 -49.81
CA ASP C 233 -3.44 -53.11 -50.28
C ASP C 233 -2.37 -52.03 -50.32
N VAL C 234 -2.18 -51.43 -51.50
CA VAL C 234 -1.09 -50.50 -51.74
C VAL C 234 -1.64 -49.08 -51.78
N LEU C 235 -1.08 -48.21 -50.95
CA LEU C 235 -1.32 -46.78 -50.99
C LEU C 235 -0.08 -46.10 -51.55
N PRO C 236 -0.10 -45.62 -52.79
CA PRO C 236 1.03 -44.84 -53.29
C PRO C 236 0.91 -43.38 -52.90
N ILE C 237 2.06 -42.74 -52.75
CA ILE C 237 2.09 -41.31 -52.51
C ILE C 237 2.73 -40.64 -53.73
N PHE C 238 1.90 -40.27 -54.70
CA PHE C 238 2.37 -39.69 -55.95
C PHE C 238 3.05 -38.35 -55.73
N GLU C 239 3.54 -37.75 -56.80
CA GLU C 239 4.30 -36.52 -56.72
C GLU C 239 3.41 -35.28 -56.84
N ASP C 240 2.46 -35.28 -57.76
CA ASP C 240 1.62 -34.12 -58.03
C ASP C 240 0.22 -34.36 -57.49
N PHE C 241 -0.54 -33.27 -57.34
CA PHE C 241 -1.80 -33.36 -56.63
C PHE C 241 -2.83 -34.19 -57.39
N ASN C 242 -2.83 -34.12 -58.72
CA ASN C 242 -3.76 -34.90 -59.54
C ASN C 242 -3.05 -35.96 -60.37
N THR C 243 -1.99 -36.56 -59.82
CA THR C 243 -1.30 -37.62 -60.54
C THR C 243 -2.23 -38.81 -60.76
N ARG C 244 -3.00 -39.18 -59.73
CA ARG C 244 -3.86 -40.35 -59.86
C ARG C 244 -5.01 -40.10 -60.84
N GLY C 245 -5.55 -38.88 -60.86
CA GLY C 245 -6.60 -38.58 -61.81
C GLY C 245 -6.10 -38.55 -63.25
N VAL C 246 -4.91 -38.00 -63.47
CA VAL C 246 -4.34 -37.96 -64.81
C VAL C 246 -3.93 -39.36 -65.26
N MET C 247 -3.51 -40.21 -64.33
CA MET C 247 -3.03 -41.53 -64.70
C MET C 247 -4.10 -42.33 -65.43
N GLN C 248 -5.37 -42.08 -65.15
CA GLN C 248 -6.44 -42.87 -65.76
C GLN C 248 -6.48 -42.67 -67.27
N HIS C 249 -6.31 -41.43 -67.72
CA HIS C 249 -6.42 -41.12 -69.14
C HIS C 249 -5.10 -41.19 -69.89
N LEU C 250 -3.97 -41.16 -69.20
CA LEU C 250 -2.66 -41.19 -69.82
C LEU C 250 -1.77 -42.21 -69.15
N PRO C 251 -0.84 -42.82 -69.87
CA PRO C 251 0.07 -43.78 -69.26
C PRO C 251 1.34 -43.08 -68.79
N PRO C 252 2.06 -43.67 -67.83
CA PRO C 252 3.31 -43.06 -67.37
C PRO C 252 4.38 -43.15 -68.45
N VAL C 253 4.82 -41.99 -68.93
CA VAL C 253 5.85 -41.93 -69.96
C VAL C 253 7.15 -42.50 -69.43
N PHE C 258 14.66 -36.86 -74.66
CA PHE C 258 13.63 -36.67 -75.68
C PHE C 258 14.13 -35.72 -76.77
N ASP C 259 13.41 -35.67 -77.89
CA ASP C 259 13.84 -34.88 -79.04
C ASP C 259 13.23 -33.47 -79.02
N SER C 260 11.90 -33.39 -79.07
CA SER C 260 11.19 -32.11 -79.00
C SER C 260 9.97 -32.31 -78.13
N VAL C 261 9.85 -31.52 -77.07
CA VAL C 261 8.88 -31.77 -76.01
C VAL C 261 7.91 -30.61 -75.92
N TRP C 262 6.62 -30.94 -75.89
CA TRP C 262 5.58 -30.04 -75.41
C TRP C 262 5.26 -30.44 -73.98
N LEU C 263 5.68 -29.62 -73.03
CA LEU C 263 5.49 -29.89 -71.61
C LEU C 263 4.32 -29.07 -71.09
N ILE C 264 3.30 -29.76 -70.60
CA ILE C 264 2.10 -29.15 -70.04
C ILE C 264 2.16 -29.33 -68.53
N ASP C 265 2.28 -28.22 -67.80
CA ASP C 265 2.33 -28.26 -66.34
C ASP C 265 1.69 -26.98 -65.80
N PRO C 266 0.36 -26.91 -65.81
CA PRO C 266 -0.31 -25.73 -65.25
C PRO C 266 0.00 -25.49 -63.78
N GLY C 267 0.60 -26.45 -63.09
CA GLY C 267 0.97 -26.30 -61.70
C GLY C 267 2.43 -25.99 -61.44
N ALA C 268 3.26 -25.95 -62.48
CA ALA C 268 4.69 -25.70 -62.32
C ALA C 268 5.34 -26.71 -61.38
N ALA C 269 4.94 -27.98 -61.51
CA ALA C 269 5.42 -29.04 -60.64
C ALA C 269 6.36 -30.01 -61.37
N ALA C 270 7.05 -29.53 -62.40
CA ALA C 270 7.88 -30.38 -63.24
C ALA C 270 9.34 -30.20 -62.84
N GLU C 271 9.95 -31.26 -62.34
CA GLU C 271 11.39 -31.28 -62.20
C GLU C 271 12.02 -31.21 -63.59
N PRO C 272 13.11 -30.46 -63.77
CA PRO C 272 13.64 -30.26 -65.13
C PRO C 272 13.90 -31.57 -65.86
N VAL C 273 13.50 -31.60 -67.12
CA VAL C 273 13.67 -32.76 -67.99
C VAL C 273 14.60 -32.39 -69.13
N ASP C 274 15.08 -33.41 -69.83
CA ASP C 274 16.05 -33.24 -70.90
C ASP C 274 15.32 -32.96 -72.21
N VAL C 275 15.67 -31.85 -72.87
CA VAL C 275 15.09 -31.46 -74.14
C VAL C 275 16.23 -31.20 -75.12
N SER C 276 16.14 -31.80 -76.30
CA SER C 276 17.16 -31.64 -77.34
C SER C 276 16.75 -30.66 -78.43
N GLY C 277 15.48 -30.64 -78.80
CA GLY C 277 15.01 -29.79 -79.87
C GLY C 277 14.15 -28.63 -79.39
N LYS C 278 12.95 -28.52 -79.95
CA LYS C 278 12.04 -27.45 -79.56
C LYS C 278 11.41 -27.73 -78.21
N PHE C 279 11.06 -26.66 -77.50
CA PHE C 279 10.48 -26.73 -76.17
C PHE C 279 9.24 -25.86 -76.16
N VAL C 280 8.07 -26.47 -76.03
CA VAL C 280 6.80 -25.75 -75.96
C VAL C 280 6.27 -25.91 -74.54
N LEU C 281 6.35 -24.83 -73.76
CA LEU C 281 5.96 -24.85 -72.35
C LEU C 281 4.56 -24.27 -72.20
N GLN C 282 3.68 -25.03 -71.55
CA GLN C 282 2.31 -24.61 -71.26
C GLN C 282 2.16 -24.66 -69.74
N SER C 283 2.52 -23.58 -69.06
CA SER C 283 2.57 -23.54 -67.61
C SER C 283 2.05 -22.19 -67.14
N ILE C 284 2.30 -21.87 -65.87
CA ILE C 284 1.91 -20.61 -65.29
C ILE C 284 3.10 -19.67 -65.08
N ARG C 285 4.27 -20.20 -64.80
CA ARG C 285 5.48 -19.41 -64.68
C ARG C 285 6.60 -20.08 -65.46
N THR C 286 7.49 -19.26 -66.01
CA THR C 286 8.57 -19.74 -66.89
C THR C 286 9.95 -19.39 -66.35
N GLU C 287 10.06 -19.16 -65.04
CA GLU C 287 11.32 -18.66 -64.49
C GLU C 287 12.47 -19.63 -64.74
N GLY C 288 12.23 -20.93 -64.56
CA GLY C 288 13.34 -21.87 -64.55
C GLY C 288 14.07 -21.94 -65.87
N LEU C 289 13.35 -21.95 -66.99
CA LEU C 289 13.95 -22.23 -68.29
C LEU C 289 13.70 -21.13 -69.30
N THR C 290 14.09 -21.39 -70.55
CA THR C 290 13.94 -20.45 -71.67
C THR C 290 13.21 -21.16 -72.79
N PRO C 291 11.91 -21.36 -72.65
CA PRO C 291 11.18 -22.13 -73.67
C PRO C 291 11.16 -21.43 -75.02
N ASP C 292 11.08 -22.24 -76.07
CA ASP C 292 10.95 -21.69 -77.41
C ASP C 292 9.67 -20.88 -77.55
N ILE C 293 8.57 -21.39 -77.01
CA ILE C 293 7.29 -20.68 -77.01
C ILE C 293 6.59 -20.96 -75.69
N PHE C 294 5.96 -19.93 -75.14
CA PHE C 294 5.27 -20.03 -73.86
C PHE C 294 3.77 -19.91 -74.07
N LEU C 295 3.02 -20.81 -73.43
CA LEU C 295 1.55 -20.82 -73.46
C LEU C 295 1.06 -20.65 -72.02
N PRO C 296 0.77 -19.43 -71.57
CA PRO C 296 0.30 -19.26 -70.19
C PRO C 296 -1.11 -19.80 -70.03
N VAL C 297 -1.30 -20.61 -68.98
CA VAL C 297 -2.58 -21.24 -68.72
C VAL C 297 -3.09 -20.79 -67.35
N ALA C 298 -4.35 -21.14 -67.09
CA ALA C 298 -4.97 -20.84 -65.80
C ALA C 298 -4.48 -21.82 -64.74
N ALA C 299 -4.47 -21.35 -63.49
CA ALA C 299 -3.91 -22.10 -62.40
C ALA C 299 -4.87 -23.17 -61.89
N TRP C 300 -4.34 -24.05 -61.04
CA TRP C 300 -5.15 -25.07 -60.36
C TRP C 300 -6.50 -24.56 -59.91
N CYS C 301 -6.53 -23.43 -59.23
CA CYS C 301 -7.74 -22.94 -58.55
C CYS C 301 -8.60 -22.06 -59.44
N GLU C 302 -8.19 -21.79 -60.68
CA GLU C 302 -8.92 -20.94 -61.59
C GLU C 302 -9.64 -21.74 -62.68
N LYS C 303 -9.94 -23.00 -62.40
CA LYS C 303 -10.51 -23.91 -63.39
C LYS C 303 -11.75 -24.58 -62.82
N SER C 304 -12.62 -25.03 -63.72
CA SER C 304 -13.73 -25.90 -63.39
C SER C 304 -13.33 -27.32 -63.76
N GLY C 305 -13.39 -28.23 -62.80
CA GLY C 305 -13.02 -29.60 -63.10
C GLY C 305 -12.74 -30.39 -61.84
N SER C 306 -12.35 -31.65 -62.06
CA SER C 306 -12.21 -32.60 -60.98
C SER C 306 -10.76 -33.01 -60.80
N TYR C 307 -10.39 -33.33 -59.56
CA TYR C 307 -9.07 -33.84 -59.23
C TYR C 307 -9.21 -35.08 -58.35
N THR C 308 -8.29 -36.01 -58.51
CA THR C 308 -8.25 -37.23 -57.70
C THR C 308 -6.96 -37.24 -56.89
N SER C 309 -7.08 -37.54 -55.59
CA SER C 309 -5.94 -37.62 -54.71
C SER C 309 -5.36 -39.03 -54.72
N THR C 310 -4.26 -39.21 -53.99
CA THR C 310 -3.59 -40.51 -53.98
C THR C 310 -4.52 -41.63 -53.54
N ALA C 311 -5.25 -41.40 -52.45
CA ALA C 311 -6.17 -42.41 -51.97
C ALA C 311 -7.25 -42.73 -53.00
N GLY C 312 -7.55 -41.78 -53.88
CA GLY C 312 -8.60 -41.93 -54.87
C GLY C 312 -9.79 -41.01 -54.66
N TYR C 313 -9.74 -40.12 -53.67
CA TYR C 313 -10.86 -39.23 -53.42
C TYR C 313 -10.96 -38.20 -54.52
N THR C 314 -12.07 -38.22 -55.26
CA THR C 314 -12.29 -37.26 -56.33
C THR C 314 -13.04 -36.05 -55.78
N MET C 315 -12.71 -34.88 -56.32
CA MET C 315 -13.23 -33.62 -55.83
C MET C 315 -13.47 -32.72 -57.03
N LYS C 316 -14.74 -32.38 -57.26
CA LYS C 316 -15.12 -31.44 -58.30
C LYS C 316 -15.03 -30.03 -57.75
N LEU C 317 -14.50 -29.12 -58.56
CA LEU C 317 -14.13 -27.79 -58.11
C LEU C 317 -14.60 -26.75 -59.12
N GLU C 318 -15.07 -25.64 -58.60
CA GLU C 318 -15.37 -24.43 -59.35
C GLU C 318 -14.23 -23.44 -59.20
N PRO C 319 -14.12 -22.48 -60.11
CA PRO C 319 -13.03 -21.50 -60.00
C PRO C 319 -13.08 -20.70 -58.71
N ALA C 320 -12.09 -20.88 -57.85
CA ALA C 320 -12.00 -20.06 -56.64
C ALA C 320 -11.48 -18.66 -56.96
N LEU C 321 -10.69 -18.53 -58.02
CA LEU C 321 -10.16 -17.24 -58.45
C LEU C 321 -10.44 -17.07 -59.93
N GLN C 322 -10.48 -15.82 -60.36
CA GLN C 322 -10.65 -15.50 -61.77
C GLN C 322 -9.31 -15.58 -62.48
N ALA C 323 -9.28 -16.30 -63.59
CA ALA C 323 -8.03 -16.43 -64.34
C ALA C 323 -7.61 -15.06 -64.87
N PRO C 324 -6.32 -14.72 -64.81
CA PRO C 324 -5.88 -13.44 -65.33
C PRO C 324 -6.19 -13.29 -66.81
N GLU C 325 -6.44 -12.07 -67.24
CA GLU C 325 -6.73 -11.81 -68.65
C GLU C 325 -5.51 -12.15 -69.49
N GLY C 326 -5.75 -12.85 -70.61
CA GLY C 326 -4.70 -13.27 -71.50
C GLY C 326 -4.30 -14.72 -71.40
N VAL C 327 -4.70 -15.42 -70.34
CA VAL C 327 -4.39 -16.82 -70.18
C VAL C 327 -5.63 -17.64 -70.50
N LEU C 328 -5.41 -18.92 -70.80
CA LEU C 328 -6.49 -19.83 -71.12
C LEU C 328 -6.31 -21.13 -70.35
N SER C 329 -7.43 -21.75 -69.99
CA SER C 329 -7.36 -23.08 -69.41
C SER C 329 -6.78 -24.05 -70.44
N ASP C 330 -6.13 -25.11 -69.94
CA ASP C 330 -5.52 -26.08 -70.84
C ASP C 330 -6.52 -26.64 -71.83
N MET C 331 -7.78 -26.82 -71.44
CA MET C 331 -8.77 -27.39 -72.34
C MET C 331 -9.14 -26.44 -73.47
N GLU C 332 -9.14 -25.13 -73.22
CA GLU C 332 -9.36 -24.19 -74.31
C GLU C 332 -8.24 -24.28 -75.33
N ILE C 333 -6.99 -24.35 -74.88
CA ILE C 333 -5.86 -24.49 -75.79
C ILE C 333 -5.99 -25.79 -76.57
N PHE C 334 -6.36 -26.87 -75.88
CA PHE C 334 -6.51 -28.17 -76.52
C PHE C 334 -7.60 -28.13 -77.59
N GLU C 335 -8.74 -27.54 -77.27
CA GLU C 335 -9.84 -27.47 -78.22
C GLU C 335 -9.47 -26.60 -79.42
N ARG C 336 -8.70 -25.53 -79.18
CA ARG C 336 -8.23 -24.73 -80.30
C ARG C 336 -7.27 -25.53 -81.18
N ILE C 337 -6.36 -26.28 -80.56
CA ILE C 337 -5.43 -27.09 -81.34
C ILE C 337 -6.18 -28.10 -82.19
N LEU C 338 -7.21 -28.75 -81.63
CA LEU C 338 -7.96 -29.74 -82.38
C LEU C 338 -8.79 -29.10 -83.49
N ARG C 339 -9.53 -28.04 -83.17
CA ARG C 339 -10.44 -27.43 -84.13
C ARG C 339 -9.72 -26.59 -85.17
N ALA C 340 -8.65 -25.90 -84.77
CA ALA C 340 -7.93 -25.01 -85.68
C ALA C 340 -7.61 -25.69 -87.01
N PHE D 3 28.86 -36.05 -10.97
CA PHE D 3 28.02 -35.22 -11.82
C PHE D 3 28.25 -33.74 -11.54
N GLU D 4 28.69 -33.01 -12.56
CA GLU D 4 28.91 -31.58 -12.46
C GLU D 4 27.83 -30.83 -13.23
N PRO D 5 26.88 -30.18 -12.57
CA PRO D 5 25.82 -29.50 -13.32
C PRO D 5 26.32 -28.27 -14.05
N LYS D 6 25.63 -27.94 -15.14
CA LYS D 6 25.92 -26.76 -15.93
C LYS D 6 24.92 -25.67 -15.59
N ILE D 7 25.41 -24.55 -15.04
CA ILE D 7 24.57 -23.47 -14.55
C ILE D 7 24.90 -22.21 -15.32
N VAL D 8 23.85 -21.54 -15.81
CA VAL D 8 23.97 -20.28 -16.54
C VAL D 8 23.34 -19.20 -15.69
N GLY D 9 24.05 -18.09 -15.51
CA GLY D 9 23.59 -17.01 -14.66
C GLY D 9 23.43 -15.72 -15.45
N PHE D 10 22.39 -14.96 -15.11
CA PHE D 10 22.19 -13.61 -15.61
C PHE D 10 22.25 -12.66 -14.42
N CYS D 11 23.11 -11.65 -14.51
CA CYS D 11 23.32 -10.72 -13.41
C CYS D 11 23.26 -9.30 -13.93
N CYS D 12 22.45 -8.47 -13.27
CA CYS D 12 22.35 -7.07 -13.65
C CYS D 12 23.67 -6.36 -13.38
N ASN D 13 23.99 -5.40 -14.25
CA ASN D 13 25.28 -4.72 -14.17
C ASN D 13 25.47 -4.04 -12.82
N TRP D 14 24.41 -3.48 -12.27
CA TRP D 14 24.54 -2.49 -11.21
C TRP D 14 24.61 -3.12 -9.82
N CYS D 15 23.88 -4.20 -9.56
CA CYS D 15 23.91 -4.82 -8.24
C CYS D 15 24.41 -6.26 -8.27
N SER D 16 23.84 -7.08 -8.98
CA SER D 16 24.18 -8.50 -8.91
C SER D 16 25.51 -8.82 -9.54
N TYR D 17 25.89 -8.19 -10.63
CA TYR D 17 27.27 -8.26 -11.11
C TYR D 17 28.23 -7.67 -10.09
N GLY D 18 27.85 -6.54 -9.49
CA GLY D 18 28.64 -5.97 -8.42
C GLY D 18 28.74 -6.88 -7.22
N GLY D 19 27.67 -7.62 -6.92
CA GLY D 19 27.73 -8.57 -5.82
C GLY D 19 28.71 -9.69 -6.08
N ALA D 20 28.71 -10.23 -7.30
CA ALA D 20 29.70 -11.25 -7.64
C ALA D 20 31.12 -10.68 -7.61
N ASP D 21 31.30 -9.44 -8.07
CA ASP D 21 32.60 -8.81 -7.97
C ASP D 21 33.03 -8.64 -6.53
N THR D 22 32.10 -8.25 -5.65
CA THR D 22 32.42 -8.12 -4.24
C THR D 22 32.82 -9.45 -3.63
N ALA D 23 32.11 -10.51 -4.00
CA ALA D 23 32.49 -11.85 -3.53
C ALA D 23 33.89 -12.20 -4.00
N GLY D 24 34.22 -11.85 -5.25
CA GLY D 24 35.56 -12.14 -5.74
C GLY D 24 36.64 -11.35 -5.04
N THR D 25 36.38 -10.07 -4.75
CA THR D 25 37.39 -9.24 -4.11
C THR D 25 37.69 -9.75 -2.70
N ALA D 26 36.68 -10.23 -1.99
CA ALA D 26 36.86 -10.79 -0.65
C ALA D 26 37.40 -12.21 -0.67
N ARG D 27 37.59 -12.79 -1.86
CA ARG D 27 38.12 -14.15 -1.99
C ARG D 27 37.20 -15.17 -1.32
N MET D 28 35.91 -15.04 -1.58
CA MET D 28 34.92 -16.01 -1.10
C MET D 28 34.72 -17.07 -2.17
N GLN D 29 34.92 -18.34 -1.80
CA GLN D 29 34.97 -19.44 -2.74
C GLN D 29 33.60 -20.08 -2.91
N TYR D 30 33.17 -20.26 -4.15
CA TYR D 30 31.97 -20.97 -4.50
C TYR D 30 32.24 -21.85 -5.71
N PRO D 31 31.37 -22.82 -5.97
CA PRO D 31 31.68 -23.84 -6.99
C PRO D 31 31.87 -23.23 -8.36
N PRO D 32 32.72 -23.82 -9.21
CA PRO D 32 33.04 -23.20 -10.50
C PRO D 32 31.99 -23.39 -11.59
N ASN D 33 30.83 -23.94 -11.24
CA ASN D 33 29.89 -24.40 -12.26
C ASN D 33 29.16 -23.26 -12.96
N VAL D 34 28.98 -22.12 -12.29
CA VAL D 34 28.14 -21.05 -12.83
C VAL D 34 28.93 -20.25 -13.87
N ARG D 35 28.22 -19.85 -14.93
CA ARG D 35 28.74 -18.92 -15.92
C ARG D 35 27.81 -17.71 -15.95
N ILE D 36 28.36 -16.52 -15.75
CA ILE D 36 27.56 -15.31 -15.56
C ILE D 36 27.53 -14.52 -16.85
N ILE D 37 26.34 -14.13 -17.28
CA ILE D 37 26.12 -13.25 -18.42
C ILE D 37 25.64 -11.91 -17.87
N ARG D 38 26.22 -10.82 -18.38
CA ARG D 38 25.98 -9.49 -17.84
C ARG D 38 24.93 -8.77 -18.67
N VAL D 39 23.93 -8.22 -17.99
CA VAL D 39 22.93 -7.35 -18.59
C VAL D 39 22.87 -6.08 -17.77
N MET D 40 22.33 -5.02 -18.38
CA MET D 40 22.23 -3.75 -17.66
C MET D 40 21.24 -3.85 -16.52
N CYS D 41 20.11 -4.51 -16.74
CA CYS D 41 19.05 -4.62 -15.74
C CYS D 41 18.45 -6.01 -15.84
N SER D 42 17.89 -6.48 -14.73
CA SER D 42 17.17 -7.74 -14.77
C SER D 42 15.90 -7.63 -15.59
N GLY D 43 15.42 -6.41 -15.83
CA GLY D 43 14.31 -6.21 -16.76
C GLY D 43 14.63 -6.56 -18.19
N ARG D 44 15.91 -6.77 -18.52
CA ARG D 44 16.30 -7.24 -19.84
C ARG D 44 16.02 -8.72 -20.02
N VAL D 45 15.94 -9.49 -18.95
CA VAL D 45 15.76 -10.94 -19.05
C VAL D 45 14.29 -11.25 -19.27
N ASN D 46 14.02 -12.21 -20.16
CA ASN D 46 12.68 -12.70 -20.42
C ASN D 46 12.70 -14.22 -20.44
N ALA D 47 11.54 -14.81 -20.72
CA ALA D 47 11.43 -16.27 -20.71
C ALA D 47 12.22 -16.91 -21.85
N SER D 48 12.39 -16.20 -22.96
CA SER D 48 13.13 -16.78 -24.08
C SER D 48 14.55 -17.13 -23.67
N MET D 49 15.21 -16.25 -22.90
CA MET D 49 16.57 -16.54 -22.45
C MET D 49 16.61 -17.77 -21.57
N ILE D 50 15.68 -17.88 -20.61
CA ILE D 50 15.69 -19.02 -19.69
C ILE D 50 15.43 -20.31 -20.45
N LEU D 51 14.44 -20.29 -21.35
CA LEU D 51 14.11 -21.48 -22.11
C LEU D 51 15.25 -21.89 -23.03
N LYS D 52 15.93 -20.91 -23.65
CA LYS D 52 17.10 -21.22 -24.46
C LYS D 52 18.19 -21.85 -23.61
N ALA D 53 18.45 -21.30 -22.43
CA ALA D 53 19.49 -21.86 -21.57
C ALA D 53 19.17 -23.29 -21.19
N PHE D 54 17.91 -23.57 -20.85
CA PHE D 54 17.54 -24.93 -20.48
C PHE D 54 17.61 -25.87 -21.67
N SER D 55 17.22 -25.39 -22.86
CA SER D 55 17.23 -26.23 -24.05
C SER D 55 18.65 -26.46 -24.59
N GLU D 56 19.58 -25.55 -24.32
CA GLU D 56 20.96 -25.71 -24.75
C GLU D 56 21.77 -26.59 -23.80
N GLY D 57 21.19 -27.05 -22.69
CA GLY D 57 21.85 -28.03 -21.85
C GLY D 57 22.16 -27.57 -20.44
N ALA D 58 21.57 -26.46 -20.02
CA ALA D 58 21.78 -25.98 -18.66
C ALA D 58 20.99 -26.82 -17.67
N ASP D 59 21.65 -27.27 -16.61
CA ASP D 59 20.97 -27.98 -15.54
C ASP D 59 20.28 -27.05 -14.57
N GLY D 60 20.75 -25.81 -14.45
CA GLY D 60 20.09 -24.82 -13.64
C GLY D 60 20.34 -23.44 -14.20
N VAL D 61 19.41 -22.53 -13.96
CA VAL D 61 19.49 -21.17 -14.47
C VAL D 61 19.28 -20.20 -13.31
N PHE D 62 20.22 -19.28 -13.15
CA PHE D 62 20.18 -18.29 -12.09
C PHE D 62 20.01 -16.90 -12.69
N VAL D 63 19.14 -16.10 -12.08
CA VAL D 63 18.99 -14.69 -12.42
C VAL D 63 19.18 -13.88 -11.15
N GLY D 64 20.01 -12.85 -11.22
CA GLY D 64 20.26 -12.00 -10.08
C GLY D 64 20.00 -10.55 -10.40
N GLY D 65 19.14 -9.90 -9.60
CA GLY D 65 18.78 -8.52 -9.83
C GLY D 65 18.99 -7.69 -8.57
N CYS D 66 18.63 -6.41 -8.70
CA CYS D 66 18.66 -5.49 -7.57
C CYS D 66 17.49 -5.74 -6.65
N HIS D 67 17.61 -5.53 -5.40
CA HIS D 67 16.48 -5.60 -4.47
C HIS D 67 15.38 -4.68 -4.81
N ILE D 68 14.17 -5.09 -4.60
CA ILE D 68 12.99 -4.34 -5.00
C ILE D 68 13.05 -2.96 -4.36
N GLY D 69 13.06 -1.93 -5.20
CA GLY D 69 13.27 -0.56 -4.77
C GLY D 69 14.66 -0.04 -5.06
N ASP D 70 15.61 -0.91 -5.37
CA ASP D 70 16.99 -0.52 -5.61
C ASP D 70 17.37 -0.47 -7.09
N CYS D 71 16.44 -0.78 -7.99
CA CYS D 71 16.77 -0.89 -9.40
C CYS D 71 17.36 0.42 -9.91
N HIS D 72 18.48 0.31 -10.63
CA HIS D 72 19.14 1.47 -11.21
C HIS D 72 18.28 2.16 -12.26
N TYR D 73 17.26 1.48 -12.79
CA TYR D 73 16.35 2.04 -13.77
C TYR D 73 14.93 2.16 -13.20
N ASP D 74 14.81 1.98 -11.88
CA ASP D 74 13.66 2.35 -11.08
C ASP D 74 12.45 1.41 -11.15
N SER D 75 12.35 0.54 -12.15
CA SER D 75 11.25 -0.42 -12.15
C SER D 75 11.56 -1.73 -12.88
N GLY D 76 12.78 -1.93 -13.37
CA GLY D 76 13.03 -3.08 -14.22
C GLY D 76 12.83 -4.40 -13.49
N ASN D 77 13.26 -4.47 -12.24
CA ASN D 77 13.15 -5.72 -11.49
C ASN D 77 11.69 -6.08 -11.21
N TYR D 78 10.79 -5.11 -11.27
CA TYR D 78 9.37 -5.42 -11.12
C TYR D 78 8.85 -6.22 -12.31
N LYS D 79 9.15 -5.74 -13.52
CA LYS D 79 8.80 -6.49 -14.72
C LYS D 79 9.47 -7.86 -14.71
N TRP D 80 10.74 -7.90 -14.30
CA TRP D 80 11.43 -9.19 -14.25
C TRP D 80 10.75 -10.13 -13.25
N LYS D 81 10.31 -9.62 -12.11
CA LYS D 81 9.66 -10.47 -11.12
C LYS D 81 8.35 -11.04 -11.66
N ARG D 82 7.57 -10.21 -12.35
CA ARG D 82 6.37 -10.73 -13.01
C ARG D 82 6.73 -11.86 -13.96
N ARG D 83 7.71 -11.62 -14.84
CA ARG D 83 8.10 -12.64 -15.79
C ARG D 83 8.60 -13.89 -15.10
N ALA D 84 9.31 -13.74 -13.99
CA ALA D 84 9.85 -14.89 -13.27
C ALA D 84 8.75 -15.73 -12.66
N ARG D 85 7.72 -15.11 -12.11
CA ARG D 85 6.59 -15.88 -11.59
C ARG D 85 5.90 -16.64 -12.72
N PHE D 86 5.68 -15.98 -13.87
CA PHE D 86 5.07 -16.68 -14.99
C PHE D 86 5.96 -17.82 -15.48
N ILE D 87 7.28 -17.62 -15.47
CA ILE D 87 8.20 -18.67 -15.90
C ILE D 87 8.17 -19.85 -14.94
N GLU D 88 8.02 -19.57 -13.64
CA GLU D 88 7.86 -20.66 -12.69
C GLU D 88 6.59 -21.44 -12.98
N ASP D 89 5.54 -20.75 -13.40
CA ASP D 89 4.33 -21.46 -13.83
C ASP D 89 4.61 -22.33 -15.06
N ILE D 90 5.35 -21.79 -16.03
CA ILE D 90 5.52 -22.48 -17.31
C ILE D 90 6.45 -23.69 -17.17
N LEU D 91 7.54 -23.55 -16.41
CA LEU D 91 8.63 -24.52 -16.51
C LEU D 91 8.23 -25.94 -16.16
N PRO D 92 7.49 -26.21 -15.08
CA PRO D 92 7.16 -27.61 -14.75
C PRO D 92 6.31 -28.30 -15.80
N GLU D 93 5.62 -27.55 -16.67
CA GLU D 93 4.80 -28.18 -17.70
C GLU D 93 5.63 -28.98 -18.69
N PHE D 94 6.95 -28.74 -18.73
CA PHE D 94 7.83 -29.43 -19.67
C PHE D 94 8.89 -30.26 -18.93
N GLY D 95 8.63 -30.64 -17.69
CA GLY D 95 9.49 -31.54 -16.96
C GLY D 95 10.68 -30.90 -16.29
N ILE D 96 10.70 -29.58 -16.14
CA ILE D 96 11.80 -28.88 -15.50
C ILE D 96 11.35 -28.50 -14.10
N ASP D 97 11.99 -29.11 -13.09
CA ASP D 97 11.71 -28.77 -11.71
C ASP D 97 12.03 -27.30 -11.47
N LYS D 98 11.10 -26.58 -10.85
CA LYS D 98 11.32 -25.14 -10.66
C LYS D 98 12.45 -24.85 -9.69
N GLU D 99 12.95 -25.86 -8.97
CA GLU D 99 14.17 -25.69 -8.20
C GLU D 99 15.37 -25.43 -9.09
N ARG D 100 15.31 -25.85 -10.35
CA ARG D 100 16.38 -25.59 -11.31
C ARG D 100 16.42 -24.14 -11.76
N PHE D 101 15.39 -23.35 -11.44
CA PHE D 101 15.32 -21.95 -11.82
C PHE D 101 15.34 -21.12 -10.53
N ARG D 102 16.43 -20.40 -10.32
CA ARG D 102 16.61 -19.61 -9.10
C ARG D 102 16.81 -18.14 -9.46
N TRP D 103 15.93 -17.29 -8.96
CA TRP D 103 16.04 -15.86 -9.16
C TRP D 103 16.09 -15.17 -7.81
N GLU D 104 17.09 -14.30 -7.63
CA GLU D 104 17.35 -13.68 -6.34
C GLU D 104 17.69 -12.21 -6.53
N TRP D 105 17.53 -11.45 -5.46
CA TRP D 105 17.96 -10.06 -5.42
C TRP D 105 19.28 -9.99 -4.65
N ILE D 106 20.31 -9.46 -5.30
CA ILE D 106 21.63 -9.33 -4.72
C ILE D 106 22.07 -7.88 -4.90
N SER D 107 22.56 -7.27 -3.84
CA SER D 107 23.10 -5.92 -3.93
C SER D 107 24.59 -5.97 -4.24
N ALA D 108 25.12 -4.82 -4.66
CA ALA D 108 26.52 -4.76 -5.08
C ALA D 108 27.48 -5.03 -3.94
N SER D 109 27.02 -4.97 -2.69
CA SER D 109 27.86 -5.20 -1.53
C SER D 109 27.63 -6.55 -0.88
N GLU D 110 26.73 -7.37 -1.41
CA GLU D 110 26.38 -8.66 -0.79
C GLU D 110 27.19 -9.80 -1.40
N GLY D 111 28.51 -9.73 -1.20
CA GLY D 111 29.36 -10.81 -1.64
C GLY D 111 29.06 -12.12 -0.94
N GLU D 112 28.82 -12.06 0.37
CA GLU D 112 28.49 -13.27 1.12
C GLU D 112 27.17 -13.86 0.66
N LYS D 113 26.17 -13.02 0.40
CA LYS D 113 24.89 -13.52 -0.11
C LYS D 113 25.09 -14.22 -1.44
N PHE D 114 25.88 -13.62 -2.34
CA PHE D 114 26.15 -14.25 -3.63
C PHE D 114 26.84 -15.60 -3.45
N GLN D 115 27.84 -15.64 -2.58
CA GLN D 115 28.58 -16.89 -2.37
C GLN D 115 27.67 -17.98 -1.81
N LYS D 116 26.86 -17.65 -0.82
CA LYS D 116 25.96 -18.63 -0.25
C LYS D 116 24.90 -19.08 -1.26
N THR D 117 24.36 -18.14 -2.03
CA THR D 117 23.38 -18.49 -3.04
C THR D 117 23.97 -19.44 -4.07
N MET D 118 25.20 -19.17 -4.52
CA MET D 118 25.85 -20.05 -5.47
C MET D 118 26.10 -21.42 -4.88
N GLN D 119 26.57 -21.50 -3.63
CA GLN D 119 26.81 -22.79 -3.01
C GLN D 119 25.53 -23.60 -2.91
N GLU D 120 24.46 -22.98 -2.40
CA GLU D 120 23.21 -23.71 -2.23
C GLU D 120 22.60 -24.10 -3.57
N PHE D 121 22.64 -23.21 -4.56
CA PHE D 121 22.10 -23.55 -5.86
C PHE D 121 22.86 -24.70 -6.50
N TYR D 122 24.20 -24.68 -6.38
CA TYR D 122 24.98 -25.79 -6.91
C TYR D 122 24.62 -27.09 -6.22
N GLU D 123 24.49 -27.08 -4.89
CA GLU D 123 24.15 -28.29 -4.18
C GLU D 123 22.77 -28.80 -4.60
N THR D 124 21.79 -27.88 -4.72
CA THR D 124 20.45 -28.27 -5.11
C THR D 124 20.43 -28.90 -6.49
N VAL D 125 21.07 -28.24 -7.46
CA VAL D 125 21.07 -28.76 -8.82
C VAL D 125 21.80 -30.10 -8.89
N LYS D 126 22.91 -30.22 -8.16
CA LYS D 126 23.64 -31.47 -8.12
C LYS D 126 22.78 -32.59 -7.56
N TYR D 127 22.03 -32.30 -6.50
CA TYR D 127 21.14 -33.31 -5.93
C TYR D 127 20.05 -33.71 -6.92
N LEU D 128 19.51 -32.73 -7.65
CA LEU D 128 18.46 -33.03 -8.61
C LEU D 128 18.96 -33.95 -9.72
N GLY D 129 20.19 -33.74 -10.18
CA GLY D 129 20.78 -34.57 -11.19
C GLY D 129 20.61 -33.98 -12.58
N PRO D 130 21.09 -34.70 -13.60
CA PRO D 130 20.98 -34.20 -14.97
C PRO D 130 19.52 -34.00 -15.37
N LEU D 131 19.29 -32.97 -16.18
CA LEU D 131 17.95 -32.67 -16.67
C LEU D 131 17.66 -33.48 -17.94
N MET E 1 -45.18 -7.55 -10.62
CA MET E 1 -44.12 -8.57 -10.38
C MET E 1 -44.43 -9.38 -9.12
N GLU E 2 -43.53 -10.30 -8.78
CA GLU E 2 -43.69 -11.17 -7.63
C GLU E 2 -42.52 -10.97 -6.68
N ILE E 3 -42.78 -11.14 -5.39
CA ILE E 3 -41.75 -10.99 -4.37
C ILE E 3 -42.18 -11.76 -3.13
N ALA E 4 -41.24 -12.51 -2.56
CA ALA E 4 -41.49 -13.21 -1.32
C ALA E 4 -41.68 -12.22 -0.18
N TYR E 5 -42.62 -12.51 0.71
CA TYR E 5 -43.04 -11.59 1.77
C TYR E 5 -42.67 -12.18 3.11
N PHE E 6 -41.77 -11.51 3.83
CA PHE E 6 -41.33 -11.93 5.15
C PHE E 6 -42.03 -11.06 6.20
N LEU E 7 -42.56 -11.70 7.24
CA LEU E 7 -43.39 -11.03 8.23
C LEU E 7 -42.63 -10.64 9.50
N GLY E 8 -41.74 -11.50 9.99
CA GLY E 8 -41.10 -11.25 11.26
C GLY E 8 -41.96 -11.75 12.42
N CYS E 9 -41.89 -11.04 13.53
CA CYS E 9 -42.71 -11.35 14.70
C CYS E 9 -43.64 -10.22 15.08
N ILE E 10 -43.13 -9.01 15.26
CA ILE E 10 -43.92 -7.94 15.86
C ILE E 10 -45.09 -7.57 14.96
N MET E 11 -44.85 -7.43 13.67
CA MET E 11 -45.91 -6.99 12.76
C MET E 11 -47.05 -7.99 12.72
N ASN E 12 -46.73 -9.28 12.62
CA ASN E 12 -47.76 -10.31 12.51
C ASN E 12 -48.27 -10.80 13.86
N ASN E 13 -47.59 -10.46 14.95
CA ASN E 13 -47.99 -10.93 16.28
C ASN E 13 -48.35 -9.81 17.24
N ARG E 14 -48.11 -8.54 16.89
CA ARG E 14 -48.47 -7.44 17.76
C ARG E 14 -49.21 -6.33 17.04
N TYR E 15 -48.91 -6.12 15.75
CA TYR E 15 -49.46 -5.01 14.98
C TYR E 15 -49.91 -5.50 13.61
N PRO E 16 -51.00 -6.27 13.56
CA PRO E 16 -51.48 -6.77 12.25
C PRO E 16 -51.92 -5.67 11.30
N GLY E 17 -52.21 -4.47 11.80
CA GLY E 17 -52.60 -3.38 10.91
C GLY E 17 -51.54 -3.05 9.89
N ILE E 18 -50.28 -3.11 10.29
CA ILE E 18 -49.18 -2.89 9.35
C ILE E 18 -49.26 -3.90 8.22
N GLU E 19 -49.46 -5.18 8.57
CA GLU E 19 -49.54 -6.23 7.55
C GLU E 19 -50.72 -6.00 6.62
N LYS E 20 -51.88 -5.65 7.18
CA LYS E 20 -53.07 -5.46 6.35
C LYS E 20 -52.87 -4.29 5.39
N ALA E 21 -52.34 -3.18 5.90
CA ALA E 21 -52.11 -2.01 5.05
C ALA E 21 -51.11 -2.32 3.95
N THR E 22 -50.03 -3.05 4.29
CA THR E 22 -49.05 -3.41 3.28
C THR E 22 -49.67 -4.30 2.20
N ARG E 23 -50.47 -5.29 2.60
CA ARG E 23 -51.09 -6.18 1.63
C ARG E 23 -52.01 -5.40 0.71
N VAL E 24 -52.83 -4.51 1.27
CA VAL E 24 -53.75 -3.74 0.44
C VAL E 24 -52.97 -2.85 -0.53
N LEU E 25 -51.94 -2.16 -0.02
CA LEU E 25 -51.18 -1.25 -0.86
C LEU E 25 -50.51 -2.00 -2.01
N PHE E 26 -49.90 -3.16 -1.72
CA PHE E 26 -49.24 -3.90 -2.78
C PHE E 26 -50.05 -4.59 -3.86
N ASP E 27 -51.31 -4.93 -3.59
CA ASP E 27 -52.22 -5.24 -4.70
C ASP E 27 -52.79 -4.05 -5.53
N LYS E 28 -52.84 -2.91 -4.84
CA LYS E 28 -53.25 -1.67 -5.49
C LYS E 28 -52.12 -1.30 -6.46
N LEU E 29 -50.91 -1.83 -6.25
CA LEU E 29 -49.77 -1.51 -7.09
C LEU E 29 -49.42 -2.62 -8.07
N GLY E 30 -50.26 -3.65 -8.16
CA GLY E 30 -50.00 -4.73 -9.09
C GLY E 30 -48.73 -5.49 -8.80
N ILE E 31 -48.40 -5.67 -7.52
CA ILE E 31 -47.27 -6.48 -7.09
C ILE E 31 -47.82 -7.63 -6.26
N GLU E 32 -47.46 -8.85 -6.61
CA GLU E 32 -47.96 -10.03 -5.93
C GLU E 32 -47.02 -10.41 -4.79
N LEU E 33 -47.58 -10.55 -3.60
CA LEU E 33 -46.83 -10.96 -2.42
C LEU E 33 -47.09 -12.45 -2.17
N LYS E 34 -46.02 -13.23 -2.11
CA LYS E 34 -46.10 -14.66 -1.89
C LYS E 34 -45.61 -14.95 -0.48
N ASP E 35 -46.46 -15.60 0.32
CA ASP E 35 -46.12 -15.85 1.72
C ASP E 35 -44.99 -16.87 1.82
N MET E 36 -44.12 -16.67 2.81
CA MET E 36 -43.02 -17.59 3.11
C MET E 36 -43.48 -18.54 4.20
N GLU E 37 -44.19 -19.59 3.78
CA GLU E 37 -44.74 -20.54 4.74
C GLU E 37 -43.64 -21.18 5.56
N GLY E 38 -43.85 -21.26 6.87
CA GLY E 38 -42.86 -21.82 7.77
C GLY E 38 -41.79 -20.87 8.24
N ALA E 39 -41.91 -19.59 7.91
CA ALA E 39 -40.91 -18.62 8.32
C ALA E 39 -40.94 -18.41 9.83
N SER E 40 -39.77 -18.08 10.39
CA SER E 40 -39.64 -17.86 11.83
C SER E 40 -39.00 -16.51 12.10
N CYS E 41 -38.61 -16.27 13.35
CA CYS E 41 -37.80 -15.11 13.67
C CYS E 41 -36.66 -14.96 12.67
N CYS E 42 -36.26 -13.72 12.40
CA CYS E 42 -35.25 -13.46 11.39
C CYS E 42 -33.95 -14.25 11.58
N PRO E 43 -33.41 -14.44 12.79
CA PRO E 43 -33.87 -14.05 14.14
C PRO E 43 -33.47 -12.63 14.52
N ALA E 44 -34.14 -12.06 15.52
CA ALA E 44 -33.86 -10.70 15.94
C ALA E 44 -32.36 -10.52 16.15
N PRO E 45 -31.71 -9.63 15.40
CA PRO E 45 -30.24 -9.57 15.49
C PRO E 45 -29.72 -9.23 16.87
N GLY E 46 -30.41 -8.39 17.62
CA GLY E 46 -29.85 -7.87 18.86
C GLY E 46 -29.46 -8.96 19.83
N VAL E 47 -30.34 -9.93 20.05
CA VAL E 47 -30.08 -10.97 21.04
C VAL E 47 -29.31 -12.13 20.45
N PHE E 48 -29.72 -12.62 19.28
CA PHE E 48 -29.10 -13.82 18.74
C PHE E 48 -27.70 -13.54 18.21
N GLY E 49 -27.50 -12.42 17.52
CA GLY E 49 -26.16 -12.04 17.11
C GLY E 49 -25.24 -11.80 18.29
N SER E 50 -25.80 -11.31 19.40
CA SER E 50 -25.01 -11.06 20.60
C SER E 50 -24.65 -12.35 21.34
N PHE E 51 -25.50 -13.37 21.23
CA PHE E 51 -25.25 -14.62 21.96
C PHE E 51 -24.44 -15.61 21.15
N ASP E 52 -24.78 -15.80 19.88
CA ASP E 52 -24.10 -16.80 19.04
C ASP E 52 -24.30 -16.43 17.58
N LYS E 53 -23.21 -16.25 16.85
CA LYS E 53 -23.32 -15.85 15.46
C LYS E 53 -23.77 -17.00 14.57
N THR E 54 -23.30 -18.22 14.87
CA THR E 54 -23.64 -19.37 14.03
C THR E 54 -25.13 -19.67 14.04
N THR E 55 -25.75 -19.62 15.22
CA THR E 55 -27.19 -19.87 15.30
C THR E 55 -27.97 -18.81 14.55
N TRP E 56 -27.59 -17.54 14.71
CA TRP E 56 -28.26 -16.46 14.00
C TRP E 56 -28.15 -16.64 12.50
N ALA E 57 -26.94 -16.93 12.01
CA ALA E 57 -26.74 -17.11 10.58
C ALA E 57 -27.50 -18.31 10.06
N ALA E 58 -27.52 -19.42 10.82
CA ALA E 58 -28.22 -20.61 10.37
C ALA E 58 -29.72 -20.35 10.27
N ILE E 59 -30.31 -19.71 11.27
CA ILE E 59 -31.74 -19.45 11.22
C ILE E 59 -32.08 -18.49 10.08
N ALA E 60 -31.28 -17.43 9.90
CA ALA E 60 -31.54 -16.51 8.81
C ALA E 60 -31.40 -17.18 7.45
N ALA E 61 -30.40 -18.05 7.29
CA ALA E 61 -30.23 -18.76 6.03
C ALA E 61 -31.39 -19.71 5.78
N ARG E 62 -31.88 -20.38 6.83
CA ARG E 62 -33.06 -21.22 6.68
C ARG E 62 -34.26 -20.40 6.22
N ASN E 63 -34.40 -19.19 6.76
CA ASN E 63 -35.49 -18.32 6.32
C ASN E 63 -35.31 -17.92 4.85
N ILE E 64 -34.07 -17.67 4.43
CA ILE E 64 -33.82 -17.26 3.05
C ILE E 64 -34.09 -18.41 2.09
N THR E 65 -33.80 -19.64 2.50
CA THR E 65 -34.01 -20.79 1.63
C THR E 65 -35.47 -20.93 1.23
N ILE E 66 -36.39 -20.44 2.05
CA ILE E 66 -37.81 -20.50 1.69
C ILE E 66 -38.06 -19.66 0.44
N ALA E 67 -37.59 -18.41 0.45
CA ALA E 67 -37.76 -17.58 -0.74
C ALA E 67 -36.98 -18.14 -1.92
N GLU E 68 -35.82 -18.73 -1.66
CA GLU E 68 -35.07 -19.35 -2.75
C GLU E 68 -35.86 -20.47 -3.40
N ASP E 69 -36.53 -21.30 -2.60
CA ASP E 69 -37.40 -22.34 -3.14
C ASP E 69 -38.54 -21.72 -3.93
N MET E 70 -39.15 -20.65 -3.41
CA MET E 70 -40.14 -19.92 -4.17
C MET E 70 -39.54 -19.17 -5.36
N GLY E 71 -38.21 -19.06 -5.42
CA GLY E 71 -37.57 -18.41 -6.56
C GLY E 71 -37.92 -16.95 -6.72
N ALA E 72 -37.93 -16.20 -5.61
CA ALA E 72 -38.26 -14.78 -5.64
C ALA E 72 -37.44 -14.04 -4.59
N ASP E 73 -37.30 -12.74 -4.80
CA ASP E 73 -36.61 -11.90 -3.83
C ASP E 73 -37.46 -11.74 -2.57
N ILE E 74 -36.80 -11.62 -1.42
CA ILE E 74 -37.47 -11.37 -0.16
C ILE E 74 -37.69 -9.88 -0.02
N MET E 75 -38.88 -9.49 0.42
CA MET E 75 -39.20 -8.10 0.73
C MET E 75 -39.52 -7.98 2.20
N THR E 76 -38.90 -7.02 2.87
CA THR E 76 -39.09 -6.81 4.30
C THR E 76 -39.47 -5.38 4.56
N GLU E 77 -40.46 -5.17 5.43
CA GLU E 77 -40.84 -3.84 5.88
C GLU E 77 -40.43 -3.60 7.33
N CYS E 78 -39.38 -4.28 7.78
CA CYS E 78 -38.83 -4.10 9.11
C CYS E 78 -37.34 -3.87 8.99
N ASN E 79 -36.84 -2.81 9.64
CA ASN E 79 -35.42 -2.53 9.62
C ASN E 79 -34.62 -3.64 10.28
N GLY E 80 -35.13 -4.18 11.41
CA GLY E 80 -34.42 -5.25 12.08
C GLY E 80 -34.35 -6.52 11.24
N CYS E 81 -35.48 -6.93 10.68
CA CYS E 81 -35.50 -8.13 9.85
C CYS E 81 -34.72 -7.92 8.56
N PHE E 82 -34.86 -6.74 7.95
CA PHE E 82 -34.07 -6.43 6.76
C PHE E 82 -32.59 -6.50 7.07
N GLY E 83 -32.17 -5.90 8.19
CA GLY E 83 -30.76 -5.95 8.55
C GLY E 83 -30.26 -7.37 8.75
N SER E 84 -31.02 -8.17 9.51
CA SER E 84 -30.60 -9.53 9.78
C SER E 84 -30.49 -10.34 8.49
N LEU E 85 -31.53 -10.33 7.66
CA LEU E 85 -31.53 -11.14 6.45
C LEU E 85 -30.51 -10.65 5.44
N PHE E 86 -30.39 -9.33 5.27
CA PHE E 86 -29.41 -8.76 4.36
C PHE E 86 -27.99 -9.13 4.79
N GLU E 87 -27.69 -9.01 6.09
CA GLU E 87 -26.37 -9.34 6.57
C GLU E 87 -26.07 -10.82 6.35
N THR E 88 -27.03 -11.69 6.69
CA THR E 88 -26.80 -13.11 6.47
C THR E 88 -26.57 -13.42 5.00
N ASN E 89 -27.41 -12.84 4.13
CA ASN E 89 -27.30 -13.12 2.71
C ASN E 89 -25.94 -12.80 2.11
N HIS E 90 -25.46 -11.57 2.31
CA HIS E 90 -24.18 -11.22 1.68
C HIS E 90 -22.97 -11.78 2.44
N LEU E 91 -23.14 -12.09 3.73
CA LEU E 91 -22.05 -12.72 4.47
C LEU E 91 -21.87 -14.11 3.86
N LEU E 92 -22.97 -14.82 3.61
CA LEU E 92 -22.84 -16.15 3.01
C LEU E 92 -22.44 -16.06 1.55
N LYS E 93 -22.84 -15.00 0.84
CA LYS E 93 -22.47 -14.87 -0.57
C LYS E 93 -20.99 -14.54 -0.73
N GLU E 94 -20.45 -13.69 0.15
CA GLU E 94 -19.08 -13.20 -0.01
C GLU E 94 -18.03 -14.12 0.59
N ASP E 95 -18.41 -15.24 1.20
CA ASP E 95 -17.43 -16.20 1.66
C ASP E 95 -18.02 -17.60 1.55
N GLU E 96 -17.13 -18.59 1.42
CA GLU E 96 -17.54 -19.97 1.21
C GLU E 96 -17.43 -20.84 2.45
N GLU E 97 -16.48 -20.55 3.35
CA GLU E 97 -16.34 -21.37 4.54
C GLU E 97 -17.55 -21.25 5.45
N MET E 98 -18.01 -20.02 5.68
CA MET E 98 -19.22 -19.83 6.48
C MET E 98 -20.42 -20.45 5.78
N LYS E 99 -20.48 -20.32 4.45
CA LYS E 99 -21.56 -20.97 3.70
C LYS E 99 -21.50 -22.48 3.88
N ALA E 100 -20.30 -23.05 3.86
CA ALA E 100 -20.16 -24.50 4.04
C ALA E 100 -20.64 -24.92 5.42
N LYS E 101 -20.25 -24.18 6.46
CA LYS E 101 -20.68 -24.52 7.81
C LYS E 101 -22.20 -24.42 7.95
N ILE E 102 -22.77 -23.33 7.43
CA ILE E 102 -24.21 -23.15 7.54
C ILE E 102 -24.95 -24.25 6.78
N ASN E 103 -24.43 -24.64 5.61
CA ASN E 103 -25.07 -25.69 4.84
C ASN E 103 -24.96 -27.04 5.55
N GLU E 104 -23.82 -27.30 6.20
CA GLU E 104 -23.67 -28.51 7.00
C GLU E 104 -24.71 -28.54 8.12
N ILE E 105 -24.94 -27.39 8.77
CA ILE E 105 -25.95 -27.32 9.81
C ILE E 105 -27.34 -27.56 9.23
N LEU E 106 -27.65 -26.90 8.11
CA LEU E 106 -28.98 -26.98 7.52
C LEU E 106 -29.27 -28.36 6.94
N LYS E 107 -28.23 -29.15 6.64
CA LYS E 107 -28.44 -30.46 6.03
C LYS E 107 -29.42 -31.29 6.83
N GLU E 108 -29.32 -31.24 8.16
CA GLU E 108 -30.22 -32.04 8.99
C GLU E 108 -31.67 -31.70 8.73
N THR E 109 -31.97 -30.45 8.37
CA THR E 109 -33.33 -30.02 8.10
C THR E 109 -33.77 -30.29 6.67
N GLY E 110 -32.85 -30.73 5.79
CA GLY E 110 -33.20 -30.98 4.42
C GLY E 110 -33.22 -29.76 3.52
N ARG E 111 -32.49 -28.70 3.89
CA ARG E 111 -32.43 -27.48 3.12
C ARG E 111 -30.99 -27.17 2.75
N GLU E 112 -30.81 -26.47 1.64
CA GLU E 112 -29.49 -26.06 1.16
C GLU E 112 -29.56 -24.60 0.78
N TYR E 113 -28.57 -23.83 1.22
CA TYR E 113 -28.47 -22.43 0.87
C TYR E 113 -27.69 -22.29 -0.43
N LYS E 114 -28.28 -21.59 -1.40
CA LYS E 114 -27.64 -21.38 -2.69
C LYS E 114 -27.26 -19.93 -2.98
N GLY E 115 -27.91 -18.98 -2.31
CA GLY E 115 -27.62 -17.57 -2.55
C GLY E 115 -28.05 -17.09 -3.92
N GLU E 116 -29.28 -17.43 -4.31
CA GLU E 116 -29.83 -17.04 -5.61
C GLU E 116 -30.88 -15.94 -5.51
N VAL E 117 -31.06 -15.33 -4.34
CA VAL E 117 -32.09 -14.32 -4.14
C VAL E 117 -31.47 -13.11 -3.45
N ASN E 118 -32.21 -12.00 -3.50
CA ASN E 118 -31.81 -10.75 -2.87
C ASN E 118 -32.83 -10.35 -1.82
N VAL E 119 -32.35 -9.72 -0.75
CA VAL E 119 -33.20 -9.16 0.29
C VAL E 119 -33.37 -7.68 0.01
N ARG E 120 -34.62 -7.22 0.04
CA ARG E 120 -34.96 -5.85 -0.30
C ARG E 120 -35.85 -5.26 0.78
N HIS E 121 -35.85 -3.94 0.87
CA HIS E 121 -36.61 -3.21 1.87
C HIS E 121 -37.86 -2.61 1.25
N PHE E 122 -38.96 -2.67 1.99
CA PHE E 122 -40.23 -2.07 1.61
C PHE E 122 -40.05 -0.69 0.97
N ALA E 123 -39.42 0.23 1.69
CA ALA E 123 -39.29 1.59 1.21
C ALA E 123 -38.46 1.67 -0.06
N GLU E 124 -37.38 0.88 -0.13
CA GLU E 124 -36.55 0.88 -1.33
C GLU E 124 -37.33 0.35 -2.53
N VAL E 125 -38.12 -0.71 -2.32
CA VAL E 125 -38.95 -1.25 -3.41
C VAL E 125 -39.94 -0.19 -3.87
N LEU E 126 -40.58 0.50 -2.93
CA LEU E 126 -41.53 1.54 -3.31
C LEU E 126 -40.85 2.65 -4.09
N TYR E 127 -39.68 3.08 -3.64
CA TYR E 127 -39.01 4.19 -4.31
C TYR E 127 -38.54 3.80 -5.71
N ASN E 128 -37.99 2.60 -5.87
CA ASN E 128 -37.37 2.21 -7.13
C ASN E 128 -38.35 1.48 -8.04
N ASP E 129 -38.92 0.37 -7.57
CA ASP E 129 -39.75 -0.45 -8.44
C ASP E 129 -41.09 0.20 -8.77
N VAL E 130 -41.54 1.17 -7.98
CA VAL E 130 -42.81 1.83 -8.19
C VAL E 130 -42.61 3.27 -8.66
N GLY E 131 -41.90 4.07 -7.88
CA GLY E 131 -41.62 5.44 -8.25
C GLY E 131 -42.59 6.41 -7.58
N LEU E 132 -42.13 7.65 -7.40
CA LEU E 132 -42.95 8.65 -6.72
C LEU E 132 -44.14 9.07 -7.58
N ASP E 133 -43.97 9.11 -8.90
CA ASP E 133 -45.10 9.45 -9.77
C ASP E 133 -46.18 8.38 -9.72
N LYS E 134 -45.77 7.11 -9.74
CA LYS E 134 -46.75 6.03 -9.69
C LYS E 134 -47.54 6.06 -8.40
N LEU E 135 -46.92 6.32 -7.28
CA LEU E 135 -47.63 6.43 -5.99
C LEU E 135 -48.40 7.75 -5.88
N SER E 136 -48.06 8.82 -6.53
CA SER E 136 -48.84 10.03 -6.41
C SER E 136 -50.16 9.80 -7.09
N GLU E 137 -50.21 8.95 -8.07
CA GLU E 137 -51.43 8.63 -8.81
C GLU E 137 -52.35 8.05 -7.75
N LEU E 138 -51.99 7.21 -6.84
CA LEU E 138 -52.96 6.56 -5.94
C LEU E 138 -53.26 7.34 -4.64
N VAL E 139 -53.20 8.68 -4.60
CA VAL E 139 -53.55 9.54 -3.45
C VAL E 139 -54.91 10.12 -3.71
N GLU E 140 -55.86 9.73 -2.94
CA GLU E 140 -57.22 10.21 -3.06
C GLU E 140 -57.42 11.32 -2.05
N LYS E 141 -56.64 11.31 -1.02
CA LYS E 141 -56.79 12.21 0.13
C LYS E 141 -55.49 12.95 0.35
N PRO E 142 -55.29 14.20 -0.07
CA PRO E 142 -54.08 14.85 0.30
C PRO E 142 -54.19 14.93 1.81
N LEU E 143 -53.15 14.63 2.58
CA LEU E 143 -53.14 14.59 4.06
C LEU E 143 -52.66 15.93 4.57
N ASN E 144 -53.10 16.35 5.72
CA ASN E 144 -52.61 17.55 6.39
C ASN E 144 -52.02 17.07 7.71
N LEU E 145 -50.72 16.83 7.71
CA LEU E 145 -50.06 16.20 8.84
C LEU E 145 -48.60 16.62 8.87
N ASN E 146 -48.18 17.20 9.98
CA ASN E 146 -46.76 17.42 10.25
C ASN E 146 -46.22 16.15 10.88
N VAL E 147 -45.29 15.50 10.20
CA VAL E 147 -44.88 14.14 10.52
C VAL E 147 -43.40 14.14 10.87
N ALA E 148 -43.04 13.34 11.88
CA ALA E 148 -41.65 13.14 12.27
C ALA E 148 -41.22 11.77 11.73
N VAL E 149 -40.45 11.79 10.65
CA VAL E 149 -39.99 10.55 10.04
C VAL E 149 -38.84 9.99 10.87
N HIS E 150 -38.98 8.75 11.32
CA HIS E 150 -37.93 8.03 12.02
C HIS E 150 -37.39 6.98 11.07
N TYR E 151 -36.14 7.15 10.65
CA TYR E 151 -35.55 6.23 9.68
C TYR E 151 -35.20 4.89 10.33
N GLY E 152 -34.65 4.92 11.52
CA GLY E 152 -34.13 3.71 12.13
C GLY E 152 -32.70 3.45 11.71
N CYS E 153 -31.96 2.79 12.61
CA CYS E 153 -30.54 2.60 12.39
C CYS E 153 -30.27 1.64 11.25
N HIS E 154 -31.03 0.55 11.18
CA HIS E 154 -30.70 -0.57 10.30
C HIS E 154 -31.34 -0.47 8.93
N PHE E 155 -32.05 0.61 8.63
CA PHE E 155 -32.51 0.84 7.28
C PHE E 155 -31.35 1.17 6.35
N LEU E 156 -30.49 2.10 6.77
CA LEU E 156 -29.43 2.61 5.92
C LEU E 156 -28.04 2.20 6.36
N LYS E 157 -27.86 1.80 7.62
CA LYS E 157 -26.56 1.44 8.13
C LYS E 157 -26.47 -0.06 8.38
N PRO E 158 -25.31 -0.69 8.16
CA PRO E 158 -24.04 -0.12 7.66
C PRO E 158 -24.12 0.22 6.17
N SER E 159 -23.87 1.48 5.81
CA SER E 159 -24.09 1.91 4.44
C SER E 159 -23.03 1.38 3.48
N ASP E 160 -21.91 0.88 4.00
CA ASP E 160 -20.90 0.28 3.12
C ASP E 160 -21.48 -0.91 2.37
N GLU E 161 -22.41 -1.64 2.99
CA GLU E 161 -23.01 -2.82 2.38
C GLU E 161 -24.37 -2.55 1.77
N ILE E 162 -25.15 -1.64 2.34
CA ILE E 162 -26.54 -1.46 1.92
C ILE E 162 -26.63 -0.55 0.69
N ASN E 163 -26.03 0.63 0.76
CA ASN E 163 -25.97 1.55 -0.37
C ASN E 163 -27.36 1.93 -0.85
N ILE E 164 -28.22 2.32 0.07
CA ILE E 164 -29.55 2.83 -0.25
C ILE E 164 -29.60 4.34 -0.22
N ASP E 165 -29.05 4.95 0.82
CA ASP E 165 -29.08 6.40 0.96
C ASP E 165 -27.97 6.83 1.91
N ASN E 166 -27.81 8.14 2.05
CA ASN E 166 -26.81 8.69 2.96
C ASN E 166 -27.27 8.55 4.41
N PRO E 167 -26.50 7.90 5.28
CA PRO E 167 -26.95 7.77 6.67
C PRO E 167 -27.12 9.08 7.40
N GLU E 168 -26.32 10.09 7.08
CA GLU E 168 -26.35 11.33 7.86
C GLU E 168 -27.54 12.21 7.48
N ARG E 169 -27.74 12.45 6.19
CA ARG E 169 -28.82 13.33 5.70
C ARG E 169 -29.57 12.62 4.58
N PRO E 170 -30.30 11.56 4.90
CA PRO E 170 -31.11 10.88 3.89
C PRO E 170 -32.36 11.67 3.54
N THR E 171 -32.97 11.27 2.41
CA THR E 171 -34.19 11.91 1.93
C THR E 171 -35.26 10.94 1.46
N ILE E 172 -34.94 9.66 1.28
CA ILE E 172 -35.87 8.75 0.60
C ILE E 172 -37.21 8.69 1.33
N LEU E 173 -37.18 8.46 2.64
CA LEU E 173 -38.43 8.36 3.39
C LEU E 173 -39.18 9.69 3.41
N ASP E 174 -38.44 10.80 3.46
CA ASP E 174 -39.10 12.11 3.41
C ASP E 174 -39.83 12.29 2.10
N GLU E 175 -39.23 11.88 0.99
CA GLU E 175 -39.92 11.98 -0.30
C GLU E 175 -41.15 11.10 -0.34
N ILE E 176 -41.04 9.86 0.15
CA ILE E 176 -42.20 8.97 0.13
C ILE E 176 -43.31 9.53 1.01
N VAL E 177 -42.95 10.16 2.13
CA VAL E 177 -43.95 10.75 3.00
C VAL E 177 -44.61 11.94 2.31
N GLU E 178 -43.81 12.83 1.73
CA GLU E 178 -44.34 14.03 1.09
C GLU E 178 -45.17 13.70 -0.14
N VAL E 179 -45.02 12.50 -0.69
CA VAL E 179 -45.92 12.07 -1.76
C VAL E 179 -47.36 12.13 -1.30
N THR E 180 -47.63 11.72 -0.06
CA THR E 180 -48.99 11.65 0.45
C THR E 180 -49.58 13.02 0.78
N GLY E 181 -48.77 14.07 0.79
CA GLY E 181 -49.22 15.40 1.17
C GLY E 181 -48.82 15.81 2.56
N ALA E 182 -48.37 14.89 3.40
CA ALA E 182 -47.86 15.25 4.71
C ALA E 182 -46.53 15.96 4.59
N LYS E 183 -46.25 16.83 5.55
CA LYS E 183 -45.00 17.60 5.58
C LYS E 183 -44.06 16.98 6.60
N SER E 184 -42.85 16.64 6.16
CA SER E 184 -41.84 16.11 7.06
C SER E 184 -41.14 17.26 7.76
N VAL E 185 -41.08 17.20 9.09
CA VAL E 185 -40.54 18.27 9.91
C VAL E 185 -39.18 17.84 10.44
N GLU E 186 -38.18 18.70 10.26
CA GLU E 186 -36.86 18.44 10.83
C GLU E 186 -36.87 18.70 12.33
N TYR E 187 -36.25 17.80 13.08
CA TYR E 187 -36.16 17.94 14.52
C TYR E 187 -34.75 17.54 14.95
N LYS E 188 -34.39 17.93 16.18
CA LYS E 188 -33.05 17.70 16.67
C LYS E 188 -32.77 16.20 16.79
N ASP E 189 -31.54 15.81 16.43
CA ASP E 189 -31.10 14.42 16.52
C ASP E 189 -32.08 13.49 15.82
N LYS E 190 -32.38 13.81 14.56
CA LYS E 190 -33.35 13.02 13.80
C LYS E 190 -32.86 11.59 13.59
N MET E 191 -31.56 11.43 13.31
CA MET E 191 -31.02 10.13 12.97
C MET E 191 -30.55 9.35 14.20
N MET E 192 -31.02 9.72 15.38
CA MET E 192 -30.66 9.01 16.61
C MET E 192 -31.42 7.69 16.70
N CYS E 193 -30.84 6.76 17.45
CA CYS E 193 -31.47 5.47 17.69
C CYS E 193 -32.68 5.63 18.61
N CYS E 194 -33.64 4.71 18.46
CA CYS E 194 -34.79 4.68 19.36
C CYS E 194 -34.49 4.00 20.67
N GLY E 195 -33.41 3.23 20.75
CA GLY E 195 -33.00 2.58 21.97
C GLY E 195 -33.35 1.11 22.07
N ALA E 196 -34.07 0.55 21.10
CA ALA E 196 -34.52 -0.83 21.19
C ALA E 196 -33.53 -1.83 20.61
N GLY E 197 -32.70 -1.42 19.67
CA GLY E 197 -31.81 -2.36 19.01
C GLY E 197 -30.70 -2.84 19.92
N GLY E 198 -30.08 -3.95 19.50
CA GLY E 198 -28.93 -4.49 20.20
C GLY E 198 -29.23 -5.24 21.46
N GLY E 199 -30.51 -5.50 21.77
CA GLY E 199 -30.89 -6.19 22.98
C GLY E 199 -31.07 -5.29 24.18
N VAL E 200 -30.74 -4.00 24.06
CA VAL E 200 -30.82 -3.11 25.22
C VAL E 200 -32.22 -3.10 25.80
N ARG E 201 -33.24 -3.08 24.94
CA ARG E 201 -34.62 -3.05 25.42
C ARG E 201 -34.89 -4.20 26.40
N SER E 202 -34.28 -5.36 26.17
CA SER E 202 -34.51 -6.50 27.03
C SER E 202 -33.56 -6.56 28.22
N ARG E 203 -32.45 -5.82 28.17
CA ARG E 203 -31.46 -5.86 29.24
C ARG E 203 -31.55 -4.68 30.18
N ASP E 204 -31.79 -3.48 29.65
CA ASP E 204 -31.93 -2.26 30.46
C ASP E 204 -33.03 -1.42 29.82
N LEU E 205 -34.27 -1.62 30.29
CA LEU E 205 -35.37 -0.85 29.75
C LEU E 205 -35.24 0.63 30.08
N ASP E 206 -34.53 0.97 31.16
CA ASP E 206 -34.34 2.38 31.50
C ASP E 206 -33.54 3.11 30.44
N VAL E 207 -32.45 2.49 29.96
CA VAL E 207 -31.62 3.13 28.93
C VAL E 207 -32.40 3.29 27.63
N ALA E 208 -33.12 2.24 27.21
CA ALA E 208 -33.89 2.32 25.98
C ALA E 208 -34.97 3.38 26.08
N LEU E 209 -35.67 3.43 27.21
CA LEU E 209 -36.69 4.44 27.39
C LEU E 209 -36.08 5.83 27.48
N ASP E 210 -34.84 5.94 27.92
CA ASP E 210 -34.16 7.24 27.85
C ASP E 210 -33.92 7.66 26.42
N PHE E 211 -33.45 6.74 25.58
CA PHE E 211 -33.34 7.03 24.14
C PHE E 211 -34.67 7.55 23.60
N THR E 212 -35.74 6.79 23.86
CA THR E 212 -37.05 7.15 23.32
C THR E 212 -37.53 8.48 23.88
N ARG E 213 -37.28 8.74 25.16
CA ARG E 213 -37.70 9.99 25.78
C ARG E 213 -36.98 11.17 25.16
N GLU E 214 -35.68 11.05 24.91
CA GLU E 214 -34.96 12.13 24.23
C GLU E 214 -35.49 12.51 22.86
N LYS E 215 -35.72 11.52 22.01
CA LYS E 215 -36.27 11.80 20.68
C LYS E 215 -37.70 12.33 20.71
N LEU E 216 -38.50 11.83 21.67
CA LEU E 216 -39.88 12.27 21.81
C LEU E 216 -39.83 13.72 22.25
N THR E 217 -38.88 14.07 23.13
CA THR E 217 -38.74 15.46 23.54
C THR E 217 -38.39 16.33 22.35
N ASN E 218 -37.42 15.90 21.55
CA ASN E 218 -37.08 16.68 20.35
C ASN E 218 -38.27 16.76 19.40
N MET E 219 -38.97 15.64 19.22
CA MET E 219 -40.10 15.60 18.29
C MET E 219 -41.19 16.58 18.73
N LYS E 220 -41.51 16.57 20.03
CA LYS E 220 -42.51 17.50 20.55
C LYS E 220 -42.05 18.95 20.40
N GLU E 221 -40.77 19.22 20.65
CA GLU E 221 -40.26 20.56 20.41
C GLU E 221 -40.44 20.97 18.96
N ALA E 222 -40.39 20.02 18.02
CA ALA E 222 -40.61 20.32 16.62
C ALA E 222 -42.08 20.43 16.24
N GLY E 223 -42.99 20.02 17.12
CA GLY E 223 -44.41 20.12 16.83
C GLY E 223 -44.87 19.22 15.71
N VAL E 224 -44.85 17.91 15.93
CA VAL E 224 -45.20 16.93 14.92
C VAL E 224 -46.49 16.22 15.33
N ASP E 225 -47.36 15.96 14.36
CA ASP E 225 -48.62 15.29 14.65
C ASP E 225 -48.43 13.81 14.89
N ALA E 226 -47.52 13.16 14.15
CA ALA E 226 -47.37 11.72 14.23
C ALA E 226 -45.94 11.33 13.92
N ILE E 227 -45.58 10.11 14.32
CA ILE E 227 -44.29 9.51 14.02
C ILE E 227 -44.49 8.47 12.93
N VAL E 228 -43.68 8.52 11.89
CA VAL E 228 -43.72 7.57 10.79
C VAL E 228 -42.40 6.80 10.77
N ASN E 229 -42.48 5.49 10.75
CA ASN E 229 -41.31 4.62 10.81
C ASN E 229 -41.44 3.52 9.77
N VAL E 230 -40.36 2.77 9.60
CA VAL E 230 -40.33 1.62 8.70
C VAL E 230 -39.82 0.40 9.44
N CYS E 231 -40.03 0.35 10.75
CA CYS E 231 -39.59 -0.78 11.55
C CYS E 231 -40.61 -1.13 12.62
N PRO E 232 -41.21 -2.32 12.57
CA PRO E 232 -42.06 -2.75 13.69
C PRO E 232 -41.35 -2.73 15.03
N PHE E 233 -40.04 -2.96 15.07
CA PHE E 233 -39.31 -2.86 16.33
C PHE E 233 -39.32 -1.43 16.84
N CYS E 234 -39.02 -0.47 15.97
CA CYS E 234 -39.09 0.94 16.36
C CYS E 234 -40.52 1.35 16.64
N HIS E 235 -41.47 0.81 15.88
CA HIS E 235 -42.88 1.07 16.14
C HIS E 235 -43.25 0.64 17.56
N LEU E 236 -42.87 -0.58 17.93
CA LEU E 236 -43.18 -1.08 19.27
C LEU E 236 -42.49 -0.24 20.33
N GLN E 237 -41.24 0.14 20.11
CA GLN E 237 -40.57 1.00 21.07
C GLN E 237 -41.34 2.32 21.25
N PHE E 238 -41.59 3.03 20.15
CA PHE E 238 -42.24 4.33 20.25
C PHE E 238 -43.67 4.22 20.77
N ASP E 239 -44.30 3.05 20.65
CA ASP E 239 -45.70 2.90 21.05
C ASP E 239 -45.84 2.45 22.50
N VAL E 240 -45.08 1.44 22.91
CA VAL E 240 -45.19 0.92 24.27
C VAL E 240 -44.32 1.72 25.23
N GLY E 241 -43.16 2.20 24.79
CA GLY E 241 -42.33 3.02 25.63
C GLY E 241 -42.95 4.35 26.00
N GLN E 242 -43.86 4.86 25.17
CA GLN E 242 -44.60 6.05 25.57
C GLN E 242 -45.44 5.80 26.83
N MET E 243 -46.17 4.68 26.85
CA MET E 243 -46.93 4.32 28.05
C MET E 243 -46.01 4.02 29.22
N GLU E 244 -44.86 3.41 28.95
CA GLU E 244 -43.93 3.10 30.03
C GLU E 244 -43.35 4.39 30.61
N ILE E 245 -43.06 5.37 29.75
CA ILE E 245 -42.59 6.66 30.21
C ILE E 245 -43.67 7.35 31.03
N LYS E 246 -44.93 7.26 30.58
CA LYS E 246 -46.01 7.81 31.37
C LYS E 246 -46.09 7.13 32.74
N ASP E 247 -45.97 5.81 32.77
CA ASP E 247 -46.10 5.07 34.02
C ASP E 247 -44.96 5.39 34.98
N LYS E 248 -43.74 5.57 34.45
CA LYS E 248 -42.58 5.76 35.31
C LYS E 248 -42.35 7.22 35.67
N PHE E 249 -42.12 8.07 34.66
CA PHE E 249 -41.80 9.47 34.88
C PHE E 249 -43.01 10.38 34.79
N GLY E 250 -44.19 9.86 34.50
CA GLY E 250 -45.37 10.68 34.38
C GLY E 250 -45.30 11.77 33.31
N GLU E 251 -44.42 11.57 32.33
CA GLU E 251 -44.10 12.50 31.24
C GLU E 251 -45.01 12.24 30.06
N GLU E 252 -45.92 13.12 29.78
CA GLU E 252 -46.89 12.81 28.74
C GLU E 252 -46.54 13.29 27.35
N PHE E 253 -46.24 12.34 26.47
CA PHE E 253 -46.26 12.56 25.03
C PHE E 253 -47.37 11.74 24.42
N ASP E 254 -48.24 12.38 23.65
CA ASP E 254 -49.28 11.68 22.91
C ASP E 254 -49.05 12.01 21.44
N ILE E 255 -48.14 11.25 20.83
CA ILE E 255 -47.82 11.36 19.41
C ILE E 255 -48.09 9.98 18.80
N PRO E 256 -49.14 9.81 17.99
CA PRO E 256 -49.42 8.49 17.43
C PRO E 256 -48.27 8.01 16.56
N VAL E 257 -48.01 6.70 16.61
CA VAL E 257 -46.97 6.08 15.81
C VAL E 257 -47.61 5.36 14.64
N LEU E 258 -47.11 5.63 13.44
CA LEU E 258 -47.63 5.03 12.22
C LEU E 258 -46.49 4.39 11.44
N HIS E 259 -46.74 3.21 10.89
CA HIS E 259 -45.83 2.64 9.92
C HIS E 259 -46.03 3.34 8.58
N LEU E 260 -44.99 3.26 7.73
CA LEU E 260 -45.10 3.89 6.42
C LEU E 260 -46.29 3.34 5.65
N ALA E 261 -46.56 2.05 5.78
CA ALA E 261 -47.72 1.46 5.12
C ALA E 261 -49.02 2.09 5.59
N GLN E 262 -49.14 2.32 6.90
CA GLN E 262 -50.37 2.93 7.42
C GLN E 262 -50.53 4.37 6.93
N LEU E 263 -49.43 5.12 6.87
CA LEU E 263 -49.51 6.47 6.35
C LEU E 263 -49.92 6.47 4.89
N LEU E 264 -49.36 5.55 4.10
CA LEU E 264 -49.78 5.44 2.71
C LEU E 264 -51.23 5.01 2.59
N GLY E 265 -51.73 4.25 3.57
CA GLY E 265 -53.12 3.84 3.56
C GLY E 265 -54.07 4.96 3.94
N LEU E 266 -53.63 5.88 4.80
CA LEU E 266 -54.49 7.02 5.12
C LEU E 266 -54.79 7.83 3.87
N ALA E 267 -53.82 8.17 3.03
CA ALA E 267 -53.99 8.79 1.71
C ALA E 267 -54.32 7.58 0.91
N MET E 268 -54.95 7.57 -0.20
CA MET E 268 -55.36 6.27 -0.84
C MET E 268 -56.61 5.70 -0.16
N GLY E 269 -57.31 6.30 0.76
CA GLY E 269 -58.59 5.75 1.24
C GLY E 269 -58.45 4.78 2.40
N LEU E 275 -56.24 -0.37 9.12
CA LEU E 275 -55.14 0.13 9.97
C LEU E 275 -55.13 -0.57 11.35
N VAL E 276 -56.17 -1.23 11.81
CA VAL E 276 -56.18 -1.90 13.10
C VAL E 276 -55.48 -1.04 14.15
N VAL E 277 -55.90 0.23 14.25
CA VAL E 277 -55.32 1.12 15.24
C VAL E 277 -55.59 0.67 16.66
N ASP E 278 -56.54 -0.25 16.85
CA ASP E 278 -56.87 -0.71 18.20
C ASP E 278 -55.71 -1.44 18.86
N ALA E 279 -54.72 -1.89 18.08
CA ALA E 279 -53.53 -2.52 18.64
C ALA E 279 -52.53 -1.51 19.19
N HIS E 280 -52.69 -0.23 18.88
CA HIS E 280 -51.74 0.79 19.31
C HIS E 280 -52.05 1.23 20.73
N GLN E 281 -51.02 1.31 21.56
CA GLN E 281 -51.19 1.76 22.93
C GLN E 281 -51.38 3.26 23.02
N VAL E 282 -50.99 4.01 22.00
CA VAL E 282 -51.19 5.46 21.93
C VAL E 282 -52.31 5.71 20.94
N CYS E 283 -53.40 6.32 21.42
CA CYS E 283 -54.56 6.54 20.57
C CYS E 283 -54.19 7.36 19.35
N VAL E 284 -54.68 6.91 18.18
CA VAL E 284 -54.49 7.61 16.92
C VAL E 284 -55.73 8.39 16.50
N ASP E 285 -56.79 8.36 17.31
CA ASP E 285 -58.07 8.92 16.88
C ASP E 285 -57.96 10.42 16.63
N GLU E 286 -57.26 11.14 17.51
CA GLU E 286 -57.11 12.58 17.30
C GLU E 286 -56.38 12.88 16.01
N CYS E 287 -55.33 12.12 15.70
CA CYS E 287 -54.57 12.36 14.48
C CYS E 287 -55.45 12.19 13.24
N LEU E 288 -56.26 11.13 13.22
CA LEU E 288 -57.18 10.94 12.11
C LEU E 288 -58.21 12.07 12.05
N GLU E 289 -58.73 12.48 13.21
CA GLU E 289 -59.69 13.57 13.25
C GLU E 289 -59.04 14.90 12.84
N LYS E 290 -57.75 15.04 13.08
CA LYS E 290 -57.02 16.22 12.61
C LYS E 290 -56.87 16.24 11.10
N LEU E 291 -57.17 15.15 10.42
CA LEU E 291 -57.11 15.10 8.96
C LEU E 291 -58.41 15.60 8.35
N MET F 1 31.44 26.56 66.66
CA MET F 1 30.22 26.98 65.89
C MET F 1 28.97 26.86 66.74
N GLU F 2 28.02 27.76 66.50
CA GLU F 2 26.74 27.77 67.20
C GLU F 2 25.62 27.65 66.20
N ILE F 3 24.61 26.86 66.53
CA ILE F 3 23.48 26.63 65.65
C ILE F 3 22.24 26.36 66.50
N ALA F 4 21.13 26.97 66.12
CA ALA F 4 19.86 26.73 66.82
C ALA F 4 19.38 25.31 66.55
N TYR F 5 18.79 24.68 67.57
CA TYR F 5 18.44 23.27 67.53
C TYR F 5 16.92 23.13 67.62
N PHE F 6 16.29 22.80 66.50
CA PHE F 6 14.86 22.54 66.44
C PHE F 6 14.61 21.05 66.70
N LEU F 7 13.60 20.75 67.50
CA LEU F 7 13.33 19.39 67.93
C LEU F 7 12.11 18.77 67.27
N GLY F 8 11.07 19.54 67.00
CA GLY F 8 9.86 18.98 66.44
C GLY F 8 8.95 18.38 67.51
N CYS F 9 8.24 17.32 67.13
CA CYS F 9 7.31 16.65 68.02
C CYS F 9 7.70 15.20 68.28
N ILE F 10 7.90 14.40 67.23
CA ILE F 10 8.09 12.96 67.43
C ILE F 10 9.42 12.68 68.09
N MET F 11 10.47 13.43 67.73
CA MET F 11 11.79 13.15 68.30
C MET F 11 11.80 13.40 69.80
N ASN F 12 11.13 14.44 70.26
CA ASN F 12 11.13 14.80 71.67
C ASN F 12 9.95 14.24 72.46
N ASN F 13 8.98 13.63 71.78
CA ASN F 13 7.78 13.12 72.45
C ASN F 13 7.53 11.63 72.27
N ARG F 14 8.25 10.97 71.37
CA ARG F 14 8.09 9.53 71.20
C ARG F 14 9.42 8.81 71.19
N TYR F 15 10.48 9.47 70.71
CA TYR F 15 11.80 8.87 70.55
C TYR F 15 12.87 9.80 71.09
N PRO F 16 12.96 9.94 72.41
CA PRO F 16 14.03 10.78 72.99
C PRO F 16 15.42 10.24 72.72
N GLY F 17 15.55 8.97 72.34
CA GLY F 17 16.86 8.41 72.08
C GLY F 17 17.59 9.14 70.97
N ILE F 18 16.86 9.50 69.91
CA ILE F 18 17.47 10.25 68.82
C ILE F 18 18.01 11.58 69.32
N GLU F 19 17.22 12.27 70.15
CA GLU F 19 17.66 13.54 70.69
C GLU F 19 18.91 13.39 71.55
N LYS F 20 18.93 12.36 72.40
CA LYS F 20 20.10 12.16 73.25
C LYS F 20 21.34 11.84 72.42
N ALA F 21 21.20 10.97 71.42
CA ALA F 21 22.33 10.63 70.57
C ALA F 21 22.86 11.85 69.83
N THR F 22 21.95 12.70 69.32
CA THR F 22 22.38 13.90 68.62
C THR F 22 23.05 14.88 69.57
N ARG F 23 22.51 15.04 70.78
CA ARG F 23 23.09 15.96 71.75
C ARG F 23 24.45 15.49 72.23
N VAL F 24 24.73 14.19 72.13
CA VAL F 24 26.07 13.70 72.43
C VAL F 24 27.00 13.92 71.23
N LEU F 25 26.56 13.48 70.04
CA LEU F 25 27.38 13.63 68.84
C LEU F 25 27.79 15.08 68.63
N PHE F 26 26.83 16.00 68.64
CA PHE F 26 27.16 17.40 68.81
C PHE F 26 27.58 17.61 70.25
N ASP F 27 28.59 18.45 70.44
CA ASP F 27 29.38 18.57 71.67
C ASP F 27 30.36 17.42 71.78
N LYS F 28 30.32 16.42 70.89
CA LYS F 28 31.50 15.62 70.62
C LYS F 28 32.32 16.19 69.47
N LEU F 29 31.66 16.85 68.51
CA LEU F 29 32.33 17.50 67.40
C LEU F 29 32.70 18.95 67.69
N GLY F 30 32.26 19.49 68.83
CA GLY F 30 32.55 20.87 69.15
C GLY F 30 31.58 21.87 68.56
N ILE F 31 30.32 21.48 68.39
CA ILE F 31 29.28 22.37 67.87
C ILE F 31 28.27 22.61 68.99
N GLU F 32 27.94 23.87 69.22
CA GLU F 32 27.01 24.25 70.28
C GLU F 32 25.58 24.24 69.74
N LEU F 33 24.72 23.45 70.37
CA LEU F 33 23.31 23.41 70.04
C LEU F 33 22.54 24.30 71.02
N LYS F 34 21.92 25.35 70.51
CA LYS F 34 21.15 26.28 71.31
C LYS F 34 19.67 25.92 71.22
N ASP F 35 19.06 25.62 72.36
CA ASP F 35 17.66 25.23 72.36
C ASP F 35 16.78 26.38 71.90
N MET F 36 15.75 26.05 71.11
CA MET F 36 14.75 27.01 70.66
C MET F 36 13.60 26.98 71.66
N GLU F 37 13.74 27.75 72.73
CA GLU F 37 12.75 27.75 73.80
C GLU F 37 11.42 28.27 73.28
N GLY F 38 10.34 27.59 73.67
CA GLY F 38 9.02 27.96 73.21
C GLY F 38 8.69 27.50 71.82
N ALA F 39 9.42 26.52 71.29
CA ALA F 39 9.11 25.99 69.97
C ALA F 39 7.85 25.13 70.02
N SER F 40 7.22 24.97 68.86
CA SER F 40 6.01 24.18 68.74
C SER F 40 6.13 23.35 67.47
N CYS F 41 5.02 22.73 67.08
CA CYS F 41 4.95 22.05 65.80
C CYS F 41 5.53 22.95 64.71
N CYS F 42 6.20 22.35 63.73
CA CYS F 42 6.88 23.14 62.71
C CYS F 42 5.94 24.03 61.90
N PRO F 43 4.66 23.70 61.63
CA PRO F 43 3.87 22.50 61.94
C PRO F 43 4.01 21.42 60.88
N ALA F 44 3.54 20.20 61.15
CA ALA F 44 3.73 19.11 60.21
C ALA F 44 3.11 19.50 58.87
N PRO F 45 3.90 19.53 57.78
CA PRO F 45 3.36 20.06 56.52
C PRO F 45 2.16 19.29 55.99
N GLY F 46 2.11 17.98 56.21
CA GLY F 46 1.07 17.17 55.58
C GLY F 46 -0.33 17.64 55.90
N VAL F 47 -0.61 17.89 57.18
CA VAL F 47 -1.95 18.27 57.60
C VAL F 47 -2.16 19.77 57.54
N PHE F 48 -1.23 20.54 58.10
CA PHE F 48 -1.45 21.98 58.20
C PHE F 48 -1.32 22.66 56.84
N GLY F 49 -0.38 22.20 56.00
CA GLY F 49 -0.30 22.75 54.66
C GLY F 49 -1.47 22.33 53.79
N SER F 50 -2.06 21.17 54.09
CA SER F 50 -3.24 20.72 53.37
C SER F 50 -4.50 21.49 53.77
N PHE F 51 -4.60 21.88 55.03
CA PHE F 51 -5.80 22.57 55.50
C PHE F 51 -5.73 24.06 55.18
N ASP F 52 -4.75 24.75 55.72
CA ASP F 52 -4.60 26.19 55.53
C ASP F 52 -3.14 26.54 55.36
N LYS F 53 -2.82 27.27 54.28
CA LYS F 53 -1.44 27.66 54.05
C LYS F 53 -1.02 28.79 54.98
N THR F 54 -1.92 29.73 55.26
CA THR F 54 -1.57 30.88 56.08
C THR F 54 -1.18 30.45 57.48
N THR F 55 -1.95 29.54 58.09
CA THR F 55 -1.63 29.08 59.43
C THR F 55 -0.29 28.36 59.46
N TRP F 56 -0.04 27.50 58.47
CA TRP F 56 1.22 26.78 58.41
C TRP F 56 2.39 27.75 58.29
N ALA F 57 2.28 28.72 57.38
CA ALA F 57 3.35 29.68 57.19
C ALA F 57 3.56 30.54 58.44
N ALA F 58 2.46 30.93 59.10
CA ALA F 58 2.58 31.77 60.29
C ALA F 58 3.28 31.03 61.42
N ILE F 59 2.92 29.76 61.66
CA ILE F 59 3.57 29.01 62.72
C ILE F 59 5.04 28.76 62.39
N ALA F 60 5.33 28.41 61.13
CA ALA F 60 6.72 28.22 60.74
C ALA F 60 7.52 29.51 60.89
N ALA F 61 6.91 30.65 60.57
CA ALA F 61 7.59 31.92 60.72
C ALA F 61 7.81 32.28 62.18
N ARG F 62 6.88 31.90 63.06
CA ARG F 62 7.12 32.10 64.49
C ARG F 62 8.32 31.28 64.95
N ASN F 63 8.41 30.03 64.51
CA ASN F 63 9.57 29.23 64.87
C ASN F 63 10.86 29.85 64.33
N ILE F 64 10.82 30.32 63.08
CA ILE F 64 12.02 30.93 62.50
C ILE F 64 12.38 32.21 63.24
N THR F 65 11.40 32.97 63.72
CA THR F 65 11.70 34.15 64.52
C THR F 65 12.33 33.78 65.84
N ILE F 66 11.86 32.70 66.46
CA ILE F 66 12.52 32.19 67.67
C ILE F 66 13.99 31.93 67.37
N ALA F 67 14.27 31.29 66.24
CA ALA F 67 15.66 31.04 65.87
C ALA F 67 16.41 32.34 65.62
N GLU F 68 15.77 33.30 64.96
CA GLU F 68 16.43 34.57 64.63
C GLU F 68 16.82 35.33 65.89
N ASP F 69 16.00 35.24 66.93
CA ASP F 69 16.26 36.02 68.13
C ASP F 69 17.61 35.70 68.75
N MET F 70 18.19 34.54 68.45
CA MET F 70 19.55 34.22 68.84
C MET F 70 20.57 34.50 67.75
N GLY F 71 20.12 34.98 66.59
CA GLY F 71 21.05 35.22 65.49
C GLY F 71 21.79 33.98 65.06
N ALA F 72 21.12 32.84 65.01
CA ALA F 72 21.74 31.57 64.67
C ALA F 72 20.88 30.84 63.64
N ASP F 73 21.55 30.03 62.82
CA ASP F 73 20.85 29.22 61.84
C ASP F 73 20.15 28.03 62.52
N ILE F 74 19.06 27.59 61.93
CA ILE F 74 18.30 26.46 62.44
C ILE F 74 18.90 25.18 61.90
N MET F 75 19.00 24.16 62.76
CA MET F 75 19.39 22.82 62.35
C MET F 75 18.26 21.87 62.72
N THR F 76 17.83 21.05 61.76
CA THR F 76 16.76 20.10 61.99
C THR F 76 17.24 18.68 61.67
N GLU F 77 16.78 17.73 62.46
CA GLU F 77 17.04 16.31 62.20
C GLU F 77 15.91 15.61 61.47
N CYS F 78 14.78 16.29 61.27
CA CYS F 78 13.60 15.68 60.66
C CYS F 78 13.44 16.20 59.25
N ASN F 79 13.19 15.29 58.31
CA ASN F 79 12.91 15.69 56.94
C ASN F 79 11.63 16.53 56.87
N GLY F 80 10.60 16.13 57.62
CA GLY F 80 9.36 16.90 57.59
C GLY F 80 9.51 18.30 58.14
N CYS F 81 10.16 18.42 59.30
CA CYS F 81 10.36 19.73 59.90
C CYS F 81 11.31 20.57 59.07
N PHE F 82 12.37 19.96 58.56
CA PHE F 82 13.29 20.69 57.68
C PHE F 82 12.56 21.20 56.45
N GLY F 83 11.71 20.36 55.85
CA GLY F 83 10.97 20.78 54.68
C GLY F 83 10.03 21.94 54.98
N SER F 84 9.27 21.82 56.07
CA SER F 84 8.36 22.90 56.45
C SER F 84 9.11 24.20 56.67
N LEU F 85 10.16 24.16 57.49
CA LEU F 85 10.88 25.38 57.83
C LEU F 85 11.59 25.98 56.62
N PHE F 86 12.23 25.13 55.81
CA PHE F 86 12.93 25.61 54.62
C PHE F 86 11.96 26.22 53.63
N GLU F 87 10.81 25.57 53.41
CA GLU F 87 9.83 26.14 52.48
C GLU F 87 9.33 27.48 52.99
N THR F 88 8.99 27.57 54.28
CA THR F 88 8.53 28.85 54.81
C THR F 88 9.61 29.91 54.66
N ASN F 89 10.86 29.56 54.96
CA ASN F 89 11.94 30.53 54.92
C ASN F 89 12.13 31.07 53.51
N HIS F 90 12.28 30.18 52.52
CA HIS F 90 12.53 30.64 51.17
C HIS F 90 11.28 31.25 50.54
N LEU F 91 10.09 30.93 51.04
CA LEU F 91 8.88 31.55 50.52
C LEU F 91 8.71 32.97 51.04
N LEU F 92 9.06 33.20 52.30
CA LEU F 92 8.98 34.54 52.84
C LEU F 92 10.13 35.42 52.34
N LYS F 93 11.31 34.85 52.15
CA LYS F 93 12.45 35.63 51.69
C LYS F 93 12.28 36.13 50.26
N GLU F 94 11.47 35.47 49.44
CA GLU F 94 11.17 35.93 48.08
C GLU F 94 9.68 36.19 47.89
N ASP F 95 9.05 36.83 48.87
CA ASP F 95 7.64 37.21 48.72
C ASP F 95 7.35 38.39 49.66
N GLU F 96 7.33 39.60 49.09
CA GLU F 96 7.05 40.77 49.90
C GLU F 96 5.63 40.75 50.44
N GLU F 97 4.65 40.40 49.60
CA GLU F 97 3.26 40.40 50.03
C GLU F 97 3.01 39.36 51.12
N MET F 98 3.50 38.14 50.90
CA MET F 98 3.30 37.09 51.90
C MET F 98 4.07 37.39 53.17
N LYS F 99 5.26 37.95 53.05
CA LYS F 99 6.01 38.35 54.24
C LYS F 99 5.25 39.40 55.03
N ALA F 100 4.67 40.39 54.33
CA ALA F 100 3.88 41.41 55.02
C ALA F 100 2.66 40.80 55.70
N LYS F 101 1.98 39.88 55.02
CA LYS F 101 0.80 39.26 55.62
C LYS F 101 1.17 38.45 56.87
N ILE F 102 2.25 37.69 56.80
CA ILE F 102 2.65 36.88 57.94
C ILE F 102 3.12 37.78 59.08
N ASN F 103 3.78 38.91 58.76
CA ASN F 103 4.18 39.83 59.82
C ASN F 103 2.96 40.48 60.47
N GLU F 104 1.95 40.81 59.68
CA GLU F 104 0.72 41.34 60.24
C GLU F 104 0.05 40.32 61.14
N ILE F 105 0.11 39.04 60.77
CA ILE F 105 -0.43 37.99 61.62
C ILE F 105 0.38 37.89 62.92
N LEU F 106 1.70 37.95 62.82
CA LEU F 106 2.58 37.78 63.97
C LEU F 106 2.62 38.99 64.89
N LYS F 107 2.02 40.10 64.48
CA LYS F 107 2.08 41.31 65.31
C LYS F 107 1.46 41.07 66.68
N GLU F 108 0.36 40.31 66.73
CA GLU F 108 -0.32 40.08 68.00
C GLU F 108 0.59 39.37 69.00
N THR F 109 1.33 38.36 68.55
CA THR F 109 2.20 37.63 69.46
C THR F 109 3.34 38.50 69.96
N GLY F 110 3.78 39.47 69.16
CA GLY F 110 4.89 40.31 69.51
C GLY F 110 6.21 39.94 68.84
N ARG F 111 6.17 39.44 67.61
CA ARG F 111 7.36 39.03 66.89
C ARG F 111 7.32 39.62 65.48
N GLU F 112 8.42 39.47 64.76
CA GLU F 112 8.52 39.99 63.41
C GLU F 112 9.56 39.18 62.65
N TYR F 113 9.16 38.62 61.52
CA TYR F 113 10.07 37.84 60.69
C TYR F 113 10.95 38.77 59.87
N LYS F 114 12.23 38.45 59.79
CA LYS F 114 13.21 39.27 59.09
C LYS F 114 13.98 38.53 58.01
N GLY F 115 13.96 37.20 58.00
CA GLY F 115 14.72 36.45 57.02
C GLY F 115 16.22 36.58 57.16
N GLU F 116 16.72 36.51 58.39
CA GLU F 116 18.15 36.68 58.67
C GLU F 116 18.85 35.37 58.98
N VAL F 117 18.14 34.24 58.98
CA VAL F 117 18.73 32.95 59.31
C VAL F 117 18.41 31.97 58.20
N ASN F 118 19.16 30.87 58.19
CA ASN F 118 18.99 29.80 57.21
C ASN F 118 18.69 28.50 57.93
N VAL F 119 17.90 27.66 57.27
CA VAL F 119 17.50 26.36 57.79
C VAL F 119 18.39 25.30 57.15
N ARG F 120 18.91 24.39 57.97
CA ARG F 120 19.84 23.37 57.51
C ARG F 120 19.42 22.03 58.07
N HIS F 121 19.79 20.98 57.35
CA HIS F 121 19.48 19.61 57.72
C HIS F 121 20.66 18.97 58.44
N PHE F 122 20.35 18.02 59.32
CA PHE F 122 21.36 17.31 60.08
C PHE F 122 22.45 16.74 59.16
N ALA F 123 22.03 16.01 58.12
CA ALA F 123 23.00 15.36 57.24
C ALA F 123 23.86 16.37 56.49
N GLU F 124 23.25 17.46 56.01
CA GLU F 124 24.03 18.47 55.30
C GLU F 124 25.07 19.10 56.22
N VAL F 125 24.69 19.40 57.47
CA VAL F 125 25.64 19.97 58.42
C VAL F 125 26.77 18.99 58.67
N LEU F 126 26.45 17.72 58.88
CA LEU F 126 27.51 16.74 59.11
C LEU F 126 28.43 16.63 57.91
N TYR F 127 27.88 16.68 56.70
CA TYR F 127 28.68 16.46 55.51
C TYR F 127 29.57 17.65 55.20
N ASN F 128 29.07 18.87 55.35
CA ASN F 128 29.79 20.06 54.92
C ASN F 128 30.51 20.78 56.05
N ASP F 129 29.86 20.96 57.21
CA ASP F 129 30.49 21.69 58.30
C ASP F 129 31.54 20.86 59.02
N VAL F 130 31.37 19.54 59.04
CA VAL F 130 32.28 18.64 59.72
C VAL F 130 33.17 17.89 58.74
N GLY F 131 32.57 17.21 57.77
CA GLY F 131 33.33 16.45 56.81
C GLY F 131 33.45 14.99 57.20
N LEU F 132 33.52 14.13 56.19
CA LEU F 132 33.60 12.70 56.45
C LEU F 132 34.82 12.19 57.21
N ASP F 133 35.98 12.83 57.01
CA ASP F 133 37.17 12.40 57.73
C ASP F 133 37.14 12.69 59.23
N LYS F 134 36.54 13.83 59.60
CA LYS F 134 36.45 14.21 61.01
C LYS F 134 35.58 13.14 61.65
N LEU F 135 34.45 12.81 61.02
CA LEU F 135 33.58 11.78 61.56
C LEU F 135 34.29 10.44 61.61
N SER F 136 35.06 10.11 60.56
CA SER F 136 35.82 8.88 60.57
C SER F 136 36.85 8.87 61.68
N GLU F 137 37.50 10.02 61.93
CA GLU F 137 38.44 10.10 63.04
C GLU F 137 37.74 9.85 64.37
N LEU F 138 36.52 10.36 64.53
CA LEU F 138 35.81 10.19 65.79
C LEU F 138 35.30 8.76 66.00
N VAL F 139 35.25 7.93 64.96
CA VAL F 139 34.74 6.58 65.12
C VAL F 139 35.63 5.80 66.07
N GLU F 140 35.00 5.01 66.93
CA GLU F 140 35.72 4.17 67.89
C GLU F 140 35.57 2.68 67.62
N LYS F 141 34.55 2.24 66.90
CA LYS F 141 34.40 0.83 66.59
C LYS F 141 33.61 0.65 65.30
N PRO F 142 34.24 0.23 64.19
CA PRO F 142 33.48 -0.04 62.97
C PRO F 142 32.45 -1.13 63.19
N LEU F 143 31.32 -0.99 62.52
CA LEU F 143 30.17 -1.86 62.72
C LEU F 143 30.05 -2.87 61.59
N ASN F 144 29.81 -4.13 61.96
CA ASN F 144 29.53 -5.19 60.98
C ASN F 144 28.02 -5.22 60.80
N LEU F 145 27.51 -4.28 60.02
CA LEU F 145 26.08 -4.12 59.79
C LEU F 145 25.80 -3.91 58.32
N ASN F 146 24.74 -4.54 57.84
CA ASN F 146 24.17 -4.27 56.52
C ASN F 146 22.88 -3.51 56.73
N VAL F 147 22.81 -2.28 56.21
CA VAL F 147 21.70 -1.39 56.51
C VAL F 147 21.03 -0.96 55.22
N ALA F 148 19.74 -0.63 55.31
CA ALA F 148 18.97 -0.07 54.22
C ALA F 148 18.76 1.41 54.52
N VAL F 149 19.46 2.26 53.77
CA VAL F 149 19.38 3.70 54.00
C VAL F 149 18.09 4.22 53.36
N HIS F 150 17.23 4.83 54.18
CA HIS F 150 16.00 5.44 53.73
C HIS F 150 16.22 6.95 53.74
N TYR F 151 16.22 7.56 52.55
CA TYR F 151 16.48 8.99 52.46
C TYR F 151 15.27 9.81 52.90
N GLY F 152 14.07 9.42 52.50
CA GLY F 152 12.91 10.24 52.74
C GLY F 152 12.69 11.25 51.63
N CYS F 153 11.43 11.60 51.43
CA CYS F 153 11.07 12.45 50.31
C CYS F 153 11.56 13.88 50.50
N HIS F 154 11.44 14.41 51.71
CA HIS F 154 11.61 15.84 51.94
C HIS F 154 13.03 16.23 52.32
N PHE F 155 13.96 15.28 52.37
CA PHE F 155 15.37 15.63 52.55
C PHE F 155 15.92 16.31 51.31
N LEU F 156 15.66 15.72 50.14
CA LEU F 156 16.25 16.20 48.90
C LEU F 156 15.27 16.89 47.96
N LYS F 157 13.97 16.62 48.08
CA LYS F 157 13.00 17.20 47.18
C LYS F 157 12.16 18.25 47.88
N PRO F 158 11.71 19.31 47.18
CA PRO F 158 11.97 19.64 45.77
C PRO F 158 13.41 20.07 45.53
N SER F 159 14.15 19.36 44.67
CA SER F 159 15.57 19.63 44.49
C SER F 159 15.84 20.99 43.86
N ASP F 160 14.84 21.58 43.19
CA ASP F 160 15.05 22.91 42.63
C ASP F 160 15.35 23.93 43.71
N GLU F 161 14.85 23.71 44.92
CA GLU F 161 15.06 24.61 46.05
C GLU F 161 16.13 24.10 47.00
N ILE F 162 15.99 22.86 47.47
CA ILE F 162 16.91 22.34 48.49
C ILE F 162 18.33 22.24 47.93
N ASN F 163 18.48 21.64 46.75
CA ASN F 163 19.76 21.61 46.05
C ASN F 163 20.86 21.02 46.93
N ILE F 164 20.58 19.88 47.54
CA ILE F 164 21.54 19.18 48.39
C ILE F 164 22.19 18.01 47.67
N ASP F 165 21.38 17.16 47.03
CA ASP F 165 21.91 16.05 46.24
C ASP F 165 20.87 15.66 45.21
N ASN F 166 21.26 14.75 44.32
CA ASN F 166 20.38 14.30 43.26
C ASN F 166 19.26 13.44 43.83
N PRO F 167 17.99 13.81 43.66
CA PRO F 167 16.91 12.97 44.22
C PRO F 167 16.86 11.58 43.61
N GLU F 168 17.15 11.45 42.31
CA GLU F 168 17.04 10.14 41.67
C GLU F 168 18.06 9.16 42.21
N ARG F 169 19.31 9.60 42.38
CA ARG F 169 20.39 8.72 42.86
C ARG F 169 21.34 9.53 43.72
N PRO F 170 20.99 9.74 44.99
CA PRO F 170 21.89 10.45 45.90
C PRO F 170 22.88 9.51 46.58
N THR F 171 23.91 10.12 47.17
CA THR F 171 24.97 9.36 47.84
C THR F 171 25.39 9.93 49.18
N ILE F 172 24.87 11.09 49.61
CA ILE F 172 25.38 11.74 50.81
C ILE F 172 25.18 10.84 52.04
N LEU F 173 23.96 10.34 52.23
CA LEU F 173 23.69 9.53 53.40
C LEU F 173 24.41 8.20 53.35
N ASP F 174 24.56 7.63 52.15
CA ASP F 174 25.32 6.38 52.03
C ASP F 174 26.77 6.59 52.44
N GLU F 175 27.35 7.72 52.04
CA GLU F 175 28.73 8.03 52.43
C GLU F 175 28.83 8.20 53.94
N ILE F 176 27.91 8.95 54.54
CA ILE F 176 27.95 9.14 55.99
C ILE F 176 27.82 7.81 56.70
N VAL F 177 26.92 6.94 56.23
CA VAL F 177 26.72 5.65 56.87
C VAL F 177 27.97 4.79 56.74
N GLU F 178 28.57 4.75 55.54
CA GLU F 178 29.76 3.94 55.33
C GLU F 178 30.95 4.47 56.11
N VAL F 179 30.93 5.75 56.50
CA VAL F 179 31.99 6.26 57.35
C VAL F 179 32.07 5.49 58.67
N THR F 180 31.00 4.82 59.06
CA THR F 180 30.93 4.10 60.32
C THR F 180 31.32 2.63 60.20
N GLY F 181 31.67 2.16 59.00
CA GLY F 181 31.96 0.77 58.78
C GLY F 181 30.76 -0.06 58.35
N ALA F 182 29.56 0.51 58.39
CA ALA F 182 28.38 -0.20 57.93
C ALA F 182 28.30 -0.15 56.41
N LYS F 183 27.66 -1.16 55.83
CA LYS F 183 27.51 -1.26 54.38
C LYS F 183 26.08 -0.92 54.00
N SER F 184 25.92 0.02 53.08
CA SER F 184 24.62 0.44 52.60
C SER F 184 24.22 -0.44 51.41
N VAL F 185 23.24 -1.29 51.62
CA VAL F 185 22.78 -2.21 50.59
C VAL F 185 21.85 -1.49 49.63
N GLU F 186 21.83 -1.96 48.39
CA GLU F 186 20.94 -1.45 47.36
C GLU F 186 19.73 -2.37 47.26
N TYR F 187 18.53 -1.78 47.28
CA TYR F 187 17.29 -2.53 47.20
C TYR F 187 16.36 -1.84 46.21
N LYS F 188 15.35 -2.59 45.78
CA LYS F 188 14.42 -2.08 44.77
C LYS F 188 13.60 -0.94 45.34
N ASP F 189 13.37 0.08 44.50
CA ASP F 189 12.61 1.27 44.88
C ASP F 189 13.17 1.89 46.16
N LYS F 190 14.48 2.19 46.11
CA LYS F 190 15.15 2.75 47.26
C LYS F 190 14.72 4.17 47.58
N MET F 191 14.20 4.90 46.60
CA MET F 191 13.78 6.29 46.79
C MET F 191 12.27 6.41 46.95
N MET F 192 11.57 5.32 47.18
CA MET F 192 10.13 5.35 47.35
C MET F 192 9.76 6.01 48.68
N CYS F 193 8.54 6.52 48.74
CA CYS F 193 8.02 7.12 49.95
C CYS F 193 7.66 6.04 50.97
N CYS F 194 7.85 6.37 52.25
CA CYS F 194 7.43 5.46 53.31
C CYS F 194 5.91 5.41 53.45
N GLY F 195 5.21 6.41 52.93
CA GLY F 195 3.77 6.45 52.97
C GLY F 195 3.18 7.34 54.04
N ALA F 196 4.00 7.93 54.90
CA ALA F 196 3.50 8.69 56.03
C ALA F 196 3.31 10.16 55.73
N GLY F 197 3.94 10.69 54.70
CA GLY F 197 3.85 12.11 54.42
C GLY F 197 2.51 12.51 53.85
N GLY F 198 2.28 13.83 53.83
CA GLY F 198 1.11 14.39 53.20
C GLY F 198 -0.19 14.20 53.95
N GLY F 199 -0.14 13.74 55.19
CA GLY F 199 -1.34 13.46 55.94
C GLY F 199 -1.98 12.13 55.62
N VAL F 200 -1.35 11.31 54.79
CA VAL F 200 -1.94 10.04 54.40
C VAL F 200 -1.95 9.06 55.57
N ARG F 201 -0.98 9.17 56.48
CA ARG F 201 -0.92 8.23 57.60
C ARG F 201 -2.18 8.32 58.46
N SER F 202 -2.68 9.54 58.70
CA SER F 202 -3.85 9.72 59.53
C SER F 202 -5.13 9.39 58.76
N ARG F 203 -5.26 9.91 57.54
CA ARG F 203 -6.51 9.77 56.80
C ARG F 203 -6.77 8.32 56.43
N ASP F 204 -5.79 7.64 55.84
CA ASP F 204 -5.95 6.27 55.35
C ASP F 204 -4.69 5.49 55.73
N LEU F 205 -4.73 4.86 56.90
CA LEU F 205 -3.58 4.11 57.37
C LEU F 205 -3.27 2.93 56.47
N ASP F 206 -4.28 2.39 55.78
CA ASP F 206 -4.05 1.22 54.93
C ASP F 206 -3.12 1.56 53.77
N VAL F 207 -3.30 2.72 53.15
CA VAL F 207 -2.43 3.11 52.04
C VAL F 207 -0.99 3.30 52.51
N ALA F 208 -0.81 4.00 53.64
CA ALA F 208 0.54 4.21 54.16
C ALA F 208 1.19 2.89 54.53
N LEU F 209 0.43 1.97 55.14
CA LEU F 209 0.97 0.66 55.46
C LEU F 209 1.30 -0.13 54.20
N ASP F 210 0.56 0.08 53.12
CA ASP F 210 0.94 -0.56 51.86
C ASP F 210 2.28 -0.03 51.37
N PHE F 211 2.47 1.28 51.44
CA PHE F 211 3.79 1.86 51.11
C PHE F 211 4.89 1.18 51.93
N THR F 212 4.70 1.14 53.25
CA THR F 212 5.73 0.61 54.14
C THR F 212 5.94 -0.88 53.89
N ARG F 213 4.88 -1.62 53.61
CA ARG F 213 4.99 -3.05 53.34
C ARG F 213 5.80 -3.29 52.08
N GLU F 214 5.57 -2.50 51.02
CA GLU F 214 6.37 -2.65 49.82
C GLU F 214 7.87 -2.45 50.00
N LYS F 215 8.24 -1.34 50.67
CA LYS F 215 9.66 -1.08 50.90
C LYS F 215 10.32 -2.10 51.85
N LEU F 216 9.55 -2.56 52.84
CA LEU F 216 10.07 -3.54 53.79
C LEU F 216 10.27 -4.84 53.03
N THR F 217 9.35 -5.18 52.12
CA THR F 217 9.54 -6.37 51.31
C THR F 217 10.80 -6.26 50.47
N ASN F 218 11.01 -5.09 49.84
CA ASN F 218 12.24 -4.91 49.07
C ASN F 218 13.47 -4.98 49.97
N MET F 219 13.40 -4.34 51.15
CA MET F 219 14.55 -4.36 52.05
C MET F 219 14.94 -5.76 52.48
N LYS F 220 13.96 -6.59 52.83
CA LYS F 220 14.26 -7.97 53.21
C LYS F 220 14.83 -8.87 52.11
N GLU F 221 14.33 -8.73 50.89
CA GLU F 221 14.93 -9.47 49.77
C GLU F 221 16.34 -8.94 49.44
N ALA F 222 16.66 -7.78 49.99
CA ALA F 222 18.02 -7.25 49.89
C ALA F 222 18.81 -7.79 51.08
N GLY F 223 18.14 -8.40 52.06
CA GLY F 223 18.82 -9.02 53.17
C GLY F 223 19.57 -8.06 54.07
N VAL F 224 18.95 -6.96 54.45
CA VAL F 224 19.59 -5.96 55.30
C VAL F 224 19.38 -6.33 56.76
N ASP F 225 20.16 -5.70 57.64
CA ASP F 225 20.10 -5.94 59.06
C ASP F 225 19.44 -4.81 59.85
N ALA F 226 19.17 -3.66 59.23
CA ALA F 226 18.59 -2.53 59.92
C ALA F 226 18.20 -1.47 58.90
N ILE F 227 17.40 -0.52 59.34
CA ILE F 227 16.95 0.60 58.52
C ILE F 227 17.48 1.88 59.13
N VAL F 228 18.16 2.68 58.33
CA VAL F 228 18.73 3.95 58.77
C VAL F 228 18.00 5.08 58.06
N ASN F 229 17.48 6.03 58.84
CA ASN F 229 16.71 7.15 58.31
C ASN F 229 17.21 8.44 58.95
N VAL F 230 16.75 9.56 58.40
CA VAL F 230 17.07 10.88 58.94
C VAL F 230 15.77 11.65 59.18
N CYS F 231 14.70 10.93 59.46
CA CYS F 231 13.40 11.57 59.70
C CYS F 231 12.64 10.84 60.80
N PRO F 232 12.39 11.49 61.94
CA PRO F 232 11.54 10.86 62.97
C PRO F 232 10.15 10.49 62.46
N PHE F 233 9.62 11.22 61.47
CA PHE F 233 8.33 10.83 60.90
C PHE F 233 8.43 9.49 60.19
N CYS F 234 9.42 9.33 59.32
CA CYS F 234 9.62 8.04 58.66
C CYS F 234 10.06 6.97 59.66
N HIS F 235 10.85 7.37 60.66
CA HIS F 235 11.22 6.45 61.72
C HIS F 235 9.99 5.88 62.40
N LEU F 236 9.07 6.74 62.81
CA LEU F 236 7.84 6.29 63.44
C LEU F 236 7.02 5.44 62.47
N GLN F 237 6.93 5.85 61.21
CA GLN F 237 6.19 5.06 60.24
C GLN F 237 6.73 3.64 60.21
N PHE F 238 8.04 3.48 60.02
CA PHE F 238 8.60 2.13 59.94
C PHE F 238 8.40 1.36 61.25
N ASP F 239 8.74 1.99 62.37
CA ASP F 239 8.73 1.29 63.65
C ASP F 239 7.33 0.82 64.02
N VAL F 240 6.36 1.74 64.00
CA VAL F 240 5.00 1.37 64.41
C VAL F 240 4.30 0.60 63.30
N GLY F 241 4.67 0.81 62.04
CA GLY F 241 4.00 0.14 60.95
C GLY F 241 4.41 -1.30 60.79
N GLN F 242 5.62 -1.66 61.24
CA GLN F 242 5.95 -3.08 61.29
C GLN F 242 5.00 -3.86 62.19
N MET F 243 4.73 -3.34 63.39
CA MET F 243 3.77 -3.97 64.28
C MET F 243 2.36 -3.93 63.72
N GLU F 244 1.99 -2.81 63.11
CA GLU F 244 0.64 -2.69 62.55
C GLU F 244 0.48 -3.70 61.42
N ILE F 245 1.52 -3.90 60.60
CA ILE F 245 1.46 -4.88 59.53
C ILE F 245 1.37 -6.28 60.10
N LYS F 246 2.17 -6.59 61.12
CA LYS F 246 2.06 -7.89 61.78
C LYS F 246 0.65 -8.23 62.26
N ASP F 247 -0.03 -7.28 62.88
CA ASP F 247 -1.38 -7.55 63.36
C ASP F 247 -2.43 -7.61 62.26
N LYS F 248 -2.33 -6.71 61.28
CA LYS F 248 -3.35 -6.60 60.24
C LYS F 248 -3.18 -7.76 59.27
N PHE F 249 -2.06 -7.79 58.55
CA PHE F 249 -1.84 -8.78 57.50
C PHE F 249 -1.03 -9.99 57.95
N GLY F 250 -0.62 -10.03 59.22
CA GLY F 250 0.12 -11.17 59.72
C GLY F 250 1.43 -11.41 59.00
N GLU F 251 2.11 -10.35 58.58
CA GLU F 251 3.41 -10.44 57.95
C GLU F 251 4.48 -10.00 58.94
N GLU F 252 5.47 -10.84 59.16
CA GLU F 252 6.47 -10.62 60.21
C GLU F 252 7.72 -10.02 59.57
N PHE F 253 7.87 -8.71 59.74
CA PHE F 253 9.11 -8.01 59.41
C PHE F 253 9.82 -7.68 60.71
N ASP F 254 11.03 -8.20 60.87
CA ASP F 254 11.85 -7.94 62.05
C ASP F 254 13.13 -7.26 61.57
N ILE F 255 13.05 -5.93 61.41
CA ILE F 255 14.17 -5.12 60.99
C ILE F 255 14.30 -3.96 61.97
N PRO F 256 15.40 -3.82 62.69
CA PRO F 256 15.56 -2.65 63.55
C PRO F 256 15.55 -1.36 62.74
N VAL F 257 15.00 -0.32 63.36
CA VAL F 257 14.92 1.01 62.76
C VAL F 257 15.78 1.93 63.59
N LEU F 258 16.73 2.61 62.93
CA LEU F 258 17.67 3.50 63.60
C LEU F 258 17.71 4.84 62.88
N HIS F 259 17.81 5.90 63.65
CA HIS F 259 18.12 7.21 63.10
C HIS F 259 19.61 7.29 62.78
N LEU F 260 19.97 8.23 61.92
CA LEU F 260 21.37 8.40 61.57
C LEU F 260 22.20 8.71 62.81
N ALA F 261 21.69 9.58 63.68
CA ALA F 261 22.40 9.90 64.91
C ALA F 261 22.59 8.67 65.78
N GLN F 262 21.58 7.80 65.83
CA GLN F 262 21.71 6.58 66.62
C GLN F 262 22.81 5.67 66.06
N LEU F 263 22.86 5.52 64.74
CA LEU F 263 23.92 4.70 64.15
C LEU F 263 25.29 5.31 64.41
N LEU F 264 25.42 6.63 64.27
CA LEU F 264 26.70 7.27 64.55
C LEU F 264 27.11 7.07 66.00
N GLY F 265 26.16 7.19 66.93
CA GLY F 265 26.47 6.92 68.32
C GLY F 265 26.91 5.50 68.55
N LEU F 266 26.24 4.54 67.90
CA LEU F 266 26.64 3.14 68.02
C LEU F 266 28.08 2.95 67.54
N ALA F 267 28.43 3.58 66.41
CA ALA F 267 29.80 3.47 65.91
C ALA F 267 30.79 4.15 66.84
N MET F 268 30.35 5.15 67.60
CA MET F 268 31.23 5.91 68.49
C MET F 268 31.17 5.40 69.93
N GLY F 269 30.78 4.13 70.11
CA GLY F 269 30.84 3.51 71.42
C GLY F 269 30.01 4.20 72.47
N LEU F 270 28.78 4.58 72.14
CA LEU F 270 27.91 5.22 73.12
C LEU F 270 27.47 4.19 74.16
N PRO F 271 27.07 4.64 75.36
CA PRO F 271 26.71 3.69 76.42
C PRO F 271 25.50 2.82 76.09
N LYS F 272 24.84 3.04 74.96
CA LYS F 272 23.72 2.22 74.51
C LYS F 272 22.46 2.50 75.33
N GLU F 273 22.58 3.33 76.36
CA GLU F 273 21.43 3.80 77.12
C GLU F 273 21.02 5.21 76.73
N ASP F 274 21.95 5.99 76.19
CA ASP F 274 21.57 7.25 75.55
C ASP F 274 20.62 7.00 74.40
N LEU F 275 20.90 5.96 73.61
CA LEU F 275 19.98 5.50 72.58
C LEU F 275 18.86 4.74 73.26
N VAL F 276 17.69 5.37 73.37
CA VAL F 276 16.59 4.77 74.12
C VAL F 276 15.93 3.72 73.26
N VAL F 277 16.42 2.48 73.36
CA VAL F 277 15.86 1.38 72.58
C VAL F 277 14.44 1.06 73.04
N ASP F 278 14.17 1.23 74.34
CA ASP F 278 12.85 0.88 74.86
C ASP F 278 11.74 1.71 74.23
N ALA F 279 12.07 2.86 73.64
CA ALA F 279 11.07 3.65 72.94
C ALA F 279 10.67 3.03 71.61
N HIS F 280 11.47 2.12 71.08
CA HIS F 280 11.22 1.52 69.78
C HIS F 280 10.30 0.32 69.92
N GLN F 281 9.25 0.28 69.11
CA GLN F 281 8.33 -0.85 69.13
C GLN F 281 9.00 -2.11 68.61
N VAL F 282 9.86 -1.98 67.60
CA VAL F 282 10.60 -3.11 67.05
C VAL F 282 11.86 -3.32 67.89
N CYS F 283 12.20 -4.58 68.12
CA CYS F 283 13.32 -4.90 68.99
C CYS F 283 14.65 -4.62 68.31
N VAL F 284 15.56 -3.97 69.03
CA VAL F 284 16.88 -3.64 68.52
C VAL F 284 17.97 -4.52 69.12
N ASP F 285 17.65 -5.35 70.11
CA ASP F 285 18.68 -6.04 70.88
C ASP F 285 19.51 -6.96 69.99
N GLU F 286 18.87 -7.66 69.05
CA GLU F 286 19.61 -8.56 68.18
C GLU F 286 20.58 -7.71 67.38
N CYS F 287 20.16 -6.53 66.93
CA CYS F 287 21.04 -5.67 66.17
C CYS F 287 22.33 -5.34 66.95
N LEU F 288 22.16 -4.93 68.21
CA LEU F 288 23.30 -4.60 69.05
C LEU F 288 24.30 -5.72 69.31
N THR G 2 -11.59 2.25 53.31
CA THR G 2 -10.25 2.39 52.74
C THR G 2 -10.30 2.38 51.23
N LEU G 3 -9.47 3.23 50.61
CA LEU G 3 -9.36 3.28 49.16
C LEU G 3 -8.28 2.34 48.62
N LEU G 4 -7.55 1.66 49.49
CA LEU G 4 -6.51 0.75 49.03
C LEU G 4 -7.12 -0.38 48.21
N GLN G 5 -6.66 -0.50 46.96
CA GLN G 5 -6.99 -1.66 46.14
C GLN G 5 -5.77 -1.92 45.25
N ARG G 6 -5.01 -2.94 45.62
CA ARG G 6 -3.71 -3.21 45.02
C ARG G 6 -3.82 -3.90 43.66
N GLU G 7 -5.00 -4.33 43.24
CA GLU G 7 -5.15 -5.14 42.04
C GLU G 7 -5.90 -4.45 40.91
N GLU G 8 -6.84 -3.54 41.19
CA GLU G 8 -7.64 -2.94 40.13
C GLU G 8 -7.04 -1.66 39.59
N ASN G 9 -5.88 -1.22 40.10
CA ASN G 9 -5.32 0.06 39.72
C ASN G 9 -3.96 -0.06 39.05
N ILE G 10 -3.58 -1.26 38.60
CA ILE G 10 -2.33 -1.46 37.89
C ILE G 10 -2.52 -2.61 36.93
N ILE G 11 -1.91 -2.51 35.75
CA ILE G 11 -1.99 -3.53 34.72
C ILE G 11 -0.63 -4.19 34.58
N ARG G 12 -0.57 -5.49 34.81
CA ARG G 12 0.61 -6.31 34.59
C ARG G 12 0.25 -7.43 33.63
N LYS G 13 1.21 -8.31 33.36
CA LYS G 13 0.96 -9.42 32.44
C LYS G 13 -0.11 -10.37 32.99
N GLY G 14 -0.41 -10.30 34.29
CA GLY G 14 -1.42 -11.16 34.86
C GLY G 14 -2.84 -10.79 34.45
N ASN G 15 -3.04 -9.56 33.97
CA ASN G 15 -4.34 -9.11 33.51
C ASN G 15 -4.53 -9.29 32.01
N ILE G 16 -3.54 -9.83 31.31
CA ILE G 16 -3.52 -9.86 29.85
C ILE G 16 -3.64 -11.30 29.36
N ASP G 17 -4.43 -11.48 28.30
CA ASP G 17 -4.55 -12.76 27.62
C ASP G 17 -4.39 -12.51 26.13
N LYS G 18 -3.22 -12.86 25.58
CA LYS G 18 -2.98 -12.68 24.16
C LYS G 18 -3.85 -13.59 23.31
N GLU G 19 -4.16 -14.79 23.82
CA GLU G 19 -4.99 -15.72 23.08
C GLU G 19 -6.38 -15.11 22.81
N PHE G 20 -6.95 -14.42 23.80
CA PHE G 20 -8.25 -13.81 23.61
C PHE G 20 -8.27 -12.78 22.48
N SER G 21 -7.27 -11.90 22.43
CA SER G 21 -7.23 -10.89 21.38
C SER G 21 -6.97 -11.51 20.01
N GLU G 22 -6.11 -12.52 19.95
CA GLU G 22 -5.85 -13.18 18.68
C GLU G 22 -7.12 -13.86 18.21
N LYS G 23 -7.86 -14.48 19.13
CA LYS G 23 -9.11 -15.13 18.76
C LYS G 23 -10.13 -14.10 18.27
N ILE G 24 -10.22 -12.95 18.94
CA ILE G 24 -11.13 -11.91 18.48
C ILE G 24 -10.72 -11.42 17.09
N LYS G 25 -9.41 -11.23 16.88
CA LYS G 25 -8.94 -10.74 15.59
C LYS G 25 -9.22 -11.74 14.48
N ALA G 26 -9.06 -13.04 14.76
CA ALA G 26 -9.26 -14.06 13.73
C ALA G 26 -10.73 -14.28 13.43
N ALA G 27 -11.63 -13.92 14.34
CA ALA G 27 -13.05 -14.20 14.19
C ALA G 27 -13.77 -13.14 13.35
N GLY G 28 -13.08 -12.11 12.90
CA GLY G 28 -13.70 -11.10 12.05
C GLY G 28 -13.59 -9.69 12.59
N GLY G 29 -12.74 -9.50 13.59
CA GLY G 29 -12.55 -8.18 14.17
C GLY G 29 -11.10 -7.73 14.12
N ASP G 30 -10.40 -8.09 13.04
CA ASP G 30 -8.98 -7.74 12.93
C ASP G 30 -8.76 -6.24 12.84
N SER G 31 -9.75 -5.49 12.37
CA SER G 31 -9.56 -4.05 12.20
C SER G 31 -9.23 -3.35 13.49
N LEU G 32 -9.63 -3.90 14.64
CA LEU G 32 -9.32 -3.28 15.91
C LEU G 32 -7.83 -3.13 16.11
N GLU G 33 -7.02 -3.90 15.39
CA GLU G 33 -5.57 -3.79 15.54
C GLU G 33 -5.07 -2.41 15.13
N TYR G 34 -5.78 -1.70 14.25
CA TYR G 34 -5.28 -0.41 13.80
C TYR G 34 -6.23 0.74 14.18
N CYS G 35 -6.71 0.73 15.41
CA CYS G 35 -7.38 1.87 16.02
C CYS G 35 -6.33 2.79 16.61
N PHE G 36 -6.41 4.09 16.30
CA PHE G 36 -5.50 5.06 16.87
C PHE G 36 -6.17 5.96 17.91
N GLN G 37 -7.27 5.49 18.49
CA GLN G 37 -7.83 6.05 19.73
C GLN G 37 -8.14 7.53 19.60
N CYS G 38 -8.84 7.89 18.53
CA CYS G 38 -9.22 9.29 18.34
C CYS G 38 -10.38 9.70 19.24
N GLY G 39 -11.27 8.76 19.55
CA GLY G 39 -12.43 9.05 20.37
C GLY G 39 -13.67 9.47 19.63
N THR G 40 -13.70 9.33 18.30
CA THR G 40 -14.90 9.67 17.55
C THR G 40 -16.04 8.74 17.91
N CYS G 41 -15.74 7.46 18.12
CA CYS G 41 -16.79 6.49 18.43
C CYS G 41 -17.49 6.82 19.73
N THR G 42 -16.73 7.19 20.76
CA THR G 42 -17.35 7.52 22.04
C THR G 42 -18.15 8.80 21.95
N GLY G 43 -17.66 9.79 21.20
CA GLY G 43 -18.42 11.01 21.01
C GLY G 43 -19.70 10.79 20.23
N SER G 44 -19.71 9.79 19.35
CA SER G 44 -20.91 9.47 18.57
C SER G 44 -21.87 8.55 19.30
N CYS G 45 -21.42 7.88 20.35
CA CYS G 45 -22.23 6.85 21.00
C CYS G 45 -23.37 7.49 21.80
N PRO G 46 -24.63 7.13 21.56
CA PRO G 46 -25.71 7.64 22.42
C PRO G 46 -25.79 6.95 23.76
N SER G 47 -25.21 5.76 23.90
CA SER G 47 -25.18 5.08 25.19
C SER G 47 -24.07 5.61 26.10
N GLY G 48 -23.03 6.21 25.54
CA GLY G 48 -21.97 6.78 26.35
C GLY G 48 -22.31 8.11 26.97
N ARG G 49 -23.40 8.73 26.54
CA ARG G 49 -23.84 10.00 27.12
C ARG G 49 -24.68 9.82 28.36
N ARG G 50 -25.16 8.60 28.63
CA ARG G 50 -26.04 8.35 29.77
C ARG G 50 -25.67 7.11 30.56
N THR G 51 -24.57 6.45 30.23
CA THR G 51 -24.11 5.29 30.98
C THR G 51 -22.58 5.32 31.05
N PRO G 52 -21.96 4.47 31.86
CA PRO G 52 -20.49 4.40 31.87
C PRO G 52 -19.89 3.65 30.69
N TYR G 53 -20.65 3.40 29.64
CA TYR G 53 -20.17 2.66 28.48
C TYR G 53 -19.24 3.54 27.65
N ARG G 54 -18.02 3.05 27.41
CA ARG G 54 -17.03 3.74 26.59
C ARG G 54 -16.53 2.78 25.52
N VAL G 55 -16.98 2.97 24.28
CA VAL G 55 -16.64 2.03 23.22
C VAL G 55 -15.15 2.11 22.89
N ARG G 56 -14.57 3.31 22.92
CA ARG G 56 -13.15 3.45 22.62
C ARG G 56 -12.31 2.63 23.58
N GLN G 57 -12.64 2.67 24.87
CA GLN G 57 -11.91 1.88 25.85
C GLN G 57 -12.18 0.40 25.68
N ILE G 58 -13.35 0.02 25.19
CA ILE G 58 -13.60 -1.40 24.88
C ILE G 58 -12.67 -1.86 23.77
N ILE G 59 -12.55 -1.06 22.71
CA ILE G 59 -11.64 -1.40 21.62
C ILE G 59 -10.20 -1.48 22.12
N ARG G 60 -9.81 -0.52 22.96
CA ARG G 60 -8.45 -0.52 23.49
C ARG G 60 -8.19 -1.76 24.34
N LYS G 61 -9.14 -2.12 25.21
CA LYS G 61 -8.94 -3.29 26.05
C LYS G 61 -8.91 -4.58 25.23
N ALA G 62 -9.72 -4.64 24.18
CA ALA G 62 -9.66 -5.80 23.28
C ALA G 62 -8.29 -5.91 22.62
N ASN G 63 -7.75 -4.78 22.16
CA ASN G 63 -6.43 -4.82 21.54
C ASN G 63 -5.35 -5.21 22.55
N VAL G 64 -5.25 -4.74 23.78
CA VAL G 64 -4.33 -5.06 24.90
C VAL G 64 -4.54 -6.45 25.45
N GLY G 65 -5.60 -7.14 25.22
CA GLY G 65 -5.84 -8.43 25.85
C GLY G 65 -6.47 -8.46 27.18
N LEU G 66 -7.13 -7.47 27.64
CA LEU G 66 -7.67 -7.49 28.95
C LEU G 66 -9.00 -8.24 28.87
N LYS G 67 -9.04 -9.59 28.88
CA LYS G 67 -10.23 -10.40 28.67
C LYS G 67 -11.21 -10.28 29.83
N ASP G 68 -10.71 -10.42 31.07
CA ASP G 68 -11.59 -10.40 32.23
C ASP G 68 -12.22 -9.02 32.41
N GLU G 69 -11.45 -7.97 32.16
CA GLU G 69 -11.99 -6.62 32.26
C GLU G 69 -13.13 -6.39 31.28
N ILE G 70 -13.19 -7.17 30.20
CA ILE G 70 -14.18 -6.95 29.15
C ILE G 70 -15.39 -7.85 29.37
N ILE G 71 -15.17 -9.16 29.39
CA ILE G 71 -16.30 -10.10 29.35
C ILE G 71 -17.20 -9.90 30.56
N SER G 72 -16.61 -9.60 31.72
CA SER G 72 -17.37 -9.38 32.94
C SER G 72 -17.96 -7.98 33.02
N ASP G 73 -17.67 -7.11 32.07
CA ASP G 73 -18.13 -5.73 32.13
C ASP G 73 -19.61 -5.62 31.77
N PRO G 74 -20.46 -5.12 32.67
CA PRO G 74 -21.88 -4.95 32.30
C PRO G 74 -22.09 -3.94 31.19
N THR G 75 -21.30 -2.87 31.14
CA THR G 75 -21.52 -1.82 30.16
C THR G 75 -21.36 -2.32 28.74
N LEU G 76 -20.77 -3.50 28.57
CA LEU G 76 -20.67 -4.10 27.24
C LEU G 76 -22.03 -4.27 26.61
N TRP G 77 -23.10 -4.36 27.41
CA TRP G 77 -24.43 -4.62 26.91
C TRP G 77 -25.27 -3.37 26.76
N MET G 78 -24.63 -2.20 26.72
CA MET G 78 -25.33 -0.93 26.49
C MET G 78 -25.29 -0.48 25.05
N CYS G 79 -24.67 -1.27 24.16
CA CYS G 79 -24.59 -0.91 22.75
C CYS G 79 -25.86 -1.35 22.03
N THR G 80 -26.49 -0.43 21.31
CA THR G 80 -27.68 -0.74 20.53
C THR G 80 -27.35 -1.13 19.10
N THR G 81 -26.08 -1.22 18.74
CA THR G 81 -25.66 -1.56 17.38
C THR G 81 -26.28 -0.61 16.36
N CYS G 82 -26.29 0.67 16.68
CA CYS G 82 -26.81 1.68 15.78
C CYS G 82 -25.88 2.00 14.63
N TYR G 83 -24.60 1.66 14.75
CA TYR G 83 -23.57 1.79 13.71
C TYR G 83 -23.08 3.22 13.48
N SER G 84 -23.43 4.19 14.33
CA SER G 84 -22.95 5.54 14.13
C SER G 84 -21.44 5.62 14.22
N CYS G 85 -20.87 4.96 15.23
CA CYS G 85 -19.42 4.94 15.39
C CYS G 85 -18.75 4.34 14.16
N GLN G 86 -19.25 3.19 13.70
CA GLN G 86 -18.67 2.55 12.53
C GLN G 86 -18.77 3.45 11.31
N GLU G 87 -19.88 4.17 11.17
CA GLU G 87 -20.02 5.10 10.07
C GLU G 87 -19.06 6.27 10.16
N ARG G 88 -18.60 6.61 11.36
CA ARG G 88 -17.74 7.78 11.54
C ARG G 88 -16.27 7.47 11.80
N CYS G 89 -15.91 6.20 12.00
CA CYS G 89 -14.53 5.88 12.36
C CYS G 89 -13.57 6.29 11.25
N PRO G 90 -12.55 7.12 11.53
CA PRO G 90 -11.62 7.51 10.45
C PRO G 90 -10.68 6.41 10.02
N ARG G 91 -10.56 5.34 10.80
CA ARG G 91 -9.71 4.20 10.44
C ARG G 91 -10.55 3.06 9.91
N LYS G 92 -11.86 3.25 9.76
CA LYS G 92 -12.76 2.22 9.24
C LYS G 92 -12.64 0.92 10.05
N VAL G 93 -12.69 1.05 11.36
CA VAL G 93 -12.71 -0.12 12.23
C VAL G 93 -14.14 -0.63 12.27
N LYS G 94 -14.30 -1.95 12.22
CA LYS G 94 -15.61 -2.58 12.35
C LYS G 94 -15.92 -2.71 13.84
N ILE G 95 -16.37 -1.59 14.40
CA ILE G 95 -16.57 -1.50 15.85
C ILE G 95 -17.67 -2.46 16.31
N VAL G 96 -18.78 -2.51 15.58
CA VAL G 96 -19.91 -3.34 16.01
C VAL G 96 -19.54 -4.81 15.94
N ASP G 97 -18.74 -5.21 14.95
CA ASP G 97 -18.32 -6.60 14.88
C ASP G 97 -17.50 -7.00 16.10
N VAL G 98 -16.58 -6.12 16.54
CA VAL G 98 -15.80 -6.39 17.73
C VAL G 98 -16.69 -6.45 18.95
N VAL G 99 -17.67 -5.54 19.04
CA VAL G 99 -18.59 -5.54 20.17
C VAL G 99 -19.35 -6.86 20.24
N LYS G 100 -19.84 -7.34 19.09
CA LYS G 100 -20.61 -8.57 19.07
C LYS G 100 -19.72 -9.78 19.38
N LEU G 101 -18.48 -9.79 18.91
CA LEU G 101 -17.58 -10.87 19.24
C LEU G 101 -17.29 -10.92 20.73
N ALA G 102 -17.06 -9.75 21.33
CA ALA G 102 -16.86 -9.70 22.77
C ALA G 102 -18.09 -10.17 23.52
N ARG G 103 -19.28 -9.81 23.02
CA ARG G 103 -20.51 -10.29 23.64
C ARG G 103 -20.63 -11.80 23.54
N ASN G 104 -20.24 -12.37 22.40
CA ASN G 104 -20.25 -13.82 22.24
C ASN G 104 -19.34 -14.48 23.26
N GLU G 105 -18.14 -13.93 23.44
CA GLU G 105 -17.21 -14.49 24.42
C GLU G 105 -17.75 -14.35 25.84
N ALA G 106 -18.39 -13.21 26.14
CA ALA G 106 -18.98 -13.02 27.47
C ALA G 106 -20.08 -14.03 27.72
N ALA G 107 -20.94 -14.27 26.74
CA ALA G 107 -21.98 -15.27 26.89
C ALA G 107 -21.47 -16.68 27.15
N LYS G 108 -20.45 -17.11 26.41
CA LYS G 108 -19.85 -18.42 26.68
C LYS G 108 -19.17 -18.50 28.04
N ALA G 109 -18.74 -17.34 28.55
CA ALA G 109 -18.13 -17.29 29.88
C ALA G 109 -19.23 -17.29 30.93
N GLY G 110 -20.47 -17.01 30.56
CA GLY G 110 -21.59 -17.09 31.47
C GLY G 110 -22.23 -15.77 31.86
N PHE G 111 -21.88 -14.67 31.21
CA PHE G 111 -22.44 -13.36 31.54
C PHE G 111 -23.59 -13.07 30.57
N MET G 112 -24.72 -13.71 30.83
CA MET G 112 -25.94 -13.49 30.07
C MET G 112 -27.05 -13.00 31.00
N ALA G 113 -27.93 -12.17 30.46
CA ALA G 113 -29.02 -11.65 31.27
C ALA G 113 -30.21 -12.61 31.22
N PRO G 114 -30.94 -12.78 32.32
CA PRO G 114 -32.12 -13.66 32.29
C PRO G 114 -33.15 -13.27 31.25
N ALA G 115 -33.27 -11.99 30.90
CA ALA G 115 -34.24 -11.58 29.89
C ALA G 115 -33.82 -12.05 28.50
N HIS G 116 -32.54 -11.97 28.17
CA HIS G 116 -32.06 -12.50 26.91
C HIS G 116 -32.23 -14.01 26.86
N LYS G 117 -31.96 -14.69 27.97
CA LYS G 117 -32.23 -16.12 28.05
C LYS G 117 -33.71 -16.39 27.83
N ALA G 118 -34.58 -15.52 28.34
CA ALA G 118 -36.01 -15.69 28.15
C ALA G 118 -36.38 -15.58 26.68
N VAL G 119 -35.81 -14.59 25.97
CA VAL G 119 -36.10 -14.46 24.54
C VAL G 119 -35.62 -15.70 23.79
N GLY G 120 -34.42 -16.19 24.13
CA GLY G 120 -33.93 -17.40 23.50
C GLY G 120 -34.82 -18.60 23.76
N SER G 121 -35.30 -18.73 25.00
CA SER G 121 -36.21 -19.82 25.32
C SER G 121 -37.53 -19.70 24.57
N PHE G 122 -38.00 -18.47 24.38
CA PHE G 122 -39.20 -18.25 23.57
C PHE G 122 -38.98 -18.74 22.15
N VAL G 123 -37.82 -18.43 21.58
CA VAL G 123 -37.53 -18.89 20.22
C VAL G 123 -37.46 -20.41 20.18
N ILE G 124 -36.87 -21.02 21.21
CA ILE G 124 -36.80 -22.48 21.25
C ILE G 124 -38.19 -23.09 21.36
N LYS G 125 -39.06 -22.48 22.16
CA LYS G 125 -40.38 -23.03 22.40
C LYS G 125 -41.28 -22.89 21.19
N THR G 126 -41.29 -21.71 20.56
CA THR G 126 -42.25 -21.41 19.52
C THR G 126 -41.65 -20.94 18.21
N GLY G 127 -40.34 -20.71 18.15
CA GLY G 127 -39.71 -20.20 16.95
C GLY G 127 -39.84 -18.71 16.75
N HIS G 128 -40.45 -17.99 17.69
CA HIS G 128 -40.60 -16.55 17.61
C HIS G 128 -40.04 -15.92 18.87
N GLY G 129 -39.26 -14.85 18.70
CA GLY G 129 -38.77 -14.10 19.84
C GLY G 129 -39.85 -13.27 20.51
N VAL G 130 -40.89 -12.92 19.77
CA VAL G 130 -42.04 -12.20 20.30
C VAL G 130 -43.29 -12.99 19.94
N PRO G 131 -43.60 -14.07 20.65
CA PRO G 131 -44.73 -14.91 20.25
C PRO G 131 -46.07 -14.20 20.39
N ILE G 132 -47.05 -14.72 19.67
CA ILE G 132 -48.37 -14.12 19.60
C ILE G 132 -49.13 -14.36 20.89
N ASN G 133 -49.99 -13.42 21.24
CA ASN G 133 -50.88 -13.53 22.39
C ASN G 133 -52.33 -13.53 21.91
N ASP G 134 -53.24 -13.83 22.84
CA ASP G 134 -54.64 -14.04 22.48
C ASP G 134 -55.27 -12.79 21.88
N ALA G 135 -54.98 -11.62 22.46
CA ALA G 135 -55.60 -10.39 21.97
C ALA G 135 -55.24 -10.14 20.51
N THR G 136 -53.97 -10.33 20.16
CA THR G 136 -53.57 -10.15 18.77
C THR G 136 -54.18 -11.22 17.88
N MET G 137 -54.43 -12.41 18.41
CA MET G 137 -55.15 -13.43 17.64
C MET G 137 -56.55 -12.94 17.29
N GLU G 138 -57.25 -12.36 18.27
CA GLU G 138 -58.58 -11.82 18.00
C GLU G 138 -58.51 -10.68 16.98
N LEU G 139 -57.50 -9.81 17.12
CA LEU G 139 -57.37 -8.71 16.18
C LEU G 139 -57.12 -9.21 14.75
N ARG G 140 -56.25 -10.21 14.60
CA ARG G 140 -56.01 -10.79 13.28
C ARG G 140 -57.28 -11.42 12.73
N LYS G 141 -58.02 -12.15 13.56
CA LYS G 141 -59.25 -12.76 13.10
C LYS G 141 -60.24 -11.70 12.63
N ALA G 142 -60.34 -10.59 13.36
CA ALA G 142 -61.30 -9.56 13.02
C ALA G 142 -60.92 -8.84 11.72
N VAL G 143 -59.65 -8.45 11.59
CA VAL G 143 -59.26 -7.59 10.47
C VAL G 143 -59.43 -8.31 9.15
N GLY G 144 -59.09 -9.59 9.09
CA GLY G 144 -59.21 -10.33 7.85
C GLY G 144 -58.11 -11.34 7.63
N LEU G 145 -57.09 -11.33 8.50
CA LEU G 145 -56.01 -12.30 8.43
C LEU G 145 -56.39 -13.55 9.21
N GLY G 146 -55.54 -14.57 9.11
CA GLY G 146 -55.76 -15.78 9.88
C GLY G 146 -55.44 -15.59 11.34
N GLU G 147 -55.98 -16.50 12.16
CA GLU G 147 -55.71 -16.43 13.59
C GLU G 147 -54.23 -16.58 13.89
N LEU G 148 -53.56 -17.50 13.19
CA LEU G 148 -52.13 -17.66 13.29
C LEU G 148 -51.47 -17.34 11.96
N PRO G 149 -50.32 -16.68 11.96
CA PRO G 149 -49.67 -16.30 10.70
C PRO G 149 -48.99 -17.50 10.06
N PRO G 150 -48.69 -17.43 8.76
CA PRO G 150 -48.03 -18.55 8.10
C PRO G 150 -46.57 -18.70 8.55
N THR G 151 -46.40 -18.99 9.84
CA THR G 151 -45.07 -19.10 10.44
C THR G 151 -44.98 -20.40 11.22
N THR G 152 -43.94 -20.55 12.04
CA THR G 152 -43.83 -21.74 12.89
C THR G 152 -44.99 -21.83 13.87
N HIS G 153 -45.71 -20.73 14.10
CA HIS G 153 -46.92 -20.80 14.90
C HIS G 153 -47.94 -21.74 14.27
N GLN G 154 -47.94 -21.85 12.94
CA GLN G 154 -48.91 -22.65 12.22
C GLN G 154 -48.39 -24.02 11.81
N PHE G 155 -47.11 -24.11 11.46
CA PHE G 155 -46.53 -25.36 10.94
C PHE G 155 -45.60 -25.97 11.99
N PRO G 156 -46.01 -27.06 12.65
CA PRO G 156 -45.09 -27.68 13.64
C PRO G 156 -43.79 -28.16 13.04
N GLU G 157 -43.78 -28.60 11.77
CA GLU G 157 -42.55 -29.08 11.17
C GLU G 157 -41.50 -27.97 11.10
N ALA G 158 -41.92 -26.75 10.83
CA ALA G 158 -40.99 -25.62 10.86
C ALA G 158 -40.40 -25.45 12.25
N LEU G 159 -41.22 -25.61 13.29
CA LEU G 159 -40.71 -25.51 14.65
C LEU G 159 -39.70 -26.62 14.93
N GLU G 160 -39.95 -27.82 14.43
CA GLU G 160 -39.00 -28.91 14.62
C GLU G 160 -37.70 -28.61 13.90
N GLU G 161 -37.76 -28.02 12.70
CA GLU G 161 -36.54 -27.64 12.00
C GLU G 161 -35.76 -26.59 12.79
N VAL G 162 -36.46 -25.59 13.34
CA VAL G 162 -35.79 -24.57 14.12
C VAL G 162 -35.12 -25.18 15.36
N GLN G 163 -35.84 -26.07 16.04
CA GLN G 163 -35.26 -26.71 17.22
C GLN G 163 -34.04 -27.60 16.98
N LYS G 164 -33.99 -28.31 15.86
CA LYS G 164 -32.79 -29.06 15.51
C LYS G 164 -31.61 -28.16 15.13
N ILE G 165 -31.91 -27.03 14.51
CA ILE G 165 -30.87 -26.04 14.21
C ILE G 165 -30.33 -25.62 15.56
N ILE G 166 -31.23 -25.33 16.50
CA ILE G 166 -30.80 -24.86 17.82
C ILE G 166 -29.98 -25.94 18.53
N LYS G 167 -30.42 -27.19 18.46
CA LYS G 167 -29.65 -28.27 19.06
C LYS G 167 -28.30 -28.45 18.35
N ALA G 168 -28.28 -28.30 17.03
CA ALA G 168 -27.04 -28.47 16.29
C ALA G 168 -26.01 -27.41 16.67
N THR G 169 -26.45 -26.16 16.83
CA THR G 169 -25.54 -25.07 17.13
C THR G 169 -25.19 -24.97 18.61
N GLY G 170 -25.80 -25.78 19.47
CA GLY G 170 -25.47 -25.76 20.88
C GLY G 170 -26.02 -24.57 21.63
N PHE G 171 -27.03 -23.89 21.07
CA PHE G 171 -27.58 -22.71 21.72
C PHE G 171 -28.29 -23.07 23.02
N ASP G 172 -28.98 -24.21 23.05
CA ASP G 172 -29.70 -24.61 24.25
C ASP G 172 -28.75 -24.83 25.42
N GLN G 173 -27.61 -25.49 25.16
CA GLN G 173 -26.61 -25.64 26.22
C GLN G 173 -26.01 -24.32 26.62
N LEU G 174 -25.90 -23.37 25.69
CA LEU G 174 -25.39 -22.06 26.02
C LEU G 174 -26.31 -21.34 27.00
N ILE G 175 -27.62 -21.33 26.72
CA ILE G 175 -28.57 -20.67 27.62
C ILE G 175 -29.07 -21.59 28.71
N GLY G 176 -28.54 -22.81 28.81
CA GLY G 176 -28.95 -23.72 29.87
C GLY G 176 -30.40 -24.15 29.77
N TYR G 177 -30.89 -24.39 28.56
CA TYR G 177 -32.26 -24.86 28.39
C TYR G 177 -32.39 -26.32 28.81
N ASN G 178 -33.56 -26.67 29.34
CA ASN G 178 -33.87 -28.03 29.76
C ASN G 178 -35.00 -28.55 28.88
N TRP G 179 -34.66 -29.43 27.94
CA TRP G 179 -35.67 -29.99 27.04
C TRP G 179 -36.65 -30.84 27.84
N GLU G 180 -36.15 -31.58 28.84
CA GLU G 180 -37.01 -32.47 29.60
C GLU G 180 -38.20 -31.74 30.21
N THR G 181 -37.95 -30.61 30.88
CA THR G 181 -39.01 -29.82 31.48
C THR G 181 -39.35 -28.54 30.72
N GLY G 182 -38.63 -28.25 29.64
CA GLY G 182 -38.86 -27.01 28.91
C GLY G 182 -38.69 -25.76 29.74
N GLU G 183 -37.65 -25.70 30.56
CA GLU G 183 -37.42 -24.59 31.46
C GLU G 183 -35.95 -24.20 31.43
N LEU G 184 -35.69 -22.94 31.77
CA LEU G 184 -34.32 -22.45 31.88
C LEU G 184 -33.74 -22.94 33.20
N GLU G 185 -32.97 -24.02 33.14
CA GLU G 185 -32.36 -24.59 34.34
C GLU G 185 -31.19 -23.73 34.79
N THR H 2 -30.00 -0.37 37.42
CA THR H 2 -29.84 0.22 36.09
C THR H 2 -28.53 1.00 36.01
N LEU H 3 -27.91 0.99 34.85
CA LEU H 3 -26.68 1.73 34.61
C LEU H 3 -26.94 3.15 34.12
N LEU H 4 -28.21 3.55 33.99
CA LEU H 4 -28.53 4.89 33.54
C LEU H 4 -28.08 5.92 34.56
N GLN H 5 -27.36 6.95 34.09
CA GLN H 5 -27.00 8.08 34.93
C GLN H 5 -26.92 9.33 34.06
N ARG H 6 -27.96 10.16 34.11
CA ARG H 6 -28.07 11.30 33.22
C ARG H 6 -27.01 12.42 33.42
N GLU H 7 -26.46 12.49 34.62
CA GLU H 7 -25.52 13.55 34.99
C GLU H 7 -24.04 13.28 35.11
N GLU H 8 -23.63 12.08 35.51
CA GLU H 8 -22.23 11.81 35.80
C GLU H 8 -21.41 11.47 34.56
N ASN H 9 -22.04 11.32 33.39
CA ASN H 9 -21.36 10.80 32.22
C ASN H 9 -21.25 11.81 31.10
N ILE H 10 -21.50 13.08 31.36
CA ILE H 10 -21.36 14.13 30.36
C ILE H 10 -20.97 15.41 31.06
N ILE H 11 -20.11 16.20 30.43
CA ILE H 11 -19.64 17.46 30.97
C ILE H 11 -20.26 18.59 30.16
N ARG H 12 -20.98 19.47 30.85
CA ARG H 12 -21.55 20.67 30.26
C ARG H 12 -21.07 21.88 31.05
N LYS H 13 -21.52 23.06 30.64
CA LYS H 13 -21.11 24.28 31.34
C LYS H 13 -21.60 24.32 32.77
N GLY H 14 -22.64 23.55 33.10
CA GLY H 14 -23.15 23.53 34.46
C GLY H 14 -22.19 22.93 35.46
N ASN H 15 -21.21 22.17 34.99
CA ASN H 15 -20.23 21.53 35.87
C ASN H 15 -18.96 22.35 36.04
N ILE H 16 -18.86 23.52 35.41
CA ILE H 16 -17.61 24.27 35.30
C ILE H 16 -17.73 25.54 36.11
N ASP H 17 -16.72 25.81 36.93
CA ASP H 17 -16.59 27.05 37.69
C ASP H 17 -15.26 27.68 37.27
N LYS H 18 -15.33 28.69 36.39
CA LYS H 18 -14.12 29.36 35.95
C LYS H 18 -13.50 30.19 37.07
N GLU H 19 -14.32 30.62 38.03
CA GLU H 19 -13.79 31.38 39.16
C GLU H 19 -12.89 30.50 40.02
N PHE H 20 -13.23 29.23 40.18
CA PHE H 20 -12.39 28.32 40.94
C PHE H 20 -11.03 28.15 40.26
N SER H 21 -11.02 28.02 38.94
CA SER H 21 -9.76 27.91 38.21
C SER H 21 -8.93 29.18 38.35
N GLU H 22 -9.57 30.34 38.23
CA GLU H 22 -8.85 31.60 38.38
C GLU H 22 -8.28 31.72 39.79
N LYS H 23 -9.05 31.32 40.80
CA LYS H 23 -8.56 31.38 42.18
C LYS H 23 -7.36 30.47 42.38
N ILE H 24 -7.42 29.24 41.84
CA ILE H 24 -6.31 28.32 41.98
C ILE H 24 -5.07 28.89 41.29
N LYS H 25 -5.22 29.41 40.08
CA LYS H 25 -4.06 29.92 39.35
C LYS H 25 -3.48 31.17 39.99
N ALA H 26 -4.32 31.99 40.62
CA ALA H 26 -3.82 33.21 41.26
C ALA H 26 -3.11 32.91 42.58
N ALA H 27 -3.50 31.83 43.27
CA ALA H 27 -2.91 31.51 44.55
C ALA H 27 -1.55 30.83 44.44
N GLY H 28 -1.10 30.51 43.23
CA GLY H 28 0.21 29.92 43.04
C GLY H 28 0.20 28.66 42.20
N GLY H 29 -0.94 28.36 41.58
CA GLY H 29 -1.07 27.19 40.74
C GLY H 29 -1.02 27.60 39.29
N ASP H 30 -0.36 28.72 39.00
CA ASP H 30 -0.35 29.24 37.63
C ASP H 30 0.15 28.20 36.61
N SER H 31 1.17 27.43 37.00
CA SER H 31 1.73 26.43 36.10
C SER H 31 0.80 25.37 35.52
N LEU H 32 -0.25 24.99 36.25
CA LEU H 32 -1.18 24.01 35.71
C LEU H 32 -1.74 24.43 34.37
N GLU H 33 -1.62 25.71 34.01
CA GLU H 33 -2.13 26.18 32.73
C GLU H 33 -1.41 25.56 31.54
N TYR H 34 -0.17 25.09 31.71
CA TYR H 34 0.54 24.54 30.56
C TYR H 34 0.99 23.10 30.79
N CYS H 35 0.09 22.27 31.30
CA CYS H 35 0.29 20.83 31.30
C CYS H 35 -0.19 20.26 29.97
N PHE H 36 0.62 19.40 29.36
CA PHE H 36 0.23 18.76 28.11
C PHE H 36 -0.09 17.28 28.28
N GLN H 37 -0.45 16.86 29.49
CA GLN H 37 -1.11 15.58 29.75
C GLN H 37 -0.31 14.39 29.21
N CYS H 38 1.00 14.42 29.47
CA CYS H 38 1.85 13.29 29.09
C CYS H 38 1.60 12.07 29.97
N GLY H 39 1.26 12.28 31.24
CA GLY H 39 1.04 11.18 32.15
C GLY H 39 2.26 10.70 32.90
N THR H 40 3.32 11.51 32.97
CA THR H 40 4.48 11.13 33.76
C THR H 40 4.18 11.19 35.26
N CYS H 41 3.37 12.17 35.67
CA CYS H 41 3.05 12.32 37.09
C CYS H 41 2.31 11.10 37.61
N THR H 42 1.33 10.60 36.86
CA THR H 42 0.57 9.44 37.31
C THR H 42 1.43 8.18 37.31
N GLY H 43 2.29 8.03 36.31
CA GLY H 43 3.21 6.90 36.31
C GLY H 43 4.18 6.92 37.48
N SER H 44 4.61 8.11 37.88
CA SER H 44 5.50 8.25 39.03
C SER H 44 4.78 8.09 40.36
N CYS H 45 3.49 8.34 40.41
CA CYS H 45 2.78 8.38 41.67
C CYS H 45 2.77 7.01 42.34
N PRO H 46 3.27 6.88 43.58
CA PRO H 46 3.11 5.62 44.29
C PRO H 46 1.70 5.42 44.84
N SER H 47 0.93 6.49 45.02
CA SER H 47 -0.46 6.35 45.43
C SER H 47 -1.33 5.85 44.28
N GLY H 48 -1.09 6.36 43.07
CA GLY H 48 -1.88 5.96 41.92
C GLY H 48 -1.74 4.50 41.57
N ARG H 49 -0.70 3.82 42.07
CA ARG H 49 -0.52 2.40 41.81
C ARG H 49 -1.44 1.53 42.65
N ARG H 50 -1.98 2.06 43.74
CA ARG H 50 -2.76 1.26 44.68
C ARG H 50 -4.08 1.91 45.08
N THR H 51 -4.41 3.06 44.53
CA THR H 51 -5.67 3.73 44.79
C THR H 51 -6.19 4.29 43.48
N PRO H 52 -7.48 4.65 43.41
CA PRO H 52 -8.00 5.32 42.22
C PRO H 52 -7.57 6.76 42.08
N TYR H 53 -6.61 7.22 42.88
CA TYR H 53 -6.06 8.56 42.75
C TYR H 53 -5.30 8.69 41.43
N ARG H 54 -5.57 9.76 40.69
CA ARG H 54 -4.93 10.02 39.40
C ARG H 54 -4.56 11.50 39.36
N VAL H 55 -3.30 11.81 39.59
CA VAL H 55 -2.87 13.20 39.70
C VAL H 55 -3.07 13.94 38.38
N ARG H 56 -2.83 13.26 37.26
CA ARG H 56 -2.99 13.91 35.97
C ARG H 56 -4.41 14.37 35.75
N GLN H 57 -5.38 13.54 36.12
CA GLN H 57 -6.78 13.94 36.00
C GLN H 57 -7.12 15.07 36.95
N ILE H 58 -6.48 15.13 38.12
CA ILE H 58 -6.70 16.25 39.03
C ILE H 58 -6.21 17.55 38.39
N ILE H 59 -5.03 17.52 37.78
CA ILE H 59 -4.51 18.71 37.10
C ILE H 59 -5.44 19.10 35.96
N ARG H 60 -5.90 18.11 35.19
CA ARG H 60 -6.83 18.37 34.09
C ARG H 60 -8.09 19.05 34.60
N LYS H 61 -8.68 18.52 35.67
CA LYS H 61 -9.93 19.07 36.20
C LYS H 61 -9.71 20.48 36.75
N ALA H 62 -8.58 20.71 37.41
CA ALA H 62 -8.27 22.05 37.89
C ALA H 62 -8.17 23.03 36.74
N ASN H 63 -7.54 22.61 35.64
CA ASN H 63 -7.46 23.47 34.46
C ASN H 63 -8.84 23.73 33.86
N VAL H 64 -9.66 22.69 33.78
CA VAL H 64 -10.99 22.83 33.17
C VAL H 64 -11.91 23.66 34.07
N GLY H 65 -11.88 23.40 35.37
CA GLY H 65 -12.73 24.12 36.31
C GLY H 65 -13.83 23.28 36.90
N LEU H 66 -13.57 22.00 37.12
CA LEU H 66 -14.56 21.09 37.70
C LEU H 66 -14.37 21.09 39.22
N LYS H 67 -14.87 22.16 39.86
CA LYS H 67 -14.67 22.35 41.29
C LYS H 67 -15.29 21.24 42.11
N ASP H 68 -16.56 20.91 41.82
CA ASP H 68 -17.25 19.89 42.60
C ASP H 68 -16.64 18.52 42.39
N GLU H 69 -16.14 18.26 41.18
CA GLU H 69 -15.48 16.98 40.90
C GLU H 69 -14.16 16.84 41.65
N ILE H 70 -13.61 17.94 42.16
CA ILE H 70 -12.31 17.93 42.82
C ILE H 70 -12.49 17.92 44.33
N ILE H 71 -13.15 18.96 44.85
CA ILE H 71 -13.17 19.18 46.29
C ILE H 71 -13.87 18.03 47.01
N SER H 72 -14.90 17.46 46.40
CA SER H 72 -15.63 16.36 47.02
C SER H 72 -15.02 14.99 46.77
N ASP H 73 -13.92 14.91 46.02
CA ASP H 73 -13.31 13.63 45.70
C ASP H 73 -12.44 13.16 46.85
N PRO H 74 -12.68 11.99 47.44
CA PRO H 74 -11.79 11.52 48.51
C PRO H 74 -10.37 11.23 48.05
N THR H 75 -10.20 10.79 46.81
CA THR H 75 -8.86 10.44 46.33
C THR H 75 -7.91 11.62 46.32
N LEU H 76 -8.44 12.85 46.43
CA LEU H 76 -7.60 14.02 46.55
C LEU H 76 -6.65 13.92 47.74
N TRP H 77 -7.01 13.13 48.75
CA TRP H 77 -6.22 13.06 49.97
C TRP H 77 -5.27 11.87 50.00
N MET H 78 -5.02 11.25 48.85
CA MET H 78 -4.11 10.12 48.77
C MET H 78 -2.68 10.53 48.41
N CYS H 79 -2.43 11.81 48.20
CA CYS H 79 -1.10 12.28 47.85
C CYS H 79 -0.26 12.46 49.12
N THR H 80 0.92 11.85 49.14
CA THR H 80 1.85 11.99 50.25
C THR H 80 2.79 13.18 50.09
N THR H 81 2.66 13.93 49.01
CA THR H 81 3.55 15.06 48.73
C THR H 81 5.00 14.60 48.65
N CYS H 82 5.22 13.43 48.06
CA CYS H 82 6.57 12.90 47.89
C CYS H 82 7.38 13.67 46.85
N TYR H 83 6.71 14.41 45.97
CA TYR H 83 7.31 15.33 44.98
C TYR H 83 7.88 14.58 43.78
N SER H 84 7.71 13.26 43.66
CA SER H 84 8.29 12.55 42.53
C SER H 84 7.76 13.09 41.21
N CYS H 85 6.44 13.24 41.10
CA CYS H 85 5.84 13.81 39.91
C CYS H 85 6.45 15.15 39.54
N GLN H 86 6.56 16.06 40.51
CA GLN H 86 7.11 17.38 40.25
C GLN H 86 8.57 17.31 39.84
N GLU H 87 9.31 16.31 40.34
CA GLU H 87 10.71 16.17 39.93
C GLU H 87 10.81 15.74 38.48
N ARG H 88 9.85 14.96 37.98
CA ARG H 88 9.96 14.40 36.65
C ARG H 88 9.14 15.13 35.59
N CYS H 89 8.34 16.12 35.95
CA CYS H 89 7.43 16.73 34.99
C CYS H 89 8.19 17.43 33.87
N PRO H 90 7.94 17.09 32.61
CA PRO H 90 8.67 17.75 31.51
C PRO H 90 8.25 19.18 31.25
N ARG H 91 7.05 19.59 31.67
CA ARG H 91 6.60 20.97 31.55
C ARG H 91 6.85 21.79 32.80
N LYS H 92 7.42 21.18 33.85
CA LYS H 92 7.72 21.87 35.10
C LYS H 92 6.46 22.46 35.73
N VAL H 93 5.43 21.64 35.83
CA VAL H 93 4.21 22.03 36.53
C VAL H 93 4.42 21.80 38.02
N LYS H 94 4.04 22.79 38.83
CA LYS H 94 4.14 22.68 40.29
C LYS H 94 2.94 21.90 40.78
N ILE H 95 3.06 20.57 40.70
CA ILE H 95 1.92 19.70 40.95
C ILE H 95 1.51 19.73 42.41
N VAL H 96 2.48 19.64 43.31
CA VAL H 96 2.16 19.54 44.73
C VAL H 96 1.49 20.81 45.23
N ASP H 97 1.90 21.96 44.70
CA ASP H 97 1.25 23.21 45.07
C ASP H 97 -0.22 23.22 44.65
N VAL H 98 -0.51 22.72 43.45
CA VAL H 98 -1.89 22.65 42.99
C VAL H 98 -2.69 21.70 43.88
N VAL H 99 -2.09 20.56 44.26
CA VAL H 99 -2.79 19.62 45.12
C VAL H 99 -3.09 20.26 46.47
N LYS H 100 -2.13 21.00 47.03
CA LYS H 100 -2.34 21.63 48.32
C LYS H 100 -3.40 22.73 48.23
N LEU H 101 -3.43 23.49 47.14
CA LEU H 101 -4.46 24.49 46.96
C LEU H 101 -5.84 23.85 46.84
N ALA H 102 -5.93 22.74 46.12
CA ALA H 102 -7.18 22.01 46.01
C ALA H 102 -7.62 21.50 47.37
N ARG H 103 -6.69 21.01 48.18
CA ARG H 103 -7.04 20.55 49.53
C ARG H 103 -7.50 21.70 50.40
N ASN H 104 -6.87 22.88 50.26
CA ASN H 104 -7.34 24.04 51.01
C ASN H 104 -8.77 24.38 50.64
N GLU H 105 -9.09 24.36 49.34
CA GLU H 105 -10.46 24.61 48.91
C GLU H 105 -11.41 23.56 49.45
N ALA H 106 -11.00 22.30 49.44
CA ALA H 106 -11.86 21.24 49.96
C ALA H 106 -12.12 21.42 51.45
N ALA H 107 -11.09 21.80 52.20
CA ALA H 107 -11.26 22.07 53.62
C ALA H 107 -12.21 23.24 53.85
N LYS H 108 -12.09 24.29 53.03
CA LYS H 108 -13.03 25.40 53.16
C LYS H 108 -14.46 24.99 52.84
N ALA H 109 -14.64 23.85 52.16
CA ALA H 109 -15.96 23.34 51.83
C ALA H 109 -16.43 22.26 52.81
N GLY H 110 -15.67 21.97 53.85
CA GLY H 110 -16.08 21.02 54.87
C GLY H 110 -15.66 19.59 54.64
N PHE H 111 -14.77 19.33 53.69
CA PHE H 111 -14.31 17.97 53.41
C PHE H 111 -13.00 17.70 54.16
N MET H 112 -13.10 17.70 55.48
CA MET H 112 -11.97 17.41 56.35
C MET H 112 -12.21 16.07 57.04
N ALA H 113 -11.16 15.28 57.18
CA ALA H 113 -11.30 14.04 57.91
C ALA H 113 -11.29 14.31 59.41
N PRO H 114 -11.95 13.45 60.20
CA PRO H 114 -11.88 13.63 61.66
C PRO H 114 -10.47 13.48 62.22
N ALA H 115 -9.62 12.67 61.60
CA ALA H 115 -8.26 12.49 62.11
C ALA H 115 -7.43 13.75 61.94
N HIS H 116 -7.53 14.40 60.79
CA HIS H 116 -6.80 15.65 60.59
C HIS H 116 -7.31 16.74 61.52
N LYS H 117 -8.63 16.81 61.73
CA LYS H 117 -9.18 17.74 62.71
C LYS H 117 -8.68 17.42 64.10
N ALA H 118 -8.51 16.14 64.43
CA ALA H 118 -7.97 15.76 65.73
C ALA H 118 -6.53 16.24 65.89
N VAL H 119 -5.72 16.12 64.83
CA VAL H 119 -4.34 16.61 64.89
C VAL H 119 -4.34 18.12 65.09
N GLY H 120 -5.21 18.82 64.36
CA GLY H 120 -5.32 20.27 64.55
C GLY H 120 -5.73 20.64 65.96
N SER H 121 -6.68 19.89 66.54
CA SER H 121 -7.11 20.15 67.91
C SER H 121 -5.98 19.89 68.89
N PHE H 122 -5.19 18.85 68.64
CA PHE H 122 -4.03 18.60 69.49
C PHE H 122 -3.04 19.76 69.44
N VAL H 123 -2.81 20.29 68.24
CA VAL H 123 -1.91 21.44 68.13
C VAL H 123 -2.48 22.63 68.89
N ILE H 124 -3.79 22.84 68.80
CA ILE H 124 -4.42 23.96 69.50
C ILE H 124 -4.26 23.79 71.02
N LYS H 125 -4.51 22.58 71.51
CA LYS H 125 -4.54 22.37 72.97
C LYS H 125 -3.15 22.38 73.57
N THR H 126 -2.18 21.74 72.90
CA THR H 126 -0.85 21.57 73.46
C THR H 126 0.26 22.18 72.60
N GLY H 127 -0.03 22.59 71.37
CA GLY H 127 0.99 23.13 70.49
C GLY H 127 1.77 22.09 69.73
N HIS H 128 1.51 20.80 69.93
CA HIS H 128 2.23 19.73 69.27
C HIS H 128 1.24 18.79 68.59
N GLY H 129 1.50 18.48 67.32
CA GLY H 129 0.68 17.49 66.64
C GLY H 129 0.76 16.12 67.26
N VAL H 130 1.92 15.80 67.85
CA VAL H 130 2.12 14.55 68.57
C VAL H 130 2.47 14.91 70.01
N PRO H 131 1.49 15.05 70.90
CA PRO H 131 1.81 15.44 72.28
C PRO H 131 2.52 14.32 73.03
N ILE H 132 3.22 14.72 74.09
CA ILE H 132 3.97 13.77 74.90
C ILE H 132 3.01 12.99 75.80
N ASN H 133 3.45 11.79 76.18
CA ASN H 133 2.68 10.90 77.05
C ASN H 133 3.54 10.50 78.24
N ASP H 134 2.86 10.10 79.32
CA ASP H 134 3.56 9.84 80.58
C ASP H 134 4.70 8.85 80.40
N ALA H 135 4.49 7.82 79.58
CA ALA H 135 5.55 6.86 79.31
C ALA H 135 6.77 7.54 78.71
N THR H 136 6.55 8.40 77.73
CA THR H 136 7.67 9.12 77.14
C THR H 136 8.26 10.12 78.13
N MET H 137 7.44 10.66 79.05
CA MET H 137 7.97 11.57 80.05
C MET H 137 8.97 10.86 80.96
N GLU H 138 8.58 9.71 81.51
CA GLU H 138 9.51 8.97 82.35
C GLU H 138 10.71 8.49 81.55
N LEU H 139 10.51 8.08 80.30
CA LEU H 139 11.64 7.69 79.47
C LEU H 139 12.62 8.84 79.28
N ARG H 140 12.10 10.04 79.00
CA ARG H 140 12.95 11.22 78.85
C ARG H 140 13.66 11.44 80.17
N LYS H 141 12.89 11.38 81.27
CA LYS H 141 13.50 11.64 82.57
C LYS H 141 14.64 10.67 82.89
N ALA H 142 14.48 9.41 82.49
CA ALA H 142 15.49 8.40 82.76
C ALA H 142 16.81 8.47 82.00
N VAL H 143 16.93 9.34 80.99
CA VAL H 143 18.15 9.43 80.21
C VAL H 143 18.73 10.84 80.30
N GLY H 144 18.54 11.49 81.44
CA GLY H 144 19.14 12.79 81.65
C GLY H 144 18.60 13.87 80.73
N LEU H 145 17.29 13.89 80.50
CA LEU H 145 16.63 14.94 79.75
C LEU H 145 15.49 15.48 80.60
N GLY H 146 15.12 16.73 80.34
CA GLY H 146 14.01 17.31 81.07
C GLY H 146 12.74 16.49 80.86
N GLU H 147 11.95 16.38 81.92
CA GLU H 147 10.72 15.60 81.82
C GLU H 147 9.83 16.08 80.68
N LEU H 148 9.93 17.37 80.35
CA LEU H 148 9.25 17.93 79.20
C LEU H 148 10.26 18.65 78.32
N PRO H 149 10.12 18.58 76.99
CA PRO H 149 11.04 19.29 76.11
C PRO H 149 10.88 20.79 76.24
N PRO H 150 11.91 21.57 75.89
CA PRO H 150 11.78 23.03 76.01
C PRO H 150 10.84 23.62 74.97
N THR H 151 9.60 23.14 74.95
CA THR H 151 8.62 23.54 73.94
C THR H 151 7.36 24.06 74.60
N THR H 152 6.30 24.26 73.81
CA THR H 152 5.04 24.72 74.37
C THR H 152 4.57 23.86 75.54
N HIS H 153 5.09 22.64 75.68
CA HIS H 153 4.79 21.84 76.85
C HIS H 153 5.31 22.50 78.12
N GLN H 154 6.51 23.07 78.06
CA GLN H 154 7.15 23.66 79.22
C GLN H 154 6.80 25.12 79.44
N PHE H 155 6.28 25.81 78.43
CA PHE H 155 6.05 27.25 78.50
C PHE H 155 4.60 27.58 78.17
N PRO H 156 3.77 27.95 79.14
CA PRO H 156 2.40 28.39 78.80
C PRO H 156 2.35 29.59 77.88
N GLU H 157 3.35 30.48 77.95
CA GLU H 157 3.34 31.67 77.11
C GLU H 157 3.43 31.30 75.63
N ALA H 158 4.28 30.34 75.29
CA ALA H 158 4.40 29.91 73.90
C ALA H 158 3.08 29.31 73.41
N LEU H 159 2.43 28.50 74.25
CA LEU H 159 1.14 27.94 73.86
C LEU H 159 0.12 29.03 73.66
N GLU H 160 0.12 30.05 74.51
CA GLU H 160 -0.82 31.16 74.34
C GLU H 160 -0.54 31.90 73.04
N GLU H 161 0.73 32.10 72.69
CA GLU H 161 1.06 32.77 71.43
C GLU H 161 0.59 31.95 70.24
N VAL H 162 0.78 30.63 70.30
CA VAL H 162 0.32 29.78 69.20
C VAL H 162 -1.19 29.82 69.07
N GLN H 163 -1.89 29.81 70.20
CA GLN H 163 -3.34 29.90 70.17
C GLN H 163 -3.79 31.26 69.62
N LYS H 164 -3.04 32.31 69.93
CA LYS H 164 -3.35 33.62 69.34
C LYS H 164 -3.20 33.58 67.83
N ILE H 165 -2.13 32.97 67.33
CA ILE H 165 -1.96 32.85 65.88
C ILE H 165 -3.12 32.07 65.27
N ILE H 166 -3.50 30.98 65.92
CA ILE H 166 -4.57 30.13 65.40
C ILE H 166 -5.88 30.90 65.35
N LYS H 167 -6.19 31.67 66.39
CA LYS H 167 -7.39 32.50 66.36
C LYS H 167 -7.31 33.55 65.27
N ALA H 168 -6.14 34.16 65.10
CA ALA H 168 -5.99 35.23 64.10
C ALA H 168 -6.21 34.70 62.70
N THR H 169 -5.68 33.52 62.38
CA THR H 169 -5.83 32.98 61.03
C THR H 169 -7.17 32.31 60.80
N GLY H 170 -7.91 31.98 61.85
CA GLY H 170 -9.20 31.35 61.70
C GLY H 170 -9.18 29.83 61.60
N PHE H 171 -8.11 29.18 62.05
CA PHE H 171 -8.03 27.72 61.97
C PHE H 171 -9.08 27.06 62.84
N ASP H 172 -9.33 27.62 64.04
CA ASP H 172 -10.28 27.00 64.96
C ASP H 172 -11.68 26.96 64.36
N GLN H 173 -12.10 28.04 63.71
CA GLN H 173 -13.40 28.04 63.05
C GLN H 173 -13.42 27.05 61.90
N LEU H 174 -12.32 26.93 61.17
CA LEU H 174 -12.26 25.97 60.06
C LEU H 174 -12.48 24.55 60.57
N ILE H 175 -11.83 24.18 61.68
CA ILE H 175 -11.99 22.84 62.23
C ILE H 175 -13.15 22.75 63.20
N GLY H 176 -13.86 23.84 63.46
CA GLY H 176 -14.99 23.81 64.35
C GLY H 176 -14.62 23.53 65.79
N TYR H 177 -13.58 24.21 66.29
CA TYR H 177 -13.13 24.04 67.66
C TYR H 177 -13.92 24.95 68.59
N ASN H 178 -14.31 24.41 69.74
CA ASN H 178 -15.04 25.15 70.77
C ASN H 178 -14.10 25.43 71.93
N TRP H 179 -13.80 26.72 72.16
CA TRP H 179 -12.89 27.08 73.23
C TRP H 179 -13.51 26.81 74.60
N GLU H 180 -14.82 27.03 74.74
CA GLU H 180 -15.45 26.89 76.05
C GLU H 180 -15.29 25.47 76.59
N THR H 181 -15.67 24.47 75.80
CA THR H 181 -15.55 23.08 76.22
C THR H 181 -14.27 22.42 75.73
N GLY H 182 -13.51 23.07 74.86
CA GLY H 182 -12.27 22.49 74.37
C GLY H 182 -12.47 21.21 73.60
N GLU H 183 -13.50 21.16 72.77
CA GLU H 183 -13.80 19.99 71.96
C GLU H 183 -14.26 20.43 70.58
N LEU H 184 -14.03 19.58 69.59
CA LEU H 184 -14.51 19.87 68.24
C LEU H 184 -16.03 19.84 68.21
N GLU H 185 -16.62 20.83 67.54
CA GLU H 185 -18.07 20.95 67.47
C GLU H 185 -18.63 19.93 66.49
N VAL I 150 34.13 38.38 -7.01
CA VAL I 150 33.76 37.17 -6.28
C VAL I 150 34.54 35.98 -6.83
N ASP I 151 35.19 35.24 -5.94
CA ASP I 151 35.87 34.01 -6.34
C ASP I 151 34.84 32.97 -6.79
N ASP I 152 35.19 32.22 -7.84
CA ASP I 152 34.29 31.23 -8.42
C ASP I 152 34.50 29.85 -7.82
N LYS I 153 34.97 29.77 -6.58
CA LYS I 153 35.18 28.51 -5.89
C LYS I 153 34.35 28.47 -4.61
N ALA I 154 34.00 27.27 -4.18
CA ALA I 154 33.13 27.08 -3.04
C ALA I 154 33.77 26.10 -2.06
N LEU I 155 33.36 26.20 -0.80
CA LEU I 155 33.76 25.26 0.24
C LEU I 155 32.50 24.65 0.85
N VAL I 156 32.55 23.35 1.11
CA VAL I 156 31.45 22.62 1.73
C VAL I 156 31.99 21.89 2.94
N ILE I 157 31.52 22.27 4.12
CA ILE I 157 31.99 21.69 5.37
C ILE I 157 30.99 20.60 5.77
N GLY I 158 31.45 19.37 5.76
CA GLY I 158 30.59 18.24 6.08
C GLY I 158 30.46 17.27 4.93
N GLY I 159 30.51 15.98 5.22
CA GLY I 159 30.44 14.96 4.19
C GLY I 159 29.25 14.05 4.32
N GLY I 160 28.14 14.58 4.82
CA GLY I 160 26.89 13.84 4.88
C GLY I 160 26.13 13.95 3.57
N VAL I 161 24.89 13.46 3.61
CA VAL I 161 24.08 13.47 2.40
C VAL I 161 23.84 14.90 1.92
N ALA I 162 23.60 15.82 2.86
CA ALA I 162 23.39 17.22 2.48
C ALA I 162 24.66 17.82 1.90
N GLY I 163 25.80 17.59 2.53
CA GLY I 163 27.05 18.10 1.99
C GLY I 163 27.42 17.47 0.67
N ILE I 164 27.22 16.16 0.54
CA ILE I 164 27.48 15.48 -0.72
C ILE I 164 26.61 16.07 -1.83
N GLN I 165 25.31 16.27 -1.53
CA GLN I 165 24.41 16.83 -2.52
C GLN I 165 24.83 18.24 -2.92
N ALA I 166 25.18 19.08 -1.93
CA ALA I 166 25.58 20.45 -2.25
C ALA I 166 26.85 20.45 -3.10
N ALA I 167 27.83 19.64 -2.74
CA ALA I 167 29.07 19.59 -3.51
C ALA I 167 28.82 19.12 -4.93
N LEU I 168 28.02 18.07 -5.10
CA LEU I 168 27.74 17.58 -6.44
C LEU I 168 26.99 18.61 -7.28
N ASP I 169 26.01 19.29 -6.67
CA ASP I 169 25.26 20.30 -7.41
C ASP I 169 26.17 21.45 -7.82
N LEU I 170 27.05 21.90 -6.93
CA LEU I 170 27.94 23.00 -7.27
C LEU I 170 28.97 22.59 -8.32
N ALA I 171 29.45 21.35 -8.26
CA ALA I 171 30.45 20.89 -9.23
C ALA I 171 29.83 20.67 -10.59
N ASP I 172 28.58 20.20 -10.64
CA ASP I 172 27.89 20.05 -11.91
C ASP I 172 27.51 21.38 -12.54
N MET I 173 27.44 22.45 -11.76
CA MET I 173 27.21 23.78 -12.28
C MET I 173 28.49 24.44 -12.77
N GLY I 174 29.63 23.76 -12.66
CA GLY I 174 30.88 24.28 -13.20
C GLY I 174 31.71 25.06 -12.22
N PHE I 175 31.54 24.85 -10.92
CA PHE I 175 32.32 25.54 -9.89
C PHE I 175 33.25 24.54 -9.22
N LYS I 176 34.52 24.88 -9.13
CA LYS I 176 35.45 24.07 -8.36
C LYS I 176 35.08 24.16 -6.88
N THR I 177 34.93 23.00 -6.24
CA THR I 177 34.40 22.91 -4.90
C THR I 177 35.33 22.09 -4.03
N TYR I 178 35.70 22.64 -2.88
CA TYR I 178 36.37 21.88 -1.84
C TYR I 178 35.34 21.30 -0.90
N MET I 179 35.60 20.09 -0.41
CA MET I 179 34.77 19.46 0.59
C MET I 179 35.65 19.04 1.74
N VAL I 180 35.30 19.45 2.95
CA VAL I 180 36.10 19.18 4.15
C VAL I 180 35.27 18.30 5.08
N GLU I 181 35.83 17.15 5.45
CA GLU I 181 35.15 16.17 6.29
C GLU I 181 36.08 15.77 7.42
N LYS I 182 35.59 15.85 8.66
CA LYS I 182 36.44 15.55 9.81
C LYS I 182 36.63 14.06 10.03
N ARG I 183 35.69 13.24 9.58
CA ARG I 183 35.84 11.80 9.69
C ARG I 183 36.74 11.27 8.57
N PRO I 184 37.30 10.08 8.72
CA PRO I 184 38.14 9.53 7.66
C PRO I 184 37.41 9.29 6.35
N SER I 185 36.08 9.22 6.38
CA SER I 185 35.30 8.95 5.19
C SER I 185 34.04 9.79 5.22
N ILE I 186 33.49 10.02 4.04
CA ILE I 186 32.22 10.72 3.89
C ILE I 186 31.08 9.71 4.00
N SER I 187 29.89 10.21 4.32
CA SER I 187 28.66 9.42 4.42
C SER I 187 27.72 10.07 5.42
N GLY I 188 28.26 10.58 6.53
CA GLY I 188 27.43 11.14 7.56
C GLY I 188 26.66 10.06 8.29
N ARG I 189 25.51 10.45 8.84
CA ARG I 189 24.64 9.50 9.52
C ARG I 189 23.83 8.65 8.56
N MET I 190 23.57 9.15 7.34
CA MET I 190 22.79 8.38 6.38
C MET I 190 23.48 7.07 6.02
N GLY I 191 24.81 7.05 6.02
CA GLY I 191 25.54 5.84 5.75
C GLY I 191 25.50 4.82 6.86
N GLN I 192 25.06 5.21 8.06
CA GLN I 192 24.97 4.29 9.18
C GLN I 192 23.61 3.61 9.29
N LEU I 193 22.58 4.16 8.65
CA LEU I 193 21.26 3.55 8.70
C LEU I 193 21.21 2.28 7.87
N ASP I 194 20.41 1.32 8.34
CA ASP I 194 20.18 0.11 7.56
C ASP I 194 19.18 0.37 6.43
N LYS I 195 17.97 0.74 6.79
CA LYS I 195 16.92 1.10 5.85
C LYS I 195 16.42 2.50 6.19
N THR I 196 15.62 3.06 5.29
CA THR I 196 15.07 4.39 5.47
C THR I 196 13.55 4.33 5.50
N PHE I 197 12.95 5.26 6.23
CA PHE I 197 11.51 5.43 6.17
C PHE I 197 11.15 6.44 5.10
N PRO I 198 9.91 6.39 4.58
CA PRO I 198 8.83 5.45 4.86
C PRO I 198 8.81 4.27 3.90
N THR I 199 9.83 4.12 3.07
CA THR I 199 9.84 3.09 2.05
C THR I 199 10.53 1.81 2.50
N LEU I 200 11.30 1.86 3.59
CA LEU I 200 12.05 0.70 4.07
C LEU I 200 13.03 0.20 3.01
N ASP I 201 13.63 1.14 2.29
CA ASP I 201 14.63 0.85 1.28
C ASP I 201 16.02 1.05 1.84
N CYS I 202 16.98 0.29 1.31
CA CYS I 202 18.34 0.34 1.84
C CYS I 202 18.92 1.74 1.70
N SER I 203 19.67 2.15 2.72
CA SER I 203 20.25 3.49 2.77
C SER I 203 21.58 3.55 2.02
N MET I 204 22.49 2.61 2.30
CA MET I 204 23.81 2.66 1.70
C MET I 204 23.77 2.33 0.21
N CYS I 205 22.79 1.54 -0.22
CA CYS I 205 22.73 1.15 -1.62
C CYS I 205 22.55 2.34 -2.56
N ILE I 206 21.93 3.42 -2.06
CA ILE I 206 21.66 4.59 -2.90
C ILE I 206 22.66 5.69 -2.61
N LEU I 207 23.20 5.72 -1.40
CA LEU I 207 24.18 6.74 -1.04
C LEU I 207 25.56 6.40 -1.62
N ALA I 208 25.93 5.12 -1.65
CA ALA I 208 27.28 4.76 -2.09
C ALA I 208 27.59 5.25 -3.50
N PRO I 209 26.70 5.14 -4.49
CA PRO I 209 26.99 5.74 -5.80
C PRO I 209 27.29 7.23 -5.72
N LYS I 210 26.57 7.96 -4.88
CA LYS I 210 26.82 9.40 -4.74
C LYS I 210 28.18 9.65 -4.10
N MET I 211 28.56 8.85 -3.12
CA MET I 211 29.89 8.99 -2.52
C MET I 211 30.98 8.73 -3.55
N VAL I 212 30.81 7.69 -4.36
CA VAL I 212 31.79 7.41 -5.42
C VAL I 212 31.83 8.55 -6.43
N ASP I 213 30.67 9.12 -6.75
CA ASP I 213 30.64 10.25 -7.67
C ASP I 213 31.40 11.44 -7.09
N VAL I 214 31.23 11.71 -5.80
CA VAL I 214 31.97 12.79 -5.15
C VAL I 214 33.47 12.50 -5.20
N GLY I 215 33.86 11.26 -4.91
CA GLY I 215 35.27 10.91 -4.92
C GLY I 215 35.91 10.90 -6.28
N LYS I 216 35.11 10.78 -7.34
CA LYS I 216 35.63 10.73 -8.70
C LYS I 216 35.46 12.03 -9.47
N HIS I 217 34.75 13.01 -8.91
CA HIS I 217 34.45 14.23 -9.65
C HIS I 217 35.71 15.05 -9.89
N ASP I 218 35.78 15.66 -11.08
CA ASP I 218 36.91 16.48 -11.45
C ASP I 218 36.84 17.89 -10.87
N ASN I 219 35.65 18.36 -10.53
CA ASN I 219 35.46 19.69 -9.96
C ASN I 219 35.42 19.69 -8.44
N ILE I 220 35.61 18.54 -7.80
CA ILE I 220 35.55 18.43 -6.35
C ILE I 220 36.89 17.96 -5.84
N GLU I 221 37.44 18.69 -4.86
CA GLU I 221 38.59 18.24 -4.11
C GLU I 221 38.11 17.83 -2.72
N LEU I 222 38.24 16.54 -2.42
CA LEU I 222 37.76 15.98 -1.17
C LEU I 222 38.90 15.90 -0.18
N ILE I 223 38.69 16.44 1.01
CA ILE I 223 39.69 16.45 2.07
C ILE I 223 39.01 15.85 3.30
N THR I 224 39.19 14.56 3.49
CA THR I 224 38.63 13.86 4.64
C THR I 224 39.67 13.79 5.76
N TYR I 225 39.19 13.64 6.98
CA TYR I 225 40.05 13.61 8.16
C TYR I 225 40.71 14.97 8.37
N ALA I 226 39.94 16.04 8.15
CA ALA I 226 40.46 17.39 8.20
C ALA I 226 39.42 18.29 8.85
N GLU I 227 39.88 19.43 9.37
CA GLU I 227 39.00 20.38 10.02
C GLU I 227 39.36 21.80 9.59
N VAL I 228 38.35 22.66 9.54
CA VAL I 228 38.54 24.06 9.20
C VAL I 228 39.02 24.78 10.45
N LYS I 229 40.26 25.26 10.43
CA LYS I 229 40.83 25.92 11.59
C LYS I 229 40.58 27.43 11.59
N GLU I 230 40.68 28.08 10.45
CA GLU I 230 40.47 29.52 10.40
C GLU I 230 39.67 29.91 9.17
N VAL I 231 38.82 30.92 9.33
CA VAL I 231 38.08 31.52 8.22
C VAL I 231 38.24 33.03 8.35
N ASP I 232 38.65 33.68 7.25
CA ASP I 232 38.85 35.12 7.25
C ASP I 232 38.35 35.68 5.92
N GLY I 233 38.08 36.98 5.92
CA GLY I 233 37.57 37.63 4.72
C GLY I 233 36.06 37.72 4.73
N TYR I 234 35.51 37.83 3.53
CA TYR I 234 34.08 38.05 3.35
C TYR I 234 33.65 37.39 2.05
N ILE I 235 32.39 37.65 1.65
CA ILE I 235 31.83 36.98 0.48
C ILE I 235 32.73 37.20 -0.73
N GLY I 236 33.03 36.12 -1.43
CA GLY I 236 33.87 36.17 -2.61
C GLY I 236 35.35 36.19 -2.32
N ASN I 237 35.76 36.45 -1.08
CA ASN I 237 37.17 36.59 -0.72
C ASN I 237 37.44 35.90 0.60
N PHE I 238 36.93 34.69 0.77
CA PHE I 238 37.19 33.91 1.96
C PHE I 238 38.56 33.27 1.96
N LYS I 239 39.33 33.52 3.01
CA LYS I 239 40.58 32.82 3.30
C LYS I 239 40.42 31.75 4.35
N VAL I 240 40.60 30.49 3.97
CA VAL I 240 40.29 29.35 4.83
C VAL I 240 41.54 28.53 5.07
N LYS I 241 41.89 28.37 6.35
CA LYS I 241 42.98 27.50 6.78
C LYS I 241 42.37 26.21 7.31
N ILE I 242 42.73 25.10 6.67
CA ILE I 242 42.29 23.76 7.03
C ILE I 242 43.51 23.00 7.56
N GLU I 243 43.26 22.09 8.48
CA GLU I 243 44.31 21.24 9.04
C GLU I 243 43.93 19.79 8.81
N LYS I 244 44.67 19.12 7.94
CA LYS I 244 44.48 17.70 7.69
C LYS I 244 45.22 16.91 8.77
N LYS I 245 44.49 16.08 9.50
CA LYS I 245 45.08 15.27 10.54
C LYS I 245 45.90 14.13 9.94
N PRO I 246 46.88 13.63 10.68
CA PRO I 246 47.71 12.53 10.15
C PRO I 246 46.95 11.21 10.15
N ARG I 247 46.80 10.62 8.97
CA ARG I 247 46.26 9.27 8.86
C ARG I 247 47.28 8.21 9.25
N TYR I 248 48.57 8.51 9.06
CA TYR I 248 49.64 7.52 9.12
C TYR I 248 49.49 6.47 8.04
N ILE I 249 48.70 6.79 7.01
CA ILE I 249 48.56 5.99 5.81
C ILE I 249 48.55 6.95 4.64
N ASP I 250 49.24 6.58 3.56
CA ASP I 250 49.29 7.42 2.37
C ASP I 250 48.03 7.20 1.55
N GLU I 251 47.19 8.23 1.45
CA GLU I 251 45.93 8.10 0.74
C GLU I 251 46.14 7.70 -0.72
N GLU I 252 47.27 8.12 -1.31
CA GLU I 252 47.53 7.77 -2.70
C GLU I 252 47.89 6.29 -2.85
N LEU I 253 48.78 5.79 -1.99
CA LEU I 253 49.25 4.43 -2.12
C LEU I 253 48.23 3.41 -1.61
N CYS I 254 47.47 3.75 -0.59
CA CYS I 254 46.56 2.79 0.02
C CYS I 254 45.43 2.44 -0.94
N THR I 255 45.17 1.14 -1.10
CA THR I 255 44.08 0.65 -1.92
C THR I 255 42.90 0.15 -1.10
N GLY I 256 42.99 0.15 0.22
CA GLY I 256 41.91 -0.33 1.04
C GLY I 256 41.76 -1.84 1.03
N CYS I 257 42.84 -2.57 0.76
CA CYS I 257 42.75 -4.03 0.73
C CYS I 257 42.37 -4.59 2.10
N GLY I 258 42.94 -4.03 3.16
CA GLY I 258 42.59 -4.41 4.51
C GLY I 258 43.49 -5.44 5.17
N SER I 259 44.64 -5.76 4.59
CA SER I 259 45.54 -6.72 5.22
C SER I 259 46.08 -6.18 6.54
N CYS I 260 46.39 -4.89 6.59
CA CYS I 260 46.83 -4.28 7.83
C CYS I 260 45.81 -4.50 8.93
N VAL I 261 44.54 -4.33 8.63
CA VAL I 261 43.49 -4.59 9.61
C VAL I 261 43.52 -6.06 10.03
N GLU I 262 43.79 -6.96 9.08
CA GLU I 262 43.82 -8.38 9.41
C GLU I 262 44.92 -8.70 10.40
N VAL I 263 46.09 -8.09 10.25
CA VAL I 263 47.24 -8.46 11.09
C VAL I 263 47.33 -7.67 12.39
N CYS I 264 46.60 -6.57 12.53
CA CYS I 264 46.78 -5.71 13.69
C CYS I 264 46.39 -6.44 14.97
N PRO I 265 47.17 -6.35 16.04
CA PRO I 265 46.85 -7.06 17.28
C PRO I 265 46.06 -6.26 18.31
N ILE I 266 45.76 -5.00 18.06
CA ILE I 266 45.05 -4.16 19.01
C ILE I 266 43.61 -4.01 18.57
N GLU I 267 42.70 -3.90 19.53
CA GLU I 267 41.28 -3.70 19.27
C GLU I 267 40.82 -2.40 19.91
N MET I 268 40.06 -1.62 19.16
CA MET I 268 39.52 -0.35 19.64
C MET I 268 38.10 -0.19 19.11
N PRO I 269 37.26 0.59 19.79
CA PRO I 269 35.91 0.82 19.28
C PRO I 269 35.91 1.52 17.93
N ASN I 270 34.96 1.14 17.08
CA ASN I 270 34.78 1.76 15.78
C ASN I 270 33.75 2.87 15.90
N TYR I 271 34.13 4.08 15.49
CA TYR I 271 33.20 5.20 15.59
C TYR I 271 31.95 4.96 14.76
N PHE I 272 32.09 4.28 13.63
CA PHE I 272 30.94 4.03 12.75
C PHE I 272 29.90 3.15 13.43
N ASP I 273 30.33 2.28 14.35
CA ASP I 273 29.42 1.37 15.02
C ASP I 273 28.81 1.95 16.29
N GLU I 274 29.11 3.21 16.61
CA GLU I 274 28.43 3.94 17.69
C GLU I 274 28.56 3.21 19.02
N GLY I 275 29.78 2.77 19.33
CA GLY I 275 30.08 2.23 20.64
C GLY I 275 29.69 0.79 20.86
N ILE I 276 29.15 0.11 19.84
CA ILE I 276 28.76 -1.29 19.97
C ILE I 276 29.50 -2.18 18.98
N GLY I 277 30.56 -1.68 18.37
CA GLY I 277 31.35 -2.48 17.44
C GLY I 277 32.83 -2.20 17.65
N MET I 278 33.63 -3.21 17.35
CA MET I 278 35.06 -3.15 17.53
C MET I 278 35.78 -3.32 16.19
N THR I 279 36.93 -2.68 16.07
CA THR I 279 37.82 -2.84 14.94
C THR I 279 39.23 -2.86 15.49
N LYS I 280 40.23 -2.72 14.63
CA LYS I 280 41.62 -2.69 15.05
C LYS I 280 42.11 -1.26 15.16
N ALA I 281 43.35 -1.10 15.64
CA ALA I 281 43.96 0.21 15.71
C ALA I 281 44.12 0.83 14.32
N VAL I 282 44.40 0.00 13.32
CA VAL I 282 44.34 0.41 11.92
C VAL I 282 43.06 -0.15 11.35
N TYR I 283 42.24 0.73 10.76
CA TYR I 283 40.87 0.38 10.42
C TYR I 283 40.42 1.11 9.17
N ILE I 284 39.40 0.54 8.53
CA ILE I 284 38.62 1.19 7.50
C ILE I 284 37.20 1.31 8.03
N PRO I 285 36.60 2.51 8.10
CA PRO I 285 35.33 2.64 8.82
C PRO I 285 34.22 1.72 8.33
N PHE I 286 34.11 1.52 7.01
CA PHE I 286 33.12 0.60 6.46
C PHE I 286 33.51 0.28 5.03
N PRO I 287 33.06 -0.85 4.49
CA PRO I 287 33.56 -1.28 3.17
C PRO I 287 33.32 -0.28 2.06
N GLN I 288 32.23 0.48 2.11
CA GLN I 288 31.92 1.46 1.08
C GLN I 288 32.53 2.82 1.37
N ALA I 289 33.61 2.87 2.14
CA ALA I 289 34.20 4.14 2.53
C ALA I 289 34.77 4.87 1.31
N VAL I 290 34.66 6.19 1.32
CA VAL I 290 35.24 7.03 0.29
C VAL I 290 36.00 8.16 0.99
N PRO I 291 37.33 8.24 0.84
CA PRO I 291 38.22 7.34 0.10
C PRO I 291 38.36 6.00 0.79
N LEU I 292 38.55 4.92 0.05
CA LEU I 292 38.74 3.60 0.63
C LEU I 292 40.20 3.51 1.10
N CYS I 293 40.45 4.12 2.25
CA CYS I 293 41.80 4.21 2.81
C CYS I 293 41.76 3.81 4.28
N ALA I 294 42.88 3.26 4.75
CA ALA I 294 42.99 2.90 6.14
C ALA I 294 43.37 4.11 6.99
N THR I 295 43.07 4.01 8.28
CA THR I 295 43.43 5.03 9.25
C THR I 295 44.01 4.35 10.47
N ILE I 296 44.96 5.00 11.12
CA ILE I 296 45.58 4.50 12.33
C ILE I 296 45.27 5.46 13.46
N ASP I 297 44.73 4.92 14.56
CA ASP I 297 44.49 5.68 15.77
C ASP I 297 45.70 5.47 16.68
N LYS I 298 46.50 6.52 16.87
CA LYS I 298 47.72 6.38 17.66
C LYS I 298 47.44 6.25 19.15
N ASP I 299 46.24 6.60 19.60
CA ASP I 299 45.87 6.35 20.99
C ASP I 299 45.88 4.87 21.32
N TYR I 300 45.76 4.00 20.30
CA TYR I 300 45.73 2.57 20.51
C TYR I 300 46.90 1.82 19.88
N CYS I 301 47.57 2.40 18.88
CA CYS I 301 48.68 1.73 18.24
C CYS I 301 49.82 1.53 19.24
N ILE I 302 50.41 0.33 19.22
CA ILE I 302 51.58 0.04 20.05
C ILE I 302 52.86 0.00 19.24
N GLU I 303 52.80 0.28 17.95
CA GLU I 303 54.00 0.37 17.11
C GLU I 303 54.65 -0.99 16.91
N CYS I 304 53.84 -2.03 16.70
CA CYS I 304 54.39 -3.34 16.40
C CYS I 304 54.92 -3.42 14.97
N MET I 305 54.48 -2.52 14.08
CA MET I 305 54.97 -2.46 12.70
C MET I 305 54.60 -3.71 11.91
N LEU I 306 53.53 -4.41 12.31
CA LEU I 306 53.06 -5.54 11.52
C LEU I 306 52.34 -5.07 10.26
N CYS I 307 51.64 -3.94 10.32
CA CYS I 307 51.01 -3.38 9.14
C CYS I 307 52.04 -3.01 8.09
N ASP I 308 53.18 -2.48 8.52
CA ASP I 308 54.28 -2.21 7.59
C ASP I 308 54.67 -3.48 6.85
N GLU I 309 54.83 -4.58 7.58
CA GLU I 309 55.25 -5.83 6.97
C GLU I 309 54.21 -6.34 6.00
N VAL I 310 52.93 -6.25 6.36
CA VAL I 310 51.89 -6.85 5.53
C VAL I 310 51.52 -5.96 4.34
N CYS I 311 51.79 -4.66 4.41
CA CYS I 311 51.43 -3.78 3.31
C CYS I 311 52.37 -4.01 2.15
N GLU I 312 51.80 -4.16 0.95
CA GLU I 312 52.60 -4.37 -0.25
C GLU I 312 52.77 -3.10 -1.07
N ARG I 313 52.03 -2.05 -0.75
CA ARG I 313 52.10 -0.78 -1.48
C ARG I 313 52.96 0.22 -0.72
N GLY I 314 53.48 -0.14 0.45
CA GLY I 314 54.23 0.81 1.25
C GLY I 314 53.44 2.04 1.60
N ALA I 315 52.15 1.86 1.92
CA ALA I 315 51.27 2.98 2.23
C ALA I 315 51.32 3.40 3.69
N VAL I 316 51.91 2.60 4.57
CA VAL I 316 51.93 2.90 5.99
C VAL I 316 53.06 3.89 6.26
N LYS I 317 52.72 5.03 6.86
CA LYS I 317 53.68 6.10 7.16
C LYS I 317 53.50 6.51 8.61
N HIS I 318 54.19 5.82 9.52
CA HIS I 318 54.07 6.14 10.93
C HIS I 318 54.71 7.48 11.27
N ASP I 319 55.44 8.09 10.35
CA ASP I 319 56.14 9.35 10.58
C ASP I 319 55.35 10.55 10.07
N GLN I 320 54.09 10.35 9.67
CA GLN I 320 53.31 11.44 9.12
C GLN I 320 53.04 12.51 10.16
N GLU I 321 52.90 13.75 9.69
CA GLU I 321 52.61 14.90 10.52
C GLU I 321 51.37 15.61 10.01
N PRO I 322 50.67 16.34 10.86
CA PRO I 322 49.50 17.10 10.39
C PRO I 322 49.90 18.12 9.33
N GLU I 323 49.01 18.33 8.38
CA GLU I 323 49.28 19.17 7.22
C GLU I 323 48.41 20.42 7.26
N GLU I 324 48.97 21.55 6.84
CA GLU I 324 48.27 22.81 6.78
C GLU I 324 47.94 23.12 5.33
N ILE I 325 46.67 23.40 5.04
CA ILE I 325 46.19 23.71 3.70
C ILE I 325 45.54 25.08 3.74
N GLU I 326 45.87 25.94 2.78
CA GLU I 326 45.25 27.25 2.66
C GLU I 326 44.49 27.29 1.34
N ILE I 327 43.22 27.69 1.41
CA ILE I 327 42.39 27.76 0.21
C ILE I 327 41.70 29.12 0.18
N GLU I 328 41.29 29.51 -1.03
CA GLU I 328 40.54 30.73 -1.25
C GLU I 328 39.23 30.36 -1.94
N VAL I 329 38.11 30.74 -1.32
CA VAL I 329 36.79 30.40 -1.82
C VAL I 329 35.91 31.63 -1.81
N GLY I 330 34.85 31.58 -2.60
CA GLY I 330 33.90 32.67 -2.68
C GLY I 330 32.70 32.48 -1.77
N THR I 331 32.33 31.23 -1.51
CA THR I 331 31.19 30.92 -0.68
C THR I 331 31.48 29.70 0.17
N ILE I 332 30.76 29.58 1.28
CA ILE I 332 30.88 28.47 2.20
C ILE I 332 29.49 27.91 2.47
N ILE I 333 29.37 26.58 2.48
CA ILE I 333 28.14 25.90 2.81
C ILE I 333 28.42 25.00 4.00
N VAL I 334 27.80 25.30 5.14
CA VAL I 334 27.98 24.52 6.36
C VAL I 334 26.95 23.40 6.36
N ALA I 335 27.43 22.16 6.42
CA ALA I 335 26.58 20.98 6.36
C ALA I 335 27.05 19.97 7.41
N THR I 336 27.25 20.43 8.64
CA THR I 336 27.93 19.64 9.65
C THR I 336 27.01 18.65 10.37
N GLY I 337 25.71 18.64 10.07
CA GLY I 337 24.86 17.59 10.61
C GLY I 337 24.65 17.71 12.11
N TYR I 338 24.60 16.55 12.77
CA TYR I 338 24.17 16.48 14.16
C TYR I 338 24.87 15.33 14.87
N ASP I 339 24.57 15.21 16.16
CA ASP I 339 24.93 14.05 16.96
C ASP I 339 23.67 13.53 17.64
N ALA I 340 23.71 12.27 18.05
CA ALA I 340 22.60 11.69 18.79
C ALA I 340 22.68 12.10 20.26
N TYR I 341 21.51 12.34 20.86
CA TYR I 341 21.47 12.72 22.25
C TYR I 341 21.97 11.59 23.14
N ASP I 342 22.67 11.96 24.20
CA ASP I 342 23.18 10.98 25.15
C ASP I 342 22.22 10.89 26.33
N PRO I 343 21.50 9.78 26.50
CA PRO I 343 20.48 9.74 27.56
C PRO I 343 21.00 9.31 28.92
N THR I 344 22.31 9.37 29.11
CA THR I 344 22.87 8.97 30.40
C THR I 344 22.35 9.84 31.54
N GLU I 345 22.11 11.13 31.28
CA GLU I 345 21.68 12.03 32.33
C GLU I 345 20.26 11.75 32.80
N LYS I 346 19.46 11.05 31.99
CA LYS I 346 18.12 10.63 32.40
C LYS I 346 18.26 9.39 33.27
N LEU I 347 18.53 9.63 34.55
CA LEU I 347 18.84 8.53 35.46
C LEU I 347 17.66 7.57 35.65
N GLU I 348 16.43 8.03 35.42
CA GLU I 348 15.28 7.17 35.65
C GLU I 348 15.17 6.07 34.60
N TYR I 349 15.66 6.31 33.38
CA TYR I 349 15.62 5.30 32.32
C TYR I 349 16.83 4.37 32.36
N GLY I 350 17.86 4.69 33.15
CA GLY I 350 18.92 3.74 33.41
C GLY I 350 19.84 3.43 32.26
N TYR I 351 19.94 4.31 31.26
CA TYR I 351 20.89 4.09 30.19
C TYR I 351 22.31 4.21 30.72
N GLY I 352 23.17 3.28 30.32
CA GLY I 352 24.51 3.19 30.83
C GLY I 352 24.64 2.39 32.10
N ARG I 353 23.52 2.08 32.77
CA ARG I 353 23.50 1.25 33.96
C ARG I 353 22.81 -0.08 33.72
N HIS I 354 21.62 -0.06 33.11
CA HIS I 354 20.94 -1.29 32.72
C HIS I 354 21.61 -1.85 31.48
N THR I 355 21.89 -3.15 31.49
CA THR I 355 22.60 -3.76 30.38
C THR I 355 21.79 -3.69 29.09
N ASN I 356 20.49 -3.96 29.17
CA ASN I 356 19.66 -4.15 27.98
C ASN I 356 18.90 -2.89 27.59
N VAL I 357 19.45 -1.72 27.90
CA VAL I 357 18.88 -0.45 27.46
C VAL I 357 19.83 0.14 26.43
N ILE I 358 19.31 0.41 25.24
CA ILE I 358 20.10 0.91 24.12
C ILE I 358 19.37 2.08 23.50
N THR I 359 20.10 2.84 22.67
CA THR I 359 19.53 3.97 21.97
C THR I 359 19.16 3.57 20.54
N GLY I 360 18.44 4.45 19.87
CA GLY I 360 17.97 4.15 18.52
C GLY I 360 19.09 4.00 17.52
N LEU I 361 20.16 4.80 17.66
CA LEU I 361 21.27 4.70 16.73
C LEU I 361 22.00 3.37 16.87
N GLU I 362 22.19 2.90 18.11
CA GLU I 362 22.80 1.59 18.32
C GLU I 362 21.91 0.50 17.72
N LEU I 363 20.60 0.66 17.82
CA LEU I 363 19.70 -0.30 17.18
C LEU I 363 19.83 -0.24 15.67
N GLU I 364 20.01 0.95 15.10
CA GLU I 364 20.23 1.05 13.66
C GLU I 364 21.48 0.31 13.24
N ARG I 365 22.54 0.41 14.04
CA ARG I 365 23.78 -0.31 13.74
C ARG I 365 23.59 -1.82 13.89
N MET I 366 22.85 -2.26 14.91
CA MET I 366 22.66 -3.69 15.14
C MET I 366 21.78 -4.30 14.05
N ILE I 367 20.75 -3.58 13.62
CA ILE I 367 19.87 -4.08 12.57
C ILE I 367 20.64 -4.22 11.26
N ASN I 368 21.56 -3.29 10.99
CA ASN I 368 22.30 -3.29 9.74
C ASN I 368 23.05 -4.61 9.55
N ALA I 369 22.91 -5.19 8.35
CA ALA I 369 23.56 -6.46 8.05
C ALA I 369 25.08 -6.37 8.08
N SER I 370 25.63 -5.18 7.88
CA SER I 370 27.08 -4.98 7.94
C SER I 370 27.56 -4.55 9.32
N GLY I 371 26.67 -4.51 10.31
CA GLY I 371 27.03 -4.04 11.62
C GLY I 371 27.79 -5.08 12.42
N PRO I 372 28.10 -4.72 13.67
CA PRO I 372 28.92 -5.61 14.51
C PRO I 372 28.26 -6.94 14.81
N THR I 373 26.94 -7.04 14.72
CA THR I 373 26.21 -8.25 15.06
C THR I 373 25.77 -9.04 13.83
N ASP I 374 26.24 -8.66 12.64
CA ASP I 374 25.83 -9.31 11.39
C ASP I 374 24.33 -9.18 11.17
N GLY I 375 23.77 -8.03 11.56
CA GLY I 375 22.37 -7.77 11.34
C GLY I 375 21.43 -8.44 12.32
N LYS I 376 21.95 -9.08 13.35
CA LYS I 376 21.13 -9.77 14.35
C LYS I 376 20.91 -8.86 15.54
N VAL I 377 19.66 -8.68 15.93
CA VAL I 377 19.32 -7.93 17.14
C VAL I 377 19.41 -8.89 18.31
N LEU I 378 20.38 -8.67 19.20
CA LEU I 378 20.65 -9.56 20.31
C LEU I 378 20.75 -8.75 21.60
N LYS I 379 20.37 -9.40 22.70
CA LYS I 379 20.46 -8.75 24.00
C LYS I 379 21.92 -8.57 24.38
N PRO I 380 22.35 -7.36 24.74
CA PRO I 380 23.73 -7.21 25.20
C PRO I 380 24.05 -8.06 26.41
N SER I 381 23.06 -8.39 27.24
CA SER I 381 23.32 -9.15 28.45
C SER I 381 23.83 -10.56 28.14
N ASP I 382 23.23 -11.23 27.16
CA ASP I 382 23.58 -12.62 26.87
C ASP I 382 23.75 -12.93 25.38
N GLY I 383 23.50 -11.97 24.49
CA GLY I 383 23.66 -12.23 23.08
C GLY I 383 22.59 -13.08 22.46
N GLU I 384 21.40 -13.14 23.05
CA GLU I 384 20.27 -13.85 22.50
C GLU I 384 19.23 -12.85 22.02
N LYS I 385 18.38 -13.28 21.10
CA LYS I 385 17.38 -12.39 20.55
C LYS I 385 16.37 -12.00 21.62
N PRO I 386 15.91 -10.75 21.63
CA PRO I 386 14.86 -10.38 22.59
C PRO I 386 13.47 -10.75 22.09
N LYS I 387 12.67 -11.31 22.98
CA LYS I 387 11.29 -11.66 22.66
C LYS I 387 10.33 -10.50 22.89
N ARG I 388 10.68 -9.55 23.74
CA ARG I 388 9.84 -8.38 24.00
C ARG I 388 10.72 -7.14 23.98
N VAL I 389 10.31 -6.16 23.16
CA VAL I 389 11.07 -4.93 22.97
C VAL I 389 10.12 -3.76 23.18
N ALA I 390 10.61 -2.74 23.89
CA ALA I 390 9.88 -1.50 24.08
C ALA I 390 10.67 -0.36 23.44
N PHE I 391 9.95 0.63 22.92
CA PHE I 391 10.53 1.85 22.39
C PHE I 391 9.96 3.04 23.13
N ILE I 392 10.82 3.97 23.52
CA ILE I 392 10.41 5.17 24.23
C ILE I 392 10.68 6.38 23.34
N HIS I 393 9.64 7.17 23.11
CA HIS I 393 9.72 8.35 22.28
C HIS I 393 10.20 9.56 23.09
N CYS I 394 10.68 10.57 22.37
CA CYS I 394 10.98 11.89 22.94
C CYS I 394 11.95 11.78 24.11
N VAL I 395 12.96 10.92 23.97
CA VAL I 395 14.04 10.84 24.95
C VAL I 395 15.06 11.90 24.59
N GLY I 396 15.23 12.89 25.46
CA GLY I 396 16.09 14.02 25.16
C GLY I 396 15.44 15.10 24.35
N SER I 397 14.12 15.08 24.20
CA SER I 397 13.41 16.09 23.43
C SER I 397 12.13 16.46 24.18
N ARG I 398 11.67 17.69 23.95
CA ARG I 398 10.40 18.16 24.51
C ARG I 398 10.37 18.05 26.03
N ASP I 399 11.53 18.25 26.66
CA ASP I 399 11.68 18.08 28.09
C ASP I 399 12.38 19.31 28.66
N GLU I 400 11.70 20.04 29.53
CA GLU I 400 12.29 21.21 30.16
C GLU I 400 13.13 20.86 31.38
N GLN I 401 13.02 19.63 31.90
CA GLN I 401 13.89 19.23 33.01
C GLN I 401 15.34 19.12 32.58
N ILE I 402 15.61 19.05 31.27
CA ILE I 402 16.96 18.96 30.74
C ILE I 402 17.26 20.08 29.75
N GLY I 403 16.37 21.06 29.64
CA GLY I 403 16.57 22.18 28.72
C GLY I 403 16.53 21.80 27.26
N LYS I 404 15.64 20.88 26.89
CA LYS I 404 15.49 20.41 25.51
C LYS I 404 14.03 20.54 25.12
N PRO I 405 13.53 21.77 24.96
CA PRO I 405 12.09 21.97 24.73
C PRO I 405 11.63 21.79 23.29
N TYR I 406 12.48 21.30 22.40
CA TYR I 406 12.16 21.20 20.99
C TYR I 406 11.91 19.75 20.60
N CYS I 407 11.24 19.59 19.46
CA CYS I 407 10.99 18.26 18.88
C CYS I 407 12.10 17.94 17.88
N SER I 408 12.57 16.70 17.93
CA SER I 408 13.68 16.27 17.08
C SER I 408 13.22 15.81 15.70
N ARG I 409 11.91 15.71 15.48
CA ARG I 409 11.31 15.71 14.16
C ARG I 409 11.48 14.42 13.35
N VAL I 410 12.30 13.49 13.82
CA VAL I 410 12.56 12.28 13.03
C VAL I 410 12.42 11.03 13.89
N CYS I 411 12.38 11.20 15.22
CA CYS I 411 12.46 10.04 16.09
C CYS I 411 11.21 9.17 16.02
N CYS I 412 10.04 9.77 15.83
CA CYS I 412 8.82 8.96 15.67
C CYS I 412 8.96 8.03 14.49
N MET I 413 9.36 8.57 13.35
CA MET I 413 9.42 7.80 12.12
C MET I 413 10.49 6.72 12.19
N TYR I 414 11.67 7.02 12.73
CA TYR I 414 12.69 5.98 12.79
C TYR I 414 12.39 4.97 13.88
N ILE I 415 11.68 5.35 14.93
CA ILE I 415 11.22 4.37 15.91
C ILE I 415 10.26 3.37 15.25
N MET I 416 9.29 3.89 14.50
CA MET I 416 8.35 3.01 13.81
C MET I 416 9.06 2.16 12.77
N LYS I 417 10.02 2.75 12.06
CA LYS I 417 10.78 2.00 11.06
C LYS I 417 11.56 0.86 11.70
N ASN I 418 12.24 1.12 12.82
CA ASN I 418 13.01 0.07 13.47
C ASN I 418 12.12 -0.98 14.08
N ALA I 419 10.95 -0.60 14.58
CA ALA I 419 9.99 -1.60 15.05
C ALA I 419 9.55 -2.51 13.90
N GLN I 420 9.26 -1.92 12.74
CA GLN I 420 8.88 -2.72 11.58
C GLN I 420 10.00 -3.64 11.15
N LEU I 421 11.24 -3.15 11.17
CA LEU I 421 12.37 -3.99 10.81
C LEU I 421 12.55 -5.15 11.79
N ILE I 422 12.40 -4.89 13.08
CA ILE I 422 12.50 -5.96 14.07
C ILE I 422 11.42 -7.00 13.82
N LYS I 423 10.20 -6.55 13.56
CA LYS I 423 9.11 -7.48 13.28
C LYS I 423 9.39 -8.29 12.01
N ASP I 424 9.96 -7.64 10.99
CA ASP I 424 10.32 -8.36 9.77
C ASP I 424 11.31 -9.48 10.06
N LYS I 425 12.41 -9.13 10.74
CA LYS I 425 13.44 -10.14 11.02
C LYS I 425 12.93 -11.24 11.93
N MET I 426 12.16 -10.89 12.96
CA MET I 426 11.61 -11.85 13.91
C MET I 426 10.12 -11.57 14.03
N PRO I 427 9.28 -12.25 13.24
CA PRO I 427 7.83 -11.96 13.31
C PRO I 427 7.20 -12.25 14.65
N ASP I 428 7.81 -13.10 15.48
CA ASP I 428 7.22 -13.49 16.75
C ASP I 428 7.57 -12.53 17.89
N THR I 429 8.46 -11.57 17.67
CA THR I 429 8.79 -10.60 18.70
C THR I 429 7.64 -9.62 18.89
N GLU I 430 7.42 -9.22 20.15
CA GLU I 430 6.43 -8.22 20.50
C GLU I 430 7.12 -6.87 20.65
N VAL I 431 6.56 -5.84 20.04
CA VAL I 431 7.13 -4.51 20.06
C VAL I 431 6.07 -3.52 20.52
N THR I 432 6.42 -2.68 21.48
CA THR I 432 5.54 -1.66 22.02
C THR I 432 6.26 -0.31 22.00
N LEU I 433 5.54 0.73 21.58
CA LEU I 433 6.07 2.08 21.54
C LEU I 433 5.33 2.95 22.55
N TYR I 434 6.09 3.68 23.36
CA TYR I 434 5.54 4.63 24.31
C TYR I 434 5.70 6.03 23.76
N TYR I 435 4.60 6.70 23.49
CA TYR I 435 4.61 7.98 22.79
C TYR I 435 3.72 8.98 23.49
N MET I 436 3.96 10.26 23.19
CA MET I 436 3.03 11.33 23.53
C MET I 436 2.21 11.73 22.31
N ASP I 437 2.88 12.13 21.23
CA ASP I 437 2.27 12.36 19.93
C ASP I 437 3.02 11.53 18.90
N ILE I 438 2.29 11.09 17.88
CA ILE I 438 2.90 10.44 16.72
C ILE I 438 2.95 11.49 15.61
N ARG I 439 4.16 11.93 15.28
CA ARG I 439 4.34 13.03 14.31
C ARG I 439 4.71 12.43 12.95
N ALA I 440 3.69 11.86 12.30
CA ALA I 440 3.81 11.31 10.95
C ALA I 440 3.25 12.33 9.97
N PHE I 441 4.06 13.34 9.67
CA PHE I 441 3.62 14.52 8.93
C PHE I 441 4.05 14.52 7.47
N GLY I 442 5.16 13.86 7.14
CA GLY I 442 5.70 13.90 5.79
C GLY I 442 4.96 13.00 4.83
N LYS I 443 5.42 13.02 3.59
CA LYS I 443 4.75 12.31 2.51
C LYS I 443 4.85 10.80 2.72
N GLY I 444 3.71 10.15 2.92
CA GLY I 444 3.66 8.73 3.17
C GLY I 444 3.88 8.34 4.61
N PHE I 445 4.04 9.29 5.51
CA PHE I 445 4.34 8.97 6.90
C PHE I 445 3.10 8.46 7.65
N GLU I 446 1.94 9.06 7.40
CA GLU I 446 0.71 8.62 8.06
C GLU I 446 0.35 7.21 7.61
N GLU I 447 0.53 6.91 6.33
CA GLU I 447 0.32 5.55 5.84
C GLU I 447 1.33 4.60 6.45
N PHE I 448 2.56 5.07 6.67
CA PHE I 448 3.57 4.26 7.35
C PHE I 448 3.12 3.92 8.77
N TYR I 449 2.54 4.89 9.47
CA TYR I 449 2.03 4.68 10.82
C TYR I 449 0.90 3.65 10.83
N LYS I 450 -0.07 3.82 9.92
CA LYS I 450 -1.17 2.87 9.83
C LYS I 450 -0.65 1.47 9.48
N ARG I 451 0.36 1.39 8.61
CA ARG I 451 0.92 0.10 8.24
C ARG I 451 1.68 -0.54 9.39
N SER I 452 2.35 0.26 10.22
CA SER I 452 2.97 -0.28 11.42
C SER I 452 1.92 -0.92 12.32
N GLN I 453 0.77 -0.26 12.47
CA GLN I 453 -0.28 -0.84 13.30
C GLN I 453 -0.89 -2.08 12.65
N GLU I 454 -1.19 -2.01 11.35
CA GLU I 454 -2.00 -3.02 10.70
C GLU I 454 -1.17 -4.21 10.24
N LYS I 455 -0.19 -3.96 9.36
CA LYS I 455 0.56 -5.06 8.75
C LYS I 455 1.43 -5.78 9.78
N TYR I 456 2.06 -5.03 10.68
CA TYR I 456 3.05 -5.59 11.59
C TYR I 456 2.52 -5.82 12.99
N GLY I 457 1.37 -5.26 13.34
CA GLY I 457 0.82 -5.47 14.66
C GLY I 457 1.69 -4.92 15.77
N ILE I 458 2.22 -3.72 15.59
CA ILE I 458 3.00 -3.05 16.62
C ILE I 458 2.05 -2.33 17.56
N LYS I 459 2.35 -2.40 18.85
CA LYS I 459 1.48 -1.83 19.88
C LYS I 459 1.90 -0.41 20.21
N PHE I 460 0.93 0.49 20.27
CA PHE I 460 1.16 1.89 20.58
C PHE I 460 0.50 2.20 21.92
N ILE I 461 1.29 2.70 22.87
CA ILE I 461 0.79 3.14 24.18
C ILE I 461 1.06 4.63 24.28
N ARG I 462 0.01 5.41 24.49
CA ARG I 462 0.15 6.85 24.66
C ARG I 462 0.45 7.14 26.13
N GLY I 463 1.70 7.45 26.42
CA GLY I 463 2.08 7.85 27.75
C GLY I 463 3.58 7.96 27.90
N ARG I 464 4.04 9.03 28.52
CA ARG I 464 5.47 9.19 28.76
C ARG I 464 5.89 8.29 29.90
N PRO I 465 6.78 7.32 29.68
CA PRO I 465 7.12 6.40 30.77
C PRO I 465 7.70 7.15 31.96
N ALA I 466 7.34 6.68 33.15
CA ALA I 466 7.86 7.26 34.37
C ALA I 466 9.20 6.66 34.75
N GLU I 467 9.37 5.35 34.59
CA GLU I 467 10.64 4.76 35.01
C GLU I 467 10.90 3.48 34.24
N VAL I 468 12.18 3.11 34.21
CA VAL I 468 12.64 1.80 33.75
C VAL I 468 13.42 1.17 34.88
N ILE I 469 13.04 -0.05 35.26
CA ILE I 469 13.62 -0.77 36.39
C ILE I 469 14.24 -2.04 35.85
N GLU I 470 15.41 -2.39 36.36
CA GLU I 470 16.10 -3.60 35.96
C GLU I 470 15.87 -4.69 37.01
N ASN I 471 15.28 -5.80 36.58
CA ASN I 471 15.04 -6.92 37.48
C ASN I 471 16.31 -7.75 37.62
N PRO I 472 16.38 -8.60 38.65
CA PRO I 472 17.60 -9.41 38.84
C PRO I 472 17.95 -10.28 37.65
N ASP I 473 16.95 -10.78 36.91
CA ASP I 473 17.20 -11.55 35.70
C ASP I 473 17.56 -10.66 34.51
N LEU I 474 17.73 -9.37 34.73
CA LEU I 474 18.17 -8.38 33.74
C LEU I 474 17.09 -8.00 32.75
N THR I 475 15.87 -8.48 32.91
CA THR I 475 14.76 -7.94 32.15
C THR I 475 14.39 -6.55 32.70
N LEU I 476 13.61 -5.81 31.92
CA LEU I 476 13.32 -4.42 32.23
C LEU I 476 11.83 -4.21 32.39
N THR I 477 11.42 -3.64 33.51
CA THR I 477 10.04 -3.24 33.75
C THR I 477 9.91 -1.77 33.41
N VAL I 478 9.04 -1.46 32.45
CA VAL I 478 8.69 -0.09 32.13
C VAL I 478 7.44 0.26 32.94
N ARG I 479 7.57 1.27 33.78
CA ARG I 479 6.46 1.79 34.58
C ARG I 479 5.99 3.08 33.93
N SER I 480 4.74 3.06 33.44
CA SER I 480 4.21 4.14 32.64
C SER I 480 2.70 4.16 32.78
N GLU I 481 2.11 5.35 32.68
CA GLU I 481 0.66 5.46 32.68
C GLU I 481 0.15 5.35 31.24
N ASP I 482 -0.72 4.39 30.99
CA ASP I 482 -1.53 4.38 29.78
C ASP I 482 -2.62 5.42 29.98
N THR I 483 -2.43 6.58 29.35
CA THR I 483 -3.36 7.70 29.54
C THR I 483 -4.69 7.47 28.84
N LEU I 484 -4.71 6.66 27.80
CA LEU I 484 -5.96 6.38 27.10
C LEU I 484 -6.78 5.29 27.80
N LEU I 485 -6.14 4.44 28.59
CA LEU I 485 -6.87 3.63 29.56
C LEU I 485 -6.98 4.31 30.92
N GLY I 486 -6.19 5.36 31.15
CA GLY I 486 -6.20 6.05 32.42
C GLY I 486 -5.73 5.19 33.57
N LYS I 487 -4.65 4.42 33.38
CA LYS I 487 -4.22 3.49 34.42
C LYS I 487 -2.72 3.26 34.30
N VAL I 488 -2.09 3.00 35.43
CA VAL I 488 -0.66 2.71 35.46
C VAL I 488 -0.44 1.28 35.00
N THR I 489 0.65 1.07 34.27
CA THR I 489 1.05 -0.23 33.75
C THR I 489 2.51 -0.45 34.04
N GLU I 490 2.85 -1.68 34.41
CA GLU I 490 4.23 -2.10 34.66
C GLU I 490 4.48 -3.30 33.76
N TYR I 491 5.00 -3.07 32.56
CA TYR I 491 5.15 -4.12 31.58
C TYR I 491 6.64 -4.49 31.53
N ASP I 492 6.90 -5.79 31.34
CA ASP I 492 8.25 -6.32 31.35
C ASP I 492 8.68 -6.57 29.91
N TYR I 493 9.95 -6.31 29.62
CA TYR I 493 10.48 -6.41 28.27
C TYR I 493 11.89 -6.98 28.37
N ASP I 494 12.32 -7.62 27.28
CA ASP I 494 13.69 -8.12 27.20
C ASP I 494 14.65 -7.03 26.74
N MET I 495 14.16 -6.03 26.03
CA MET I 495 15.01 -4.95 25.56
C MET I 495 14.21 -3.65 25.53
N VAL I 496 14.89 -2.55 25.86
CA VAL I 496 14.28 -1.22 25.81
C VAL I 496 15.17 -0.33 24.95
N VAL I 497 14.56 0.37 23.99
CA VAL I 497 15.25 1.22 23.05
C VAL I 497 14.77 2.65 23.27
N LEU I 498 15.71 3.57 23.45
CA LEU I 498 15.40 4.95 23.72
C LEU I 498 15.40 5.74 22.41
N GLY I 499 14.29 6.38 22.11
CA GLY I 499 14.19 7.21 20.93
C GLY I 499 14.88 8.54 21.13
N VAL I 500 16.21 8.51 21.18
CA VAL I 500 16.97 9.71 21.46
C VAL I 500 16.80 10.72 20.34
N GLY I 501 16.94 12.00 20.68
CA GLY I 501 16.78 13.08 19.73
C GLY I 501 18.09 13.48 19.08
N LEU I 502 18.04 14.63 18.41
CA LEU I 502 19.17 15.18 17.67
C LEU I 502 19.70 16.40 18.39
N VAL I 503 21.01 16.49 18.54
CA VAL I 503 21.65 17.66 19.14
C VAL I 503 22.73 18.15 18.18
N PRO I 504 23.20 19.38 18.33
CA PRO I 504 24.31 19.84 17.51
C PRO I 504 25.55 19.00 17.76
N PRO I 505 26.40 18.83 16.75
CA PRO I 505 27.53 17.91 16.89
C PRO I 505 28.64 18.49 17.77
N GLU I 506 29.54 17.60 18.19
CA GLU I 506 30.69 18.02 18.98
C GLU I 506 31.56 18.98 18.17
N GLY I 507 32.03 20.03 18.84
CA GLY I 507 32.79 21.06 18.17
C GLY I 507 31.97 22.03 17.37
N ALA I 508 30.64 22.04 17.54
CA ALA I 508 29.79 22.96 16.79
C ALA I 508 30.08 24.40 17.16
N GLU I 509 30.28 24.67 18.45
CA GLU I 509 30.57 26.04 18.88
C GLU I 509 31.89 26.54 18.33
N THR I 510 32.90 25.67 18.27
CA THR I 510 34.20 26.07 17.74
C THR I 510 34.06 26.52 16.30
N LEU I 511 33.41 25.71 15.45
CA LEU I 511 33.22 26.10 14.06
C LEU I 511 32.36 27.33 13.92
N ARG I 512 31.31 27.44 14.74
CA ARG I 512 30.43 28.60 14.66
C ARG I 512 31.15 29.90 14.96
N GLN I 513 32.01 29.89 15.97
CA GLN I 513 32.83 31.06 16.26
C GLN I 513 33.85 31.31 15.15
N THR I 514 34.44 30.24 14.61
CA THR I 514 35.44 30.40 13.55
C THR I 514 34.82 31.12 12.36
N ILE I 515 33.68 30.61 11.88
CA ILE I 515 33.01 31.26 10.75
C ILE I 515 32.39 32.58 11.19
N GLY I 516 31.81 32.60 12.39
CA GLY I 516 31.17 33.80 12.89
C GLY I 516 29.67 33.81 12.65
N LEU I 517 29.02 32.69 12.93
CA LEU I 517 27.59 32.52 12.72
C LEU I 517 26.86 32.57 14.05
N SER I 518 25.57 32.87 13.98
CA SER I 518 24.71 32.91 15.15
C SER I 518 23.87 31.64 15.22
N LYS I 519 23.72 31.10 16.42
CA LYS I 519 22.94 29.89 16.63
C LYS I 519 21.54 30.25 17.09
N SER I 520 20.63 29.31 16.88
CA SER I 520 19.22 29.50 17.22
C SER I 520 18.98 29.07 18.66
N ALA I 521 17.72 29.17 19.09
CA ALA I 521 17.38 28.86 20.47
C ALA I 521 17.65 27.39 20.81
N ASP I 522 17.48 26.50 19.84
CA ASP I 522 17.67 25.07 20.06
C ASP I 522 19.13 24.65 19.94
N GLY I 523 20.04 25.57 19.61
CA GLY I 523 21.46 25.27 19.54
C GLY I 523 21.98 25.05 18.14
N PHE I 524 21.12 25.00 17.14
CA PHE I 524 21.56 24.86 15.76
C PHE I 524 21.80 26.23 15.15
N LEU I 525 22.27 26.25 13.92
CA LEU I 525 22.61 27.51 13.26
C LEU I 525 21.36 28.23 12.80
N MET I 526 21.44 29.56 12.75
CA MET I 526 20.31 30.42 12.47
C MET I 526 20.38 30.89 11.02
N GLU I 527 19.27 30.80 10.31
CA GLU I 527 19.17 31.26 8.93
C GLU I 527 18.79 32.74 8.92
N ALA I 528 19.01 33.38 7.77
CA ALA I 528 18.79 34.81 7.66
C ALA I 528 17.35 35.22 7.94
N HIS I 529 16.39 34.50 7.39
CA HIS I 529 14.98 34.75 7.64
C HIS I 529 14.31 33.38 7.74
N PRO I 530 13.55 33.11 8.81
CA PRO I 530 12.99 31.76 8.97
C PRO I 530 12.08 31.33 7.84
N LYS I 531 11.39 32.27 7.18
CA LYS I 531 10.42 31.91 6.15
C LYS I 531 11.04 31.89 4.75
N LEU I 532 11.61 33.03 4.32
CA LEU I 532 11.97 33.22 2.92
C LEU I 532 13.44 32.99 2.62
N ARG I 533 14.30 32.87 3.62
CA ARG I 533 15.73 32.63 3.42
C ARG I 533 16.18 31.54 4.38
N PRO I 534 15.69 30.31 4.19
CA PRO I 534 16.00 29.24 5.16
C PRO I 534 17.43 28.72 5.08
N VAL I 535 18.11 28.90 3.95
CA VAL I 535 19.46 28.36 3.80
C VAL I 535 20.51 29.46 3.90
N ASP I 536 20.12 30.72 3.79
CA ASP I 536 21.06 31.82 3.95
C ASP I 536 21.34 32.10 5.42
N THR I 537 22.43 32.83 5.66
CA THR I 537 22.74 33.38 6.96
C THR I 537 22.91 34.89 6.80
N LEU I 538 22.92 35.60 7.92
CA LEU I 538 23.17 37.04 7.87
C LEU I 538 24.61 37.35 7.49
N THR I 539 25.51 36.37 7.60
CA THR I 539 26.86 36.49 7.07
C THR I 539 26.81 36.19 5.58
N ASP I 540 27.11 37.18 4.75
CA ASP I 540 27.03 37.00 3.31
C ASP I 540 28.07 35.97 2.85
N GLY I 541 27.68 35.15 1.89
CA GLY I 541 28.55 34.14 1.36
C GLY I 541 28.60 32.86 2.16
N VAL I 542 27.80 32.72 3.20
CA VAL I 542 27.73 31.52 4.02
C VAL I 542 26.29 31.02 3.99
N TYR I 543 26.12 29.74 3.73
CA TYR I 543 24.80 29.13 3.58
C TYR I 543 24.76 27.84 4.40
N LEU I 544 23.54 27.44 4.75
CA LEU I 544 23.31 26.26 5.56
C LEU I 544 22.61 25.19 4.72
N ALA I 545 22.82 23.93 5.09
CA ALA I 545 22.18 22.82 4.41
C ALA I 545 22.08 21.65 5.36
N GLY I 546 20.91 21.03 5.42
CA GLY I 546 20.73 19.85 6.23
C GLY I 546 20.53 20.15 7.70
N VAL I 547 20.76 19.13 8.51
CA VAL I 547 20.48 19.20 9.93
C VAL I 547 21.34 20.25 10.64
N ALA I 548 22.31 20.83 9.94
CA ALA I 548 23.05 21.95 10.53
C ALA I 548 22.12 23.11 10.83
N GLN I 549 21.04 23.26 10.07
CA GLN I 549 20.04 24.30 10.30
C GLN I 549 18.93 23.86 11.24
N GLY I 550 18.92 22.61 11.67
CA GLY I 550 17.88 22.09 12.53
C GLY I 550 17.47 20.70 12.12
N PRO I 551 16.89 19.94 13.05
CA PRO I 551 16.55 18.54 12.74
C PRO I 551 15.62 18.44 11.53
N LYS I 552 15.84 17.40 10.73
CA LYS I 552 15.00 17.12 9.56
C LYS I 552 15.42 15.79 8.98
N ASP I 553 14.60 15.28 8.05
CA ASP I 553 14.84 14.00 7.43
C ASP I 553 15.64 14.18 6.13
N ILE I 554 15.97 13.06 5.48
CA ILE I 554 16.90 13.10 4.35
C ILE I 554 16.35 13.93 3.19
N PRO I 555 15.11 13.73 2.72
CA PRO I 555 14.62 14.56 1.61
C PRO I 555 14.67 16.05 1.90
N ASP I 556 14.33 16.46 3.11
CA ASP I 556 14.38 17.89 3.45
C ASP I 556 15.82 18.40 3.42
N ALA I 557 16.76 17.63 3.96
CA ALA I 557 18.15 18.03 3.94
C ALA I 557 18.67 18.13 2.51
N VAL I 558 18.28 17.19 1.65
CA VAL I 558 18.74 17.21 0.26
C VAL I 558 18.17 18.43 -0.47
N ALA I 559 16.88 18.72 -0.26
CA ALA I 559 16.30 19.91 -0.87
C ALA I 559 17.01 21.17 -0.40
N GLN I 560 17.32 21.25 0.89
CA GLN I 560 18.04 22.41 1.40
C GLN I 560 19.44 22.49 0.82
N ALA I 561 20.10 21.35 0.62
CA ALA I 561 21.43 21.36 0.04
C ALA I 561 21.41 21.88 -1.40
N SER I 562 20.43 21.44 -2.19
CA SER I 562 20.30 21.95 -3.55
C SER I 562 20.00 23.44 -3.55
N GLY I 563 19.12 23.88 -2.65
CA GLY I 563 18.83 25.31 -2.56
C GLY I 563 20.04 26.13 -2.16
N ALA I 564 20.82 25.62 -1.21
CA ALA I 564 22.05 26.30 -0.80
C ALA I 564 23.02 26.38 -1.95
N ALA I 565 23.12 25.31 -2.75
CA ALA I 565 23.98 25.35 -3.92
C ALA I 565 23.54 26.44 -4.90
N ALA I 566 22.23 26.56 -5.14
CA ALA I 566 21.75 27.62 -6.03
C ALA I 566 22.08 29.00 -5.48
N ARG I 567 21.84 29.19 -4.18
CA ARG I 567 22.07 30.50 -3.58
C ARG I 567 23.54 30.86 -3.60
N ALA I 568 24.42 29.88 -3.38
CA ALA I 568 25.85 30.13 -3.48
C ALA I 568 26.29 30.38 -4.91
N ALA I 569 25.63 29.73 -5.88
CA ALA I 569 26.00 29.90 -7.27
C ALA I 569 25.66 31.29 -7.78
N ILE I 570 24.57 31.88 -7.29
CA ILE I 570 24.16 33.20 -7.80
C ILE I 570 25.27 34.23 -7.68
N PRO I 571 25.85 34.47 -6.49
CA PRO I 571 26.96 35.44 -6.42
C PRO I 571 28.15 35.07 -7.28
N MET I 572 28.50 33.78 -7.36
CA MET I 572 29.66 33.38 -8.14
C MET I 572 29.38 33.48 -9.63
N VAL I 573 28.12 33.36 -10.04
CA VAL I 573 27.76 33.62 -11.42
C VAL I 573 27.85 35.11 -11.73
N LYS I 574 27.33 35.95 -10.84
CA LYS I 574 27.38 37.39 -11.07
C LYS I 574 28.81 37.89 -11.09
N GLY I 575 29.65 37.40 -10.18
CA GLY I 575 31.06 37.75 -10.15
C GLY I 575 31.39 39.00 -9.40
N GLU I 576 30.40 39.74 -8.91
CA GLU I 576 30.65 40.97 -8.18
C GLU I 576 29.72 41.10 -6.98
FE1 SF4 J . 13.14 0.82 -23.29
FE2 SF4 J . 14.49 1.02 -20.92
FE3 SF4 J . 12.77 3.01 -21.68
FE4 SF4 J . 15.14 2.67 -23.02
S1 SF4 J . 14.87 3.27 -20.83
S2 SF4 J . 13.08 3.01 -23.94
S3 SF4 J . 15.34 0.40 -22.94
S4 SF4 J . 12.24 0.84 -21.20
FE1 SF4 K . 4.26 -3.64 -29.88
FE2 SF4 K . 6.13 -1.97 -28.80
FE3 SF4 K . 5.93 -2.23 -31.51
FE4 SF4 K . 6.91 -4.29 -30.01
S1 SF4 K . 7.84 -2.23 -30.28
S2 SF4 K . 5.38 -4.43 -31.69
S3 SF4 K . 5.64 -4.09 -28.12
S4 SF4 K . 4.36 -1.37 -30.11
FE1 SF4 L . -18.89 45.88 -16.72
FE2 SF4 L . -18.75 47.10 -14.28
FE3 SF4 L . -20.12 48.29 -16.32
FE4 SF4 L . -17.39 48.14 -16.41
S1 SF4 L . -18.64 49.29 -14.89
S2 SF4 L . -18.84 47.68 -18.10
S3 SF4 L . -17.04 46.12 -15.42
S4 SF4 L . -20.63 46.32 -15.30
FE1 SF4 M . -9.46 51.03 -14.20
FE2 SF4 M . -7.47 52.71 -13.37
FE3 SF4 M . -8.15 52.59 -16.02
FE4 SF4 M . -6.86 50.48 -14.84
S1 SF4 M . -6.05 52.59 -15.14
S2 SF4 M . -8.66 50.39 -16.23
S3 SF4 M . -7.77 50.54 -12.75
S4 SF4 M . -9.46 53.30 -14.29
FE1 SF4 N . -4.19 16.81 11.60
FE2 SF4 N . -2.12 18.28 12.60
FE3 SF4 N . -3.12 18.83 10.11
FE4 SF4 N . -1.69 16.53 10.54
S1 SF4 N . -0.92 18.68 10.70
S2 SF4 N . -3.65 16.73 9.39
S3 SF4 N . -2.33 16.01 12.66
S4 SF4 N . -4.22 19.02 12.10
PA FAD O . 0.61 28.22 -3.50
O1A FAD O . 0.80 29.20 -2.40
O2A FAD O . -0.68 27.45 -3.52
O5B FAD O . 0.83 28.92 -4.91
C5B FAD O . 0.58 28.19 -6.14
C4B FAD O . 0.41 29.17 -7.27
O4B FAD O . 0.24 28.42 -8.51
C3B FAD O . -0.81 30.09 -7.20
O3B FAD O . -0.52 31.36 -7.77
C2B FAD O . -1.82 29.35 -8.07
O2B FAD O . -2.88 30.17 -8.53
C1B FAD O . -0.90 28.91 -9.18
N9A FAD O . -1.42 27.85 -10.04
C8A FAD O . -2.13 26.73 -9.64
N7A FAD O . -2.45 25.96 -10.66
C5A FAD O . -1.93 26.61 -11.77
C6A FAD O . -1.95 26.30 -13.14
N6A FAD O . -2.52 25.21 -13.65
N1A FAD O . -1.34 27.18 -13.98
C2A FAD O . -0.77 28.27 -13.46
N3A FAD O . -0.69 28.65 -12.20
C4A FAD O . -1.30 27.77 -11.40
N1 FAD O . 2.99 28.18 5.99
C2 FAD O . 3.82 28.84 6.82
O2 FAD O . 5.04 28.74 6.69
N3 FAD O . 3.38 29.65 7.80
C4 FAD O . 2.05 29.84 8.03
O4 FAD O . 1.68 30.57 8.94
C4X FAD O . 1.14 29.17 7.21
N5 FAD O . -0.14 29.34 7.42
C5X FAD O . -1.01 28.66 6.60
C6 FAD O . -2.39 28.84 6.82
C7 FAD O . -3.33 28.19 6.06
C7M FAD O . -4.79 28.40 6.35
C8 FAD O . -2.90 27.34 5.02
C8M FAD O . -3.91 26.61 4.16
C9 FAD O . -1.55 27.17 4.78
C9A FAD O . -0.58 27.82 5.56
N10 FAD O . 0.81 27.66 5.37
C10 FAD O . 1.69 28.33 6.18
C1' FAD O . 1.34 26.82 4.29
C2' FAD O . 1.74 27.67 3.09
O2' FAD O . 0.62 28.38 2.60
C3' FAD O . 2.33 26.85 1.94
O3' FAD O . 3.47 26.15 2.41
C4' FAD O . 2.74 27.72 0.74
O4' FAD O . 1.68 28.64 0.47
C5' FAD O . 3.01 26.92 -0.51
O5' FAD O . 3.33 27.83 -1.59
P FAD O . 3.37 27.27 -3.09
O1P FAD O . 3.96 28.32 -3.97
O2P FAD O . 3.96 25.91 -3.07
O3P FAD O . 1.80 27.15 -3.43
H51A FAD O . 1.33 27.58 -6.32
H52A FAD O . -0.24 27.65 -6.04
H4B FAD O . 1.23 29.70 -7.35
H3B FAD O . -1.14 30.18 -6.27
HO3A FAD O . 0.11 31.71 -7.33
H2B FAD O . -2.19 28.57 -7.59
HO2A FAD O . -3.29 30.48 -7.87
H1B FAD O . -0.65 29.69 -9.74
H8A FAD O . -2.35 26.52 -8.72
H61A FAD O . -2.49 25.07 -14.54
H62A FAD O . -2.92 24.62 -13.11
H2A FAD O . -0.34 28.86 -14.11
HN3 FAD O . 3.99 30.06 8.32
H6 FAD O . -2.67 29.42 7.55
HM71 FAD O . -5.29 28.50 5.51
HM72 FAD O . -4.91 29.22 6.89
HM73 FAD O . -5.14 27.62 6.85
HM81 FAD O . -4.23 25.81 4.63
HM82 FAD O . -3.48 26.36 3.30
HM83 FAD O . -4.67 27.21 3.97
H9 FAD O . -1.28 26.58 4.06
H1'1 FAD O . 2.13 26.33 4.63
H1'2 FAD O . 0.66 26.15 4.02
H2' FAD O . 2.41 28.32 3.38
HO2' FAD O . 0.33 28.91 3.19
H3' FAD O . 1.66 26.19 1.63
HO3' FAD O . 3.79 25.69 1.77
H4' FAD O . 3.55 28.23 0.98
HO4' FAD O . 0.98 28.24 0.24
H5'1 FAD O . 3.77 26.31 -0.36
H5'2 FAD O . 2.21 26.38 -0.74
FE1 SF4 P . 44.76 -6.54 -13.12
FE2 SF4 P . 42.47 -5.99 -14.52
FE3 SF4 P . 44.63 -7.09 -15.80
FE4 SF4 P . 44.72 -4.50 -14.94
S1 SF4 P . 43.34 -5.36 -16.53
S2 SF4 P . 46.35 -6.09 -14.69
S3 SF4 P . 43.52 -4.64 -13.01
S4 SF4 P . 43.38 -8.04 -14.14
FE1 SF4 Q . 0.76 -29.17 -34.34
FE2 SF4 Q . 1.75 -26.64 -34.04
FE3 SF4 Q . 2.02 -27.94 -36.44
FE4 SF4 Q . 3.47 -28.76 -34.26
S1 SF4 Q . 3.63 -26.76 -35.34
S2 SF4 Q . 2.32 -30.08 -35.73
S3 SF4 Q . 1.97 -28.37 -32.58
S4 SF4 Q . 0.08 -27.28 -35.44
FE1 SF4 R . -16.96 -21.46 -25.78
FE2 SF4 R . -16.30 -20.89 -28.37
FE3 SF4 R . -18.86 -21.56 -27.74
FE4 SF4 R . -16.89 -23.46 -27.65
S1 SF4 R . -17.63 -22.34 -29.49
S2 SF4 R . -18.52 -23.10 -26.09
S3 SF4 R . -15.13 -22.21 -26.92
S4 SF4 R . -17.73 -19.72 -27.03
FE1 SF4 S . -5.60 -20.42 -26.67
FE2 SF4 S . -4.66 -19.57 -29.08
FE3 SF4 S . -7.26 -20.43 -28.85
FE4 SF4 S . -5.19 -22.22 -28.69
S1 SF4 S . -5.77 -20.98 -30.50
S2 SF4 S . -7.01 -22.10 -27.32
S3 SF4 S . -3.61 -20.96 -27.64
S4 SF4 S . -6.32 -18.61 -27.85
FE1 SF4 T . 2.73 -15.55 -31.19
FE2 SF4 T . 5.05 -14.76 -29.99
FE3 SF4 T . 3.79 -13.09 -31.76
FE4 SF4 T . 5.02 -15.36 -32.67
S1 SF4 T . 6.02 -13.57 -31.68
S2 SF4 T . 2.96 -14.60 -33.25
S3 SF4 T . 4.62 -16.79 -30.94
S4 SF4 T . 2.99 -13.82 -29.75
PA FAD U . -30.48 -15.65 -36.72
O1A FAD U . -31.46 -14.76 -37.42
O2A FAD U . -30.66 -17.12 -36.86
O5B FAD U . -28.99 -15.25 -37.16
C5B FAD U . -27.86 -15.86 -36.51
C4B FAD U . -26.61 -15.33 -37.15
O4B FAD U . -25.44 -15.89 -36.47
C3B FAD U . -26.41 -15.68 -38.64
O3B FAD U . -26.05 -14.52 -39.36
C2B FAD U . -25.26 -16.69 -38.59
O2B FAD U . -24.55 -16.78 -39.81
C1B FAD U . -24.45 -16.09 -37.45
N9A FAD U . -23.37 -16.89 -36.87
C8A FAD U . -22.25 -16.43 -36.24
N7A FAD U . -21.46 -17.39 -35.82
C5A FAD U . -22.11 -18.56 -36.22
C6A FAD U . -21.78 -19.92 -36.07
N6A FAD U . -20.67 -20.35 -35.48
N1A FAD U . -22.65 -20.83 -36.58
C2A FAD U . -23.75 -20.38 -37.19
N3A FAD U . -24.16 -19.13 -37.37
C4A FAD U . -23.28 -18.26 -36.86
N1 FAD U . -28.32 -19.87 -27.73
C2 FAD U . -28.63 -20.29 -26.49
O2 FAD U . -29.52 -19.74 -25.83
N3 FAD U . -27.99 -21.34 -25.91
C4 FAD U . -26.99 -22.01 -26.55
O4 FAD U . -26.43 -22.95 -25.98
C4X FAD U . -26.63 -21.59 -27.85
N5 FAD U . -25.68 -22.22 -28.47
C5X FAD U . -25.36 -21.80 -29.73
C6 FAD U . -24.32 -22.47 -30.41
C7 FAD U . -23.93 -22.11 -31.67
C7M FAD U . -22.81 -22.86 -32.35
C8 FAD U . -24.58 -21.02 -32.30
C8M FAD U . -24.18 -20.59 -33.70
C9 FAD U . -25.60 -20.35 -31.66
C9A FAD U . -26.01 -20.72 -30.37
N10 FAD U . -27.03 -20.07 -29.66
C10 FAD U . -27.37 -20.48 -28.38
C1' FAD U . -27.77 -18.94 -30.23
C2' FAD U . -29.16 -19.36 -30.70
O2' FAD U . -29.06 -19.96 -31.99
C3' FAD U . -30.14 -18.18 -30.72
O3' FAD U . -31.46 -18.70 -30.89
C4' FAD U . -29.90 -17.14 -31.81
O4' FAD U . -28.51 -16.80 -31.86
C5' FAD U . -30.69 -15.87 -31.56
O5' FAD U . -30.61 -14.99 -32.72
P FAD U . -31.54 -15.29 -33.99
O1P FAD U . -32.09 -16.67 -33.86
O2P FAD U . -32.46 -14.14 -34.17
O3P FAD U . -30.43 -15.28 -35.16
H51A FAD U . -27.91 -16.83 -36.61
H52A FAD U . -27.86 -15.65 -35.56
H4B FAD U . -26.60 -14.37 -37.04
H3B FAD U . -27.21 -16.08 -39.00
HO3A FAD U . -25.49 -14.72 -39.95
H2B FAD U . -25.59 -17.57 -38.35
HO2A FAD U . -25.07 -17.06 -40.41
H1B FAD U . -24.10 -15.23 -37.73
H8A FAD U . -22.05 -15.49 -36.10
H61A FAD U . -20.11 -19.79 -35.16
H62A FAD U . -20.53 -21.20 -35.40
H2A FAD U . -24.34 -21.07 -37.54
HN3 FAD U . -28.22 -21.57 -25.11
H6 FAD U . -23.88 -23.21 -29.96
HM71 FAD U . -21.99 -22.36 -32.25
HM72 FAD U . -23.01 -22.97 -33.29
HM73 FAD U . -22.72 -23.74 -31.94
HM81 FAD U . -24.91 -20.09 -34.10
HM82 FAD U . -23.97 -21.36 -34.24
HM83 FAD U . -23.39 -20.02 -33.64
H9 FAD U . -26.04 -19.61 -32.11
H1'1 FAD U . -27.28 -18.56 -30.97
H1'2 FAD U . -27.87 -18.25 -29.56
H2' FAD U . -29.50 -20.03 -30.09
HO2' FAD U . -28.82 -19.37 -32.54
H3' FAD U . -30.10 -17.74 -29.86
HO3' FAD U . -31.52 -19.00 -31.67
H4' FAD U . -30.16 -17.50 -32.67
HO4' FAD U . -28.41 -15.99 -32.05
H5'1 FAD U . -30.33 -15.41 -30.78
H5'2 FAD U . -31.61 -16.09 -31.37
FE1 SF4 V . -2.27 -31.52 -47.31
FE2 SF4 V . 0.17 -30.46 -46.69
FE3 SF4 V . -1.15 -29.65 -48.94
FE4 SF4 V . -0.09 -32.16 -48.81
S1 SF4 V . 1.05 -30.19 -48.77
S2 SF4 V . -2.16 -31.58 -49.58
S3 SF4 V . -0.43 -32.66 -46.62
S4 SF4 V . -1.81 -29.35 -46.78
FE1 FES W . 17.36 -2.97 -12.60
FE2 FES W . 19.83 -4.52 -11.49
S1 FES W . 17.63 -4.91 -11.55
S2 FES W . 19.54 -2.52 -12.43
S1 9S8 X . -33.38 2.17 15.84
FE2 9S8 X . -31.41 1.77 16.66
S3 9S8 X . -31.37 -0.23 16.14
FE4 9S8 X . -33.23 0.29 15.46
S5 9S8 X . -33.86 -0.15 13.35
FE6 9S8 X . -35.75 -0.49 14.26
S7 9S8 X . -35.00 -0.68 16.16
FE9 9S8 X . -35.08 1.24 16.63
S1 9S8 Y . -38.82 -11.12 14.05
FE2 9S8 Y . -38.47 -11.99 15.87
S3 9S8 Y . -38.49 -10.02 16.67
FE4 9S8 Y . -38.68 -9.29 14.74
S5 9S8 Y . -40.13 -8.02 13.77
FE6 9S8 Y . -38.34 -7.29 12.77
S7 9S8 Y . -37.02 -8.47 13.77
FE9 9S8 Y . -37.55 -10.25 12.80
S1 9S8 Z . 8.07 11.36 55.96
FE2 9S8 Z . 10.10 11.73 56.45
S3 9S8 Z . 10.18 12.75 54.58
FE4 9S8 Z . 8.56 11.53 54.14
S5 9S8 Z . 6.99 12.12 52.75
FE6 9S8 Z . 7.59 10.20 51.98
S7 9S8 Z . 8.94 9.59 53.39
FE9 9S8 Z . 8.05 9.43 55.25
S1 9S8 AA . 7.67 17.26 62.24
FE2 9S8 AA . 9.61 16.67 61.61
S3 9S8 AA . 8.85 15.30 63.21
FE4 9S8 AA . 7.61 16.74 64.30
S5 9S8 AA . 5.48 16.79 63.59
FE6 9S8 AA . 4.73 18.40 64.93
S7 9S8 AA . 6.84 18.62 65.00
FE9 9S8 AA . 7.47 19.24 63.04
FE1 SF4 BA . -13.07 4.79 17.69
FE2 SF4 BA . -11.16 6.39 16.57
FE3 SF4 BA . -12.19 4.28 15.16
FE4 SF4 BA . -10.54 3.82 17.29
S1 SF4 BA . -9.99 4.87 15.34
S2 SF4 BA . -12.50 2.76 16.82
S3 SF4 BA . -11.15 5.53 18.68
S4 SF4 BA . -13.31 6.14 15.87
FE1 SF4 CA . -24.09 2.70 18.43
FE2 SF4 CA . -22.40 3.28 20.50
FE3 SF4 CA . -21.41 2.25 18.17
FE4 SF4 CA . -22.90 0.68 19.83
S1 SF4 CA . -20.87 1.60 20.29
S2 SF4 CA . -23.10 0.84 17.56
S3 SF4 CA . -24.40 2.20 20.63
S4 SF4 CA . -22.43 4.26 18.44
FE1 SF4 DA . 1.48 13.40 45.31
FE2 SF4 DA . 3.82 11.99 45.23
FE3 SF4 DA . 3.14 13.63 43.15
FE4 SF4 DA . 1.75 11.32 43.57
S1 SF4 DA . 3.95 11.51 43.01
S2 SF4 DA . 0.88 13.37 43.11
S3 SF4 DA . 1.76 11.21 45.84
S4 SF4 DA . 3.59 14.26 45.31
FE1 SF4 EA . 0.94 17.36 33.01
FE2 SF4 EA . 3.48 17.48 34.02
FE3 SF4 EA . 2.79 15.50 32.26
FE4 SF4 EA . 1.78 15.48 34.80
S1 SF4 EA . 3.97 15.26 34.20
S2 SF4 EA . 0.63 15.11 32.87
S3 SF4 EA . 1.53 17.71 35.18
S4 SF4 EA . 2.86 17.73 31.83
PA FAD FA . 24.99 14.14 8.88
O1A FAD FA . 24.43 12.90 8.30
O2A FAD FA . 25.17 14.19 10.35
O5B FAD FA . 26.38 14.49 8.17
C5B FAD FA . 27.20 15.57 8.67
C4B FAD FA . 28.63 15.34 8.25
O4B FAD FA . 29.42 16.48 8.66
C3B FAD FA . 29.31 14.12 8.86
O3B FAD FA . 30.22 13.53 7.93
C2B FAD FA . 30.09 14.74 10.02
O2B FAD FA . 31.16 13.94 10.50
C1B FAD FA . 30.57 16.01 9.35
N9A FAD FA . 31.02 17.06 10.23
C8A FAD FA . 30.51 17.41 11.46
N7A FAD FA . 31.16 18.40 12.01
C5A FAD FA . 32.15 18.73 11.10
C6A FAD FA . 33.16 19.71 11.10
N6A FAD FA . 33.36 20.57 12.09
N1A FAD FA . 33.98 19.75 10.02
C2A FAD FA . 33.78 18.87 9.03
N3A FAD FA . 32.86 17.93 8.92
C4A FAD FA . 32.07 17.91 10.00
N1 FAD FA . 16.17 10.14 7.79
C2 FAD FA . 15.46 9.54 6.82
O2 FAD FA . 15.11 10.15 5.82
N3 FAD FA . 15.12 8.23 6.89
C4 FAD FA . 15.46 7.45 7.96
O4 FAD FA . 15.14 6.27 7.99
C4X FAD FA . 16.19 8.05 9.00
N5 FAD FA . 16.51 7.31 10.03
C5X FAD FA . 17.20 7.92 11.04
C6 FAD FA . 17.55 7.14 12.15
C7 FAD FA . 18.23 7.66 13.22
C7M FAD FA . 18.59 6.77 14.39
C8 FAD FA . 18.62 9.03 13.18
C8M FAD FA . 19.38 9.64 14.33
C9 FAD FA . 18.30 9.80 12.10
C9A FAD FA . 17.58 9.28 11.00
N10 FAD FA . 17.22 10.03 9.87
C10 FAD FA . 16.52 9.43 8.84
C1' FAD FA . 17.58 11.45 9.74
C2' FAD FA . 18.79 11.60 8.83
O2' FAD FA . 19.86 10.82 9.34
C3' FAD FA . 19.27 13.05 8.69
O3' FAD FA . 18.21 13.85 8.16
C4' FAD FA . 20.50 13.20 7.79
O4' FAD FA . 21.49 12.26 8.21
C5' FAD FA . 21.10 14.58 7.81
O5' FAD FA . 22.25 14.62 6.93
P FAD FA . 23.32 15.80 7.08
O1P FAD FA . 24.28 15.72 5.95
O2P FAD FA . 22.58 17.08 7.30
O3P FAD FA . 24.06 15.38 8.44
H51A FAD FA . 26.87 16.44 8.31
H52A FAD FA . 27.14 15.61 9.66
H4B FAD FA . 28.65 15.27 7.26
H3B FAD FA . 28.66 13.45 9.18
HO3A FAD FA . 30.57 12.87 8.28
H2B FAD FA . 29.47 14.95 10.77
HO2A FAD FA . 30.85 13.21 10.76
H1B FAD FA . 31.28 15.80 8.69
H8A FAD FA . 29.75 16.97 11.88
H61A FAD FA . 32.82 20.55 12.81
H62A FAD FA . 34.02 21.18 12.03
H2A FAD FA . 34.40 18.96 8.28
HN3 FAD FA . 14.66 7.88 6.20
H6 FAD FA . 17.28 6.20 12.17
HM71 FAD FA . 19.52 6.45 14.30
HM72 FAD FA . 17.97 6.01 14.41
HM73 FAD FA . 18.50 7.29 15.23
HM81 FAD FA . 19.27 10.62 14.31
HM82 FAD FA . 20.34 9.42 14.25
HM83 FAD FA . 19.03 9.29 15.19
H9 FAD FA . 18.57 10.74 12.09
H1'1 FAD FA . 16.82 11.95 9.35
H1'2 FAD FA . 17.79 11.83 10.62
H2' FAD FA . 18.56 11.26 7.93
HO2' FAD FA . 20.04 11.07 10.11
H3' FAD FA . 19.50 13.40 9.58
H4' FAD FA . 20.23 12.98 6.86
HO4' FAD FA . 21.73 12.41 9.00
H5'1 FAD FA . 21.38 14.80 8.74
H5'2 FAD FA . 20.42 15.24 7.51
FE1 SF4 GA . 48.25 -2.24 14.63
FE2 SF4 GA . 49.87 -0.10 15.17
FE3 SF4 GA . 50.15 -1.46 12.82
FE4 SF4 GA . 50.90 -2.62 15.19
S1 SF4 GA . 51.81 -0.77 14.21
S2 SF4 GA . 49.70 -3.60 13.51
S3 SF4 GA . 49.33 -1.79 16.60
S4 SF4 GA . 48.33 -0.27 13.49
FE1 SF4 HA . 9.04 14.82 18.15
FE2 SF4 HA . 9.16 13.11 20.29
FE3 SF4 HA . 10.87 12.80 18.18
FE4 SF4 HA . 8.21 12.23 17.88
S1 SF4 HA . 9.70 11.16 19.25
S2 SF4 HA . 9.53 13.39 16.44
S3 SF4 HA . 7.28 13.82 19.21
S4 SF4 HA . 10.76 14.58 19.61
FE1 SF4 IA . 46.54 -1.40 4.67
FE2 SF4 IA . 48.45 -1.15 2.73
FE3 SF4 IA . 46.11 0.24 2.54
FE4 SF4 IA . 46.12 -2.47 2.20
S1 SF4 IA . 47.15 -0.92 0.87
S2 SF4 IA . 44.64 -1.26 3.43
S3 SF4 IA . 47.73 -3.09 3.69
S4 SF4 IA . 47.71 0.49 4.14
#